data_7NSN
#
_entry.id   7NSN
#
_cell.length_a   94.605
_cell.length_b   151.937
_cell.length_c   114.007
_cell.angle_alpha   90.000
_cell.angle_beta   94.630
_cell.angle_gamma   90.000
#
_symmetry.space_group_name_H-M   'P 1 21 1'
#
loop_
_entity.id
_entity.type
_entity.pdbx_description
1 polymer 'GH92 alpha-1,2-mannosidase'
2 non-polymer 'CALCIUM ION'
3 non-polymer (5R,6R,7S,8R)-5-(HYDROXYMETHYL)-5,6,7,8-TETRAHYDROIMIDAZO[1,2-A]PYRIDINE-6,7,8-TRIOL
4 non-polymer 2-[3-(2-HYDROXY-1,1-DIHYDROXYMETHYL-ETHYLAMINO)-PROPYLAMINO]-2-HYDROXYMETHYL-PROPANE-1,3-DIOL
5 water water
#
_entity_poly.entity_id   1
_entity_poly.type   'polypeptide(L)'
_entity_poly.pdbx_seq_one_letter_code
;MKKRAIQKIISSIVSLAVLTSVPVMQKPSVLAASSDSTSASKTDFFSSFEKSDLQLTWTNTVETDANGKKMSSGIDGNVK
RDLILGDITDKVVQVTASANNPPNEIDSKLIDGDPTTKWLAFEPTANIVLKLAEPVAVVKYALTSANDAKGRDPKNWTLY
GSLDGTNWTAVDTREGEDFKDRFQRNMYDLKNTTKYLYYKLDITKNAGDSITQLAEISLSDGIEVPAPPPGDMKSLIGKG
PTSSYTAKTNVGWTGLGALNYSGTHLSDGRAYSYNKLYDVDILVTPATELSYFIAPEFTDKNHNDYSSTYVSVDLAFSDG
TYLHDLKAVDQYGVGLNPKDQGDSKYLYVNQWNTIKSTIGSVAAGKTIKRILVAYDNPKGPGAFRGSIDDIKIDGKPVQK
AFGSPIDYVNILRGTQSNGSFSRGNNFPAVAIPHGFNFWTPTTNAGSSWIYQYHESNSVNNLPQIQAFSVSHEPSPWMGD
RQTFQVMPSASTAATPNANRDSRALEFNHANEIAQPHYYSVKFENGIRTEMTPTDHAAMFKFTFTGATSNLIFDNVNNNG
GLTIDAKSGEITGYSDVKSGLSTGATRLFVYAAFDKPVIKSGKLTGESRNNVTGYVRFDTSKDEDKVVTMKIATSLISVE
QAKKNLEQEIGLNDTFEGLKEKAKTEWNKKLGIIEVEGASEDQLVTLYSNLYRLFLYPNSAFENVGTTTDPVYKYASPYS
AATGQDTATTTGAKIVDGKTYVNNGFWDTYRTAWPAYSLLTPTFAGELIDGFVQQYRDGGWIARWSSPGFANLMPGTSSD
VAFADAYLKGVTNFDVQSFYQSAIRNAEAVSPNAGTGRKGLTTSIFDGYTNTSTGEGLAWAMDGYINDFGIANLAKALKE
KGDKSDPYYANYAADYQYFLNRAQNYVHMFNPSIEFFNGRTANGAWRSTPDNFNPAVWGSDYTETNGWNMAFHVPQDGQG
LANLYGGKEGLATKLDQFFSTSETGLFPGSYGGTIHEMREARDVRMGMYGHSNQPSHHIAYMYDYAGQPWKTQEKVREAL
NRLYIGSAIGQGYSGDEDNGEMSAWYILSAMGFYPLKMGTPEYAIGAPLFKKATIHLENGKSIVINAPNNSKENKYVQSM
KVNGKAYAKTSILHADIANGAVIDFEMGSKPSKWGSGDQDILQSITPGSTDGTSLSPLPLRDVTDRLIAAEKGAVTVSDE
GNGQLLFDNTSNTQLSMKSKTPSIVYQFKEGKQNVKMYTLTSSKASQNEDPKSWVLKGSNDGKSWSVLDQRKNETFQWRQ
YTRAFTIQHPGKYSQYKLEITENAGAEVTTLAELELLGYDDVTNSYQAVYELMEQFKQSKDLTGPMAVQLNNSLTTSLDH
FKKDHKDQAIKHLEDFLKHLNNKGLQDRISSKAKGVLSADANQLIVLLARD
;
_entity_poly.pdbx_strand_id   A,B
#
loop_
_chem_comp.id
_chem_comp.type
_chem_comp.name
_chem_comp.formula
B3P non-polymer 2-[3-(2-HYDROXY-1,1-DIHYDROXYMETHYL-ETHYLAMINO)-PROPYLAMINO]-2-HYDROXYMETHYL-PROPANE-1,3-DIOL 'C11 H26 N2 O6'
CA non-polymer 'CALCIUM ION' 'Ca 2'
MVL non-polymer (5R,6R,7S,8R)-5-(HYDROXYMETHYL)-5,6,7,8-TETRAHYDROIMIDAZO[1,2-A]PYRIDINE-6,7,8-TRIOL 'C8 H12 N2 O4'
#
# COMPACT_ATOMS: atom_id res chain seq x y z
N SER A 41 -27.38 24.34 5.58
CA SER A 41 -26.28 24.68 6.54
C SER A 41 -25.06 23.74 6.40
N LYS A 42 -24.00 24.04 7.16
CA LYS A 42 -22.71 23.39 6.99
C LYS A 42 -22.69 22.04 7.71
N THR A 43 -21.71 21.21 7.34
CA THR A 43 -21.51 19.93 7.99
C THR A 43 -20.20 19.88 8.78
N ASP A 44 -19.26 20.78 8.47
CA ASP A 44 -17.92 20.81 9.07
C ASP A 44 -17.83 21.91 10.14
N PHE A 45 -16.92 21.73 11.13
CA PHE A 45 -16.58 22.77 12.09
C PHE A 45 -15.20 22.48 12.66
N PHE A 46 -14.38 23.51 12.89
CA PHE A 46 -13.05 23.33 13.45
C PHE A 46 -12.61 24.53 14.28
N SER A 47 -12.08 24.27 15.49
CA SER A 47 -11.48 25.32 16.29
C SER A 47 -10.21 24.82 16.99
N SER A 48 -9.14 25.64 16.86
CA SER A 48 -7.92 25.44 17.61
C SER A 48 -7.77 26.53 18.67
N PHE A 49 -8.86 27.29 18.86
CA PHE A 49 -8.90 28.33 19.89
C PHE A 49 -7.74 29.30 19.72
N GLU A 50 -7.32 29.52 18.46
CA GLU A 50 -6.29 30.50 18.15
C GLU A 50 -6.88 31.92 18.04
N LYS A 51 -5.99 32.91 17.89
CA LYS A 51 -6.33 34.27 17.48
C LYS A 51 -7.13 34.25 16.19
N SER A 52 -6.69 33.45 15.22
CA SER A 52 -7.32 33.40 13.91
C SER A 52 -8.64 32.61 13.93
N ASP A 53 -8.99 31.97 15.06
CA ASP A 53 -10.20 31.17 15.13
C ASP A 53 -11.33 32.02 15.73
N LEU A 54 -12.57 31.55 15.64
CA LEU A 54 -13.68 32.23 16.30
C LEU A 54 -13.52 32.18 17.81
N GLN A 55 -13.71 33.34 18.44
CA GLN A 55 -13.70 33.44 19.89
C GLN A 55 -14.95 32.78 20.45
N LEU A 56 -14.89 32.35 21.71
CA LEU A 56 -16.05 31.72 22.33
C LEU A 56 -17.24 32.69 22.24
N THR A 57 -18.44 32.16 21.94
CA THR A 57 -19.71 32.86 22.13
C THR A 57 -19.94 33.18 23.61
N TRP A 58 -19.76 32.21 24.51
CA TRP A 58 -19.88 32.47 25.95
C TRP A 58 -18.61 31.99 26.65
N THR A 59 -18.25 32.71 27.72
CA THR A 59 -17.10 32.40 28.54
C THR A 59 -17.51 32.11 29.98
N ASN A 60 -16.99 30.99 30.52
CA ASN A 60 -17.37 30.51 31.84
C ASN A 60 -18.89 30.42 31.95
N THR A 61 -19.56 29.94 30.88
CA THR A 61 -21.02 29.97 30.93
C THR A 61 -21.70 28.58 30.91
N VAL A 62 -22.52 28.35 31.95
CA VAL A 62 -23.33 27.14 32.07
C VAL A 62 -24.52 27.20 31.11
N GLU A 63 -24.68 26.15 30.31
CA GLU A 63 -25.87 25.85 29.53
C GLU A 63 -27.08 25.76 30.46
N THR A 64 -28.26 26.28 30.03
CA THR A 64 -29.51 26.14 30.79
C THR A 64 -30.42 25.13 30.10
N ASP A 65 -31.39 24.59 30.83
CA ASP A 65 -32.33 23.63 30.26
C ASP A 65 -33.55 24.35 29.67
N ALA A 66 -34.45 23.55 29.08
CA ALA A 66 -35.72 24.02 28.53
C ALA A 66 -36.44 24.99 29.48
N ASN A 67 -36.15 24.96 30.80
CA ASN A 67 -36.85 25.80 31.77
C ASN A 67 -36.03 27.01 32.23
N GLY A 68 -34.78 27.13 31.72
CA GLY A 68 -33.89 28.23 32.05
C GLY A 68 -33.11 28.02 33.37
N LYS A 69 -33.05 26.76 33.85
CA LYS A 69 -32.31 26.35 35.03
C LYS A 69 -30.93 25.84 34.64
N LYS A 70 -29.88 26.43 35.25
CA LYS A 70 -28.50 26.13 34.96
C LYS A 70 -28.22 24.63 35.12
N MET A 71 -27.55 24.03 34.14
CA MET A 71 -27.26 22.60 34.27
C MET A 71 -25.92 22.45 34.99
N SER A 72 -25.90 22.79 36.28
CA SER A 72 -24.71 22.65 37.12
C SER A 72 -25.13 22.41 38.57
N SER A 73 -24.28 21.75 39.36
CA SER A 73 -24.57 21.44 40.75
C SER A 73 -23.28 21.15 41.50
N GLY A 74 -23.12 21.76 42.69
CA GLY A 74 -22.01 21.47 43.60
C GLY A 74 -20.65 21.84 43.03
N ILE A 75 -20.57 22.88 42.18
CA ILE A 75 -19.31 23.28 41.56
C ILE A 75 -18.91 24.69 41.99
N ASP A 76 -17.60 24.89 42.13
CA ASP A 76 -17.03 26.21 42.35
C ASP A 76 -15.83 26.42 41.42
N GLY A 77 -16.03 27.31 40.44
CA GLY A 77 -15.06 27.65 39.41
C GLY A 77 -13.99 28.63 39.89
N ASN A 78 -14.30 29.43 40.91
CA ASN A 78 -13.36 30.43 41.39
C ASN A 78 -12.09 29.75 41.85
N VAL A 79 -10.95 30.31 41.43
CA VAL A 79 -9.62 29.97 41.93
C VAL A 79 -9.55 30.37 43.42
N LYS A 80 -8.99 29.48 44.26
CA LYS A 80 -8.75 29.71 45.68
C LYS A 80 -7.66 30.76 45.84
N ARG A 81 -7.89 31.73 46.73
CA ARG A 81 -7.01 32.88 46.83
C ARG A 81 -7.27 33.62 48.12
N ASP A 82 -6.29 34.46 48.45
CA ASP A 82 -6.38 35.42 49.53
C ASP A 82 -7.16 36.63 49.01
N LEU A 83 -8.44 36.72 49.40
CA LEU A 83 -9.38 37.67 48.81
C LEU A 83 -9.21 39.03 49.49
N ILE A 84 -9.22 40.10 48.69
CA ILE A 84 -9.31 41.46 49.20
C ILE A 84 -10.77 41.87 49.26
N LEU A 85 -11.05 42.98 49.97
CA LEU A 85 -12.37 43.60 50.03
C LEU A 85 -12.88 43.80 48.60
N GLY A 86 -14.09 43.30 48.32
CA GLY A 86 -14.73 43.44 47.02
C GLY A 86 -13.91 42.84 45.87
N ASP A 87 -13.16 41.77 46.15
CA ASP A 87 -12.29 41.11 45.19
C ASP A 87 -13.16 40.66 44.03
N ILE A 88 -12.71 40.96 42.82
CA ILE A 88 -13.50 40.84 41.61
C ILE A 88 -12.72 40.01 40.60
N THR A 89 -11.61 39.39 41.09
CA THR A 89 -10.53 38.98 40.20
C THR A 89 -11.04 37.86 39.32
N ASP A 90 -12.04 37.16 39.84
CA ASP A 90 -12.62 36.01 39.17
C ASP A 90 -13.33 36.41 37.89
N LYS A 91 -13.54 37.70 37.63
CA LYS A 91 -14.18 38.14 36.41
C LYS A 91 -13.13 38.41 35.34
N VAL A 92 -11.85 38.24 35.70
CA VAL A 92 -10.82 38.37 34.69
C VAL A 92 -10.88 37.13 33.81
N VAL A 93 -11.07 37.32 32.50
CA VAL A 93 -11.14 36.18 31.60
C VAL A 93 -9.88 36.07 30.73
N GLN A 94 -9.01 37.08 30.81
CA GLN A 94 -7.82 37.04 29.98
C GLN A 94 -6.79 38.05 30.48
N VAL A 95 -5.53 37.62 30.46
CA VAL A 95 -4.45 38.50 30.86
C VAL A 95 -3.32 38.41 29.83
N THR A 96 -2.90 39.56 29.29
CA THR A 96 -1.88 39.57 28.25
C THR A 96 -0.81 40.61 28.58
N ALA A 97 0.42 40.14 28.69
CA ALA A 97 1.53 41.03 29.00
C ALA A 97 2.35 41.20 27.74
N SER A 98 3.04 42.35 27.66
CA SER A 98 3.89 42.75 26.54
C SER A 98 4.97 41.71 26.24
N ALA A 99 5.58 41.10 27.26
CA ALA A 99 6.57 40.05 27.02
C ALA A 99 6.44 39.01 28.14
N ASN A 100 7.08 37.86 27.94
CA ASN A 100 6.83 36.72 28.79
C ASN A 100 8.10 35.89 28.86
N ASN A 101 8.15 34.95 29.82
CA ASN A 101 9.24 34.00 29.90
C ASN A 101 8.60 32.62 30.01
N PRO A 102 8.09 32.03 28.91
CA PRO A 102 7.59 30.65 28.93
C PRO A 102 8.72 29.68 29.26
N PRO A 103 8.45 28.43 29.71
CA PRO A 103 7.07 27.99 29.97
C PRO A 103 6.43 28.36 31.31
N ASN A 104 7.17 28.89 32.29
CA ASN A 104 6.56 28.90 33.62
C ASN A 104 6.29 30.29 34.15
N GLU A 105 6.86 31.31 33.49
CA GLU A 105 6.79 32.64 34.09
C GLU A 105 6.12 33.58 33.10
N ILE A 106 4.81 33.40 32.94
CA ILE A 106 4.00 34.03 31.90
C ILE A 106 2.82 34.74 32.58
N ASP A 107 2.21 35.65 31.84
CA ASP A 107 1.16 36.54 32.33
C ASP A 107 0.08 35.74 33.07
N SER A 108 -0.23 34.54 32.54
CA SER A 108 -1.19 33.64 33.18
C SER A 108 -0.98 33.52 34.68
N LYS A 109 0.27 33.66 35.11
CA LYS A 109 0.63 33.37 36.49
C LYS A 109 0.14 34.49 37.39
N LEU A 110 -0.35 35.58 36.80
CA LEU A 110 -0.68 36.77 37.56
C LEU A 110 -2.03 36.67 38.26
N ILE A 111 -2.89 35.72 37.84
CA ILE A 111 -4.25 35.70 38.37
C ILE A 111 -4.61 34.31 38.91
N ASP A 112 -3.58 33.47 39.14
CA ASP A 112 -3.78 32.09 39.54
C ASP A 112 -3.87 31.95 41.06
N GLY A 113 -3.66 33.04 41.80
CA GLY A 113 -3.94 33.04 43.22
C GLY A 113 -2.78 32.51 44.05
N ASP A 114 -1.73 32.07 43.34
CA ASP A 114 -0.50 31.53 43.89
C ASP A 114 0.63 32.57 43.87
N PRO A 115 1.00 33.19 45.03
CA PRO A 115 2.20 34.02 45.13
C PRO A 115 3.49 33.33 44.69
N THR A 116 3.44 32.02 44.53
CA THR A 116 4.59 31.17 44.27
C THR A 116 4.88 31.09 42.77
N THR A 117 3.88 31.47 41.96
CA THR A 117 4.02 31.56 40.51
C THR A 117 4.00 33.04 40.09
N LYS A 118 4.93 33.37 39.18
CA LYS A 118 5.16 34.75 38.77
C LYS A 118 5.20 34.87 37.24
N TRP A 119 4.92 36.09 36.77
CA TRP A 119 5.24 36.48 35.40
C TRP A 119 6.59 37.22 35.41
N LEU A 120 7.43 36.97 34.40
CA LEU A 120 8.70 37.65 34.25
C LEU A 120 8.86 38.01 32.78
N ALA A 121 9.37 39.22 32.50
CA ALA A 121 9.77 39.62 31.16
C ALA A 121 11.23 40.12 31.19
N PHE A 122 12.01 39.75 30.17
CA PHE A 122 13.38 40.25 29.98
C PHE A 122 13.37 41.65 29.38
N GLU A 123 12.75 42.62 30.08
CA GLU A 123 12.58 43.99 29.60
C GLU A 123 12.51 44.87 30.84
N PRO A 124 12.96 46.14 30.82
CA PRO A 124 12.83 47.03 32.00
C PRO A 124 11.45 47.65 32.23
N THR A 125 10.60 47.51 31.23
CA THR A 125 9.27 48.09 31.20
C THR A 125 8.35 47.08 30.53
N ALA A 126 7.03 47.19 30.78
CA ALA A 126 6.05 46.33 30.13
C ALA A 126 4.67 46.71 30.61
N ASN A 127 3.68 46.10 29.95
CA ASN A 127 2.28 46.40 30.22
C ASN A 127 1.49 45.09 30.25
N ILE A 128 0.52 45.03 31.17
CA ILE A 128 -0.30 43.85 31.37
C ILE A 128 -1.76 44.27 31.15
N VAL A 129 -2.46 43.53 30.29
CA VAL A 129 -3.84 43.87 29.91
C VAL A 129 -4.79 42.83 30.51
N LEU A 130 -5.78 43.32 31.27
CA LEU A 130 -6.72 42.43 31.92
C LEU A 130 -8.12 42.67 31.33
N LYS A 131 -8.66 41.63 30.66
CA LYS A 131 -10.00 41.66 30.08
C LYS A 131 -10.99 40.98 31.01
N LEU A 132 -12.06 41.72 31.38
CA LEU A 132 -13.11 41.29 32.29
C LEU A 132 -14.32 40.74 31.53
N ALA A 133 -15.07 39.88 32.21
CA ALA A 133 -16.29 39.24 31.70
C ALA A 133 -17.31 40.32 31.39
N GLU A 134 -17.64 41.17 32.38
CA GLU A 134 -18.55 42.30 32.23
C GLU A 134 -17.83 43.58 32.67
N PRO A 135 -18.20 44.77 32.13
CA PRO A 135 -17.67 46.04 32.64
C PRO A 135 -17.92 46.20 34.14
N VAL A 136 -16.84 46.51 34.88
CA VAL A 136 -16.88 46.86 36.28
C VAL A 136 -16.05 48.13 36.52
N ALA A 137 -16.43 48.89 37.55
CA ALA A 137 -15.68 50.05 37.99
C ALA A 137 -14.70 49.64 39.09
N VAL A 138 -13.40 49.47 38.74
CA VAL A 138 -12.35 49.03 39.66
C VAL A 138 -12.00 50.17 40.61
N VAL A 139 -12.02 49.96 41.95
CA VAL A 139 -11.72 51.10 42.83
C VAL A 139 -10.59 50.83 43.82
N LYS A 140 -9.91 49.69 43.59
CA LYS A 140 -8.93 49.07 44.48
C LYS A 140 -8.23 47.92 43.73
N TYR A 141 -6.92 47.81 43.93
CA TYR A 141 -6.15 46.72 43.34
C TYR A 141 -4.95 46.44 44.23
N ALA A 142 -4.35 45.28 44.02
CA ALA A 142 -3.20 44.83 44.78
C ALA A 142 -2.19 44.19 43.84
N LEU A 143 -0.91 44.60 43.99
CA LEU A 143 0.19 43.87 43.37
C LEU A 143 0.97 43.05 44.41
N THR A 144 1.47 41.88 43.97
CA THR A 144 2.23 41.01 44.85
C THR A 144 3.62 40.77 44.28
N SER A 145 4.66 41.07 45.07
CA SER A 145 6.02 40.93 44.59
C SER A 145 6.39 39.44 44.56
N ALA A 146 7.37 39.09 43.71
CA ALA A 146 7.70 37.70 43.46
C ALA A 146 8.69 37.18 44.51
N ASN A 147 9.33 36.06 44.19
CA ASN A 147 10.12 35.28 45.12
C ASN A 147 11.50 35.89 45.41
N ASP A 148 12.13 36.61 44.46
CA ASP A 148 13.55 36.91 44.56
C ASP A 148 13.79 38.28 43.93
N ALA A 149 15.07 38.67 43.76
CA ALA A 149 15.57 39.76 42.92
C ALA A 149 14.64 40.99 42.92
N LYS A 150 14.64 41.67 44.08
CA LYS A 150 13.86 42.86 44.40
C LYS A 150 13.96 43.91 43.28
N GLY A 151 15.10 43.97 42.58
CA GLY A 151 15.36 45.00 41.57
C GLY A 151 14.38 44.93 40.38
N ARG A 152 13.71 43.78 40.21
CA ARG A 152 12.82 43.53 39.08
C ARG A 152 11.38 43.96 39.40
N ASP A 153 11.12 44.40 40.64
CA ASP A 153 9.79 44.83 41.09
C ASP A 153 9.36 46.07 40.30
N PRO A 154 8.08 46.21 39.91
CA PRO A 154 7.58 47.49 39.38
C PRO A 154 7.79 48.60 40.40
N LYS A 155 8.04 49.83 39.90
CA LYS A 155 8.25 50.98 40.78
C LYS A 155 7.37 52.17 40.36
N ASN A 156 7.36 52.49 39.06
CA ASN A 156 6.40 53.47 38.53
C ASN A 156 5.51 52.80 37.49
N TRP A 157 4.20 53.09 37.62
CA TRP A 157 3.15 52.50 36.80
C TRP A 157 1.93 53.40 36.70
N THR A 158 1.18 53.13 35.63
CA THR A 158 -0.14 53.70 35.47
C THR A 158 -1.15 52.57 35.21
N LEU A 159 -2.27 52.67 35.92
CA LEU A 159 -3.42 51.85 35.61
C LEU A 159 -4.34 52.61 34.67
N TYR A 160 -4.62 52.00 33.50
CA TYR A 160 -5.62 52.51 32.56
C TYR A 160 -6.87 51.63 32.51
N GLY A 161 -7.97 52.26 32.07
CA GLY A 161 -9.28 51.67 31.83
C GLY A 161 -9.72 51.90 30.40
N SER A 162 -10.42 50.92 29.82
CA SER A 162 -10.83 51.00 28.43
C SER A 162 -12.21 50.39 28.23
N LEU A 163 -12.90 50.81 27.17
CA LEU A 163 -14.14 50.14 26.78
C LEU A 163 -13.89 49.23 25.60
N ASP A 164 -12.95 49.61 24.74
CA ASP A 164 -12.76 48.94 23.46
C ASP A 164 -11.45 48.16 23.43
N GLY A 165 -10.53 48.47 24.36
CA GLY A 165 -9.22 47.83 24.33
C GLY A 165 -8.19 48.55 23.46
N THR A 166 -8.49 49.76 22.96
CA THR A 166 -7.51 50.53 22.20
C THR A 166 -7.39 51.98 22.67
N ASN A 167 -8.46 52.52 23.28
CA ASN A 167 -8.46 53.89 23.81
C ASN A 167 -8.58 53.90 25.32
N TRP A 168 -7.52 54.39 25.98
CA TRP A 168 -7.23 54.17 27.40
C TRP A 168 -7.46 55.44 28.22
N THR A 169 -8.21 55.35 29.31
CA THR A 169 -8.28 56.46 30.26
C THR A 169 -7.48 56.09 31.51
N ALA A 170 -6.49 56.91 31.89
CA ALA A 170 -5.76 56.74 33.14
C ALA A 170 -6.70 56.83 34.35
N VAL A 171 -6.50 55.93 35.33
CA VAL A 171 -7.34 55.90 36.52
C VAL A 171 -6.52 55.87 37.81
N ASP A 172 -5.22 55.54 37.71
CA ASP A 172 -4.32 55.65 38.84
C ASP A 172 -2.86 55.68 38.38
N THR A 173 -2.09 56.61 38.96
CA THR A 173 -0.65 56.67 38.78
C THR A 173 0.03 56.43 40.12
N ARG A 174 1.16 55.70 40.07
CA ARG A 174 2.02 55.44 41.22
C ARG A 174 3.49 55.58 40.81
N GLU A 175 4.29 56.13 41.72
CA GLU A 175 5.68 56.47 41.45
C GLU A 175 6.53 56.21 42.69
N GLY A 176 7.67 55.52 42.49
CA GLY A 176 8.63 55.30 43.55
C GLY A 176 8.17 54.28 44.59
N GLU A 177 7.29 53.36 44.17
CA GLU A 177 6.79 52.30 45.02
C GLU A 177 7.88 51.29 45.43
N ASP A 178 7.75 50.79 46.66
CA ASP A 178 8.69 49.83 47.26
C ASP A 178 7.95 48.60 47.79
N PHE A 179 8.59 47.45 47.59
CA PHE A 179 8.16 46.18 48.18
C PHE A 179 9.28 45.62 49.08
N LYS A 180 9.20 45.91 50.38
CA LYS A 180 10.21 45.51 51.34
C LYS A 180 10.51 44.02 51.20
N ASP A 181 9.48 43.16 51.33
CA ASP A 181 9.68 41.72 51.33
C ASP A 181 9.31 41.05 49.99
N ARG A 182 9.80 39.81 49.80
CA ARG A 182 9.31 38.88 48.78
C ARG A 182 7.90 38.41 49.15
N PHE A 183 7.09 38.07 48.15
CA PHE A 183 5.68 37.74 48.35
C PHE A 183 4.94 38.85 49.11
N GLN A 184 5.24 40.12 48.81
CA GLN A 184 4.59 41.19 49.56
C GLN A 184 3.45 41.77 48.74
N ARG A 185 2.31 41.98 49.41
CA ARG A 185 1.14 42.50 48.74
C ARG A 185 0.90 43.95 49.15
N ASN A 186 0.97 44.86 48.18
CA ASN A 186 0.63 46.27 48.37
C ASN A 186 -0.77 46.53 47.83
N MET A 187 -1.51 47.34 48.58
CA MET A 187 -2.91 47.69 48.35
C MET A 187 -2.97 49.16 47.91
N TYR A 188 -3.92 49.45 47.00
CA TYR A 188 -4.00 50.71 46.29
C TYR A 188 -5.46 51.10 46.03
N ASP A 189 -5.85 52.30 46.45
CA ASP A 189 -7.23 52.77 46.33
C ASP A 189 -7.30 53.92 45.32
N LEU A 190 -8.46 54.09 44.66
CA LEU A 190 -8.64 55.14 43.67
C LEU A 190 -10.11 55.51 43.54
N LYS A 191 -10.40 56.76 43.13
CA LYS A 191 -11.73 57.20 42.76
C LYS A 191 -11.98 56.81 41.29
N ASN A 192 -13.09 56.08 41.03
CA ASN A 192 -13.53 55.73 39.69
C ASN A 192 -14.97 55.17 39.72
N THR A 193 -15.88 55.76 38.94
CA THR A 193 -17.28 55.30 38.88
C THR A 193 -17.61 54.83 37.46
N THR A 194 -16.61 54.84 36.58
CA THR A 194 -16.75 54.42 35.18
C THR A 194 -16.51 52.92 35.03
N LYS A 195 -17.49 52.20 34.47
CA LYS A 195 -17.35 50.75 34.27
C LYS A 195 -16.49 50.53 33.02
N TYR A 196 -15.47 49.66 33.14
CA TYR A 196 -14.55 49.43 32.04
C TYR A 196 -14.51 47.92 31.79
N LEU A 197 -14.07 47.52 30.58
CA LEU A 197 -14.05 46.11 30.22
C LEU A 197 -12.60 45.66 30.13
N TYR A 198 -11.69 46.62 29.96
CA TYR A 198 -10.27 46.33 29.99
C TYR A 198 -9.52 47.17 31.02
N TYR A 199 -8.50 46.57 31.66
CA TYR A 199 -7.58 47.28 32.53
C TYR A 199 -6.17 46.99 32.04
N LYS A 200 -5.37 48.06 31.97
CA LYS A 200 -3.97 47.98 31.60
C LYS A 200 -3.15 48.46 32.80
N LEU A 201 -2.26 47.58 33.30
CA LEU A 201 -1.22 48.00 34.22
C LEU A 201 0.03 48.29 33.41
N ASP A 202 0.32 49.60 33.25
CA ASP A 202 1.43 50.03 32.41
C ASP A 202 2.61 50.32 33.33
N ILE A 203 3.66 49.50 33.22
CA ILE A 203 4.75 49.52 34.17
C ILE A 203 5.88 50.28 33.49
N THR A 204 6.07 51.51 33.97
CA THR A 204 6.89 52.48 33.27
C THR A 204 8.32 52.44 33.81
N LYS A 205 8.47 52.01 35.07
CA LYS A 205 9.79 51.91 35.64
C LYS A 205 9.77 50.78 36.67
N ASN A 206 10.78 49.91 36.59
CA ASN A 206 11.01 48.92 37.62
C ASN A 206 12.11 49.42 38.57
N ALA A 207 12.58 48.53 39.43
CA ALA A 207 13.36 48.97 40.58
C ALA A 207 14.87 48.93 40.26
N GLY A 208 15.21 48.92 38.97
CA GLY A 208 16.61 49.13 38.56
C GLY A 208 17.18 48.02 37.69
N ASP A 209 16.66 46.78 37.81
CA ASP A 209 17.11 45.67 36.98
C ASP A 209 16.69 45.82 35.51
N SER A 210 17.31 45.01 34.64
CA SER A 210 16.97 44.98 33.21
C SER A 210 15.90 43.92 32.91
N ILE A 211 15.30 43.36 33.97
CA ILE A 211 14.28 42.32 33.93
C ILE A 211 13.14 42.76 34.85
N THR A 212 11.89 42.41 34.50
CA THR A 212 10.75 42.76 35.34
C THR A 212 9.97 41.49 35.66
N GLN A 213 9.36 41.46 36.86
CA GLN A 213 8.60 40.31 37.34
C GLN A 213 7.60 40.77 38.41
N LEU A 214 6.58 39.93 38.59
CA LEU A 214 5.47 40.16 39.51
C LEU A 214 4.73 38.83 39.64
N ALA A 215 4.20 38.58 40.84
CA ALA A 215 3.72 37.26 41.22
C ALA A 215 2.19 37.16 41.10
N GLU A 216 1.50 38.30 41.35
CA GLU A 216 0.05 38.35 41.48
C GLU A 216 -0.47 39.78 41.33
N ILE A 217 -1.67 39.87 40.71
CA ILE A 217 -2.52 41.05 40.58
C ILE A 217 -3.93 40.68 41.05
N SER A 218 -4.56 41.54 41.85
CA SER A 218 -5.98 41.36 42.11
C SER A 218 -6.74 42.68 41.95
N LEU A 219 -7.96 42.61 41.38
CA LEU A 219 -8.79 43.79 41.15
C LEU A 219 -10.01 43.73 42.06
N SER A 220 -10.61 44.90 42.31
CA SER A 220 -11.72 45.02 43.24
C SER A 220 -12.66 46.16 42.82
N ASP A 221 -13.93 46.02 43.21
CA ASP A 221 -14.97 46.97 42.85
C ASP A 221 -15.43 47.72 44.10
N GLY A 222 -14.90 47.31 45.25
CA GLY A 222 -15.16 47.99 46.50
C GLY A 222 -16.50 47.62 47.11
N ILE A 223 -17.15 46.56 46.61
CA ILE A 223 -18.42 46.17 47.21
C ILE A 223 -18.18 44.98 48.14
N GLU A 224 -18.72 45.04 49.37
CA GLU A 224 -18.53 43.98 50.35
C GLU A 224 -19.36 42.76 49.95
N VAL A 225 -18.73 41.59 50.08
CA VAL A 225 -19.43 40.31 50.17
C VAL A 225 -18.76 39.51 51.29
N PRO A 226 -19.27 39.60 52.54
CA PRO A 226 -18.89 38.71 53.64
C PRO A 226 -18.98 37.20 53.38
N ALA A 227 -19.74 36.77 52.35
CA ALA A 227 -19.93 35.36 52.00
C ALA A 227 -19.83 35.11 50.49
N PRO A 228 -18.62 35.11 49.86
CA PRO A 228 -18.49 35.06 48.39
C PRO A 228 -19.23 33.86 47.80
N PRO A 229 -20.22 34.09 46.89
CA PRO A 229 -20.98 32.95 46.34
C PRO A 229 -20.10 32.06 45.45
N PRO A 230 -20.39 30.74 45.30
CA PRO A 230 -19.66 29.92 44.33
C PRO A 230 -19.76 30.51 42.90
N GLY A 231 -18.66 30.47 42.14
CA GLY A 231 -18.71 30.84 40.72
C GLY A 231 -18.90 29.62 39.81
N ASP A 232 -19.23 29.87 38.55
CA ASP A 232 -19.47 28.81 37.59
C ASP A 232 -18.15 28.16 37.19
N MET A 233 -18.19 26.89 36.78
CA MET A 233 -17.02 26.21 36.24
C MET A 233 -16.38 27.11 35.17
N LYS A 234 -15.03 27.20 35.16
CA LYS A 234 -14.30 27.96 34.16
C LYS A 234 -14.30 27.20 32.83
N SER A 235 -14.50 27.94 31.74
CA SER A 235 -14.39 27.46 30.37
C SER A 235 -14.07 28.63 29.47
N LEU A 236 -12.78 28.80 29.14
CA LEU A 236 -12.34 30.02 28.47
C LEU A 236 -11.13 29.68 27.65
N ILE A 237 -10.90 30.46 26.59
CA ILE A 237 -9.73 30.27 25.76
C ILE A 237 -8.52 30.76 26.54
N GLY A 238 -7.51 29.89 26.72
CA GLY A 238 -6.28 30.21 27.42
C GLY A 238 -5.07 29.67 26.67
N LYS A 239 -3.97 29.45 27.38
CA LYS A 239 -2.70 29.06 26.76
C LYS A 239 -2.49 27.54 26.81
N GLY A 240 -3.41 26.80 27.45
CA GLY A 240 -3.31 25.35 27.44
C GLY A 240 -2.84 24.80 28.78
N PRO A 241 -2.27 23.57 28.81
CA PRO A 241 -1.90 22.90 30.07
C PRO A 241 -0.93 23.73 30.91
N THR A 242 -1.24 23.91 32.21
CA THR A 242 -0.30 24.55 33.12
C THR A 242 0.74 23.53 33.61
N SER A 243 0.40 22.24 33.59
CA SER A 243 1.40 21.20 33.82
C SER A 243 1.17 19.99 32.93
N SER A 244 2.24 19.27 32.63
CA SER A 244 2.22 18.17 31.70
C SER A 244 3.51 17.36 31.92
N TYR A 245 3.40 16.04 31.92
CA TYR A 245 4.59 15.20 32.03
C TYR A 245 5.40 15.26 30.75
N THR A 246 4.74 15.24 29.59
CA THR A 246 5.41 14.86 28.36
C THR A 246 5.26 15.92 27.27
N ALA A 247 4.53 17.02 27.52
CA ALA A 247 4.25 17.96 26.44
C ALA A 247 4.84 19.32 26.77
N LYS A 248 4.91 20.22 25.77
CA LYS A 248 5.28 21.59 26.11
C LYS A 248 4.11 22.27 26.85
N THR A 249 4.38 22.89 27.99
CA THR A 249 3.31 23.51 28.77
C THR A 249 2.99 24.91 28.24
N ASN A 250 1.77 25.38 28.52
CA ASN A 250 1.35 26.74 28.19
C ASN A 250 1.33 27.01 26.69
N VAL A 251 1.22 25.93 25.89
CA VAL A 251 0.87 26.00 24.48
C VAL A 251 -0.28 25.01 24.25
N GLY A 252 -0.88 25.06 23.06
CA GLY A 252 -1.96 24.13 22.78
C GLY A 252 -1.40 22.80 22.30
N TRP A 253 -2.29 21.89 21.92
CA TRP A 253 -1.89 20.71 21.18
C TRP A 253 -1.27 21.12 19.84
N THR A 254 -1.96 22.05 19.14
CA THR A 254 -1.40 22.82 18.03
C THR A 254 -1.66 24.30 18.32
N GLY A 255 -0.69 25.16 17.92
CA GLY A 255 -0.83 26.61 18.09
C GLY A 255 -0.62 27.05 19.54
N LEU A 256 -0.97 28.31 19.84
CA LEU A 256 -0.65 28.92 21.12
C LEU A 256 -1.90 29.01 22.01
N GLY A 257 -3.03 28.50 21.53
CA GLY A 257 -4.26 28.60 22.29
C GLY A 257 -4.93 27.25 22.48
N ALA A 258 -5.75 27.17 23.53
CA ALA A 258 -6.58 26.01 23.77
C ALA A 258 -7.74 26.43 24.65
N LEU A 259 -8.69 25.51 24.88
CA LEU A 259 -9.77 25.76 25.82
C LEU A 259 -9.38 25.20 27.19
N ASN A 260 -9.49 26.05 28.21
CA ASN A 260 -9.09 25.70 29.56
C ASN A 260 -10.35 25.59 30.38
N TYR A 261 -10.40 24.56 31.21
CA TYR A 261 -11.49 24.33 32.15
C TYR A 261 -10.89 24.02 33.50
N SER A 262 -11.64 24.33 34.55
CA SER A 262 -11.15 24.08 35.90
C SER A 262 -12.33 24.30 36.84
N GLY A 263 -12.21 23.81 38.07
CA GLY A 263 -13.15 24.11 39.14
C GLY A 263 -12.95 23.21 40.34
N THR A 264 -13.73 23.47 41.39
CA THR A 264 -13.74 22.68 42.60
C THR A 264 -15.06 21.90 42.70
N HIS A 265 -14.94 20.59 42.90
CA HIS A 265 -16.08 19.71 43.12
C HIS A 265 -16.36 19.67 44.62
N LEU A 266 -17.36 20.43 45.08
CA LEU A 266 -17.57 20.59 46.52
C LEU A 266 -18.28 19.38 47.13
N SER A 267 -19.13 18.70 46.36
CA SER A 267 -20.04 17.72 46.94
C SER A 267 -19.33 16.41 47.32
N ASP A 268 -19.91 15.71 48.29
CA ASP A 268 -19.54 14.35 48.65
C ASP A 268 -19.97 13.36 47.56
N GLY A 269 -21.09 13.68 46.92
CA GLY A 269 -21.63 12.87 45.84
C GLY A 269 -21.44 13.56 44.51
N ARG A 270 -22.45 13.47 43.65
CA ARG A 270 -22.33 13.91 42.26
C ARG A 270 -22.25 15.44 42.20
N ALA A 271 -21.40 15.90 41.28
CA ALA A 271 -21.31 17.30 40.90
C ALA A 271 -21.04 17.35 39.42
N TYR A 272 -21.55 18.42 38.78
CA TYR A 272 -21.44 18.50 37.34
C TYR A 272 -21.65 19.95 36.89
N SER A 273 -21.29 20.21 35.63
CA SER A 273 -21.58 21.46 34.98
C SER A 273 -21.38 21.22 33.48
N TYR A 274 -22.42 21.53 32.70
CA TYR A 274 -22.42 21.49 31.25
C TYR A 274 -22.36 22.95 30.78
N ASN A 275 -21.25 23.33 30.15
CA ASN A 275 -21.02 24.73 29.81
C ASN A 275 -21.03 24.90 28.31
N LYS A 276 -21.69 25.95 27.82
CA LYS A 276 -21.77 26.24 26.38
C LYS A 276 -20.62 27.14 25.92
N LEU A 277 -20.07 26.81 24.75
CA LEU A 277 -18.90 27.47 24.20
C LEU A 277 -19.26 28.26 22.96
N TYR A 278 -19.88 27.61 21.97
CA TYR A 278 -20.06 28.17 20.64
C TYR A 278 -21.47 27.94 20.13
N ASP A 279 -22.03 29.00 19.50
CA ASP A 279 -23.33 28.99 18.83
C ASP A 279 -23.09 28.58 17.40
N VAL A 280 -23.71 27.48 16.98
CA VAL A 280 -23.39 26.99 15.66
C VAL A 280 -24.69 26.55 15.00
N ASP A 281 -24.56 26.15 13.74
CA ASP A 281 -25.66 25.60 12.96
C ASP A 281 -25.10 24.49 12.08
N ILE A 282 -25.07 23.25 12.61
CA ILE A 282 -24.34 22.18 11.92
C ILE A 282 -25.21 20.94 11.79
N LEU A 283 -25.34 20.46 10.54
CA LEU A 283 -26.19 19.31 10.28
C LEU A 283 -25.32 18.07 10.39
N VAL A 284 -25.78 17.07 11.16
CA VAL A 284 -24.98 15.86 11.34
C VAL A 284 -25.36 14.87 10.26
N THR A 285 -24.38 14.21 9.66
CA THR A 285 -24.63 13.19 8.67
C THR A 285 -24.32 11.81 9.25
N PRO A 286 -24.71 10.70 8.59
CA PRO A 286 -24.37 9.36 9.05
C PRO A 286 -22.88 9.10 9.28
N ALA A 287 -22.02 9.89 8.61
CA ALA A 287 -20.58 9.64 8.69
C ALA A 287 -19.86 10.62 9.64
N THR A 288 -20.59 11.59 10.22
CA THR A 288 -19.99 12.67 11.01
C THR A 288 -19.14 12.14 12.17
N GLU A 289 -17.90 12.64 12.24
CA GLU A 289 -16.97 12.38 13.35
C GLU A 289 -16.81 13.67 14.14
N LEU A 290 -16.89 13.54 15.48
CA LEU A 290 -16.41 14.56 16.41
C LEU A 290 -15.06 14.09 16.94
N SER A 291 -14.04 14.95 16.86
CA SER A 291 -12.76 14.65 17.50
C SER A 291 -12.21 15.86 18.22
N TYR A 292 -11.31 15.60 19.16
CA TYR A 292 -10.70 16.61 20.00
C TYR A 292 -9.52 15.99 20.74
N PHE A 293 -8.72 16.87 21.39
CA PHE A 293 -7.58 16.46 22.20
C PHE A 293 -7.83 17.00 23.59
N ILE A 294 -7.64 16.13 24.58
CA ILE A 294 -7.88 16.57 25.96
C ILE A 294 -6.65 16.25 26.81
N ALA A 295 -6.27 17.23 27.63
CA ALA A 295 -5.15 17.07 28.55
C ALA A 295 -5.65 17.39 29.96
N PRO A 296 -6.20 16.38 30.66
CA PRO A 296 -6.64 16.56 32.06
C PRO A 296 -5.40 16.76 32.94
N GLU A 297 -5.54 17.47 34.07
CA GLU A 297 -4.41 17.70 34.95
C GLU A 297 -4.72 17.23 36.35
N PHE A 298 -3.67 16.85 37.09
CA PHE A 298 -3.75 16.60 38.52
C PHE A 298 -3.67 17.94 39.26
N THR A 299 -4.61 18.20 40.16
CA THR A 299 -4.59 19.46 40.89
C THR A 299 -3.99 19.28 42.29
N ASP A 300 -3.82 18.03 42.75
CA ASP A 300 -3.35 17.70 44.10
C ASP A 300 -1.83 17.53 44.12
N LYS A 301 -1.19 17.79 45.28
CA LYS A 301 0.25 17.56 45.46
C LYS A 301 0.57 16.08 45.15
N ASN A 302 -0.32 15.15 45.55
CA ASN A 302 -0.07 13.72 45.51
C ASN A 302 -0.29 13.06 44.14
N HIS A 303 -0.80 13.81 43.13
CA HIS A 303 -1.12 13.24 41.82
C HIS A 303 -2.00 11.98 41.93
N ASN A 304 -3.08 12.07 42.72
CA ASN A 304 -3.98 10.96 42.95
C ASN A 304 -5.45 11.32 42.69
N ASP A 305 -5.75 12.60 42.41
CA ASP A 305 -7.12 13.01 42.17
C ASP A 305 -7.37 13.01 40.65
N TYR A 306 -8.14 12.03 40.17
CA TYR A 306 -8.36 11.85 38.73
C TYR A 306 -9.59 12.60 38.20
N SER A 307 -10.20 13.49 39.02
CA SER A 307 -11.41 14.26 38.73
C SER A 307 -11.38 14.87 37.33
N SER A 308 -10.20 15.37 36.92
CA SER A 308 -10.13 16.05 35.64
C SER A 308 -10.47 15.11 34.48
N THR A 309 -10.54 13.77 34.70
CA THR A 309 -10.85 12.90 33.58
C THR A 309 -12.37 12.78 33.35
N TYR A 310 -13.17 13.45 34.17
CA TYR A 310 -14.62 13.31 34.08
C TYR A 310 -15.19 14.43 33.20
N VAL A 311 -14.70 14.52 31.94
CA VAL A 311 -14.95 15.64 31.05
C VAL A 311 -15.08 15.11 29.64
N SER A 312 -15.99 15.71 28.85
CA SER A 312 -16.02 15.49 27.42
C SER A 312 -16.54 16.72 26.71
N VAL A 313 -16.38 16.72 25.38
CA VAL A 313 -17.15 17.63 24.56
C VAL A 313 -18.60 17.12 24.44
N ASP A 314 -19.55 18.06 24.45
CA ASP A 314 -20.97 17.76 24.39
C ASP A 314 -21.63 18.67 23.35
N LEU A 315 -22.79 18.28 22.82
CA LEU A 315 -23.49 19.04 21.80
C LEU A 315 -24.95 19.23 22.24
N ALA A 316 -25.49 20.46 22.08
CA ALA A 316 -26.92 20.70 22.22
C ALA A 316 -27.57 20.67 20.83
N PHE A 317 -28.51 19.74 20.62
CA PHE A 317 -29.18 19.66 19.32
C PHE A 317 -30.45 20.53 19.34
N SER A 318 -30.96 20.87 18.13
CA SER A 318 -32.10 21.79 18.00
C SER A 318 -33.40 21.19 18.53
N ASP A 319 -33.45 19.84 18.57
CA ASP A 319 -34.61 19.12 19.06
C ASP A 319 -34.65 19.07 20.58
N GLY A 320 -33.77 19.79 21.32
CA GLY A 320 -33.74 19.79 22.78
C GLY A 320 -33.00 18.60 23.44
N THR A 321 -32.37 17.72 22.62
CA THR A 321 -31.51 16.63 23.08
C THR A 321 -30.03 17.01 23.05
N TYR A 322 -29.21 16.18 23.74
CA TYR A 322 -27.78 16.37 23.94
C TYR A 322 -27.04 15.11 23.53
N LEU A 323 -25.80 15.26 23.09
CA LEU A 323 -25.01 14.10 22.69
C LEU A 323 -24.82 13.17 23.88
N HIS A 324 -24.78 13.74 25.10
CA HIS A 324 -24.48 12.94 26.26
C HIS A 324 -25.63 11.97 26.57
N ASP A 325 -26.79 12.10 25.89
CA ASP A 325 -27.93 11.23 26.15
C ASP A 325 -27.96 10.09 25.16
N LEU A 326 -27.34 10.28 24.00
CA LEU A 326 -27.22 9.30 22.93
C LEU A 326 -26.03 8.37 23.24
N LYS A 327 -25.97 7.22 22.57
CA LYS A 327 -24.97 6.26 22.97
C LYS A 327 -23.79 6.40 22.01
N ALA A 328 -23.35 7.65 21.83
CA ALA A 328 -22.11 7.93 21.12
C ALA A 328 -20.98 7.24 21.85
N VAL A 329 -19.96 6.84 21.11
CA VAL A 329 -18.91 6.06 21.74
C VAL A 329 -17.57 6.53 21.17
N ASP A 330 -16.48 6.46 21.94
CA ASP A 330 -15.19 6.86 21.38
C ASP A 330 -14.54 5.70 20.61
N GLN A 331 -13.24 5.81 20.26
CA GLN A 331 -12.57 4.79 19.44
C GLN A 331 -12.26 3.58 20.30
N TYR A 332 -12.47 3.73 21.61
CA TYR A 332 -12.24 2.65 22.55
C TYR A 332 -13.55 1.97 22.94
N GLY A 333 -14.69 2.50 22.50
CA GLY A 333 -15.95 1.90 22.84
C GLY A 333 -16.54 2.54 24.09
N VAL A 334 -15.88 3.58 24.60
CA VAL A 334 -16.35 4.16 25.83
C VAL A 334 -17.40 5.22 25.48
N GLY A 335 -18.50 5.24 26.24
CA GLY A 335 -19.50 6.28 26.09
C GLY A 335 -18.87 7.66 25.98
N LEU A 336 -19.29 8.44 24.97
CA LEU A 336 -18.88 9.84 24.89
C LEU A 336 -19.78 10.71 25.77
N ASN A 337 -19.57 10.59 27.07
CA ASN A 337 -20.17 11.48 28.03
C ASN A 337 -19.16 11.59 29.18
N PRO A 338 -19.25 12.59 30.07
CA PRO A 338 -18.22 12.80 31.09
C PRO A 338 -18.05 11.63 32.06
N LYS A 339 -19.17 11.05 32.50
CA LYS A 339 -19.11 10.04 33.52
C LYS A 339 -18.39 8.81 32.98
N ASP A 340 -18.72 8.39 31.75
CA ASP A 340 -18.10 7.19 31.19
C ASP A 340 -16.64 7.47 30.82
N GLN A 341 -16.31 8.70 30.42
CA GLN A 341 -14.93 9.06 30.16
C GLN A 341 -14.08 8.83 31.43
N GLY A 342 -14.54 9.31 32.58
CA GLY A 342 -13.83 9.16 33.84
C GLY A 342 -13.85 7.74 34.43
N ASP A 343 -14.95 7.00 34.27
CA ASP A 343 -15.07 5.69 34.91
C ASP A 343 -14.16 4.69 34.20
N SER A 344 -13.98 4.86 32.88
CA SER A 344 -13.34 3.84 32.07
C SER A 344 -11.81 3.90 32.05
N LYS A 345 -11.22 5.05 32.42
CA LYS A 345 -9.80 5.12 32.73
C LYS A 345 -8.94 5.04 31.47
N TYR A 346 -9.43 5.56 30.34
CA TYR A 346 -8.62 5.56 29.13
C TYR A 346 -7.89 6.89 28.98
N LEU A 347 -8.31 7.92 29.73
CA LEU A 347 -7.64 9.21 29.68
C LEU A 347 -6.47 9.21 30.66
N TYR A 348 -5.28 9.55 30.16
CA TYR A 348 -4.14 9.77 31.04
C TYR A 348 -4.09 11.21 31.50
N VAL A 349 -3.74 11.42 32.77
CA VAL A 349 -3.65 12.76 33.31
C VAL A 349 -2.24 13.33 33.12
N ASN A 350 -2.18 14.67 32.95
CA ASN A 350 -0.95 15.38 32.62
C ASN A 350 -0.34 14.88 31.31
N GLN A 351 -1.20 14.39 30.41
CA GLN A 351 -0.81 14.02 29.05
C GLN A 351 -1.96 14.44 28.11
N TRP A 352 -1.62 14.66 26.84
CA TRP A 352 -2.62 14.83 25.82
C TRP A 352 -3.22 13.47 25.45
N ASN A 353 -4.52 13.49 25.12
CA ASN A 353 -5.24 12.31 24.69
C ASN A 353 -6.05 12.68 23.43
N THR A 354 -5.91 11.89 22.36
CA THR A 354 -6.75 11.96 21.17
C THR A 354 -8.07 11.23 21.40
N ILE A 355 -9.20 11.89 21.11
CA ILE A 355 -10.52 11.27 21.20
C ILE A 355 -11.25 11.44 19.87
N LYS A 356 -11.98 10.42 19.43
CA LYS A 356 -12.69 10.40 18.15
C LYS A 356 -14.00 9.62 18.28
N SER A 357 -15.13 10.21 17.84
CA SER A 357 -16.44 9.56 17.96
C SER A 357 -17.26 9.76 16.68
N THR A 358 -17.79 8.65 16.13
CA THR A 358 -18.67 8.73 14.97
C THR A 358 -20.07 9.07 15.48
N ILE A 359 -20.36 10.35 15.70
CA ILE A 359 -21.64 10.73 16.27
C ILE A 359 -22.76 10.49 15.24
N GLY A 360 -22.39 10.34 13.96
CA GLY A 360 -23.30 9.96 12.89
C GLY A 360 -24.08 8.67 13.16
N SER A 361 -23.44 7.75 13.88
CA SER A 361 -24.07 6.50 14.28
C SER A 361 -25.38 6.75 15.02
N VAL A 362 -25.48 7.88 15.73
CA VAL A 362 -26.57 8.02 16.68
C VAL A 362 -27.34 9.33 16.50
N ALA A 363 -26.79 10.26 15.69
CA ALA A 363 -27.34 11.61 15.65
C ALA A 363 -27.58 12.06 14.21
N ALA A 364 -27.50 11.11 13.25
CA ALA A 364 -27.67 11.48 11.85
C ALA A 364 -28.97 12.27 11.72
N GLY A 365 -28.89 13.43 11.07
CA GLY A 365 -30.07 14.20 10.69
C GLY A 365 -30.38 15.33 11.69
N LYS A 366 -29.78 15.26 12.88
CA LYS A 366 -30.02 16.33 13.85
C LYS A 366 -29.16 17.55 13.46
N THR A 367 -29.54 18.71 13.99
CA THR A 367 -28.71 19.90 13.84
C THR A 367 -28.14 20.28 15.21
N ILE A 368 -26.82 20.54 15.25
CA ILE A 368 -26.17 21.01 16.45
C ILE A 368 -26.40 22.52 16.54
N LYS A 369 -26.92 22.97 17.69
CA LYS A 369 -27.15 24.40 17.94
C LYS A 369 -25.99 24.99 18.76
N ARG A 370 -25.43 24.19 19.70
CA ARG A 370 -24.33 24.64 20.54
C ARG A 370 -23.32 23.52 20.80
N ILE A 371 -22.04 23.89 20.84
CA ILE A 371 -20.95 23.05 21.34
C ILE A 371 -20.73 23.36 22.83
N LEU A 372 -20.67 22.29 23.66
CA LEU A 372 -20.50 22.32 25.10
C LEU A 372 -19.19 21.62 25.54
N VAL A 373 -18.72 22.01 26.74
CA VAL A 373 -17.78 21.20 27.49
C VAL A 373 -18.46 20.79 28.78
N ALA A 374 -18.32 19.51 29.16
CA ALA A 374 -19.07 19.03 30.31
C ALA A 374 -18.17 18.29 31.28
N TYR A 375 -18.43 18.56 32.57
CA TYR A 375 -17.85 17.85 33.70
C TYR A 375 -18.98 17.21 34.48
N ASP A 376 -18.85 15.93 34.84
CA ASP A 376 -19.90 15.24 35.58
C ASP A 376 -19.24 14.05 36.28
N ASN A 377 -19.24 14.08 37.63
CA ASN A 377 -18.46 13.14 38.42
C ASN A 377 -19.32 12.68 39.61
N PRO A 378 -19.59 11.36 39.74
CA PRO A 378 -20.42 10.84 40.82
C PRO A 378 -19.96 10.99 42.27
N LYS A 379 -18.68 11.33 42.52
CA LYS A 379 -18.11 11.29 43.87
C LYS A 379 -17.10 12.44 44.04
N GLY A 380 -16.94 12.89 45.28
CA GLY A 380 -16.00 13.92 45.65
C GLY A 380 -15.84 13.96 47.16
N PRO A 381 -15.35 15.07 47.77
CA PRO A 381 -14.94 16.28 47.05
C PRO A 381 -13.65 16.06 46.25
N GLY A 382 -13.31 17.05 45.42
CA GLY A 382 -12.08 17.00 44.65
C GLY A 382 -11.94 18.29 43.85
N ALA A 383 -11.03 18.30 42.87
CA ALA A 383 -10.81 19.47 42.05
C ALA A 383 -10.27 19.00 40.70
N PHE A 384 -10.50 19.80 39.67
CA PHE A 384 -10.10 19.45 38.33
C PHE A 384 -9.62 20.68 37.57
N ARG A 385 -8.91 20.42 36.48
CA ARG A 385 -8.32 21.43 35.60
C ARG A 385 -7.86 20.65 34.39
N GLY A 386 -8.00 21.24 33.19
CA GLY A 386 -7.50 20.61 31.98
C GLY A 386 -7.62 21.51 30.75
N SER A 387 -7.14 21.00 29.62
CA SER A 387 -7.22 21.67 28.35
C SER A 387 -7.87 20.78 27.30
N ILE A 388 -8.64 21.40 26.41
CA ILE A 388 -9.15 20.81 25.17
C ILE A 388 -8.66 21.64 23.99
N ASP A 389 -8.22 20.97 22.92
CA ASP A 389 -7.80 21.68 21.72
C ASP A 389 -8.35 20.93 20.50
N ASP A 390 -8.50 21.64 19.38
CA ASP A 390 -8.81 21.08 18.07
C ASP A 390 -10.12 20.28 18.07
N ILE A 391 -11.21 20.86 18.60
CA ILE A 391 -12.57 20.36 18.40
C ILE A 391 -12.91 20.41 16.91
N LYS A 392 -13.06 19.23 16.30
CA LYS A 392 -13.40 19.12 14.90
C LYS A 392 -14.71 18.33 14.74
N ILE A 393 -15.59 18.81 13.86
CA ILE A 393 -16.74 18.06 13.40
C ILE A 393 -16.54 17.90 11.90
N ASP A 394 -16.47 16.63 11.43
CA ASP A 394 -16.25 16.37 10.01
C ASP A 394 -17.39 15.56 9.43
N GLY A 395 -18.20 16.22 8.59
CA GLY A 395 -19.36 15.64 7.93
C GLY A 395 -18.97 14.48 7.03
N LYS A 396 -17.78 14.53 6.44
CA LYS A 396 -17.45 13.52 5.44
C LYS A 396 -15.98 13.13 5.57
N PRO A 397 -15.60 12.42 6.65
CA PRO A 397 -14.18 12.16 6.92
C PRO A 397 -13.62 11.17 5.91
N VAL A 398 -12.37 11.39 5.51
CA VAL A 398 -11.70 10.49 4.59
C VAL A 398 -10.95 9.47 5.44
N GLN A 399 -11.19 8.17 5.22
CA GLN A 399 -10.50 7.15 6.00
C GLN A 399 -9.17 6.85 5.32
N LYS A 400 -8.14 6.54 6.13
CA LYS A 400 -6.82 6.18 5.63
C LYS A 400 -6.88 4.78 4.98
N ALA A 401 -6.16 4.61 3.86
CA ALA A 401 -6.13 3.31 3.19
C ALA A 401 -4.78 2.66 3.46
N PHE A 402 -4.77 1.31 3.44
CA PHE A 402 -3.62 0.50 3.80
C PHE A 402 -3.49 -0.64 2.79
N GLY A 403 -2.34 -0.74 2.11
CA GLY A 403 -2.18 -1.83 1.17
C GLY A 403 -1.55 -3.10 1.75
N SER A 404 -0.81 -2.95 2.87
CA SER A 404 -0.08 -4.08 3.42
C SER A 404 0.27 -3.81 4.88
N PRO A 405 0.70 -4.83 5.66
CA PRO A 405 1.03 -4.61 7.08
C PRO A 405 1.86 -3.36 7.39
N ILE A 406 2.93 -3.12 6.64
CA ILE A 406 3.84 -2.01 6.95
C ILE A 406 3.14 -0.66 6.95
N ASP A 407 2.00 -0.54 6.25
CA ASP A 407 1.35 0.76 6.16
C ASP A 407 0.75 1.18 7.51
N TYR A 408 0.70 0.24 8.45
CA TYR A 408 0.08 0.42 9.75
C TYR A 408 1.09 0.93 10.79
N VAL A 409 2.37 0.82 10.44
CA VAL A 409 3.45 1.00 11.41
C VAL A 409 3.74 2.48 11.60
N ASN A 410 3.66 2.93 12.85
CA ASN A 410 4.06 4.30 13.19
C ASN A 410 5.34 4.24 14.05
N ILE A 411 6.48 4.68 13.48
CA ILE A 411 7.73 4.54 14.19
C ILE A 411 7.87 5.65 15.23
N LEU A 412 6.85 6.51 15.37
CA LEU A 412 6.89 7.62 16.30
C LEU A 412 6.31 7.20 17.65
N ARG A 413 5.77 6.00 17.74
CA ARG A 413 5.24 5.57 19.03
C ARG A 413 6.38 5.62 20.04
N GLY A 414 6.07 6.05 21.25
CA GLY A 414 7.10 6.10 22.26
C GLY A 414 7.95 7.36 22.17
N THR A 415 7.48 8.40 21.44
CA THR A 415 8.26 9.64 21.40
C THR A 415 7.56 10.82 22.10
N GLN A 416 6.26 10.76 22.41
CA GLN A 416 5.64 11.70 23.34
C GLN A 416 5.67 11.11 24.76
N SER A 417 6.88 11.07 25.28
CA SER A 417 7.33 10.18 26.33
C SER A 417 8.72 10.68 26.71
N ASN A 418 9.03 10.61 28.00
CA ASN A 418 10.34 11.05 28.44
C ASN A 418 10.65 10.40 29.79
N GLY A 419 11.57 11.03 30.53
CA GLY A 419 12.07 10.48 31.77
C GLY A 419 11.16 10.81 32.95
N SER A 420 10.13 11.65 32.72
CA SER A 420 9.10 11.91 33.73
C SER A 420 7.96 10.89 33.62
N PHE A 421 7.54 10.57 32.39
CA PHE A 421 6.52 9.57 32.16
C PHE A 421 6.80 8.94 30.81
N SER A 422 6.91 7.61 30.78
CA SER A 422 7.22 6.94 29.53
C SER A 422 5.95 6.44 28.86
N ARG A 423 5.84 6.66 27.55
CA ARG A 423 4.84 5.98 26.75
C ARG A 423 5.56 5.11 25.73
N GLY A 424 6.78 4.68 26.07
CA GLY A 424 7.59 3.73 25.32
C GLY A 424 9.09 4.07 25.38
N ASN A 425 9.40 5.38 25.37
CA ASN A 425 10.76 5.90 25.28
C ASN A 425 11.53 5.22 24.14
N ASN A 426 10.95 5.28 22.92
CA ASN A 426 11.64 4.83 21.72
C ASN A 426 12.23 6.02 20.97
N PHE A 427 12.72 5.79 19.74
CA PHE A 427 13.04 6.88 18.83
C PHE A 427 12.65 6.46 17.41
N PRO A 428 12.49 7.41 16.45
CA PRO A 428 12.04 7.04 15.10
C PRO A 428 13.08 6.26 14.30
N ALA A 429 13.26 4.98 14.65
CA ALA A 429 14.32 4.17 14.07
C ALA A 429 13.90 3.66 12.69
N VAL A 430 14.60 4.13 11.66
CA VAL A 430 14.46 3.59 10.32
C VAL A 430 15.59 2.57 10.12
N ALA A 431 15.26 1.35 9.74
CA ALA A 431 16.28 0.32 9.67
C ALA A 431 15.70 -0.90 8.99
N ILE A 432 16.55 -1.87 8.61
CA ILE A 432 16.00 -3.15 8.20
C ILE A 432 15.86 -4.00 9.47
N PRO A 433 15.00 -5.06 9.49
CA PRO A 433 14.89 -5.92 10.67
C PRO A 433 16.27 -6.37 11.16
N HIS A 434 16.53 -6.19 12.48
CA HIS A 434 17.80 -6.56 13.10
C HIS A 434 19.00 -5.91 12.39
N GLY A 435 18.84 -4.66 11.93
CA GLY A 435 19.85 -4.04 11.08
C GLY A 435 21.09 -3.59 11.85
N PHE A 436 22.19 -3.37 11.13
CA PHE A 436 23.46 -2.99 11.74
C PHE A 436 23.46 -1.55 12.23
N ASN A 437 22.65 -0.69 11.60
CA ASN A 437 22.53 0.69 12.06
C ASN A 437 21.05 1.04 12.13
N PHE A 438 20.71 1.98 13.02
CA PHE A 438 19.46 2.72 12.92
C PHE A 438 19.78 4.10 12.31
N TRP A 439 18.76 4.67 11.64
CA TRP A 439 18.79 6.02 11.10
C TRP A 439 17.58 6.79 11.62
N THR A 440 17.75 8.06 11.97
CA THR A 440 16.66 8.70 12.68
C THR A 440 16.77 10.21 12.64
N PRO A 441 15.65 10.95 12.62
CA PRO A 441 15.69 12.38 12.89
C PRO A 441 15.96 12.60 14.38
N THR A 442 16.65 13.69 14.73
CA THR A 442 16.76 14.04 16.13
C THR A 442 16.34 15.49 16.34
N THR A 443 15.63 15.75 17.43
CA THR A 443 15.25 17.10 17.83
C THR A 443 16.15 17.64 18.95
N ASN A 444 17.24 16.91 19.29
CA ASN A 444 18.09 17.16 20.46
C ASN A 444 19.46 16.54 20.22
N ALA A 445 20.31 17.20 19.43
CA ALA A 445 21.39 16.51 18.74
C ALA A 445 22.58 16.27 19.67
N GLY A 446 22.52 16.84 20.88
CA GLY A 446 23.51 16.54 21.91
C GLY A 446 23.20 15.31 22.76
N SER A 447 21.99 14.73 22.62
CA SER A 447 21.40 13.89 23.68
C SER A 447 21.06 12.47 23.21
N SER A 448 21.00 11.53 24.15
CA SER A 448 20.45 10.20 23.92
C SER A 448 18.91 10.23 23.96
N TRP A 449 18.33 11.33 24.46
CA TRP A 449 16.91 11.60 24.31
C TRP A 449 16.68 12.14 22.90
N ILE A 450 16.50 11.25 21.92
CA ILE A 450 16.76 11.54 20.52
C ILE A 450 15.70 12.45 19.86
N TYR A 451 14.40 12.17 20.08
CA TYR A 451 13.34 12.88 19.39
C TYR A 451 12.19 13.14 20.35
N GLN A 452 11.81 14.41 20.53
CA GLN A 452 10.64 14.77 21.34
C GLN A 452 9.45 15.10 20.44
N TYR A 453 8.30 14.43 20.69
CA TYR A 453 7.13 14.66 19.88
C TYR A 453 6.62 16.10 20.00
N HIS A 454 6.71 16.70 21.21
CA HIS A 454 6.00 17.94 21.49
C HIS A 454 6.77 18.84 22.47
N GLU A 455 7.41 18.21 23.46
CA GLU A 455 8.12 18.82 24.58
C GLU A 455 9.09 19.93 24.15
N SER A 456 9.86 19.74 23.07
CA SER A 456 10.88 20.70 22.63
C SER A 456 10.35 21.59 21.48
N ASN A 457 9.05 21.86 21.41
CA ASN A 457 8.53 22.63 20.29
C ASN A 457 9.04 24.08 20.36
N SER A 458 9.15 24.73 19.17
CA SER A 458 9.60 26.11 18.97
C SER A 458 8.63 27.08 19.63
N VAL A 459 8.92 28.40 19.56
CA VAL A 459 8.04 29.43 20.10
C VAL A 459 6.71 29.46 19.35
N ASN A 460 6.70 28.84 18.15
CA ASN A 460 5.50 28.74 17.33
C ASN A 460 4.81 27.40 17.55
N ASN A 461 5.31 26.61 18.52
CA ASN A 461 4.72 25.33 18.87
C ASN A 461 4.79 24.37 17.69
N LEU A 462 5.94 24.31 17.01
CA LEU A 462 6.23 23.26 16.05
C LEU A 462 7.51 22.56 16.48
N PRO A 463 7.63 21.23 16.24
CA PRO A 463 8.90 20.51 16.45
C PRO A 463 9.98 20.96 15.49
N GLN A 464 11.25 20.84 15.90
CA GLN A 464 12.42 21.26 15.12
C GLN A 464 13.41 20.11 15.05
N ILE A 465 13.80 19.73 13.83
CA ILE A 465 14.91 18.82 13.67
C ILE A 465 16.23 19.57 13.66
N GLN A 466 17.20 18.99 14.36
CA GLN A 466 18.56 19.50 14.43
C GLN A 466 19.51 18.58 13.65
N ALA A 467 19.09 17.34 13.34
CA ALA A 467 19.93 16.53 12.48
C ALA A 467 19.26 15.19 12.15
N PHE A 468 19.85 14.53 11.17
CA PHE A 468 19.58 13.15 10.79
C PHE A 468 20.83 12.37 11.19
N SER A 469 20.64 11.25 11.90
CA SER A 469 21.73 10.61 12.64
C SER A 469 21.78 9.14 12.29
N VAL A 470 23.00 8.62 12.26
CA VAL A 470 23.19 7.19 12.48
C VAL A 470 23.23 6.96 14.00
N SER A 471 22.54 5.89 14.45
CA SER A 471 22.25 5.62 15.85
C SER A 471 22.38 4.13 16.10
N HIS A 472 22.80 3.78 17.32
CA HIS A 472 22.78 2.40 17.75
C HIS A 472 22.18 2.28 19.16
N GLU A 473 21.26 3.19 19.52
CA GLU A 473 20.76 3.30 20.88
C GLU A 473 19.83 2.13 21.20
N PRO A 474 20.08 1.37 22.28
CA PRO A 474 19.14 0.32 22.70
C PRO A 474 17.98 0.90 23.52
N SER A 475 18.24 2.04 24.18
CA SER A 475 17.26 2.76 24.97
C SER A 475 17.91 4.08 25.36
N PRO A 476 17.16 5.13 25.82
CA PRO A 476 17.78 6.38 26.22
C PRO A 476 18.63 6.20 27.47
N TRP A 477 18.28 5.19 28.28
CA TRP A 477 18.95 4.97 29.56
C TRP A 477 20.30 4.31 29.31
N MET A 478 20.31 3.27 28.45
CA MET A 478 21.57 2.69 28.05
C MET A 478 22.42 3.76 27.34
N GLY A 479 21.77 4.59 26.51
CA GLY A 479 22.41 5.66 25.76
C GLY A 479 22.81 5.29 24.33
N ASP A 480 23.05 6.31 23.50
CA ASP A 480 23.47 6.14 22.12
C ASP A 480 24.98 5.94 22.04
N ARG A 481 25.46 5.51 20.86
CA ARG A 481 26.87 5.24 20.65
C ARG A 481 27.11 5.15 19.15
N GLN A 482 28.36 5.36 18.71
CA GLN A 482 28.71 5.12 17.32
C GLN A 482 27.81 5.95 16.39
N THR A 483 27.61 7.23 16.74
CA THR A 483 26.72 8.14 16.09
C THR A 483 27.48 9.05 15.12
N PHE A 484 26.74 9.68 14.20
CA PHE A 484 27.21 10.56 13.12
C PHE A 484 26.01 11.37 12.62
N GLN A 485 26.22 12.65 12.26
CA GLN A 485 25.09 13.54 12.05
C GLN A 485 25.24 14.39 10.78
N VAL A 486 24.12 14.53 10.05
CA VAL A 486 24.04 15.45 8.93
C VAL A 486 22.80 16.34 9.08
N MET A 487 22.87 17.58 8.58
CA MET A 487 21.73 18.48 8.61
C MET A 487 21.71 19.36 7.37
N PRO A 488 20.61 19.37 6.59
CA PRO A 488 20.52 20.25 5.42
C PRO A 488 20.29 21.72 5.79
N SER A 489 20.77 22.63 4.92
CA SER A 489 20.81 24.06 5.19
C SER A 489 20.73 24.83 3.87
N ALA A 490 19.84 25.83 3.82
CA ALA A 490 19.69 26.71 2.67
C ALA A 490 20.41 28.04 2.92
N SER A 491 21.22 28.10 3.97
CA SER A 491 22.07 29.24 4.28
C SER A 491 22.83 29.76 3.05
N THR A 492 22.97 31.10 2.97
CA THR A 492 23.66 31.77 1.87
C THR A 492 24.90 32.54 2.35
N ALA A 493 25.09 32.63 3.69
CA ALA A 493 26.27 33.18 4.34
C ALA A 493 27.50 32.49 3.78
N ALA A 494 28.66 33.14 3.86
CA ALA A 494 29.87 32.59 3.24
C ALA A 494 30.04 31.14 3.71
N THR A 495 29.60 30.94 4.96
CA THR A 495 29.78 29.71 5.70
C THR A 495 28.48 29.35 6.43
N PRO A 496 27.99 28.11 6.29
CA PRO A 496 26.78 27.70 7.00
C PRO A 496 27.07 27.55 8.50
N ASN A 497 26.19 28.09 9.35
CA ASN A 497 26.44 28.11 10.79
C ASN A 497 26.05 26.74 11.37
N ALA A 498 26.93 26.13 12.18
CA ALA A 498 26.67 24.75 12.55
C ALA A 498 26.07 24.66 13.96
N ASN A 499 25.94 25.80 14.65
CA ASN A 499 25.17 25.86 15.88
C ASN A 499 23.86 25.05 15.76
N ARG A 500 23.56 24.25 16.79
CA ARG A 500 22.36 23.42 16.80
C ARG A 500 21.09 24.28 16.69
N ASP A 501 21.01 25.33 17.50
CA ASP A 501 19.79 26.11 17.61
C ASP A 501 19.53 26.84 16.30
N SER A 502 20.58 27.42 15.72
CA SER A 502 20.36 28.27 14.57
C SER A 502 20.16 27.47 13.27
N ARG A 503 20.62 26.21 13.21
CA ARG A 503 20.42 25.42 12.00
C ARG A 503 19.10 24.64 12.05
N ALA A 504 18.43 24.68 13.21
CA ALA A 504 17.29 23.80 13.43
C ALA A 504 16.20 24.24 12.46
N LEU A 505 15.39 23.29 11.98
CA LEU A 505 14.31 23.60 11.05
C LEU A 505 12.96 23.08 11.56
N GLU A 506 11.99 23.97 11.78
CA GLU A 506 10.63 23.62 12.19
C GLU A 506 9.94 22.78 11.11
N PHE A 507 8.98 21.94 11.53
CA PHE A 507 8.14 21.12 10.66
C PHE A 507 6.84 20.79 11.37
N ASN A 508 5.82 20.36 10.62
CA ASN A 508 4.55 19.88 11.17
C ASN A 508 4.50 18.36 11.01
N HIS A 509 3.97 17.68 12.05
CA HIS A 509 3.85 16.23 12.00
C HIS A 509 3.00 15.79 10.81
N ALA A 510 2.03 16.62 10.41
CA ALA A 510 1.19 16.34 9.24
C ALA A 510 2.03 16.27 7.94
N ASN A 511 3.25 16.81 7.97
CA ASN A 511 4.11 16.80 6.79
C ASN A 511 5.21 15.76 6.87
N GLU A 512 5.11 14.85 7.84
CA GLU A 512 6.16 13.89 8.15
C GLU A 512 5.63 12.47 7.94
N ILE A 513 6.38 11.64 7.21
CA ILE A 513 6.02 10.23 7.03
C ILE A 513 7.09 9.38 7.71
N ALA A 514 6.66 8.52 8.64
CA ALA A 514 7.63 7.90 9.53
C ALA A 514 7.36 6.42 9.59
N GLN A 515 8.10 5.65 8.78
CA GLN A 515 7.86 4.22 8.64
C GLN A 515 9.18 3.46 8.81
N PRO A 516 9.15 2.12 9.06
CA PRO A 516 10.38 1.37 9.29
C PRO A 516 11.38 1.50 8.15
N HIS A 517 10.87 1.66 6.93
CA HIS A 517 11.64 1.55 5.70
C HIS A 517 11.79 2.90 4.98
N TYR A 518 11.21 3.97 5.55
CA TYR A 518 11.12 5.24 4.86
C TYR A 518 10.77 6.33 5.86
N TYR A 519 11.61 7.37 5.92
CA TYR A 519 11.23 8.51 6.73
C TYR A 519 11.33 9.74 5.84
N SER A 520 10.38 10.66 6.00
CA SER A 520 10.29 11.79 5.11
C SER A 520 9.77 12.95 5.93
N VAL A 521 10.38 14.13 5.76
CA VAL A 521 9.86 15.30 6.43
C VAL A 521 9.93 16.46 5.44
N LYS A 522 8.83 17.25 5.33
CA LYS A 522 8.92 18.51 4.62
C LYS A 522 8.88 19.64 5.63
N PHE A 523 9.97 20.42 5.66
CA PHE A 523 10.17 21.49 6.63
C PHE A 523 9.39 22.71 6.19
N GLU A 524 9.03 23.55 7.17
CA GLU A 524 8.29 24.79 6.96
C GLU A 524 8.96 25.63 5.88
N ASN A 525 10.28 25.51 5.76
CA ASN A 525 11.04 26.37 4.86
C ASN A 525 11.19 25.77 3.46
N GLY A 526 10.60 24.60 3.18
CA GLY A 526 10.51 24.04 1.83
C GLY A 526 11.50 22.90 1.55
N ILE A 527 12.54 22.77 2.40
CA ILE A 527 13.43 21.65 2.24
C ILE A 527 12.67 20.37 2.60
N ARG A 528 13.05 19.29 1.91
CA ARG A 528 12.55 17.97 2.21
C ARG A 528 13.74 17.05 2.44
N THR A 529 13.64 16.17 3.44
CA THR A 529 14.64 15.13 3.60
C THR A 529 13.94 13.77 3.62
N GLU A 530 14.48 12.82 2.87
CA GLU A 530 13.91 11.48 2.90
C GLU A 530 15.05 10.49 3.08
N MET A 531 14.80 9.36 3.78
CA MET A 531 15.84 8.37 3.95
C MET A 531 15.26 6.97 3.96
N THR A 532 16.10 6.05 3.50
CA THR A 532 15.70 4.65 3.43
C THR A 532 16.92 3.82 3.81
N PRO A 533 16.75 2.68 4.56
CA PRO A 533 17.91 1.92 5.02
C PRO A 533 18.28 0.70 4.18
N THR A 534 19.53 0.31 4.36
CA THR A 534 20.12 -0.97 4.04
C THR A 534 20.59 -1.55 5.38
N ASP A 535 21.19 -2.74 5.37
CA ASP A 535 21.79 -3.30 6.59
C ASP A 535 22.89 -2.40 7.17
N HIS A 536 23.92 -2.12 6.36
CA HIS A 536 25.06 -1.33 6.80
C HIS A 536 25.05 0.07 6.20
N ALA A 537 24.13 0.34 5.25
CA ALA A 537 24.14 1.62 4.57
C ALA A 537 22.74 2.26 4.56
N ALA A 538 22.62 3.39 3.87
CA ALA A 538 21.36 4.11 3.72
C ALA A 538 21.49 5.03 2.51
N MET A 539 20.32 5.43 1.96
CA MET A 539 20.26 6.48 0.97
C MET A 539 19.38 7.63 1.47
N PHE A 540 19.88 8.86 1.30
CA PHE A 540 19.14 10.08 1.62
C PHE A 540 18.93 10.89 0.34
N LYS A 541 17.74 11.50 0.24
CA LYS A 541 17.40 12.48 -0.78
C LYS A 541 17.15 13.78 -0.06
N PHE A 542 17.98 14.78 -0.37
CA PHE A 542 17.75 16.13 0.13
C PHE A 542 17.23 16.98 -1.03
N THR A 543 15.99 17.49 -0.92
CA THR A 543 15.46 18.30 -2.00
C THR A 543 15.36 19.74 -1.51
N PHE A 544 15.99 20.68 -2.26
CA PHE A 544 16.13 22.08 -1.86
C PHE A 544 15.27 23.00 -2.73
N THR A 545 15.13 24.27 -2.33
CA THR A 545 14.37 25.25 -3.09
C THR A 545 15.26 26.38 -3.64
N GLY A 546 16.52 26.50 -3.18
CA GLY A 546 17.39 27.64 -3.44
C GLY A 546 18.52 27.33 -4.43
N ALA A 547 19.34 28.35 -4.71
CA ALA A 547 20.38 28.22 -5.72
C ALA A 547 21.63 27.57 -5.11
N THR A 548 21.81 27.86 -3.82
CA THR A 548 22.94 27.46 -3.00
C THR A 548 22.47 26.58 -1.84
N SER A 549 22.99 25.35 -1.80
CA SER A 549 22.50 24.37 -0.85
C SER A 549 23.67 23.67 -0.14
N ASN A 550 23.46 23.30 1.13
CA ASN A 550 24.51 22.82 2.01
C ASN A 550 24.03 21.61 2.82
N LEU A 551 24.99 20.72 3.11
CA LEU A 551 24.88 19.71 4.16
C LEU A 551 25.94 19.98 5.24
N ILE A 552 25.50 20.14 6.49
CA ILE A 552 26.36 20.31 7.66
C ILE A 552 26.59 18.96 8.32
N PHE A 553 27.86 18.54 8.51
CA PHE A 553 28.20 17.36 9.29
C PHE A 553 28.57 17.73 10.72
N ASP A 554 28.30 16.82 11.67
CA ASP A 554 28.48 17.11 13.10
C ASP A 554 28.39 15.79 13.84
N ASN A 555 28.50 15.85 15.17
CA ASN A 555 28.39 14.66 15.98
C ASN A 555 27.81 15.03 17.33
N VAL A 556 27.50 14.01 18.16
CA VAL A 556 26.87 14.22 19.46
C VAL A 556 27.76 15.10 20.34
N ASN A 557 29.07 14.87 20.25
CA ASN A 557 30.11 15.60 20.96
C ASN A 557 31.38 15.51 20.11
N ASN A 558 32.53 15.94 20.66
CA ASN A 558 33.73 16.16 19.89
C ASN A 558 34.55 14.88 19.69
N ASN A 559 34.06 13.74 20.15
CA ASN A 559 34.88 12.54 20.17
C ASN A 559 34.65 11.77 18.88
N GLY A 560 35.23 12.31 17.82
CA GLY A 560 35.26 11.64 16.53
C GLY A 560 36.06 12.48 15.52
N GLY A 561 35.92 12.11 14.24
CA GLY A 561 36.53 12.88 13.18
C GLY A 561 35.72 12.91 11.88
N LEU A 562 36.01 13.95 11.10
CA LEU A 562 35.43 14.21 9.79
C LEU A 562 36.57 14.58 8.84
N THR A 563 36.66 13.87 7.70
CA THR A 563 37.50 14.23 6.56
C THR A 563 36.64 14.46 5.30
N ILE A 564 36.70 15.67 4.72
CA ILE A 564 35.93 16.06 3.55
C ILE A 564 36.89 16.09 2.36
N ASP A 565 36.75 15.18 1.41
CA ASP A 565 37.48 15.22 0.16
C ASP A 565 36.61 15.88 -0.91
N ALA A 566 36.68 17.22 -1.00
CA ALA A 566 35.83 18.00 -1.89
C ALA A 566 35.99 17.58 -3.36
N LYS A 567 37.23 17.25 -3.75
CA LYS A 567 37.66 16.95 -5.12
C LYS A 567 36.98 15.68 -5.65
N SER A 568 36.77 14.65 -4.81
CA SER A 568 36.07 13.46 -5.27
C SER A 568 34.62 13.41 -4.79
N GLY A 569 34.23 14.42 -4.00
CA GLY A 569 32.86 14.62 -3.55
C GLY A 569 32.42 13.57 -2.52
N GLU A 570 33.32 13.32 -1.54
CA GLU A 570 33.23 12.22 -0.58
C GLU A 570 33.37 12.77 0.83
N ILE A 571 32.66 12.14 1.77
CA ILE A 571 32.83 12.30 3.21
C ILE A 571 33.46 11.01 3.75
N THR A 572 34.32 11.20 4.76
CA THR A 572 35.04 10.16 5.48
C THR A 572 35.04 10.56 6.95
N GLY A 573 34.93 9.61 7.88
CA GLY A 573 34.79 9.98 9.28
C GLY A 573 34.98 8.81 10.23
N TYR A 574 35.02 9.10 11.55
CA TYR A 574 34.99 8.08 12.59
C TYR A 574 34.25 8.60 13.82
N SER A 575 33.76 7.67 14.65
CA SER A 575 32.99 8.03 15.82
C SER A 575 33.37 7.16 17.02
N ASP A 576 33.83 7.83 18.07
CA ASP A 576 34.12 7.19 19.35
C ASP A 576 33.00 7.48 20.34
N VAL A 577 31.91 8.10 19.88
CA VAL A 577 30.81 8.46 20.77
C VAL A 577 30.24 7.21 21.46
N LYS A 578 30.06 7.33 22.77
CA LYS A 578 29.61 6.21 23.58
C LYS A 578 29.19 6.71 24.95
N SER A 579 27.96 6.33 25.33
CA SER A 579 27.40 6.69 26.64
C SER A 579 28.09 5.90 27.75
N GLY A 580 27.86 6.36 28.99
CA GLY A 580 28.28 5.68 30.20
C GLY A 580 28.06 4.17 30.19
N LEU A 581 26.97 3.65 29.60
CA LEU A 581 26.62 2.25 29.75
C LEU A 581 26.86 1.51 28.44
N SER A 582 27.61 2.14 27.53
CA SER A 582 27.91 1.53 26.25
C SER A 582 29.18 0.68 26.37
N THR A 583 29.15 -0.31 27.26
CA THR A 583 30.40 -0.93 27.68
C THR A 583 30.97 -1.76 26.53
N GLY A 584 32.25 -1.51 26.19
CA GLY A 584 32.98 -2.25 25.16
C GLY A 584 32.84 -1.61 23.77
N ALA A 585 32.16 -0.48 23.68
CA ALA A 585 31.87 0.13 22.37
C ALA A 585 33.16 0.59 21.70
N THR A 586 33.32 0.19 20.42
CA THR A 586 34.51 0.47 19.66
C THR A 586 34.25 1.64 18.71
N ARG A 587 35.30 2.05 17.99
CA ARG A 587 35.23 3.14 17.02
C ARG A 587 34.43 2.71 15.80
N LEU A 588 33.57 3.64 15.32
CA LEU A 588 32.82 3.44 14.07
C LEU A 588 33.42 4.33 12.97
N PHE A 589 33.38 3.81 11.72
CA PHE A 589 33.87 4.54 10.57
C PHE A 589 32.74 4.81 9.58
N VAL A 590 32.76 6.00 8.95
CA VAL A 590 31.74 6.54 8.06
C VAL A 590 32.33 6.81 6.68
N TYR A 591 31.61 6.40 5.64
CA TYR A 591 31.87 6.84 4.28
C TYR A 591 30.58 7.32 3.62
N ALA A 592 30.66 8.38 2.82
CA ALA A 592 29.49 8.92 2.14
C ALA A 592 29.90 9.49 0.77
N ALA A 593 29.01 9.41 -0.24
CA ALA A 593 29.23 9.95 -1.59
C ALA A 593 28.01 10.77 -2.05
N PHE A 594 28.25 11.72 -2.98
CA PHE A 594 27.18 12.54 -3.52
C PHE A 594 27.02 12.37 -5.03
N ASP A 595 25.79 12.65 -5.52
CA ASP A 595 25.41 12.56 -6.93
C ASP A 595 25.60 13.90 -7.65
N LYS A 596 26.03 14.94 -6.92
CA LYS A 596 26.25 16.28 -7.47
C LYS A 596 27.66 16.77 -7.16
N PRO A 597 28.28 17.59 -8.03
CA PRO A 597 29.57 18.20 -7.67
C PRO A 597 29.50 19.09 -6.43
N VAL A 598 30.52 18.99 -5.58
CA VAL A 598 30.59 19.92 -4.46
C VAL A 598 31.46 21.10 -4.85
N ILE A 599 30.91 22.30 -4.70
CA ILE A 599 31.56 23.51 -5.19
C ILE A 599 32.35 24.19 -4.10
N LYS A 600 31.91 24.02 -2.85
CA LYS A 600 32.60 24.59 -1.70
C LYS A 600 32.49 23.63 -0.51
N SER A 601 33.45 23.70 0.41
CA SER A 601 33.70 22.63 1.38
C SER A 601 34.56 23.17 2.51
N GLY A 602 34.51 22.52 3.70
CA GLY A 602 35.50 22.80 4.73
C GLY A 602 35.05 22.48 6.16
N LYS A 603 36.02 22.53 7.09
CA LYS A 603 35.82 22.39 8.53
C LYS A 603 35.07 23.62 9.02
N LEU A 604 34.33 23.47 10.13
CA LEU A 604 33.69 24.62 10.75
C LEU A 604 34.15 24.68 12.19
N THR A 605 33.97 25.85 12.83
CA THR A 605 34.54 26.12 14.15
C THR A 605 33.53 26.89 14.98
N GLY A 606 33.66 26.81 16.30
CA GLY A 606 32.90 27.70 17.17
C GLY A 606 31.88 26.98 18.07
N GLU A 607 31.70 25.67 17.83
CA GLU A 607 30.71 24.87 18.56
C GLU A 607 31.37 23.98 19.61
N SER A 608 32.68 24.16 19.80
CA SER A 608 33.56 23.27 20.56
C SER A 608 33.50 21.87 19.97
N ARG A 609 33.26 21.74 18.67
CA ARG A 609 33.18 20.40 18.11
C ARG A 609 34.07 20.27 16.89
N ASN A 610 35.21 20.98 16.97
CA ASN A 610 36.04 21.22 15.80
C ASN A 610 36.49 19.93 15.14
N ASN A 611 36.43 18.81 15.85
CA ASN A 611 36.89 17.60 15.17
C ASN A 611 35.83 17.09 14.21
N VAL A 612 34.58 17.57 14.35
CA VAL A 612 33.46 16.85 13.72
C VAL A 612 32.60 17.76 12.84
N THR A 613 32.62 19.08 13.09
CA THR A 613 31.78 20.02 12.35
C THR A 613 32.46 20.44 11.03
N GLY A 614 31.72 20.27 9.93
CA GLY A 614 32.11 20.77 8.62
C GLY A 614 30.90 20.84 7.70
N TYR A 615 31.13 21.15 6.41
CA TYR A 615 30.03 21.24 5.46
C TYR A 615 30.52 20.93 4.06
N VAL A 616 29.56 20.62 3.19
CA VAL A 616 29.70 20.60 1.75
C VAL A 616 28.60 21.48 1.13
N ARG A 617 28.89 22.13 -0.02
CA ARG A 617 27.96 23.04 -0.69
C ARG A 617 27.81 22.60 -2.15
N PHE A 618 26.56 22.69 -2.63
CA PHE A 618 26.22 22.30 -3.99
C PHE A 618 25.52 23.45 -4.72
N ASP A 619 25.63 23.38 -6.06
CA ASP A 619 24.96 24.31 -6.97
C ASP A 619 23.63 23.72 -7.38
N THR A 620 22.56 24.22 -6.78
CA THR A 620 21.26 23.66 -7.06
C THR A 620 20.35 24.69 -7.71
N SER A 621 20.96 25.62 -8.49
CA SER A 621 20.23 26.72 -9.14
C SER A 621 19.32 26.17 -10.23
N LYS A 622 19.80 25.10 -10.91
CA LYS A 622 19.07 24.50 -12.01
C LYS A 622 18.10 23.46 -11.48
N ASP A 623 16.91 23.43 -12.07
CA ASP A 623 15.80 22.61 -11.61
C ASP A 623 16.17 21.13 -11.44
N GLU A 624 16.98 20.55 -12.35
CA GLU A 624 17.19 19.10 -12.28
C GLU A 624 18.28 18.75 -11.27
N ASP A 625 18.70 19.78 -10.52
CA ASP A 625 19.78 19.65 -9.56
C ASP A 625 19.26 19.98 -8.17
N LYS A 626 17.94 20.18 -8.03
CA LYS A 626 17.30 20.58 -6.77
C LYS A 626 17.30 19.47 -5.71
N VAL A 627 17.29 18.20 -6.14
CA VAL A 627 17.45 17.10 -5.19
C VAL A 627 18.89 16.62 -5.26
N VAL A 628 19.54 16.51 -4.08
CA VAL A 628 20.84 15.88 -4.00
C VAL A 628 20.74 14.60 -3.18
N THR A 629 21.40 13.55 -3.68
CA THR A 629 21.39 12.22 -3.11
C THR A 629 22.74 11.94 -2.44
N MET A 630 22.67 11.51 -1.17
CA MET A 630 23.84 11.00 -0.47
C MET A 630 23.69 9.50 -0.15
N LYS A 631 24.70 8.72 -0.54
CA LYS A 631 24.80 7.30 -0.19
C LYS A 631 25.77 7.22 0.97
N ILE A 632 25.40 6.49 2.05
CA ILE A 632 26.19 6.50 3.28
C ILE A 632 26.27 5.09 3.88
N ALA A 633 27.46 4.69 4.32
CA ALA A 633 27.65 3.41 4.96
C ALA A 633 28.64 3.57 6.12
N THR A 634 28.57 2.57 7.02
CA THR A 634 29.18 2.60 8.33
C THR A 634 29.96 1.29 8.47
N SER A 635 31.01 1.30 9.29
CA SER A 635 31.75 0.06 9.59
C SER A 635 32.38 0.14 10.98
N LEU A 636 32.57 -1.00 11.62
CA LEU A 636 33.33 -1.01 12.87
C LEU A 636 34.75 -1.55 12.59
N ILE A 637 35.02 -1.90 11.32
CA ILE A 637 36.32 -2.45 10.96
C ILE A 637 37.26 -1.37 10.41
N SER A 638 36.82 -0.62 9.38
CA SER A 638 37.69 0.35 8.71
C SER A 638 36.88 1.22 7.76
N VAL A 639 37.44 2.36 7.38
CA VAL A 639 36.89 3.23 6.36
C VAL A 639 36.80 2.44 5.06
N GLU A 640 37.86 1.71 4.72
CA GLU A 640 37.84 0.87 3.53
C GLU A 640 36.63 -0.06 3.55
N GLN A 641 36.27 -0.55 4.75
CA GLN A 641 35.22 -1.54 4.89
C GLN A 641 33.85 -0.86 4.77
N ALA A 642 33.69 0.32 5.36
CA ALA A 642 32.52 1.15 5.11
C ALA A 642 32.26 1.31 3.60
N LYS A 643 33.32 1.65 2.84
CA LYS A 643 33.26 1.73 1.38
C LYS A 643 32.75 0.41 0.81
N LYS A 644 33.35 -0.71 1.25
CA LYS A 644 33.00 -2.02 0.70
C LYS A 644 31.56 -2.37 1.07
N ASN A 645 31.11 -1.94 2.27
CA ASN A 645 29.76 -2.24 2.75
C ASN A 645 28.77 -1.56 1.82
N LEU A 646 29.10 -0.33 1.43
CA LEU A 646 28.22 0.47 0.59
C LEU A 646 28.12 -0.16 -0.80
N GLU A 647 29.25 -0.47 -1.43
CA GLU A 647 29.26 -1.13 -2.73
C GLU A 647 28.49 -2.44 -2.74
N GLN A 648 28.41 -3.14 -1.60
CA GLN A 648 27.75 -4.43 -1.57
C GLN A 648 26.23 -4.24 -1.51
N GLU A 649 25.78 -3.14 -0.92
CA GLU A 649 24.38 -3.06 -0.56
C GLU A 649 23.65 -2.00 -1.38
N ILE A 650 24.41 -1.03 -1.88
CA ILE A 650 23.87 -0.07 -2.84
C ILE A 650 24.75 -0.12 -4.10
N GLY A 651 24.42 -1.05 -5.03
CA GLY A 651 25.04 -1.15 -6.35
C GLY A 651 24.83 0.12 -7.19
N LEU A 652 25.50 0.16 -8.35
CA LEU A 652 25.45 1.36 -9.16
C LEU A 652 24.03 1.58 -9.67
N ASN A 653 23.32 0.45 -9.85
CA ASN A 653 22.00 0.39 -10.46
C ASN A 653 20.86 0.69 -9.46
N ASP A 654 21.16 0.67 -8.16
CA ASP A 654 20.15 0.85 -7.14
C ASP A 654 19.66 2.29 -7.14
N THR A 655 18.35 2.46 -6.91
CA THR A 655 17.78 3.79 -6.77
C THR A 655 17.15 3.91 -5.38
N PHE A 656 16.90 5.14 -4.96
CA PHE A 656 16.16 5.40 -3.73
C PHE A 656 14.92 4.51 -3.69
N GLU A 657 14.12 4.52 -4.77
CA GLU A 657 12.85 3.79 -4.77
C GLU A 657 13.10 2.28 -4.71
N GLY A 658 14.15 1.80 -5.39
CA GLY A 658 14.41 0.37 -5.39
C GLY A 658 14.82 -0.14 -4.01
N LEU A 659 15.59 0.70 -3.28
CA LEU A 659 16.10 0.36 -1.96
C LEU A 659 14.97 0.37 -0.94
N LYS A 660 14.05 1.32 -1.12
CA LYS A 660 12.88 1.48 -0.26
C LYS A 660 11.98 0.25 -0.39
N GLU A 661 11.83 -0.26 -1.62
CA GLU A 661 11.00 -1.41 -1.90
C GLU A 661 11.63 -2.65 -1.27
N LYS A 662 12.97 -2.76 -1.35
CA LYS A 662 13.67 -3.88 -0.76
C LYS A 662 13.44 -3.90 0.76
N ALA A 663 13.52 -2.72 1.42
CA ALA A 663 13.29 -2.62 2.85
C ALA A 663 11.83 -2.92 3.19
N LYS A 664 10.89 -2.39 2.38
CA LYS A 664 9.47 -2.64 2.62
C LYS A 664 9.23 -4.16 2.59
N THR A 665 9.83 -4.84 1.62
CA THR A 665 9.67 -6.28 1.44
C THR A 665 10.20 -7.07 2.65
N GLU A 666 11.34 -6.63 3.21
CA GLU A 666 11.96 -7.33 4.33
C GLU A 666 11.09 -7.17 5.57
N TRP A 667 10.50 -5.98 5.78
CA TRP A 667 9.57 -5.75 6.88
C TRP A 667 8.28 -6.56 6.75
N ASN A 668 7.69 -6.59 5.53
CA ASN A 668 6.44 -7.31 5.31
C ASN A 668 6.61 -8.80 5.58
N LYS A 669 7.79 -9.35 5.28
CA LYS A 669 8.06 -10.76 5.56
C LYS A 669 7.97 -11.04 7.06
N LYS A 670 8.25 -10.02 7.90
CA LYS A 670 8.16 -10.20 9.34
C LYS A 670 6.75 -9.84 9.79
N LEU A 671 6.26 -8.66 9.37
CA LEU A 671 4.97 -8.20 9.87
C LEU A 671 3.85 -9.17 9.50
N GLY A 672 3.96 -9.87 8.36
CA GLY A 672 2.84 -10.64 7.80
C GLY A 672 2.87 -12.10 8.28
N ILE A 673 3.75 -12.40 9.26
CA ILE A 673 3.68 -13.69 9.93
C ILE A 673 2.33 -13.83 10.64
N ILE A 674 1.79 -12.69 11.13
CA ILE A 674 0.50 -12.68 11.78
C ILE A 674 -0.51 -11.89 10.95
N GLU A 675 -1.67 -12.50 10.75
CA GLU A 675 -2.77 -11.92 9.99
C GLU A 675 -4.06 -12.13 10.78
N VAL A 676 -4.80 -11.04 11.01
CA VAL A 676 -5.97 -11.10 11.88
C VAL A 676 -7.22 -10.61 11.14
N GLU A 677 -8.38 -10.99 11.66
CA GLU A 677 -9.65 -10.48 11.17
C GLU A 677 -10.42 -9.84 12.32
N GLY A 678 -11.21 -8.80 11.99
CA GLY A 678 -12.16 -8.22 12.92
C GLY A 678 -11.55 -7.06 13.72
N ALA A 679 -10.23 -6.86 13.57
CA ALA A 679 -9.47 -5.84 14.28
C ALA A 679 -9.90 -4.43 13.84
N SER A 680 -9.97 -3.48 14.78
CA SER A 680 -10.11 -2.08 14.39
C SER A 680 -8.79 -1.57 13.81
N GLU A 681 -8.85 -0.35 13.28
CA GLU A 681 -7.70 0.35 12.73
C GLU A 681 -6.70 0.55 13.87
N ASP A 682 -7.18 0.94 15.05
CA ASP A 682 -6.33 1.23 16.19
C ASP A 682 -5.62 -0.05 16.64
N GLN A 683 -6.35 -1.18 16.58
CA GLN A 683 -5.77 -2.45 16.98
C GLN A 683 -4.67 -2.87 15.99
N LEU A 684 -4.88 -2.64 14.68
CA LEU A 684 -3.90 -3.08 13.69
C LEU A 684 -2.61 -2.23 13.76
N VAL A 685 -2.76 -0.90 13.96
CA VAL A 685 -1.63 -0.02 14.25
C VAL A 685 -0.79 -0.62 15.40
N THR A 686 -1.46 -0.96 16.52
CA THR A 686 -0.79 -1.47 17.70
C THR A 686 -0.12 -2.79 17.36
N LEU A 687 -0.84 -3.68 16.67
CA LEU A 687 -0.33 -5.01 16.41
C LEU A 687 0.92 -4.90 15.52
N TYR A 688 0.86 -4.11 14.44
CA TYR A 688 1.90 -4.19 13.44
C TYR A 688 3.07 -3.33 13.87
N SER A 689 2.78 -2.23 14.58
CA SER A 689 3.86 -1.48 15.17
C SER A 689 4.59 -2.32 16.23
N ASN A 690 3.86 -3.17 16.99
CA ASN A 690 4.45 -4.06 17.97
C ASN A 690 5.37 -5.03 17.24
N LEU A 691 4.92 -5.62 16.13
CA LEU A 691 5.76 -6.55 15.41
C LEU A 691 7.02 -5.86 14.88
N TYR A 692 6.91 -4.59 14.45
CA TYR A 692 8.08 -3.83 14.03
C TYR A 692 9.04 -3.71 15.19
N ARG A 693 8.55 -3.24 16.35
CA ARG A 693 9.43 -3.11 17.51
C ARG A 693 10.09 -4.45 17.84
N LEU A 694 9.35 -5.56 17.67
CA LEU A 694 9.89 -6.87 18.05
C LEU A 694 11.14 -7.20 17.25
N PHE A 695 11.15 -6.83 15.96
CA PHE A 695 12.19 -7.28 15.06
C PHE A 695 13.21 -6.17 14.78
N LEU A 696 13.09 -5.05 15.51
CA LEU A 696 14.03 -3.94 15.37
C LEU A 696 15.33 -4.27 16.11
N TYR A 697 15.24 -5.14 17.14
CA TYR A 697 16.34 -5.62 17.95
C TYR A 697 16.29 -7.14 18.01
N PRO A 698 17.38 -7.84 18.37
CA PRO A 698 18.70 -7.23 18.51
C PRO A 698 19.29 -7.06 17.12
N ASN A 699 20.56 -6.63 17.03
CA ASN A 699 21.08 -6.08 15.77
C ASN A 699 22.40 -6.74 15.40
N SER A 700 22.61 -6.97 14.10
CA SER A 700 23.91 -7.38 13.58
C SER A 700 24.99 -6.40 14.03
N ALA A 701 26.18 -6.91 14.42
CA ALA A 701 27.33 -6.04 14.62
C ALA A 701 28.55 -6.61 13.90
N PHE A 702 28.28 -7.42 12.87
CA PHE A 702 29.27 -8.05 12.03
C PHE A 702 29.15 -7.56 10.60
N GLU A 703 30.17 -7.88 9.77
CA GLU A 703 30.30 -7.31 8.44
C GLU A 703 30.81 -8.40 7.50
N ASN A 704 30.49 -8.22 6.21
CA ASN A 704 30.97 -9.11 5.17
C ASN A 704 32.27 -8.58 4.58
N VAL A 705 33.38 -9.22 4.91
CA VAL A 705 34.71 -8.74 4.57
C VAL A 705 35.19 -9.37 3.24
N GLY A 706 34.45 -10.38 2.78
CA GLY A 706 34.63 -10.95 1.45
C GLY A 706 33.80 -10.22 0.40
N THR A 707 33.04 -10.98 -0.41
CA THR A 707 32.19 -10.44 -1.47
C THR A 707 30.77 -10.98 -1.33
N THR A 708 29.83 -10.44 -2.12
CA THR A 708 28.43 -10.84 -2.06
C THR A 708 28.28 -12.30 -2.48
N THR A 709 29.06 -12.71 -3.49
CA THR A 709 29.08 -14.08 -3.98
C THR A 709 29.63 -15.03 -2.90
N ASP A 710 30.81 -14.68 -2.35
CA ASP A 710 31.54 -15.50 -1.38
C ASP A 710 31.72 -14.74 -0.05
N PRO A 711 30.69 -14.74 0.84
CA PRO A 711 30.76 -13.95 2.09
C PRO A 711 31.82 -14.48 3.05
N VAL A 712 32.43 -13.55 3.82
CA VAL A 712 33.37 -13.87 4.88
C VAL A 712 33.07 -12.94 6.05
N TYR A 713 32.54 -13.52 7.15
CA TYR A 713 32.01 -12.67 8.20
C TYR A 713 33.02 -12.48 9.33
N LYS A 714 33.04 -11.26 9.86
CA LYS A 714 33.98 -10.85 10.90
C LYS A 714 33.36 -9.66 11.62
N TYR A 715 33.80 -9.43 12.86
CA TYR A 715 33.31 -8.28 13.61
C TYR A 715 34.43 -7.72 14.48
N ALA A 716 34.37 -6.42 14.78
CA ALA A 716 35.21 -5.82 15.80
C ALA A 716 34.62 -6.12 17.17
N SER A 717 35.42 -6.73 18.05
CA SER A 717 34.89 -7.26 19.30
C SER A 717 34.71 -6.18 20.38
N PRO A 718 33.47 -6.00 20.90
CA PRO A 718 33.30 -5.23 22.13
C PRO A 718 33.42 -6.14 23.35
N TYR A 719 33.91 -7.39 23.16
CA TYR A 719 33.85 -8.43 24.18
C TYR A 719 35.22 -8.76 24.80
N SER A 720 36.32 -8.74 24.02
CA SER A 720 37.70 -8.93 24.51
C SER A 720 38.54 -7.67 24.27
N ALA A 721 39.71 -7.63 24.90
CA ALA A 721 40.63 -6.50 24.81
C ALA A 721 41.01 -6.20 23.35
N ALA A 722 41.04 -4.91 22.99
CA ALA A 722 41.61 -4.38 21.75
C ALA A 722 43.02 -4.96 21.50
N THR A 723 43.23 -5.43 20.25
CA THR A 723 44.50 -5.88 19.72
C THR A 723 45.53 -4.75 19.87
N GLY A 724 45.11 -3.50 19.57
CA GLY A 724 45.95 -2.33 19.75
C GLY A 724 45.19 -1.00 19.67
N GLN A 725 45.89 0.09 19.38
CA GLN A 725 45.28 1.42 19.30
C GLN A 725 44.55 1.59 17.97
N ASP A 726 43.52 2.45 17.98
CA ASP A 726 42.78 2.86 16.79
C ASP A 726 43.63 3.79 15.91
N THR A 727 43.38 3.79 14.60
CA THR A 727 43.82 4.89 13.74
C THR A 727 42.59 5.64 13.24
N ALA A 728 42.81 6.71 12.45
CA ALA A 728 41.74 7.47 11.85
C ALA A 728 40.89 6.61 10.91
N THR A 729 41.45 5.51 10.40
CA THR A 729 40.87 4.80 9.27
C THR A 729 40.70 3.30 9.55
N THR A 730 41.35 2.80 10.63
CA THR A 730 41.30 1.38 11.00
C THR A 730 41.10 1.23 12.52
N THR A 731 40.28 0.24 12.93
CA THR A 731 40.05 -0.06 14.34
C THR A 731 41.23 -0.79 14.97
N GLY A 732 41.49 -0.46 16.24
CA GLY A 732 42.35 -1.25 17.11
C GLY A 732 41.68 -2.47 17.75
N ALA A 733 40.34 -2.56 17.74
CA ALA A 733 39.66 -3.67 18.40
C ALA A 733 40.06 -5.01 17.77
N LYS A 734 39.90 -6.10 18.54
CA LYS A 734 40.19 -7.44 18.05
C LYS A 734 39.21 -7.79 16.94
N ILE A 735 39.71 -8.27 15.80
CA ILE A 735 38.85 -8.63 14.67
C ILE A 735 38.61 -10.14 14.77
N VAL A 736 37.36 -10.55 14.98
CA VAL A 736 37.07 -11.94 15.30
C VAL A 736 36.22 -12.54 14.18
N ASP A 737 36.55 -13.78 13.79
CA ASP A 737 35.81 -14.43 12.72
C ASP A 737 34.38 -14.78 13.19
N GLY A 738 33.40 -14.61 12.30
CA GLY A 738 32.02 -15.04 12.56
C GLY A 738 31.03 -13.90 12.82
N LYS A 739 29.82 -14.28 13.24
CA LYS A 739 28.71 -13.35 13.39
C LYS A 739 28.55 -12.98 14.86
N THR A 740 27.94 -11.82 15.12
CA THR A 740 27.52 -11.51 16.48
C THR A 740 26.33 -10.56 16.40
N TYR A 741 25.49 -10.54 17.45
CA TYR A 741 24.36 -9.63 17.56
C TYR A 741 24.45 -8.93 18.91
N VAL A 742 23.79 -7.76 19.00
CA VAL A 742 23.98 -6.89 20.15
C VAL A 742 22.68 -6.15 20.45
N ASN A 743 22.62 -5.50 21.62
CA ASN A 743 21.54 -4.64 22.09
C ASN A 743 20.41 -5.46 22.69
N ASN A 744 20.58 -5.82 23.96
CA ASN A 744 19.60 -6.68 24.59
C ASN A 744 19.90 -6.74 26.08
N GLY A 745 18.91 -6.32 26.91
CA GLY A 745 18.84 -6.66 28.33
C GLY A 745 17.96 -7.88 28.61
N PHE A 746 18.61 -9.02 28.96
CA PHE A 746 17.95 -10.31 29.09
C PHE A 746 16.88 -10.27 30.18
N TRP A 747 17.06 -9.41 31.19
CA TRP A 747 16.08 -9.20 32.23
C TRP A 747 14.75 -8.75 31.62
N ASP A 748 14.82 -7.99 30.53
CA ASP A 748 13.62 -7.66 29.77
C ASP A 748 13.26 -8.83 28.87
N THR A 749 14.15 -9.16 27.93
CA THR A 749 13.73 -9.88 26.73
C THR A 749 13.40 -11.36 26.93
N TYR A 750 13.86 -12.00 28.01
CA TYR A 750 13.59 -13.42 28.20
C TYR A 750 12.07 -13.64 28.32
N ARG A 751 11.33 -12.63 28.79
CA ARG A 751 9.94 -12.82 29.17
C ARG A 751 9.03 -13.03 27.94
N THR A 752 9.38 -12.39 26.80
CA THR A 752 8.40 -12.29 25.72
C THR A 752 9.08 -12.30 24.35
N ALA A 753 10.07 -11.41 24.18
CA ALA A 753 10.73 -11.27 22.91
C ALA A 753 11.40 -12.59 22.46
N TRP A 754 12.23 -13.20 23.32
CA TRP A 754 12.95 -14.40 22.90
C TRP A 754 11.99 -15.55 22.56
N PRO A 755 10.98 -15.86 23.41
CA PRO A 755 10.00 -16.89 23.05
C PRO A 755 9.22 -16.50 21.78
N ALA A 756 8.97 -15.19 21.59
CA ALA A 756 8.35 -14.73 20.36
C ALA A 756 9.22 -15.15 19.17
N TYR A 757 10.55 -14.91 19.25
CA TYR A 757 11.39 -15.34 18.15
C TYR A 757 11.25 -16.83 17.93
N SER A 758 11.28 -17.62 19.01
CA SER A 758 11.36 -19.07 18.87
C SER A 758 10.08 -19.59 18.21
N LEU A 759 8.96 -18.87 18.39
CA LEU A 759 7.68 -19.26 17.80
C LEU A 759 7.51 -18.70 16.38
N LEU A 760 7.80 -17.39 16.17
CA LEU A 760 7.46 -16.70 14.94
C LEU A 760 8.55 -16.82 13.87
N THR A 761 9.83 -16.83 14.28
CA THR A 761 10.97 -16.91 13.37
C THR A 761 11.99 -17.94 13.87
N PRO A 762 11.61 -19.25 13.92
CA PRO A 762 12.49 -20.29 14.48
C PRO A 762 13.92 -20.28 13.92
N THR A 763 14.08 -20.23 12.59
CA THR A 763 15.39 -20.32 11.96
C THR A 763 16.20 -19.08 12.29
N PHE A 764 15.64 -17.90 12.09
CA PHE A 764 16.45 -16.71 12.38
C PHE A 764 16.78 -16.65 13.88
N ALA A 765 15.87 -17.17 14.74
CA ALA A 765 16.12 -17.13 16.17
C ALA A 765 17.46 -17.78 16.50
N GLY A 766 17.71 -18.95 15.90
CA GLY A 766 18.95 -19.69 16.08
C GLY A 766 20.19 -18.91 15.64
N GLU A 767 20.09 -18.20 14.51
CA GLU A 767 21.17 -17.33 14.08
C GLU A 767 21.39 -16.21 15.10
N LEU A 768 20.32 -15.60 15.64
CA LEU A 768 20.42 -14.60 16.68
C LEU A 768 21.08 -15.19 17.93
N ILE A 769 20.61 -16.36 18.36
CA ILE A 769 21.14 -16.99 19.56
C ILE A 769 22.63 -17.23 19.36
N ASP A 770 23.04 -17.88 18.25
CA ASP A 770 24.45 -18.21 18.07
C ASP A 770 25.31 -16.96 18.16
N GLY A 771 24.73 -15.83 17.72
CA GLY A 771 25.46 -14.57 17.71
C GLY A 771 25.67 -14.03 19.12
N PHE A 772 24.88 -14.58 20.07
CA PHE A 772 25.04 -14.29 21.50
C PHE A 772 25.97 -15.29 22.17
N VAL A 773 25.91 -16.56 21.71
CA VAL A 773 26.81 -17.61 22.15
C VAL A 773 28.24 -17.24 21.75
N GLN A 774 28.38 -16.59 20.60
CA GLN A 774 29.62 -15.97 20.17
C GLN A 774 30.25 -15.13 21.30
N GLN A 775 29.45 -14.37 22.05
CA GLN A 775 29.98 -13.58 23.15
C GLN A 775 30.70 -14.47 24.17
N TYR A 776 30.18 -15.67 24.42
CA TYR A 776 30.87 -16.62 25.27
C TYR A 776 32.18 -17.05 24.62
N ARG A 777 32.11 -17.51 23.37
CA ARG A 777 33.29 -18.10 22.76
C ARG A 777 34.41 -17.04 22.68
N ASP A 778 34.04 -15.75 22.63
CA ASP A 778 34.97 -14.67 22.45
C ASP A 778 35.36 -14.13 23.83
N GLY A 779 34.39 -13.59 24.59
CA GLY A 779 34.72 -12.89 25.82
C GLY A 779 34.56 -13.70 27.12
N GLY A 780 34.11 -14.96 27.05
CA GLY A 780 34.04 -15.83 28.23
C GLY A 780 32.64 -15.98 28.84
N TRP A 781 31.73 -15.05 28.53
CA TRP A 781 30.39 -14.98 29.10
C TRP A 781 29.41 -14.55 27.99
N ILE A 782 28.12 -14.88 28.16
CA ILE A 782 27.09 -14.19 27.41
C ILE A 782 26.68 -12.94 28.18
N ALA A 783 26.49 -11.83 27.46
CA ALA A 783 26.09 -10.58 28.07
C ALA A 783 24.84 -10.72 28.92
N ARG A 784 24.80 -9.99 30.04
CA ARG A 784 23.57 -9.80 30.79
C ARG A 784 22.79 -8.66 30.10
N TRP A 785 23.47 -7.53 29.84
CA TRP A 785 22.94 -6.40 29.11
C TRP A 785 23.98 -6.01 28.05
N SER A 786 23.73 -6.38 26.78
CA SER A 786 24.66 -6.14 25.69
C SER A 786 24.41 -4.77 25.10
N SER A 787 25.37 -3.84 25.23
CA SER A 787 25.15 -2.47 24.77
C SER A 787 26.43 -1.79 24.26
N PRO A 788 27.29 -2.37 23.39
CA PRO A 788 27.14 -3.72 22.83
C PRO A 788 27.87 -4.81 23.60
N GLY A 789 28.85 -4.41 24.41
CA GLY A 789 29.57 -5.35 25.26
C GLY A 789 28.90 -5.56 26.62
N PHE A 790 29.65 -6.05 27.61
CA PHE A 790 29.13 -6.48 28.88
C PHE A 790 28.79 -5.30 29.79
N ALA A 791 27.68 -4.62 29.52
CA ALA A 791 27.21 -3.51 30.36
C ALA A 791 26.64 -4.03 31.67
N ASN A 792 26.80 -3.22 32.72
CA ASN A 792 26.44 -3.64 34.05
C ASN A 792 25.15 -2.96 34.48
N LEU A 793 24.00 -3.60 34.28
CA LEU A 793 22.72 -3.06 34.74
C LEU A 793 21.68 -4.17 34.82
N MET A 794 20.74 -4.03 35.77
CA MET A 794 19.63 -4.97 35.94
C MET A 794 20.10 -6.32 36.49
N PRO A 795 19.30 -6.97 37.37
CA PRO A 795 19.64 -8.29 37.88
C PRO A 795 19.49 -9.44 36.90
N GLY A 796 20.11 -10.59 37.22
CA GLY A 796 19.87 -11.85 36.52
C GLY A 796 20.77 -12.08 35.30
N THR A 797 20.91 -13.36 34.91
CA THR A 797 21.63 -13.77 33.73
C THR A 797 20.71 -14.56 32.80
N SER A 798 19.58 -13.95 32.37
CA SER A 798 18.47 -14.64 31.75
C SER A 798 18.71 -15.10 30.30
N SER A 799 19.91 -14.90 29.76
CA SER A 799 20.26 -15.63 28.55
C SER A 799 20.12 -17.14 28.80
N ASP A 800 20.35 -17.54 30.05
CA ASP A 800 20.29 -18.94 30.43
C ASP A 800 18.92 -19.48 30.04
N VAL A 801 17.85 -18.87 30.59
CA VAL A 801 16.53 -19.45 30.41
C VAL A 801 16.04 -19.25 28.97
N ALA A 802 16.31 -18.05 28.42
CA ALA A 802 15.86 -17.69 27.08
C ALA A 802 16.33 -18.71 26.05
N PHE A 803 17.61 -19.11 26.13
CA PHE A 803 18.19 -19.92 25.09
C PHE A 803 17.92 -21.38 25.37
N ALA A 804 17.84 -21.72 26.65
CA ALA A 804 17.41 -23.07 27.00
C ALA A 804 16.00 -23.28 26.48
N ASP A 805 15.15 -22.27 26.70
CA ASP A 805 13.73 -22.33 26.34
C ASP A 805 13.61 -22.55 24.83
N ALA A 806 14.42 -21.81 24.05
CA ALA A 806 14.41 -21.87 22.60
C ALA A 806 14.81 -23.25 22.11
N TYR A 807 15.86 -23.81 22.71
CA TYR A 807 16.35 -25.10 22.33
C TYR A 807 15.25 -26.15 22.46
N LEU A 808 14.56 -26.15 23.62
CA LEU A 808 13.58 -27.16 23.99
C LEU A 808 12.32 -27.08 23.11
N LYS A 809 12.19 -25.96 22.37
CA LYS A 809 11.10 -25.68 21.45
C LYS A 809 11.53 -26.00 20.02
N GLY A 810 12.78 -26.48 19.86
CA GLY A 810 13.29 -27.00 18.59
C GLY A 810 14.06 -25.97 17.76
N VAL A 811 14.51 -24.87 18.37
CA VAL A 811 15.52 -24.00 17.76
C VAL A 811 16.86 -24.61 18.15
N THR A 812 17.34 -25.51 17.29
CA THR A 812 18.54 -26.28 17.63
C THR A 812 19.69 -25.83 16.74
N ASN A 813 19.46 -24.78 15.93
CA ASN A 813 20.46 -24.37 14.95
C ASN A 813 21.39 -23.34 15.58
N PHE A 814 22.05 -23.74 16.67
CA PHE A 814 23.11 -22.95 17.31
C PHE A 814 24.00 -23.87 18.12
N ASP A 815 25.06 -23.32 18.70
CA ASP A 815 26.10 -24.11 19.34
C ASP A 815 25.65 -24.37 20.77
N VAL A 816 24.79 -25.38 20.92
CA VAL A 816 24.15 -25.63 22.20
C VAL A 816 25.23 -25.95 23.23
N GLN A 817 26.30 -26.65 22.78
CA GLN A 817 27.33 -27.09 23.71
C GLN A 817 27.98 -25.91 24.41
N SER A 818 28.28 -24.85 23.64
CA SER A 818 28.94 -23.70 24.22
C SER A 818 27.93 -22.91 25.04
N PHE A 819 26.69 -22.92 24.57
CA PHE A 819 25.69 -22.16 25.28
C PHE A 819 25.62 -22.70 26.69
N TYR A 820 25.47 -24.03 26.77
CA TYR A 820 25.43 -24.76 28.02
C TYR A 820 26.58 -24.31 28.91
N GLN A 821 27.81 -24.37 28.39
CA GLN A 821 28.99 -23.96 29.14
C GLN A 821 28.79 -22.54 29.66
N SER A 822 28.24 -21.65 28.85
CA SER A 822 28.09 -20.28 29.33
C SER A 822 27.06 -20.20 30.47
N ALA A 823 26.07 -21.12 30.41
CA ALA A 823 25.01 -21.08 31.40
C ALA A 823 25.57 -21.54 32.74
N ILE A 824 26.28 -22.68 32.76
CA ILE A 824 26.89 -23.20 33.99
C ILE A 824 27.97 -22.25 34.48
N ARG A 825 28.63 -21.51 33.57
CA ARG A 825 29.55 -20.52 34.08
C ARG A 825 28.81 -19.47 34.89
N ASN A 826 27.62 -19.08 34.41
CA ASN A 826 26.80 -18.08 35.09
C ASN A 826 26.35 -18.62 36.44
N ALA A 827 26.04 -19.92 36.47
CA ALA A 827 25.34 -20.58 37.56
C ALA A 827 26.30 -21.12 38.63
N GLU A 828 27.59 -21.36 38.31
CA GLU A 828 28.50 -22.13 39.16
C GLU A 828 29.87 -21.48 39.37
N ALA A 829 30.20 -20.40 38.62
CA ALA A 829 31.58 -19.88 38.60
C ALA A 829 31.60 -18.39 38.91
N VAL A 830 32.32 -17.98 39.96
CA VAL A 830 32.25 -16.59 40.39
C VAL A 830 32.88 -15.74 39.30
N SER A 831 32.23 -14.60 39.03
CA SER A 831 32.66 -13.69 37.96
C SER A 831 33.58 -12.60 38.49
N PRO A 832 34.72 -12.35 37.81
CA PRO A 832 35.59 -11.22 38.16
C PRO A 832 35.09 -9.90 37.57
N ASN A 833 34.19 -9.96 36.55
CA ASN A 833 33.68 -8.81 35.82
C ASN A 833 32.36 -8.30 36.39
N ALA A 834 32.25 -6.96 36.51
CA ALA A 834 31.05 -6.33 37.04
C ALA A 834 29.83 -6.65 36.17
N GLY A 835 30.09 -7.01 34.90
CA GLY A 835 29.07 -7.04 33.87
C GLY A 835 28.72 -8.46 33.44
N THR A 836 29.33 -9.48 34.08
CA THR A 836 28.99 -10.83 33.69
C THR A 836 28.73 -11.66 34.93
N GLY A 837 27.99 -12.77 34.75
CA GLY A 837 27.70 -13.72 35.80
C GLY A 837 26.76 -13.17 36.85
N ARG A 838 26.54 -13.97 37.90
CA ARG A 838 25.52 -13.76 38.91
C ARG A 838 26.15 -13.10 40.14
N LYS A 839 25.74 -11.89 40.47
CA LYS A 839 26.29 -11.23 41.64
C LYS A 839 25.88 -11.97 42.93
N GLY A 840 26.81 -11.99 43.89
CA GLY A 840 26.56 -12.63 45.16
C GLY A 840 26.74 -14.15 45.12
N LEU A 841 27.30 -14.69 44.02
CA LEU A 841 27.45 -16.13 43.90
C LEU A 841 28.45 -16.70 44.92
N THR A 842 29.35 -15.83 45.40
CA THR A 842 30.40 -16.19 46.35
C THR A 842 29.77 -16.98 47.50
N THR A 843 28.64 -16.46 48.03
CA THR A 843 27.93 -17.05 49.14
C THR A 843 26.64 -17.74 48.68
N SER A 844 26.03 -17.24 47.60
CA SER A 844 24.64 -17.58 47.33
C SER A 844 24.52 -19.04 46.88
N ILE A 845 25.52 -19.57 46.17
CA ILE A 845 25.42 -20.94 45.69
C ILE A 845 25.39 -21.89 46.89
N PHE A 846 25.96 -21.45 48.03
CA PHE A 846 26.06 -22.28 49.22
C PHE A 846 24.89 -22.05 50.17
N ASP A 847 24.37 -20.82 50.22
CA ASP A 847 23.32 -20.42 51.16
C ASP A 847 21.92 -20.82 50.69
N GLY A 848 21.74 -20.93 49.36
CA GLY A 848 20.44 -21.14 48.73
C GLY A 848 19.67 -19.83 48.49
N TYR A 849 20.26 -18.71 48.91
CA TYR A 849 19.60 -17.43 48.75
C TYR A 849 20.69 -16.38 48.59
N THR A 850 20.32 -15.23 48.04
CA THR A 850 21.23 -14.13 47.86
C THR A 850 20.92 -13.07 48.92
N ASN A 851 21.96 -12.62 49.65
CA ASN A 851 21.75 -11.83 50.85
C ASN A 851 21.80 -10.35 50.48
N THR A 852 21.44 -9.46 51.42
CA THR A 852 21.25 -8.05 51.13
C THR A 852 22.58 -7.37 50.91
N SER A 853 23.70 -8.11 51.04
CA SER A 853 25.01 -7.55 50.73
C SER A 853 25.17 -7.34 49.23
N THR A 854 24.45 -8.12 48.41
CA THR A 854 24.26 -7.81 46.99
C THR A 854 23.07 -6.87 46.82
N GLY A 855 23.27 -5.70 46.18
CA GLY A 855 22.19 -4.77 45.85
C GLY A 855 21.03 -5.49 45.15
N GLU A 856 19.82 -5.39 45.71
CA GLU A 856 18.64 -6.05 45.16
C GLU A 856 18.90 -7.55 45.07
N GLY A 857 19.55 -8.09 46.10
CA GLY A 857 19.85 -9.51 46.19
C GLY A 857 18.63 -10.41 46.00
N LEU A 858 17.48 -10.04 46.57
CA LEU A 858 16.27 -10.82 46.34
C LEU A 858 16.01 -11.00 44.84
N ALA A 859 16.14 -9.89 44.09
CA ALA A 859 15.86 -9.89 42.67
C ALA A 859 16.82 -10.83 41.94
N TRP A 860 18.13 -10.76 42.28
CA TRP A 860 19.11 -11.69 41.74
C TRP A 860 18.68 -13.13 42.03
N ALA A 861 18.27 -13.36 43.29
CA ALA A 861 17.92 -14.69 43.74
C ALA A 861 16.76 -15.28 42.93
N MET A 862 15.64 -14.53 42.83
CA MET A 862 14.43 -15.11 42.25
C MET A 862 14.66 -15.42 40.78
N ASP A 863 15.40 -14.55 40.09
CA ASP A 863 15.68 -14.78 38.68
C ASP A 863 16.69 -15.89 38.51
N GLY A 864 17.65 -16.00 39.44
CA GLY A 864 18.51 -17.18 39.51
C GLY A 864 17.74 -18.51 39.44
N TYR A 865 16.68 -18.62 40.25
CA TYR A 865 16.00 -19.90 40.36
C TYR A 865 15.31 -20.24 39.06
N ILE A 866 14.85 -19.21 38.32
CA ILE A 866 14.18 -19.43 37.04
C ILE A 866 15.22 -19.85 36.01
N ASN A 867 16.42 -19.23 36.05
CA ASN A 867 17.47 -19.59 35.12
C ASN A 867 17.90 -21.04 35.32
N ASP A 868 18.00 -21.43 36.59
CA ASP A 868 18.34 -22.80 36.95
C ASP A 868 17.25 -23.73 36.41
N PHE A 869 16.00 -23.28 36.44
CA PHE A 869 14.96 -24.14 35.89
C PHE A 869 15.28 -24.49 34.43
N GLY A 870 15.71 -23.50 33.65
CA GLY A 870 15.99 -23.71 32.24
C GLY A 870 17.27 -24.54 32.02
N ILE A 871 18.31 -24.21 32.84
CA ILE A 871 19.56 -24.93 32.72
C ILE A 871 19.29 -26.41 33.00
N ALA A 872 18.36 -26.66 33.93
CA ALA A 872 18.07 -28.03 34.31
C ALA A 872 17.33 -28.76 33.19
N ASN A 873 16.35 -28.12 32.57
CA ASN A 873 15.62 -28.85 31.53
C ASN A 873 16.52 -29.12 30.32
N LEU A 874 17.48 -28.21 30.05
CA LEU A 874 18.37 -28.40 28.91
C LEU A 874 19.29 -29.57 29.21
N ALA A 875 19.85 -29.60 30.42
CA ALA A 875 20.70 -30.71 30.81
C ALA A 875 20.00 -32.05 30.57
N LYS A 876 18.75 -32.19 31.04
CA LYS A 876 17.97 -33.39 30.77
C LYS A 876 17.87 -33.69 29.26
N ALA A 877 17.61 -32.65 28.46
CA ALA A 877 17.44 -32.87 27.04
C ALA A 877 18.76 -33.31 26.39
N LEU A 878 19.90 -32.76 26.86
CA LEU A 878 21.19 -33.09 26.26
C LEU A 878 21.63 -34.50 26.67
N LYS A 879 21.31 -34.86 27.93
CA LYS A 879 21.41 -36.24 28.39
C LYS A 879 20.70 -37.17 27.42
N GLU A 880 19.44 -36.86 27.08
CA GLU A 880 18.64 -37.73 26.22
C GLU A 880 19.16 -37.77 24.79
N LYS A 881 19.85 -36.70 24.36
CA LYS A 881 20.45 -36.63 23.05
C LYS A 881 21.56 -37.67 22.93
N GLY A 882 22.40 -37.80 23.97
CA GLY A 882 23.36 -38.89 24.06
C GLY A 882 24.57 -38.69 23.15
N ASP A 883 24.96 -37.42 22.95
CA ASP A 883 26.09 -37.14 22.07
C ASP A 883 27.41 -37.44 22.80
N LYS A 884 28.02 -38.58 22.47
CA LYS A 884 29.17 -39.06 23.22
C LYS A 884 30.43 -38.27 22.82
N SER A 885 30.36 -37.49 21.72
CA SER A 885 31.49 -36.65 21.35
C SER A 885 31.54 -35.36 22.18
N ASP A 886 30.44 -35.04 22.89
CA ASP A 886 30.42 -33.95 23.84
C ASP A 886 31.28 -34.34 25.04
N PRO A 887 32.45 -33.69 25.26
CA PRO A 887 33.29 -34.01 26.42
C PRO A 887 32.57 -33.90 27.78
N TYR A 888 31.50 -33.09 27.83
CA TYR A 888 30.80 -32.84 29.08
C TYR A 888 29.73 -33.90 29.35
N TYR A 889 29.55 -34.85 28.42
CA TYR A 889 28.40 -35.75 28.39
C TYR A 889 28.07 -36.42 29.72
N ALA A 890 29.08 -37.04 30.36
CA ALA A 890 28.83 -37.81 31.56
C ALA A 890 28.13 -36.94 32.63
N ASN A 891 28.18 -35.61 32.48
CA ASN A 891 27.83 -34.71 33.58
C ASN A 891 26.40 -34.18 33.47
N TYR A 892 25.72 -34.46 32.36
CA TYR A 892 24.39 -33.87 32.14
C TYR A 892 23.39 -34.37 33.18
N ALA A 893 23.35 -35.69 33.38
CA ALA A 893 22.43 -36.26 34.37
C ALA A 893 22.54 -35.55 35.72
N ALA A 894 23.77 -35.43 36.21
CA ALA A 894 23.92 -34.86 37.53
C ALA A 894 23.39 -33.43 37.54
N ASP A 895 23.71 -32.69 36.45
CA ASP A 895 23.34 -31.29 36.36
C ASP A 895 21.82 -31.13 36.38
N TYR A 896 21.09 -32.02 35.70
CA TYR A 896 19.63 -31.98 35.76
C TYR A 896 19.13 -32.01 37.22
N GLN A 897 19.54 -33.04 37.96
CA GLN A 897 19.14 -33.17 39.35
C GLN A 897 19.51 -31.92 40.15
N TYR A 898 20.77 -31.50 40.06
CA TYR A 898 21.24 -30.40 40.89
C TYR A 898 20.47 -29.13 40.52
N PHE A 899 20.20 -28.95 39.23
CA PHE A 899 19.64 -27.67 38.81
C PHE A 899 18.11 -27.66 39.06
N LEU A 900 17.45 -28.79 38.83
CA LEU A 900 16.03 -28.88 39.15
C LEU A 900 15.79 -28.60 40.63
N ASN A 901 16.70 -29.08 41.48
CA ASN A 901 16.65 -28.78 42.90
C ASN A 901 16.81 -27.28 43.15
N ARG A 902 17.82 -26.66 42.53
CA ARG A 902 18.08 -25.23 42.69
C ARG A 902 16.87 -24.40 42.27
N ALA A 903 16.14 -24.86 41.26
CA ALA A 903 14.92 -24.20 40.79
C ALA A 903 13.87 -24.09 41.89
N GLN A 904 13.94 -24.96 42.91
CA GLN A 904 12.98 -24.90 44.00
C GLN A 904 13.52 -24.16 45.22
N ASN A 905 14.62 -23.43 45.06
CA ASN A 905 15.26 -22.80 46.20
C ASN A 905 14.55 -21.49 46.58
N TYR A 906 13.49 -21.17 45.85
CA TYR A 906 12.69 -19.99 46.18
C TYR A 906 12.23 -20.03 47.63
N VAL A 907 12.06 -21.24 48.21
CA VAL A 907 11.56 -21.39 49.57
C VAL A 907 12.45 -20.59 50.52
N HIS A 908 13.74 -20.43 50.16
CA HIS A 908 14.73 -19.85 51.03
C HIS A 908 14.60 -18.33 51.04
N MET A 909 13.70 -17.79 50.20
CA MET A 909 13.54 -16.34 50.13
C MET A 909 12.09 -15.94 50.45
N PHE A 910 11.27 -16.93 50.84
CA PHE A 910 9.90 -16.70 51.29
C PHE A 910 9.86 -16.56 52.81
N ASN A 911 9.56 -15.33 53.24
CA ASN A 911 9.47 -14.93 54.63
C ASN A 911 8.09 -15.28 55.19
N PRO A 912 7.98 -16.34 56.03
CA PRO A 912 6.67 -16.87 56.45
C PRO A 912 5.91 -15.94 57.38
N SER A 913 6.60 -14.98 57.99
CA SER A 913 5.95 -14.17 59.00
C SER A 913 5.11 -13.09 58.33
N ILE A 914 5.50 -12.67 57.11
CA ILE A 914 4.76 -11.66 56.38
C ILE A 914 4.09 -12.22 55.12
N GLU A 915 4.52 -13.40 54.68
CA GLU A 915 3.98 -14.04 53.50
C GLU A 915 4.27 -13.20 52.27
N PHE A 916 5.55 -12.89 52.09
CA PHE A 916 6.05 -12.21 50.91
C PHE A 916 7.48 -12.67 50.69
N PHE A 917 7.94 -12.61 49.43
CA PHE A 917 9.37 -12.76 49.22
C PHE A 917 10.10 -11.55 49.82
N ASN A 918 11.25 -11.80 50.45
CA ASN A 918 11.90 -10.78 51.25
C ASN A 918 13.39 -11.10 51.34
N GLY A 919 14.21 -10.04 51.48
CA GLY A 919 15.65 -10.19 51.60
C GLY A 919 16.09 -10.81 52.93
N ARG A 920 17.30 -11.39 52.93
CA ARG A 920 17.96 -11.86 54.16
C ARG A 920 19.33 -11.19 54.30
N THR A 921 19.72 -10.84 55.54
CA THR A 921 21.06 -10.33 55.79
C THR A 921 22.06 -11.49 55.77
N ALA A 922 23.35 -11.16 55.77
CA ALA A 922 24.42 -12.13 55.64
C ALA A 922 24.34 -13.22 56.72
N ASN A 923 23.91 -12.81 57.91
CA ASN A 923 23.77 -13.69 59.07
C ASN A 923 22.56 -14.59 58.92
N GLY A 924 21.76 -14.43 57.85
CA GLY A 924 20.66 -15.35 57.60
C GLY A 924 19.27 -14.77 57.94
N ALA A 925 19.23 -13.70 58.76
CA ALA A 925 17.98 -13.18 59.28
C ALA A 925 17.19 -12.41 58.22
N TRP A 926 15.84 -12.53 58.27
CA TRP A 926 14.95 -11.79 57.38
C TRP A 926 15.19 -10.29 57.48
N ARG A 927 15.04 -9.57 56.36
CA ARG A 927 15.17 -8.12 56.37
C ARG A 927 14.02 -7.50 57.18
N SER A 928 12.80 -8.03 56.97
CA SER A 928 11.60 -7.39 57.46
C SER A 928 10.89 -8.32 58.43
N THR A 929 10.11 -7.69 59.33
CA THR A 929 9.20 -8.39 60.23
C THR A 929 7.83 -7.74 60.16
N PRO A 930 6.74 -8.40 60.60
CA PRO A 930 5.39 -7.86 60.47
C PRO A 930 5.20 -6.43 60.96
N ASP A 931 5.95 -6.04 61.99
CA ASP A 931 5.87 -4.71 62.58
C ASP A 931 6.29 -3.61 61.59
N ASN A 932 7.35 -3.88 60.78
CA ASN A 932 7.96 -2.85 59.94
C ASN A 932 7.58 -2.99 58.45
N PHE A 933 7.14 -4.16 57.99
CA PHE A 933 7.02 -4.41 56.57
C PHE A 933 5.85 -3.65 55.94
N ASN A 934 6.04 -3.25 54.67
CA ASN A 934 5.01 -2.59 53.86
C ASN A 934 5.18 -3.00 52.40
N PRO A 935 4.30 -3.85 51.86
CA PRO A 935 4.48 -4.38 50.50
C PRO A 935 4.31 -3.30 49.42
N ALA A 936 3.84 -2.11 49.83
CA ALA A 936 3.64 -1.00 48.91
C ALA A 936 4.95 -0.25 48.61
N VAL A 937 5.99 -0.44 49.44
CA VAL A 937 7.21 0.35 49.38
C VAL A 937 8.18 -0.24 48.35
N TRP A 938 8.73 0.63 47.49
CA TRP A 938 9.54 0.27 46.35
C TRP A 938 11.01 0.10 46.78
N GLY A 939 11.75 -0.72 46.04
CA GLY A 939 13.19 -0.72 46.15
C GLY A 939 13.67 -1.71 47.20
N SER A 940 14.92 -1.51 47.69
CA SER A 940 15.62 -2.44 48.57
C SER A 940 15.82 -3.80 47.89
N ASP A 941 14.92 -4.76 48.19
CA ASP A 941 14.90 -6.07 47.58
C ASP A 941 14.28 -6.06 46.17
N TYR A 942 13.46 -5.05 45.90
CA TYR A 942 12.52 -5.16 44.80
C TYR A 942 12.90 -4.20 43.67
N THR A 943 13.53 -4.73 42.61
CA THR A 943 14.00 -3.92 41.49
C THR A 943 12.81 -3.27 40.78
N GLU A 944 12.73 -1.95 40.84
CA GLU A 944 11.83 -1.11 40.04
C GLU A 944 10.37 -1.49 40.26
N THR A 945 10.05 -1.81 41.53
CA THR A 945 8.73 -2.23 41.99
C THR A 945 8.74 -2.38 43.53
N ASN A 946 7.72 -3.04 44.06
CA ASN A 946 7.53 -3.19 45.50
C ASN A 946 7.33 -4.68 45.81
N GLY A 947 7.19 -5.00 47.10
CA GLY A 947 7.01 -6.38 47.53
C GLY A 947 5.78 -7.02 46.89
N TRP A 948 4.71 -6.23 46.75
CA TRP A 948 3.50 -6.73 46.11
C TRP A 948 3.83 -7.44 44.80
N ASN A 949 4.65 -6.78 43.98
CA ASN A 949 4.82 -7.22 42.60
C ASN A 949 5.79 -8.40 42.52
N MET A 950 6.52 -8.66 43.61
CA MET A 950 7.39 -9.82 43.57
C MET A 950 6.82 -10.98 44.38
N ALA A 951 5.55 -10.90 44.80
CA ALA A 951 4.90 -11.92 45.61
C ALA A 951 4.69 -13.22 44.83
N PHE A 952 4.89 -13.17 43.50
CA PHE A 952 4.48 -14.26 42.64
C PHE A 952 5.60 -14.71 41.72
N HIS A 953 6.86 -14.50 42.15
CA HIS A 953 8.00 -14.65 41.27
C HIS A 953 8.45 -16.11 41.11
N VAL A 954 7.49 -17.01 40.99
CA VAL A 954 7.88 -18.41 40.88
C VAL A 954 7.09 -19.02 39.73
N PRO A 955 7.29 -18.54 38.50
CA PRO A 955 6.59 -19.11 37.34
C PRO A 955 6.94 -20.57 37.08
N GLN A 956 8.10 -21.05 37.57
CA GLN A 956 8.58 -22.39 37.24
C GLN A 956 7.89 -23.46 38.09
N ASP A 957 7.12 -23.08 39.10
CA ASP A 957 6.54 -24.04 40.02
C ASP A 957 5.42 -23.40 40.82
N GLY A 958 4.31 -23.09 40.15
CA GLY A 958 3.16 -22.39 40.72
C GLY A 958 2.56 -23.16 41.90
N GLN A 959 2.52 -24.49 41.80
CA GLN A 959 1.93 -25.25 42.88
C GLN A 959 2.77 -25.05 44.15
N GLY A 960 4.11 -25.08 43.97
CA GLY A 960 5.00 -24.84 45.09
C GLY A 960 4.72 -23.46 45.69
N LEU A 961 4.51 -22.46 44.80
CA LEU A 961 4.21 -21.11 45.23
C LEU A 961 2.85 -21.08 45.94
N ALA A 962 1.84 -21.73 45.36
CA ALA A 962 0.54 -21.78 46.01
C ALA A 962 0.68 -22.36 47.42
N ASN A 963 1.47 -23.42 47.55
CA ASN A 963 1.64 -24.07 48.85
C ASN A 963 2.16 -23.11 49.90
N LEU A 964 3.08 -22.21 49.53
CA LEU A 964 3.59 -21.26 50.50
C LEU A 964 2.44 -20.38 51.01
N TYR A 965 1.36 -20.29 50.24
CA TYR A 965 0.27 -19.38 50.58
C TYR A 965 -0.91 -20.17 51.15
N GLY A 966 -0.70 -21.48 51.31
CA GLY A 966 -1.77 -22.28 51.88
C GLY A 966 -2.49 -23.14 50.84
N GLY A 967 -2.03 -23.10 49.56
CA GLY A 967 -2.71 -23.82 48.48
C GLY A 967 -3.27 -22.88 47.40
N LYS A 968 -3.92 -23.44 46.38
CA LYS A 968 -4.46 -22.69 45.26
C LYS A 968 -5.34 -21.55 45.76
N GLU A 969 -6.28 -21.85 46.66
CA GLU A 969 -7.19 -20.84 47.21
C GLU A 969 -6.44 -19.67 47.84
N GLY A 970 -5.32 -19.97 48.52
CA GLY A 970 -4.50 -18.98 49.19
C GLY A 970 -3.77 -18.11 48.16
N LEU A 971 -3.26 -18.74 47.10
CA LEU A 971 -2.68 -18.02 45.98
C LEU A 971 -3.69 -17.04 45.37
N ALA A 972 -4.88 -17.53 45.04
CA ALA A 972 -5.96 -16.71 44.50
C ALA A 972 -6.31 -15.54 45.42
N THR A 973 -6.45 -15.79 46.72
CA THR A 973 -6.69 -14.70 47.66
C THR A 973 -5.58 -13.65 47.55
N LYS A 974 -4.32 -14.08 47.40
CA LYS A 974 -3.21 -13.15 47.38
C LYS A 974 -3.27 -12.29 46.11
N LEU A 975 -3.50 -12.94 44.96
CA LEU A 975 -3.67 -12.25 43.69
C LEU A 975 -4.82 -11.25 43.75
N ASP A 976 -5.96 -11.67 44.30
CA ASP A 976 -7.11 -10.80 44.40
C ASP A 976 -6.76 -9.53 45.15
N GLN A 977 -6.01 -9.68 46.22
CA GLN A 977 -5.66 -8.54 47.05
C GLN A 977 -4.71 -7.66 46.24
N PHE A 978 -3.78 -8.29 45.50
CA PHE A 978 -2.82 -7.60 44.65
C PHE A 978 -3.56 -6.69 43.64
N PHE A 979 -4.54 -7.27 42.93
CA PHE A 979 -5.25 -6.56 41.88
C PHE A 979 -6.31 -5.58 42.42
N SER A 980 -6.52 -5.47 43.75
CA SER A 980 -7.58 -4.59 44.22
C SER A 980 -7.10 -3.52 45.23
N THR A 981 -5.77 -3.41 45.38
CA THR A 981 -5.13 -2.37 46.19
C THR A 981 -4.37 -1.44 45.26
N SER A 982 -4.77 -0.15 45.22
CA SER A 982 -4.27 0.80 44.23
C SER A 982 -2.84 1.21 44.55
N GLU A 983 -1.94 1.08 43.56
CA GLU A 983 -0.63 1.71 43.56
C GLU A 983 -0.76 3.23 43.47
N THR A 984 -0.21 3.91 44.48
CA THR A 984 -0.39 5.36 44.63
C THR A 984 0.82 6.16 44.11
N GLY A 985 1.94 5.46 43.86
CA GLY A 985 3.19 6.11 43.48
C GLY A 985 3.77 7.02 44.57
N LEU A 986 3.31 6.85 45.82
CA LEU A 986 3.76 7.71 46.91
C LEU A 986 4.81 7.03 47.79
N PHE A 987 5.25 5.80 47.46
CA PHE A 987 6.15 5.05 48.31
C PHE A 987 7.47 4.74 47.60
N PRO A 988 8.39 5.72 47.51
CA PRO A 988 9.64 5.53 46.74
C PRO A 988 10.67 4.62 47.42
N GLY A 989 10.54 4.47 48.75
CA GLY A 989 11.38 3.59 49.51
C GLY A 989 12.85 3.97 49.29
N SER A 990 13.64 3.04 48.74
CA SER A 990 15.08 3.27 48.61
C SER A 990 15.42 4.17 47.41
N TYR A 991 14.49 4.43 46.49
CA TYR A 991 14.78 5.29 45.35
C TYR A 991 14.88 6.76 45.82
N GLY A 992 14.27 7.06 46.98
CA GLY A 992 14.44 8.38 47.60
C GLY A 992 13.35 9.35 47.14
N GLY A 993 13.39 9.70 45.84
CA GLY A 993 12.30 10.41 45.19
C GLY A 993 11.57 9.58 44.11
N THR A 994 10.49 10.14 43.55
CA THR A 994 9.71 9.54 42.48
C THR A 994 10.58 9.20 41.28
N ILE A 995 10.54 7.93 40.82
CA ILE A 995 11.04 7.58 39.50
C ILE A 995 9.86 7.37 38.54
N HIS A 996 10.15 7.50 37.23
CA HIS A 996 9.12 7.40 36.22
C HIS A 996 8.36 6.08 36.31
N GLU A 997 9.03 4.96 36.64
CA GLU A 997 8.35 3.67 36.70
C GLU A 997 7.20 3.67 37.70
N MET A 998 7.26 4.54 38.72
CA MET A 998 6.26 4.67 39.76
C MET A 998 4.99 5.37 39.27
N ARG A 999 5.16 6.48 38.51
CA ARG A 999 4.07 7.23 37.92
C ARG A 999 3.31 6.34 36.95
N GLU A 1000 4.05 5.56 36.16
CA GLU A 1000 3.51 4.66 35.14
C GLU A 1000 2.70 3.53 35.77
N ALA A 1001 3.24 2.96 36.86
CA ALA A 1001 2.57 1.89 37.58
C ALA A 1001 1.29 2.41 38.21
N ARG A 1002 1.37 3.59 38.83
CA ARG A 1002 0.22 4.27 39.39
C ARG A 1002 -0.88 4.39 38.32
N ASP A 1003 -0.50 4.72 37.07
CA ASP A 1003 -1.47 5.09 36.06
C ASP A 1003 -2.01 3.87 35.30
N VAL A 1004 -1.46 2.67 35.58
CA VAL A 1004 -2.05 1.43 35.09
C VAL A 1004 -3.44 1.30 35.71
N ARG A 1005 -3.57 1.67 37.00
CA ARG A 1005 -4.82 1.60 37.75
C ARG A 1005 -5.45 0.22 37.60
N MET A 1006 -4.62 -0.82 37.70
CA MET A 1006 -5.08 -2.19 37.90
C MET A 1006 -4.62 -2.69 39.28
N GLY A 1007 -5.05 -2.00 40.34
CA GLY A 1007 -4.55 -2.30 41.67
C GLY A 1007 -3.03 -2.08 41.70
N MET A 1008 -2.28 -3.13 42.06
CA MET A 1008 -0.83 -2.93 42.24
C MET A 1008 -0.07 -3.30 40.97
N TYR A 1009 -0.78 -3.83 39.98
CA TYR A 1009 -0.17 -4.49 38.84
C TYR A 1009 0.64 -3.50 38.01
N GLY A 1010 1.98 -3.65 38.01
CA GLY A 1010 2.83 -2.70 37.30
C GLY A 1010 3.10 -3.16 35.86
N HIS A 1011 2.07 -3.12 35.02
CA HIS A 1011 2.26 -3.57 33.66
C HIS A 1011 3.28 -2.71 32.91
N SER A 1012 3.49 -1.46 33.36
CA SER A 1012 4.43 -0.50 32.80
C SER A 1012 5.89 -0.98 32.78
N ASN A 1013 6.17 -2.10 33.46
CA ASN A 1013 7.53 -2.59 33.61
C ASN A 1013 7.56 -4.11 33.65
N GLN A 1014 8.71 -4.68 33.31
CA GLN A 1014 8.87 -6.09 32.96
C GLN A 1014 8.65 -7.04 34.13
N PRO A 1015 9.02 -6.74 35.39
CA PRO A 1015 8.91 -7.75 36.45
C PRO A 1015 7.49 -8.15 36.85
N SER A 1016 6.45 -7.53 36.30
CA SER A 1016 5.10 -7.91 36.66
C SER A 1016 4.47 -8.76 35.57
N HIS A 1017 5.22 -9.06 34.50
CA HIS A 1017 4.56 -9.42 33.27
C HIS A 1017 3.95 -10.79 33.30
N HIS A 1018 4.32 -11.59 34.32
CA HIS A 1018 3.82 -12.97 34.42
C HIS A 1018 2.57 -13.05 35.27
N ILE A 1019 2.27 -11.98 36.02
CA ILE A 1019 1.37 -12.07 37.16
C ILE A 1019 -0.06 -12.45 36.72
N ALA A 1020 -0.56 -11.83 35.63
CA ALA A 1020 -1.95 -12.08 35.26
C ALA A 1020 -2.17 -13.57 35.00
N TYR A 1021 -1.14 -14.24 34.48
CA TYR A 1021 -1.26 -15.62 34.08
C TYR A 1021 -1.18 -16.58 35.26
N MET A 1022 -0.82 -16.06 36.46
CA MET A 1022 -0.65 -16.91 37.65
C MET A 1022 -2.00 -17.41 38.17
N TYR A 1023 -3.09 -16.78 37.69
CA TYR A 1023 -4.38 -17.33 38.02
C TYR A 1023 -4.57 -18.69 37.35
N ASP A 1024 -3.79 -19.00 36.30
CA ASP A 1024 -3.96 -20.34 35.74
C ASP A 1024 -3.47 -21.41 36.70
N TYR A 1025 -2.61 -21.03 37.66
CA TYR A 1025 -2.08 -21.97 38.64
C TYR A 1025 -3.07 -22.13 39.79
N ALA A 1026 -3.89 -21.08 40.03
CA ALA A 1026 -4.85 -21.01 41.12
C ALA A 1026 -6.20 -21.63 40.73
N GLY A 1027 -6.37 -22.01 39.45
CA GLY A 1027 -7.63 -22.62 39.07
C GLY A 1027 -8.76 -21.59 38.89
N GLN A 1028 -8.38 -20.32 38.65
CA GLN A 1028 -9.34 -19.28 38.31
C GLN A 1028 -8.97 -18.62 36.98
N PRO A 1029 -8.93 -19.37 35.84
CA PRO A 1029 -8.48 -18.80 34.57
C PRO A 1029 -9.28 -17.61 34.06
N TRP A 1030 -10.52 -17.47 34.57
CA TRP A 1030 -11.35 -16.34 34.17
C TRP A 1030 -10.76 -15.01 34.66
N LYS A 1031 -10.00 -15.05 35.75
CA LYS A 1031 -9.40 -13.81 36.16
C LYS A 1031 -8.20 -13.46 35.26
N THR A 1032 -7.45 -14.46 34.80
CA THR A 1032 -6.42 -14.21 33.80
C THR A 1032 -7.03 -13.56 32.55
N GLN A 1033 -8.21 -14.08 32.11
CA GLN A 1033 -8.89 -13.59 30.93
C GLN A 1033 -9.25 -12.11 31.13
N GLU A 1034 -9.73 -11.78 32.32
CA GLU A 1034 -10.20 -10.44 32.62
C GLU A 1034 -9.06 -9.44 32.59
N LYS A 1035 -7.94 -9.80 33.27
CA LYS A 1035 -6.79 -8.91 33.41
C LYS A 1035 -6.06 -8.75 32.08
N VAL A 1036 -5.85 -9.86 31.35
CA VAL A 1036 -5.15 -9.79 30.09
C VAL A 1036 -5.89 -8.86 29.12
N ARG A 1037 -7.23 -8.95 29.11
CA ARG A 1037 -8.02 -8.15 28.18
C ARG A 1037 -7.96 -6.67 28.55
N GLU A 1038 -7.95 -6.36 29.84
CA GLU A 1038 -7.87 -4.97 30.23
C GLU A 1038 -6.50 -4.44 29.78
N ALA A 1039 -5.45 -5.27 29.93
CA ALA A 1039 -4.10 -4.85 29.57
C ALA A 1039 -4.01 -4.54 28.07
N LEU A 1040 -4.51 -5.46 27.24
CA LEU A 1040 -4.50 -5.29 25.79
C LEU A 1040 -5.33 -4.07 25.35
N ASN A 1041 -6.47 -3.85 26.03
CA ASN A 1041 -7.40 -2.78 25.67
C ASN A 1041 -6.87 -1.40 26.03
N ARG A 1042 -6.41 -1.21 27.28
CA ARG A 1042 -6.20 0.13 27.80
C ARG A 1042 -4.74 0.55 27.74
N LEU A 1043 -3.80 -0.38 27.60
CA LEU A 1043 -2.43 0.01 27.94
C LEU A 1043 -1.56 0.12 26.69
N TYR A 1044 -2.13 -0.02 25.50
CA TYR A 1044 -1.35 0.15 24.29
C TYR A 1044 -1.96 1.21 23.39
N ILE A 1045 -2.41 2.32 23.98
CA ILE A 1045 -3.20 3.32 23.28
C ILE A 1045 -2.36 4.56 23.01
N GLY A 1046 -2.81 5.37 22.04
CA GLY A 1046 -2.21 6.69 21.83
C GLY A 1046 -1.17 6.75 20.71
N SER A 1047 -1.01 5.65 19.97
CA SER A 1047 -0.12 5.58 18.83
C SER A 1047 -0.20 6.80 17.92
N ALA A 1048 -1.41 7.27 17.64
CA ALA A 1048 -1.57 8.33 16.67
C ALA A 1048 -0.84 9.61 17.11
N ILE A 1049 -0.62 9.82 18.41
CA ILE A 1049 0.06 11.04 18.84
C ILE A 1049 1.42 10.74 19.47
N GLY A 1050 2.10 9.67 19.01
CA GLY A 1050 3.43 9.31 19.46
C GLY A 1050 3.49 8.66 20.85
N GLN A 1051 2.35 8.21 21.37
CA GLN A 1051 2.32 7.45 22.62
C GLN A 1051 2.38 5.95 22.25
N GLY A 1052 1.45 5.14 22.76
CA GLY A 1052 1.39 3.76 22.27
C GLY A 1052 1.67 2.67 23.31
N TYR A 1053 2.40 3.02 24.39
CA TYR A 1053 2.69 2.09 25.47
C TYR A 1053 2.44 2.73 26.84
N SER A 1054 2.35 1.87 27.87
CA SER A 1054 2.11 2.29 29.25
C SER A 1054 3.41 2.58 30.02
N GLY A 1055 4.56 2.20 29.45
CA GLY A 1055 5.88 2.53 30.00
C GLY A 1055 6.96 2.12 29.01
N ASP A 1056 8.21 2.03 29.44
CA ASP A 1056 9.30 1.79 28.49
C ASP A 1056 9.07 0.49 27.73
N GLU A 1057 9.33 0.51 26.41
CA GLU A 1057 9.04 -0.63 25.55
C GLU A 1057 10.12 -1.71 25.72
N ASP A 1058 11.40 -1.28 25.76
CA ASP A 1058 12.53 -2.14 26.06
C ASP A 1058 12.75 -3.27 25.03
N ASN A 1059 13.24 -2.90 23.84
CA ASN A 1059 13.84 -3.81 22.88
C ASN A 1059 12.90 -4.96 22.51
N GLY A 1060 11.60 -4.65 22.37
CA GLY A 1060 10.69 -5.65 21.84
C GLY A 1060 9.89 -6.35 22.91
N GLU A 1061 10.20 -6.11 24.19
CA GLU A 1061 9.59 -6.91 25.26
C GLU A 1061 8.12 -6.49 25.47
N MET A 1062 7.86 -5.19 25.61
CA MET A 1062 6.50 -4.75 25.90
C MET A 1062 5.61 -5.12 24.71
N SER A 1063 6.21 -5.11 23.51
CA SER A 1063 5.54 -5.41 22.23
C SER A 1063 5.16 -6.89 22.16
N ALA A 1064 6.12 -7.75 22.53
CA ALA A 1064 5.85 -9.17 22.39
C ALA A 1064 4.84 -9.63 23.45
N TRP A 1065 4.83 -8.96 24.58
CA TRP A 1065 3.78 -9.22 25.57
C TRP A 1065 2.42 -9.14 24.88
N TYR A 1066 2.16 -8.03 24.16
CA TYR A 1066 0.90 -7.78 23.46
C TYR A 1066 0.63 -8.79 22.35
N ILE A 1067 1.63 -9.02 21.48
CA ILE A 1067 1.52 -9.96 20.38
C ILE A 1067 1.16 -11.34 20.90
N LEU A 1068 1.85 -11.83 21.94
CA LEU A 1068 1.61 -13.21 22.38
C LEU A 1068 0.26 -13.30 23.08
N SER A 1069 -0.01 -12.38 24.02
CA SER A 1069 -1.25 -12.35 24.78
C SER A 1069 -2.46 -12.25 23.85
N ALA A 1070 -2.32 -11.49 22.75
CA ALA A 1070 -3.44 -11.28 21.82
C ALA A 1070 -3.75 -12.56 21.04
N MET A 1071 -2.76 -13.44 20.87
CA MET A 1071 -3.01 -14.72 20.23
C MET A 1071 -3.76 -15.67 21.18
N GLY A 1072 -3.68 -15.40 22.50
CA GLY A 1072 -4.44 -16.17 23.48
C GLY A 1072 -3.60 -17.15 24.31
N PHE A 1073 -2.27 -17.09 24.14
CA PHE A 1073 -1.40 -17.93 24.92
C PHE A 1073 -0.05 -17.25 25.15
N TYR A 1074 0.67 -17.70 26.19
CA TYR A 1074 1.76 -16.92 26.74
C TYR A 1074 2.83 -17.83 27.34
N PRO A 1075 4.13 -17.59 27.08
CA PRO A 1075 5.20 -18.44 27.62
C PRO A 1075 5.54 -18.09 29.07
N LEU A 1076 4.65 -18.56 29.96
CA LEU A 1076 4.74 -18.24 31.38
C LEU A 1076 5.89 -19.04 31.97
N LYS A 1077 5.93 -20.32 31.60
CA LYS A 1077 6.89 -21.24 32.20
C LYS A 1077 8.12 -21.29 31.32
N MET A 1078 8.80 -20.14 31.24
CA MET A 1078 10.02 -20.09 30.46
C MET A 1078 10.96 -21.18 30.94
N GLY A 1079 11.45 -21.98 29.99
CA GLY A 1079 12.40 -23.01 30.35
C GLY A 1079 11.78 -24.39 30.18
N THR A 1080 10.50 -24.40 29.79
CA THR A 1080 9.82 -25.64 29.44
C THR A 1080 8.88 -25.35 28.26
N PRO A 1081 8.83 -26.23 27.22
CA PRO A 1081 8.20 -25.87 25.94
C PRO A 1081 6.67 -25.88 25.90
N GLU A 1082 6.04 -24.95 26.66
CA GLU A 1082 4.60 -24.90 26.68
C GLU A 1082 4.12 -23.52 27.09
N TYR A 1083 2.83 -23.25 26.83
CA TYR A 1083 2.26 -21.93 27.07
C TYR A 1083 1.12 -22.04 28.08
N ALA A 1084 0.79 -20.93 28.71
CA ALA A 1084 -0.37 -20.79 29.58
C ALA A 1084 -1.43 -20.07 28.74
N ILE A 1085 -2.68 -20.50 28.89
CA ILE A 1085 -3.74 -19.96 28.06
C ILE A 1085 -4.43 -18.79 28.74
N GLY A 1086 -4.54 -17.69 27.97
CA GLY A 1086 -5.24 -16.48 28.36
C GLY A 1086 -6.56 -16.44 27.62
N ALA A 1087 -6.68 -15.46 26.72
CA ALA A 1087 -7.75 -15.46 25.73
C ALA A 1087 -7.30 -14.61 24.52
N PRO A 1088 -7.73 -14.96 23.29
CA PRO A 1088 -7.37 -14.18 22.11
C PRO A 1088 -8.09 -12.84 22.13
N LEU A 1089 -7.50 -11.85 21.43
CA LEU A 1089 -8.08 -10.52 21.30
C LEU A 1089 -9.04 -10.42 20.09
N PHE A 1090 -8.78 -11.21 19.04
CA PHE A 1090 -9.45 -11.02 17.76
C PHE A 1090 -10.39 -12.16 17.42
N LYS A 1091 -11.32 -11.90 16.48
CA LYS A 1091 -12.23 -12.93 16.02
C LYS A 1091 -11.46 -14.03 15.27
N LYS A 1092 -10.32 -13.68 14.68
CA LYS A 1092 -9.50 -14.70 14.05
C LYS A 1092 -8.06 -14.21 13.98
N ALA A 1093 -7.14 -15.14 14.22
CA ALA A 1093 -5.73 -14.84 14.03
C ALA A 1093 -5.06 -16.03 13.36
N THR A 1094 -4.17 -15.78 12.39
CA THR A 1094 -3.38 -16.85 11.79
C THR A 1094 -1.89 -16.55 11.98
N ILE A 1095 -1.14 -17.54 12.46
CA ILE A 1095 0.31 -17.45 12.50
C ILE A 1095 0.82 -18.36 11.39
N HIS A 1096 1.36 -17.77 10.32
CA HIS A 1096 1.94 -18.49 9.21
C HIS A 1096 3.36 -18.89 9.59
N LEU A 1097 3.59 -20.20 9.72
CA LEU A 1097 4.85 -20.66 10.25
C LEU A 1097 5.78 -20.92 9.07
N GLU A 1098 7.09 -20.83 9.33
CA GLU A 1098 8.07 -20.82 8.25
C GLU A 1098 8.08 -22.17 7.51
N ASN A 1099 7.55 -23.20 8.16
CA ASN A 1099 7.50 -24.53 7.55
C ASN A 1099 6.30 -24.66 6.59
N GLY A 1100 5.54 -23.57 6.40
CA GLY A 1100 4.40 -23.53 5.48
C GLY A 1100 3.05 -23.87 6.11
N LYS A 1101 3.02 -24.17 7.42
CA LYS A 1101 1.79 -24.52 8.11
C LYS A 1101 1.23 -23.28 8.82
N SER A 1102 0.04 -23.43 9.41
CA SER A 1102 -0.64 -22.33 10.08
C SER A 1102 -1.04 -22.71 11.49
N ILE A 1103 -0.96 -21.74 12.42
CA ILE A 1103 -1.71 -21.83 13.66
C ILE A 1103 -2.91 -20.94 13.47
N VAL A 1104 -4.09 -21.55 13.37
CA VAL A 1104 -5.29 -20.75 13.24
C VAL A 1104 -5.95 -20.66 14.61
N ILE A 1105 -6.37 -19.44 14.98
CA ILE A 1105 -7.00 -19.23 16.26
C ILE A 1105 -8.34 -18.56 16.03
N ASN A 1106 -9.43 -19.35 16.11
CA ASN A 1106 -10.79 -18.88 15.83
C ASN A 1106 -11.53 -18.47 17.11
N ALA A 1107 -12.12 -17.28 17.11
CA ALA A 1107 -12.98 -16.88 18.21
C ALA A 1107 -14.13 -16.07 17.62
N PRO A 1108 -14.98 -16.70 16.78
CA PRO A 1108 -15.99 -15.95 16.01
C PRO A 1108 -16.89 -15.04 16.84
N ASN A 1109 -17.01 -15.30 18.15
CA ASN A 1109 -17.96 -14.53 18.95
C ASN A 1109 -17.23 -13.47 19.78
N ASN A 1110 -15.94 -13.27 19.51
CA ASN A 1110 -15.08 -12.35 20.26
C ASN A 1110 -15.62 -10.93 20.13
N SER A 1111 -15.41 -10.11 21.18
CA SER A 1111 -15.78 -8.71 21.19
C SER A 1111 -15.21 -8.04 22.42
N LYS A 1112 -15.33 -6.71 22.50
CA LYS A 1112 -14.77 -5.98 23.63
C LYS A 1112 -15.23 -6.60 24.94
N GLU A 1113 -16.48 -7.05 24.99
CA GLU A 1113 -17.17 -7.46 26.21
C GLU A 1113 -17.10 -8.97 26.39
N ASN A 1114 -17.00 -9.70 25.27
CA ASN A 1114 -17.01 -11.14 25.24
C ASN A 1114 -15.59 -11.64 25.47
N LYS A 1115 -15.09 -11.43 26.70
CA LYS A 1115 -13.67 -11.60 27.01
C LYS A 1115 -13.41 -12.95 27.67
N TYR A 1116 -14.47 -13.67 28.05
CA TYR A 1116 -14.31 -14.87 28.85
C TYR A 1116 -14.44 -16.10 27.96
N VAL A 1117 -13.53 -17.05 28.17
CA VAL A 1117 -13.57 -18.33 27.52
C VAL A 1117 -14.70 -19.18 28.12
N GLN A 1118 -15.59 -19.66 27.24
CA GLN A 1118 -16.71 -20.50 27.61
C GLN A 1118 -16.34 -21.97 27.43
N SER A 1119 -15.64 -22.27 26.33
CA SER A 1119 -15.11 -23.61 26.05
C SER A 1119 -14.05 -23.48 24.97
N MET A 1120 -13.39 -24.59 24.64
CA MET A 1120 -12.21 -24.55 23.81
C MET A 1120 -12.06 -25.87 23.06
N LYS A 1121 -11.60 -25.79 21.81
CA LYS A 1121 -11.27 -27.00 21.07
C LYS A 1121 -9.89 -26.82 20.47
N VAL A 1122 -9.15 -27.92 20.33
CA VAL A 1122 -7.93 -27.95 19.57
C VAL A 1122 -8.08 -29.07 18.54
N ASN A 1123 -8.10 -28.71 17.25
CA ASN A 1123 -8.07 -29.70 16.17
C ASN A 1123 -9.40 -30.44 16.13
N GLY A 1124 -10.50 -29.73 16.41
CA GLY A 1124 -11.83 -30.31 16.33
C GLY A 1124 -12.27 -30.90 17.67
N LYS A 1125 -11.31 -31.20 18.58
CA LYS A 1125 -11.52 -31.95 19.81
C LYS A 1125 -11.57 -31.01 21.01
N ALA A 1126 -12.57 -31.18 21.88
CA ALA A 1126 -12.71 -30.38 23.10
C ALA A 1126 -11.41 -30.45 23.91
N TYR A 1127 -11.01 -29.32 24.50
CA TYR A 1127 -9.73 -29.13 25.17
C TYR A 1127 -10.03 -28.54 26.55
N ALA A 1128 -9.44 -29.16 27.58
CA ALA A 1128 -9.91 -28.84 28.92
C ALA A 1128 -8.86 -28.01 29.65
N LYS A 1129 -7.59 -28.09 29.22
CA LYS A 1129 -6.41 -27.62 29.94
C LYS A 1129 -6.07 -26.16 29.65
N THR A 1130 -5.48 -25.47 30.63
CA THR A 1130 -5.07 -24.09 30.47
C THR A 1130 -3.59 -24.03 30.07
N SER A 1131 -2.99 -25.18 29.76
CA SER A 1131 -1.66 -25.22 29.19
C SER A 1131 -1.70 -25.92 27.82
N ILE A 1132 -0.77 -25.56 26.92
CA ILE A 1132 -0.66 -26.23 25.64
C ILE A 1132 0.81 -26.35 25.28
N LEU A 1133 1.20 -27.52 24.75
CA LEU A 1133 2.59 -27.78 24.40
C LEU A 1133 2.99 -27.07 23.10
N HIS A 1134 4.24 -26.61 23.06
CA HIS A 1134 4.75 -26.00 21.85
C HIS A 1134 4.68 -27.04 20.74
N ALA A 1135 4.96 -28.30 21.10
CA ALA A 1135 4.98 -29.39 20.13
C ALA A 1135 3.59 -29.63 19.52
N ASP A 1136 2.52 -29.09 20.11
CA ASP A 1136 1.17 -29.28 19.60
C ASP A 1136 0.79 -28.18 18.61
N ILE A 1137 1.53 -27.06 18.58
CA ILE A 1137 1.16 -25.96 17.70
C ILE A 1137 2.21 -25.69 16.62
N ALA A 1138 3.45 -26.14 16.83
CA ALA A 1138 4.56 -25.76 15.97
C ALA A 1138 4.43 -26.36 14.57
N ASN A 1139 3.62 -27.40 14.45
CA ASN A 1139 3.48 -28.06 13.18
C ASN A 1139 2.12 -27.73 12.59
N GLY A 1140 1.51 -26.67 13.10
CA GLY A 1140 0.21 -26.24 12.62
C GLY A 1140 -0.88 -26.76 13.54
N ALA A 1141 -1.99 -26.03 13.60
CA ALA A 1141 -3.08 -26.38 14.52
C ALA A 1141 -4.27 -25.47 14.25
N VAL A 1142 -5.44 -25.98 14.64
CA VAL A 1142 -6.67 -25.22 14.59
C VAL A 1142 -7.19 -25.10 16.02
N ILE A 1143 -7.30 -23.88 16.52
CA ILE A 1143 -7.71 -23.61 17.90
C ILE A 1143 -9.00 -22.80 17.87
N ASP A 1144 -10.04 -23.32 18.54
CA ASP A 1144 -11.34 -22.63 18.62
C ASP A 1144 -11.64 -22.24 20.06
N PHE A 1145 -11.85 -20.94 20.32
CA PHE A 1145 -12.37 -20.46 21.58
C PHE A 1145 -13.83 -20.04 21.43
N GLU A 1146 -14.70 -20.59 22.28
CA GLU A 1146 -16.04 -20.01 22.42
C GLU A 1146 -15.93 -18.87 23.42
N MET A 1147 -16.19 -17.63 22.97
CA MET A 1147 -16.08 -16.47 23.85
C MET A 1147 -17.48 -16.00 24.26
N GLY A 1148 -17.59 -15.42 25.49
CA GLY A 1148 -18.86 -14.90 25.98
C GLY A 1148 -18.62 -13.77 26.98
N SER A 1149 -19.68 -13.21 27.54
CA SER A 1149 -19.50 -12.01 28.34
C SER A 1149 -19.43 -12.29 29.83
N LYS A 1150 -19.60 -13.57 30.23
CA LYS A 1150 -19.69 -13.92 31.65
C LYS A 1150 -18.64 -14.99 31.98
N PRO A 1151 -17.95 -14.92 33.14
CA PRO A 1151 -16.97 -15.96 33.50
C PRO A 1151 -17.57 -17.36 33.39
N SER A 1152 -16.75 -18.35 33.04
CA SER A 1152 -17.20 -19.74 33.12
C SER A 1152 -16.26 -20.53 34.04
N LYS A 1153 -16.46 -21.85 34.11
CA LYS A 1153 -15.65 -22.68 34.95
C LYS A 1153 -14.65 -23.42 34.06
N TRP A 1154 -14.61 -23.06 32.78
CA TRP A 1154 -13.69 -23.75 31.89
C TRP A 1154 -12.27 -23.65 32.44
N GLY A 1155 -11.56 -24.77 32.42
CA GLY A 1155 -10.16 -24.84 32.83
C GLY A 1155 -9.91 -24.65 34.32
N SER A 1156 -10.92 -24.92 35.17
CA SER A 1156 -10.77 -24.78 36.62
C SER A 1156 -10.58 -26.13 37.35
N GLY A 1157 -10.61 -27.26 36.62
CA GLY A 1157 -10.44 -28.59 37.21
C GLY A 1157 -9.03 -28.76 37.79
N ASP A 1158 -8.86 -29.71 38.72
CA ASP A 1158 -7.58 -29.95 39.38
C ASP A 1158 -6.50 -30.47 38.43
N GLN A 1159 -6.85 -31.16 37.33
CA GLN A 1159 -5.83 -31.57 36.36
C GLN A 1159 -5.82 -30.66 35.12
N ASP A 1160 -6.55 -29.54 35.19
CA ASP A 1160 -6.70 -28.63 34.05
C ASP A 1160 -5.79 -27.43 34.21
N ILE A 1161 -5.36 -27.18 35.46
CA ILE A 1161 -4.45 -26.08 35.75
C ILE A 1161 -3.09 -26.43 35.16
N LEU A 1162 -2.25 -25.41 35.01
CA LEU A 1162 -0.84 -25.56 34.73
C LEU A 1162 -0.26 -26.49 35.77
N GLN A 1163 0.48 -27.49 35.30
CA GLN A 1163 1.22 -28.41 36.17
C GLN A 1163 2.50 -27.74 36.63
N SER A 1164 3.10 -28.27 37.72
CA SER A 1164 4.27 -27.70 38.38
C SER A 1164 5.31 -28.79 38.66
N ILE A 1165 6.48 -28.43 39.20
CA ILE A 1165 7.37 -29.43 39.75
C ILE A 1165 6.72 -30.12 40.96
N THR A 1166 6.13 -29.32 41.87
CA THR A 1166 5.41 -29.75 43.06
C THR A 1166 4.08 -30.38 42.64
N PRO A 1167 3.80 -31.65 43.01
CA PRO A 1167 2.54 -32.30 42.65
C PRO A 1167 1.29 -31.62 43.21
N GLY A 1168 0.21 -31.70 42.39
CA GLY A 1168 -1.08 -31.09 42.66
C GLY A 1168 -1.71 -31.63 43.95
N SER A 1169 -1.47 -32.93 44.22
CA SER A 1169 -2.07 -33.61 45.37
C SER A 1169 -1.61 -33.01 46.70
N THR A 1170 -0.52 -32.23 46.68
CA THR A 1170 0.01 -31.72 47.94
C THR A 1170 -0.66 -30.40 48.28
N ASP A 1171 -1.60 -29.97 47.44
CA ASP A 1171 -2.21 -28.65 47.60
C ASP A 1171 -2.68 -28.47 49.03
N GLY A 1172 -2.09 -27.54 49.78
CA GLY A 1172 -2.65 -27.17 51.07
C GLY A 1172 -1.94 -27.87 52.24
N THR A 1173 -0.83 -28.57 51.95
CA THR A 1173 -0.08 -29.29 52.97
C THR A 1173 0.29 -28.33 54.10
N SER A 1174 0.39 -28.86 55.32
CA SER A 1174 0.92 -28.13 56.46
C SER A 1174 2.44 -28.31 56.58
N LEU A 1175 3.00 -29.23 55.78
CA LEU A 1175 4.44 -29.46 55.82
C LEU A 1175 5.17 -28.40 54.99
N SER A 1176 6.45 -28.23 55.30
CA SER A 1176 7.30 -27.31 54.58
C SER A 1176 8.51 -28.06 54.02
N PRO A 1177 8.32 -28.88 52.96
CA PRO A 1177 9.40 -29.70 52.43
C PRO A 1177 10.42 -28.81 51.75
N LEU A 1178 11.67 -29.29 51.76
CA LEU A 1178 12.79 -28.62 51.12
C LEU A 1178 13.33 -29.50 49.99
N PRO A 1179 13.91 -28.86 48.93
CA PRO A 1179 14.73 -29.57 47.95
C PRO A 1179 16.13 -29.86 48.52
N LEU A 1180 17.02 -30.50 47.75
CA LEU A 1180 18.36 -30.81 48.24
C LEU A 1180 18.95 -29.55 48.88
N ARG A 1181 19.61 -29.72 50.04
CA ARG A 1181 20.42 -28.67 50.63
C ARG A 1181 21.69 -29.29 51.22
N ASP A 1182 22.68 -28.45 51.53
CA ASP A 1182 23.87 -28.93 52.20
C ASP A 1182 23.55 -29.12 53.68
N VAL A 1183 23.39 -30.39 54.08
CA VAL A 1183 22.97 -30.75 55.42
C VAL A 1183 24.04 -30.43 56.45
N THR A 1184 25.26 -30.05 56.00
CA THR A 1184 26.29 -29.59 56.93
C THR A 1184 26.08 -28.14 57.33
N ASP A 1185 25.16 -27.44 56.65
CA ASP A 1185 24.98 -26.01 56.81
C ASP A 1185 24.75 -25.68 58.30
N ARG A 1186 25.67 -24.89 58.87
CA ARG A 1186 25.49 -24.19 60.13
C ARG A 1186 25.70 -25.11 61.34
N LEU A 1187 26.00 -26.39 61.08
CA LEU A 1187 26.20 -27.40 62.12
C LEU A 1187 27.41 -27.04 63.00
N ILE A 1188 28.59 -26.88 62.39
CA ILE A 1188 29.81 -26.59 63.12
C ILE A 1188 29.64 -25.52 64.22
N ALA A 1189 28.99 -24.39 63.91
CA ALA A 1189 28.81 -23.29 64.86
C ALA A 1189 27.88 -23.69 66.00
N ALA A 1190 26.94 -24.61 65.71
CA ALA A 1190 25.96 -25.02 66.70
C ALA A 1190 26.47 -26.26 67.42
N GLU A 1191 27.66 -26.72 67.00
CA GLU A 1191 28.38 -27.83 67.60
C GLU A 1191 27.68 -29.15 67.33
N LYS A 1192 26.86 -29.19 66.27
CA LYS A 1192 26.15 -30.40 65.91
C LYS A 1192 26.91 -31.16 64.81
N GLY A 1193 28.09 -30.65 64.46
CA GLY A 1193 28.93 -31.30 63.46
C GLY A 1193 30.37 -30.82 63.57
N ALA A 1194 31.31 -31.58 62.96
CA ALA A 1194 32.67 -31.08 62.86
C ALA A 1194 33.48 -31.85 61.82
N VAL A 1195 34.66 -31.29 61.52
CA VAL A 1195 35.38 -31.64 60.30
C VAL A 1195 36.84 -31.86 60.63
N THR A 1196 37.44 -32.92 60.08
CA THR A 1196 38.87 -33.11 60.28
C THR A 1196 39.54 -33.49 58.96
N VAL A 1197 40.72 -32.87 58.76
CA VAL A 1197 41.55 -32.99 57.56
C VAL A 1197 42.78 -33.84 57.93
N SER A 1198 43.21 -34.70 57.01
CA SER A 1198 44.39 -35.54 57.17
C SER A 1198 45.66 -34.76 57.57
N ASP A 1199 45.75 -33.46 57.28
CA ASP A 1199 46.96 -32.72 57.59
C ASP A 1199 46.74 -31.74 58.75
N GLU A 1200 45.56 -31.83 59.37
CA GLU A 1200 45.22 -31.07 60.57
C GLU A 1200 45.02 -29.59 60.28
N GLY A 1201 44.86 -29.23 58.98
CA GLY A 1201 44.39 -27.90 58.58
C GLY A 1201 42.98 -27.58 59.10
N ASN A 1202 42.67 -26.28 59.11
CA ASN A 1202 41.37 -25.76 59.50
C ASN A 1202 40.33 -26.13 58.44
N GLY A 1203 39.72 -27.31 58.58
CA GLY A 1203 38.77 -27.81 57.58
C GLY A 1203 37.44 -27.06 57.58
N GLN A 1204 37.26 -26.16 58.56
CA GLN A 1204 36.07 -25.32 58.63
C GLN A 1204 35.97 -24.43 57.42
N LEU A 1205 37.12 -24.09 56.80
CA LEU A 1205 37.15 -23.21 55.64
C LEU A 1205 36.52 -23.91 54.42
N LEU A 1206 36.19 -25.22 54.55
CA LEU A 1206 35.64 -25.96 53.45
C LEU A 1206 34.13 -26.08 53.58
N PHE A 1207 33.55 -25.47 54.64
CA PHE A 1207 32.15 -25.68 54.99
C PHE A 1207 31.53 -24.39 55.53
N ASP A 1208 32.16 -23.25 55.25
CA ASP A 1208 31.74 -21.98 55.81
C ASP A 1208 30.80 -21.22 54.87
N ASN A 1209 30.44 -21.85 53.74
CA ASN A 1209 29.46 -21.29 52.82
C ASN A 1209 30.00 -20.05 52.09
N THR A 1210 31.31 -20.04 51.77
CA THR A 1210 31.90 -18.97 51.00
C THR A 1210 33.13 -19.48 50.25
N SER A 1211 33.17 -19.15 48.95
CA SER A 1211 34.31 -19.45 48.11
C SER A 1211 35.41 -18.39 48.29
N ASN A 1212 35.19 -17.38 49.14
CA ASN A 1212 36.22 -16.44 49.50
C ASN A 1212 37.21 -16.99 50.55
N THR A 1213 36.95 -18.19 51.11
CA THR A 1213 37.89 -18.89 51.97
C THR A 1213 38.12 -20.28 51.37
N GLN A 1214 39.40 -20.64 51.30
CA GLN A 1214 39.85 -21.94 50.79
C GLN A 1214 40.85 -22.54 51.79
N LEU A 1215 41.15 -23.83 51.61
CA LEU A 1215 42.16 -24.49 52.42
C LEU A 1215 43.16 -25.19 51.51
N SER A 1216 44.43 -24.85 51.71
CA SER A 1216 45.54 -25.58 51.11
C SER A 1216 46.01 -26.70 52.03
N MET A 1217 45.98 -27.93 51.51
CA MET A 1217 46.30 -29.12 52.30
C MET A 1217 47.63 -29.71 51.79
N LYS A 1218 48.63 -29.83 52.70
CA LYS A 1218 50.04 -30.04 52.35
C LYS A 1218 50.26 -31.50 51.98
N SER A 1219 49.75 -31.93 50.82
CA SER A 1219 49.77 -33.31 50.38
C SER A 1219 49.10 -33.41 49.01
N LYS A 1220 49.52 -34.39 48.19
CA LYS A 1220 48.96 -34.58 46.87
C LYS A 1220 47.68 -35.38 46.99
N THR A 1221 47.29 -35.73 48.22
CA THR A 1221 46.52 -36.93 48.48
C THR A 1221 45.73 -36.82 49.80
N PRO A 1222 45.08 -35.67 50.12
CA PRO A 1222 44.49 -35.47 51.45
C PRO A 1222 43.12 -36.13 51.68
N SER A 1223 42.67 -36.11 52.94
CA SER A 1223 41.40 -36.66 53.38
C SER A 1223 40.60 -35.63 54.17
N ILE A 1224 39.32 -35.46 53.82
CA ILE A 1224 38.45 -34.65 54.66
C ILE A 1224 37.31 -35.51 55.21
N VAL A 1225 37.09 -35.40 56.53
CA VAL A 1225 36.06 -36.19 57.22
C VAL A 1225 35.10 -35.21 57.89
N TYR A 1226 33.81 -35.37 57.56
CA TYR A 1226 32.77 -34.60 58.22
C TYR A 1226 31.95 -35.54 59.10
N GLN A 1227 31.79 -35.11 60.36
CA GLN A 1227 31.17 -35.91 61.39
C GLN A 1227 29.87 -35.27 61.89
N PHE A 1228 28.76 -36.00 61.70
CA PHE A 1228 27.44 -35.53 62.08
C PHE A 1228 27.06 -36.04 63.46
N LYS A 1229 26.91 -35.09 64.38
CA LYS A 1229 26.84 -35.50 65.77
C LYS A 1229 25.40 -35.82 66.16
N GLU A 1230 24.47 -35.81 65.19
CA GLU A 1230 23.07 -35.96 65.54
C GLU A 1230 22.41 -37.02 64.68
N GLY A 1231 23.18 -37.99 64.19
CA GLY A 1231 22.56 -39.08 63.47
C GLY A 1231 22.87 -39.09 61.98
N LYS A 1232 22.37 -40.14 61.32
CA LYS A 1232 22.58 -40.42 59.93
C LYS A 1232 21.98 -39.33 59.06
N GLN A 1233 22.66 -39.03 57.94
CA GLN A 1233 22.28 -38.01 56.99
C GLN A 1233 22.12 -38.69 55.65
N ASN A 1234 20.96 -38.44 55.02
CA ASN A 1234 20.61 -39.01 53.74
C ASN A 1234 21.11 -38.11 52.60
N VAL A 1235 22.34 -38.37 52.13
CA VAL A 1235 23.04 -37.51 51.18
C VAL A 1235 22.94 -38.11 49.78
N LYS A 1236 22.46 -37.30 48.81
CA LYS A 1236 22.23 -37.77 47.45
C LYS A 1236 23.29 -37.25 46.47
N MET A 1237 23.87 -36.10 46.78
CA MET A 1237 24.85 -35.46 45.89
C MET A 1237 25.88 -34.71 46.73
N TYR A 1238 27.02 -34.36 46.12
CA TYR A 1238 28.01 -33.51 46.78
C TYR A 1238 28.63 -32.57 45.76
N THR A 1239 29.20 -31.45 46.22
CA THR A 1239 29.86 -30.49 45.36
C THR A 1239 31.28 -30.19 45.83
N LEU A 1240 32.16 -29.91 44.86
CA LEU A 1240 33.53 -29.44 45.07
C LEU A 1240 33.61 -28.08 44.39
N THR A 1241 34.17 -27.09 45.09
CA THR A 1241 34.35 -25.78 44.49
C THR A 1241 35.85 -25.50 44.36
N SER A 1242 36.33 -25.34 43.12
CA SER A 1242 37.73 -25.05 42.90
C SER A 1242 38.14 -23.74 43.61
N SER A 1243 39.42 -23.65 43.98
CA SER A 1243 39.94 -22.51 44.74
C SER A 1243 40.19 -21.30 43.82
N LYS A 1244 40.67 -20.20 44.42
CA LYS A 1244 41.21 -19.08 43.69
C LYS A 1244 42.65 -19.34 43.22
N ALA A 1245 43.33 -20.35 43.76
CA ALA A 1245 44.75 -20.54 43.47
C ALA A 1245 44.91 -21.33 42.19
N SER A 1246 46.16 -21.64 41.81
CA SER A 1246 46.42 -22.25 40.52
C SER A 1246 45.70 -23.57 40.36
N GLN A 1247 45.42 -23.89 39.08
CA GLN A 1247 44.60 -25.01 38.66
C GLN A 1247 45.30 -26.33 38.98
N ASN A 1248 46.62 -26.27 39.17
CA ASN A 1248 47.41 -27.47 39.43
C ASN A 1248 47.16 -28.00 40.85
N GLU A 1249 46.67 -27.15 41.77
CA GLU A 1249 46.38 -27.54 43.15
C GLU A 1249 45.01 -28.24 43.28
N ASP A 1250 44.25 -28.35 42.19
CA ASP A 1250 42.89 -28.85 42.27
C ASP A 1250 42.87 -30.35 42.54
N PRO A 1251 41.88 -30.88 43.29
CA PRO A 1251 41.57 -32.32 43.24
C PRO A 1251 41.41 -32.77 41.80
N LYS A 1252 41.67 -34.05 41.51
CA LYS A 1252 41.57 -34.59 40.17
C LYS A 1252 40.89 -35.96 40.18
N SER A 1253 41.22 -36.81 41.16
CA SER A 1253 40.57 -38.11 41.35
C SER A 1253 40.29 -38.31 42.83
N TRP A 1254 39.15 -38.95 43.17
CA TRP A 1254 38.74 -39.02 44.56
C TRP A 1254 37.76 -40.16 44.76
N VAL A 1255 37.53 -40.47 46.03
CA VAL A 1255 36.54 -41.41 46.52
C VAL A 1255 35.82 -40.76 47.69
N LEU A 1256 34.48 -40.79 47.64
CA LEU A 1256 33.67 -40.35 48.76
C LEU A 1256 33.23 -41.59 49.51
N LYS A 1257 33.49 -41.61 50.83
CA LYS A 1257 33.15 -42.75 51.66
C LYS A 1257 32.18 -42.34 52.76
N GLY A 1258 31.30 -43.29 53.14
CA GLY A 1258 30.39 -43.15 54.27
C GLY A 1258 30.61 -44.19 55.39
N SER A 1259 30.36 -43.77 56.63
CA SER A 1259 30.54 -44.63 57.79
C SER A 1259 29.56 -44.27 58.89
N ASN A 1260 29.42 -45.21 59.84
CA ASN A 1260 28.58 -45.07 61.03
C ASN A 1260 29.38 -45.11 62.35
N ASP A 1261 30.68 -45.43 62.29
CA ASP A 1261 31.52 -45.62 63.47
C ASP A 1261 32.81 -44.81 63.35
N GLY A 1262 33.36 -44.73 62.13
CA GLY A 1262 34.61 -44.02 61.92
C GLY A 1262 35.78 -44.98 61.68
N LYS A 1263 35.54 -46.29 61.82
CA LYS A 1263 36.53 -47.33 61.60
C LYS A 1263 36.29 -47.99 60.25
N SER A 1264 35.02 -48.28 59.94
CA SER A 1264 34.60 -49.04 58.77
C SER A 1264 33.80 -48.20 57.75
N TRP A 1265 34.34 -48.07 56.51
CA TRP A 1265 33.90 -47.15 55.46
C TRP A 1265 33.36 -47.89 54.25
N SER A 1266 32.19 -47.45 53.75
CA SER A 1266 31.67 -47.81 52.44
C SER A 1266 32.04 -46.80 51.34
N VAL A 1267 32.34 -47.34 50.15
CA VAL A 1267 32.60 -46.55 48.94
C VAL A 1267 31.27 -46.05 48.36
N LEU A 1268 31.09 -44.72 48.36
CA LEU A 1268 29.85 -44.11 47.90
C LEU A 1268 29.97 -43.61 46.45
N ASP A 1269 31.10 -43.02 46.09
CA ASP A 1269 31.29 -42.46 44.76
C ASP A 1269 32.78 -42.41 44.44
N GLN A 1270 33.14 -42.73 43.18
CA GLN A 1270 34.50 -42.60 42.65
C GLN A 1270 34.53 -41.77 41.38
N ARG A 1271 35.46 -40.81 41.37
CA ARG A 1271 35.73 -39.98 40.21
C ARG A 1271 37.23 -40.02 39.86
N LYS A 1272 37.52 -40.11 38.55
CA LYS A 1272 38.88 -39.97 38.05
C LYS A 1272 38.98 -38.91 36.96
N ASN A 1273 40.11 -38.19 36.96
CA ASN A 1273 40.57 -37.37 35.85
C ASN A 1273 39.65 -36.16 35.65
N GLU A 1274 39.05 -35.70 36.76
CA GLU A 1274 38.21 -34.51 36.78
C GLU A 1274 39.07 -33.25 36.67
N THR A 1275 38.51 -32.18 36.13
CA THR A 1275 39.17 -30.87 36.05
C THR A 1275 38.16 -29.79 36.42
N PHE A 1276 38.70 -28.65 36.84
CA PHE A 1276 37.93 -27.45 37.10
C PHE A 1276 38.46 -26.32 36.25
N GLN A 1277 37.84 -26.12 35.08
CA GLN A 1277 38.30 -25.19 34.04
C GLN A 1277 38.24 -23.75 34.54
N TRP A 1278 37.45 -23.44 35.58
CA TRP A 1278 37.40 -22.09 36.10
C TRP A 1278 37.78 -22.06 37.58
N ARG A 1279 38.06 -20.85 38.10
CA ARG A 1279 38.31 -20.63 39.52
C ARG A 1279 36.98 -20.31 40.22
N GLN A 1280 36.90 -20.60 41.53
CA GLN A 1280 35.68 -20.49 42.33
C GLN A 1280 34.52 -21.06 41.53
N TYR A 1281 34.67 -22.32 41.12
CA TYR A 1281 33.74 -23.00 40.25
C TYR A 1281 33.24 -24.28 40.93
N THR A 1282 31.92 -24.40 41.05
CA THR A 1282 31.31 -25.47 41.80
C THR A 1282 30.86 -26.55 40.84
N ARG A 1283 31.19 -27.83 41.12
CA ARG A 1283 30.67 -28.93 40.32
C ARG A 1283 29.90 -29.90 41.21
N ALA A 1284 28.78 -30.43 40.69
CA ALA A 1284 27.94 -31.29 41.51
C ALA A 1284 27.96 -32.70 40.94
N PHE A 1285 28.02 -33.70 41.85
CA PHE A 1285 28.13 -35.11 41.50
C PHE A 1285 27.00 -35.88 42.20
N THR A 1286 26.32 -36.74 41.44
CA THR A 1286 25.30 -37.67 41.90
C THR A 1286 26.01 -38.91 42.45
N ILE A 1287 25.88 -39.15 43.77
CA ILE A 1287 26.51 -40.27 44.47
C ILE A 1287 26.03 -41.57 43.86
N GLN A 1288 26.96 -42.44 43.41
CA GLN A 1288 26.66 -43.67 42.71
C GLN A 1288 25.89 -44.65 43.60
N HIS A 1289 26.28 -44.75 44.87
CA HIS A 1289 25.64 -45.65 45.84
C HIS A 1289 25.35 -44.90 47.14
N PRO A 1290 24.27 -44.10 47.18
CA PRO A 1290 24.04 -43.23 48.33
C PRO A 1290 23.44 -44.07 49.47
N GLY A 1291 23.46 -43.50 50.67
CA GLY A 1291 22.77 -44.07 51.81
C GLY A 1291 22.81 -43.08 52.97
N LYS A 1292 22.52 -43.58 54.18
CA LYS A 1292 22.44 -42.76 55.39
C LYS A 1292 23.64 -43.05 56.29
N TYR A 1293 24.51 -42.06 56.51
CA TYR A 1293 25.73 -42.27 57.29
C TYR A 1293 25.92 -41.07 58.21
N SER A 1294 26.64 -41.26 59.32
CA SER A 1294 26.85 -40.16 60.25
C SER A 1294 28.20 -39.48 59.97
N GLN A 1295 29.05 -40.22 59.23
CA GLN A 1295 30.38 -39.74 58.89
C GLN A 1295 30.59 -39.85 57.38
N TYR A 1296 31.10 -38.74 56.81
CA TYR A 1296 31.43 -38.70 55.39
C TYR A 1296 32.92 -38.36 55.24
N LYS A 1297 33.58 -39.06 54.30
CA LYS A 1297 35.00 -38.85 54.04
C LYS A 1297 35.23 -38.63 52.55
N LEU A 1298 35.96 -37.56 52.25
CA LEU A 1298 36.47 -37.38 50.91
C LEU A 1298 37.96 -37.67 50.95
N GLU A 1299 38.31 -38.63 50.10
CA GLU A 1299 39.67 -39.14 50.01
C GLU A 1299 40.17 -38.80 48.60
N ILE A 1300 41.05 -37.80 48.52
CA ILE A 1300 41.59 -37.41 47.23
C ILE A 1300 42.71 -38.36 46.88
N THR A 1301 42.60 -39.07 45.75
CA THR A 1301 43.57 -40.08 45.36
C THR A 1301 44.62 -39.50 44.42
N GLU A 1302 44.33 -38.35 43.80
CA GLU A 1302 45.20 -37.72 42.81
C GLU A 1302 44.87 -36.22 42.71
N ASN A 1303 45.87 -35.36 42.54
CA ASN A 1303 45.60 -33.95 42.26
C ASN A 1303 46.14 -33.58 40.88
N ALA A 1304 46.09 -32.29 40.54
CA ALA A 1304 46.36 -31.82 39.19
C ALA A 1304 47.85 -31.44 39.04
N GLY A 1305 48.71 -31.94 39.93
CA GLY A 1305 50.14 -31.88 39.68
C GLY A 1305 50.99 -31.20 40.75
N ALA A 1306 50.42 -30.29 41.57
CA ALA A 1306 51.22 -29.47 42.49
C ALA A 1306 51.59 -30.26 43.74
N GLU A 1307 52.35 -29.60 44.63
CA GLU A 1307 52.84 -30.25 45.85
C GLU A 1307 51.78 -30.21 46.95
N VAL A 1308 50.74 -29.40 46.74
CA VAL A 1308 49.70 -29.10 47.70
C VAL A 1308 48.34 -29.33 47.04
N THR A 1309 47.25 -29.41 47.83
CA THR A 1309 45.90 -29.53 47.29
C THR A 1309 44.95 -28.53 47.95
N THR A 1310 44.23 -27.76 47.11
CA THR A 1310 43.47 -26.61 47.58
C THR A 1310 42.02 -26.74 47.09
N LEU A 1311 41.07 -26.46 48.00
CA LEU A 1311 39.63 -26.36 47.73
C LEU A 1311 39.07 -25.14 48.45
N ALA A 1312 37.90 -24.68 48.00
CA ALA A 1312 37.26 -23.50 48.57
C ALA A 1312 36.08 -23.94 49.42
N GLU A 1313 35.42 -24.99 48.94
CA GLU A 1313 34.18 -25.41 49.58
C GLU A 1313 33.79 -26.82 49.16
N LEU A 1314 33.18 -27.53 50.12
CA LEU A 1314 32.52 -28.80 49.88
C LEU A 1314 31.08 -28.67 50.33
N GLU A 1315 30.19 -29.50 49.77
CA GLU A 1315 28.82 -29.64 50.24
C GLU A 1315 28.36 -31.09 50.15
N LEU A 1316 27.51 -31.45 51.12
CA LEU A 1316 26.80 -32.72 51.14
C LEU A 1316 25.30 -32.43 50.99
N LEU A 1317 24.84 -32.63 49.75
CA LEU A 1317 23.49 -32.26 49.38
C LEU A 1317 22.61 -33.46 49.65
N GLY A 1318 21.65 -33.26 50.55
CA GLY A 1318 20.76 -34.35 50.94
C GLY A 1318 19.40 -33.81 51.40
N TYR A 1319 18.60 -34.72 51.93
CA TYR A 1319 17.26 -34.42 52.42
C TYR A 1319 17.20 -34.72 53.92
N ASP A 1320 16.40 -33.93 54.65
CA ASP A 1320 16.09 -34.17 56.05
C ASP A 1320 15.36 -35.50 56.25
N ASP A 1321 15.36 -35.97 57.49
CA ASP A 1321 14.74 -37.24 57.84
C ASP A 1321 13.21 -37.12 57.71
N VAL A 1322 12.61 -38.02 56.92
CA VAL A 1322 11.18 -37.96 56.72
C VAL A 1322 10.42 -38.13 58.04
N THR A 1323 11.05 -38.79 59.02
CA THR A 1323 10.48 -39.04 60.32
C THR A 1323 9.93 -37.74 60.89
N ASN A 1324 10.66 -36.63 60.74
CA ASN A 1324 10.25 -35.37 61.34
C ASN A 1324 8.93 -34.88 60.74
N SER A 1325 8.65 -35.30 59.51
CA SER A 1325 7.42 -34.94 58.85
C SER A 1325 6.23 -35.74 59.42
N TYR A 1326 6.38 -37.07 59.47
CA TYR A 1326 5.41 -37.90 60.19
C TYR A 1326 5.06 -37.26 61.52
N GLN A 1327 6.08 -36.81 62.26
CA GLN A 1327 5.88 -36.23 63.58
C GLN A 1327 4.95 -35.02 63.48
N ALA A 1328 5.19 -34.19 62.47
CA ALA A 1328 4.41 -32.96 62.36
C ALA A 1328 2.95 -33.31 62.08
N VAL A 1329 2.70 -34.49 61.50
CA VAL A 1329 1.34 -34.85 61.16
C VAL A 1329 0.62 -35.35 62.42
N TYR A 1330 1.33 -36.13 63.26
CA TYR A 1330 0.77 -36.54 64.54
C TYR A 1330 0.38 -35.28 65.31
N GLU A 1331 1.29 -34.29 65.31
CA GLU A 1331 1.07 -33.05 66.05
C GLU A 1331 -0.26 -32.42 65.62
N LEU A 1332 -0.44 -32.31 64.30
CA LEU A 1332 -1.62 -31.72 63.69
C LEU A 1332 -2.84 -32.58 63.98
N MET A 1333 -2.70 -33.90 63.85
CA MET A 1333 -3.84 -34.74 64.16
C MET A 1333 -4.29 -34.50 65.60
N GLU A 1334 -3.34 -34.28 66.52
CA GLU A 1334 -3.71 -34.00 67.90
C GLU A 1334 -4.44 -32.66 68.02
N GLN A 1335 -3.97 -31.64 67.32
CA GLN A 1335 -4.67 -30.38 67.34
C GLN A 1335 -6.14 -30.55 66.89
N PHE A 1336 -6.40 -31.44 65.93
CA PHE A 1336 -7.76 -31.63 65.42
C PHE A 1336 -8.61 -32.46 66.38
N LYS A 1337 -8.01 -33.45 67.07
CA LYS A 1337 -8.75 -34.22 68.06
C LYS A 1337 -9.20 -33.28 69.18
N GLN A 1338 -8.38 -32.30 69.53
CA GLN A 1338 -8.67 -31.43 70.67
C GLN A 1338 -9.74 -30.43 70.29
N SER A 1339 -9.80 -30.07 69.00
CA SER A 1339 -10.82 -29.14 68.54
C SER A 1339 -12.08 -29.89 68.07
N LYS A 1340 -11.99 -31.22 68.00
CA LYS A 1340 -13.10 -32.07 67.58
C LYS A 1340 -13.32 -31.94 66.07
N ASP A 1341 -12.25 -31.67 65.33
CA ASP A 1341 -12.28 -31.69 63.88
C ASP A 1341 -12.06 -33.13 63.41
N LEU A 1342 -11.66 -34.02 64.35
CA LEU A 1342 -11.26 -35.39 64.02
C LEU A 1342 -11.49 -36.26 65.27
N THR A 1343 -12.42 -37.23 65.16
CA THR A 1343 -12.87 -37.99 66.31
C THR A 1343 -13.09 -39.46 65.96
N GLY A 1344 -13.40 -40.23 67.02
CA GLY A 1344 -14.00 -41.54 66.92
C GLY A 1344 -13.14 -42.48 66.08
N PRO A 1345 -13.75 -43.43 65.32
CA PRO A 1345 -12.98 -44.37 64.49
C PRO A 1345 -12.07 -43.73 63.43
N MET A 1346 -12.35 -42.48 63.03
CA MET A 1346 -11.49 -41.87 62.02
C MET A 1346 -10.14 -41.57 62.68
N ALA A 1347 -10.18 -40.96 63.87
CA ALA A 1347 -8.96 -40.71 64.61
C ALA A 1347 -8.12 -41.99 64.76
N VAL A 1348 -8.79 -43.10 65.08
CA VAL A 1348 -8.11 -44.33 65.43
C VAL A 1348 -7.49 -44.93 64.18
N GLN A 1349 -8.24 -44.97 63.07
CA GLN A 1349 -7.78 -45.62 61.84
C GLN A 1349 -6.61 -44.83 61.28
N LEU A 1350 -6.75 -43.49 61.26
CA LEU A 1350 -5.65 -42.65 60.80
C LEU A 1350 -4.39 -42.92 61.66
N ASN A 1351 -4.55 -42.88 62.98
CA ASN A 1351 -3.44 -43.13 63.88
C ASN A 1351 -2.75 -44.45 63.55
N ASN A 1352 -3.53 -45.52 63.38
CA ASN A 1352 -3.01 -46.86 63.18
C ASN A 1352 -2.20 -46.93 61.89
N SER A 1353 -2.81 -46.48 60.76
CA SER A 1353 -2.19 -46.54 59.45
C SER A 1353 -0.93 -45.69 59.40
N LEU A 1354 -0.94 -44.52 60.04
CA LEU A 1354 0.23 -43.66 60.00
C LEU A 1354 1.36 -44.36 60.75
N THR A 1355 1.03 -44.98 61.90
CA THR A 1355 2.00 -45.64 62.75
C THR A 1355 2.58 -46.85 62.03
N THR A 1356 1.74 -47.68 61.39
CA THR A 1356 2.18 -48.83 60.60
C THR A 1356 3.11 -48.38 59.46
N SER A 1357 2.77 -47.25 58.83
CA SER A 1357 3.61 -46.67 57.79
C SER A 1357 4.97 -46.27 58.37
N LEU A 1358 4.93 -45.53 59.50
CA LEU A 1358 6.15 -45.03 60.13
C LEU A 1358 7.07 -46.21 60.44
N ASP A 1359 6.49 -47.29 60.96
CA ASP A 1359 7.23 -48.47 61.40
C ASP A 1359 7.94 -49.08 60.20
N HIS A 1360 7.20 -49.21 59.07
CA HIS A 1360 7.81 -49.70 57.85
C HIS A 1360 8.93 -48.78 57.37
N PHE A 1361 8.75 -47.46 57.47
CA PHE A 1361 9.80 -46.56 57.02
C PHE A 1361 11.07 -46.80 57.82
N LYS A 1362 10.96 -46.91 59.14
CA LYS A 1362 12.14 -47.05 59.99
C LYS A 1362 12.86 -48.40 59.73
N LYS A 1363 12.18 -49.38 59.13
CA LYS A 1363 12.81 -50.65 58.76
C LYS A 1363 13.23 -50.66 57.29
N ASP A 1364 13.32 -49.47 56.67
CA ASP A 1364 13.73 -49.31 55.27
C ASP A 1364 12.81 -50.13 54.35
N HIS A 1365 11.51 -50.14 54.66
CA HIS A 1365 10.53 -50.77 53.78
C HIS A 1365 9.73 -49.69 53.04
N LYS A 1366 10.31 -49.10 51.99
CA LYS A 1366 9.76 -47.88 51.42
C LYS A 1366 8.39 -48.12 50.77
N ASP A 1367 8.26 -49.19 49.99
CA ASP A 1367 7.01 -49.50 49.30
C ASP A 1367 5.86 -49.73 50.28
N GLN A 1368 6.15 -50.29 51.45
CA GLN A 1368 5.12 -50.60 52.42
C GLN A 1368 4.74 -49.35 53.21
N ALA A 1369 5.72 -48.46 53.43
CA ALA A 1369 5.40 -47.20 54.09
C ALA A 1369 4.40 -46.41 53.25
N ILE A 1370 4.58 -46.47 51.93
CA ILE A 1370 3.71 -45.74 51.00
C ILE A 1370 2.34 -46.41 50.99
N LYS A 1371 2.31 -47.75 50.91
CA LYS A 1371 1.04 -48.45 50.82
C LYS A 1371 0.14 -48.14 52.02
N HIS A 1372 0.75 -47.97 53.21
CA HIS A 1372 -0.03 -47.71 54.42
C HIS A 1372 -0.54 -46.27 54.38
N LEU A 1373 0.21 -45.39 53.72
CA LEU A 1373 -0.22 -44.00 53.63
C LEU A 1373 -1.37 -43.88 52.64
N GLU A 1374 -1.38 -44.76 51.63
CA GLU A 1374 -2.52 -44.87 50.74
C GLU A 1374 -3.77 -45.35 51.48
N ASP A 1375 -3.57 -46.15 52.54
CA ASP A 1375 -4.68 -46.60 53.38
C ASP A 1375 -5.21 -45.40 54.16
N PHE A 1376 -4.27 -44.62 54.68
CA PHE A 1376 -4.58 -43.40 55.41
C PHE A 1376 -5.53 -42.53 54.58
N LEU A 1377 -5.20 -42.36 53.29
CA LEU A 1377 -6.01 -41.60 52.33
C LEU A 1377 -7.36 -42.24 52.09
N LYS A 1378 -7.41 -43.58 51.96
CA LYS A 1378 -8.69 -44.31 51.82
C LYS A 1378 -9.59 -44.04 53.03
N HIS A 1379 -9.03 -44.05 54.25
CA HIS A 1379 -9.77 -43.69 55.45
C HIS A 1379 -10.38 -42.30 55.32
N LEU A 1380 -9.56 -41.30 54.98
CA LEU A 1380 -10.05 -39.94 54.85
C LEU A 1380 -11.26 -39.85 53.94
N ASN A 1381 -11.31 -40.70 52.91
CA ASN A 1381 -12.37 -40.70 51.88
C ASN A 1381 -13.38 -41.82 52.11
N ASN A 1382 -13.38 -42.43 53.30
CA ASN A 1382 -14.37 -43.44 53.61
C ASN A 1382 -15.71 -42.77 53.85
N LYS A 1383 -16.74 -43.22 53.11
CA LYS A 1383 -18.04 -42.58 53.16
C LYS A 1383 -18.67 -42.73 54.53
N GLY A 1384 -18.39 -43.88 55.17
CA GLY A 1384 -18.94 -44.20 56.49
C GLY A 1384 -18.39 -43.33 57.62
N LEU A 1385 -17.40 -42.45 57.34
CA LEU A 1385 -16.65 -41.83 58.43
C LEU A 1385 -16.63 -40.30 58.31
N GLN A 1386 -17.43 -39.72 57.39
CA GLN A 1386 -17.37 -38.29 57.08
C GLN A 1386 -17.95 -37.41 58.19
N ASP A 1387 -18.74 -38.04 59.07
CA ASP A 1387 -19.30 -37.37 60.24
C ASP A 1387 -18.28 -37.37 61.38
N ARG A 1388 -17.06 -37.85 61.08
CA ARG A 1388 -15.97 -37.94 62.05
C ARG A 1388 -14.78 -37.07 61.62
N ILE A 1389 -14.94 -36.24 60.58
CA ILE A 1389 -13.87 -35.34 60.19
C ILE A 1389 -14.45 -34.09 59.54
N SER A 1390 -13.89 -32.93 59.85
CA SER A 1390 -14.27 -31.68 59.19
C SER A 1390 -13.61 -31.60 57.82
N SER A 1391 -14.19 -30.78 56.94
CA SER A 1391 -13.61 -30.58 55.61
C SER A 1391 -12.21 -29.98 55.72
N LYS A 1392 -12.04 -28.98 56.60
CA LYS A 1392 -10.72 -28.41 56.89
C LYS A 1392 -9.71 -29.52 57.19
N ALA A 1393 -10.08 -30.45 58.08
CA ALA A 1393 -9.14 -31.46 58.52
C ALA A 1393 -8.88 -32.47 57.42
N LYS A 1394 -9.95 -32.87 56.71
CA LYS A 1394 -9.82 -33.84 55.64
C LYS A 1394 -8.87 -33.30 54.57
N GLY A 1395 -9.05 -32.01 54.25
CA GLY A 1395 -8.28 -31.33 53.22
C GLY A 1395 -6.77 -31.38 53.49
N VAL A 1396 -6.35 -30.86 54.66
CA VAL A 1396 -4.94 -30.74 54.98
C VAL A 1396 -4.34 -32.13 55.20
N LEU A 1397 -5.08 -33.05 55.84
CA LEU A 1397 -4.53 -34.38 56.10
C LEU A 1397 -4.30 -35.13 54.79
N SER A 1398 -5.20 -34.95 53.81
CA SER A 1398 -5.01 -35.53 52.48
C SER A 1398 -3.69 -35.03 51.90
N ALA A 1399 -3.56 -33.72 51.88
CA ALA A 1399 -2.41 -33.09 51.27
C ALA A 1399 -1.14 -33.58 51.98
N ASP A 1400 -1.23 -33.70 53.31
CA ASP A 1400 -0.06 -34.11 54.10
C ASP A 1400 0.34 -35.53 53.75
N ALA A 1401 -0.66 -36.39 53.56
CA ALA A 1401 -0.39 -37.80 53.31
C ALA A 1401 0.32 -37.91 51.96
N ASN A 1402 -0.17 -37.14 50.98
CA ASN A 1402 0.39 -37.17 49.65
C ASN A 1402 1.79 -36.56 49.65
N GLN A 1403 1.99 -35.50 50.45
CA GLN A 1403 3.30 -34.90 50.58
C GLN A 1403 4.29 -35.91 51.15
N LEU A 1404 3.82 -36.73 52.12
CA LEU A 1404 4.65 -37.74 52.75
C LEU A 1404 5.09 -38.75 51.69
N ILE A 1405 4.13 -39.21 50.87
CA ILE A 1405 4.44 -40.14 49.79
C ILE A 1405 5.55 -39.57 48.91
N VAL A 1406 5.44 -38.28 48.57
CA VAL A 1406 6.45 -37.63 47.77
C VAL A 1406 7.80 -37.63 48.50
N LEU A 1407 7.80 -37.22 49.78
CA LEU A 1407 9.01 -37.30 50.60
C LEU A 1407 9.60 -38.72 50.63
N LEU A 1408 8.72 -39.73 50.63
CA LEU A 1408 9.15 -41.13 50.70
C LEU A 1408 9.79 -41.54 49.38
N ALA A 1409 9.14 -41.17 48.27
CA ALA A 1409 9.52 -41.62 46.93
C ALA A 1409 10.94 -41.15 46.58
N ARG A 1410 11.39 -40.06 47.21
CA ARG A 1410 12.63 -39.44 46.79
C ARG A 1410 13.73 -39.83 47.78
N ASP A 1411 13.31 -40.41 48.92
CA ASP A 1411 14.23 -40.77 50.00
C ASP A 1411 15.18 -41.88 49.55
N SER B 41 -24.77 45.32 -62.59
CA SER B 41 -25.49 44.49 -61.52
C SER B 41 -24.49 43.59 -60.76
N LYS B 42 -24.33 43.86 -59.45
CA LYS B 42 -23.30 43.27 -58.60
C LYS B 42 -23.78 41.88 -58.12
N THR B 43 -22.93 40.85 -58.30
CA THR B 43 -23.28 39.45 -57.98
C THR B 43 -22.39 38.80 -56.88
N ASP B 44 -21.48 39.56 -56.25
CA ASP B 44 -20.45 39.03 -55.38
C ASP B 44 -20.36 39.91 -54.12
N PHE B 45 -20.09 39.30 -52.96
CA PHE B 45 -19.82 40.03 -51.73
C PHE B 45 -18.78 39.26 -50.96
N PHE B 46 -17.95 39.96 -50.19
CA PHE B 46 -17.01 39.30 -49.30
C PHE B 46 -16.81 40.17 -48.07
N SER B 47 -16.80 39.57 -46.88
CA SER B 47 -16.33 40.29 -45.69
C SER B 47 -15.68 39.35 -44.67
N SER B 48 -14.55 39.81 -44.14
CA SER B 48 -13.77 39.13 -43.13
C SER B 48 -13.82 39.92 -41.83
N PHE B 49 -14.62 40.99 -41.83
CA PHE B 49 -14.82 41.79 -40.63
C PHE B 49 -13.52 42.42 -40.16
N GLU B 50 -12.58 42.71 -41.09
CA GLU B 50 -11.25 43.26 -40.78
C GLU B 50 -11.37 44.79 -40.84
N LYS B 51 -10.31 45.51 -40.43
CA LYS B 51 -10.30 46.97 -40.46
C LYS B 51 -10.48 47.49 -41.87
N SER B 52 -9.99 46.75 -42.87
CA SER B 52 -10.02 47.20 -44.25
C SER B 52 -11.29 46.75 -44.98
N ASP B 53 -12.19 46.03 -44.29
CA ASP B 53 -13.47 45.62 -44.82
C ASP B 53 -14.53 46.67 -44.48
N LEU B 54 -15.72 46.56 -45.08
CA LEU B 54 -16.83 47.45 -44.77
C LEU B 54 -17.24 47.13 -43.36
N GLN B 55 -17.29 48.17 -42.53
CA GLN B 55 -17.88 48.12 -41.19
C GLN B 55 -19.36 47.74 -41.34
N LEU B 56 -19.94 47.19 -40.27
CA LEU B 56 -21.34 46.78 -40.28
C LEU B 56 -22.19 48.02 -40.56
N THR B 57 -23.21 47.86 -41.42
CA THR B 57 -24.20 48.91 -41.52
C THR B 57 -24.87 49.06 -40.15
N TRP B 58 -25.11 47.94 -39.43
CA TRP B 58 -25.73 48.00 -38.11
C TRP B 58 -25.07 47.05 -37.12
N THR B 59 -24.94 47.52 -35.87
CA THR B 59 -24.43 46.74 -34.76
C THR B 59 -25.60 46.36 -33.83
N ASN B 60 -25.68 45.10 -33.39
CA ASN B 60 -26.62 44.68 -32.35
C ASN B 60 -28.05 45.14 -32.66
N THR B 61 -28.46 45.01 -33.94
CA THR B 61 -29.74 45.53 -34.41
C THR B 61 -30.60 44.41 -34.98
N VAL B 62 -31.90 44.45 -34.64
CA VAL B 62 -32.83 43.38 -35.02
C VAL B 62 -33.56 43.83 -36.31
N GLU B 63 -33.64 42.91 -37.28
CA GLU B 63 -34.43 43.08 -38.49
C GLU B 63 -35.86 43.37 -38.04
N THR B 64 -36.56 44.26 -38.79
CA THR B 64 -37.99 44.48 -38.57
C THR B 64 -38.74 43.95 -39.79
N ASP B 65 -39.99 43.47 -39.56
CA ASP B 65 -40.83 42.76 -40.54
C ASP B 65 -41.60 43.75 -41.41
N ALA B 66 -42.57 43.24 -42.17
CA ALA B 66 -43.69 44.01 -42.73
C ALA B 66 -44.10 45.24 -41.90
N ASN B 67 -44.31 45.11 -40.57
CA ASN B 67 -45.06 46.10 -39.82
C ASN B 67 -44.21 47.01 -38.94
N GLY B 68 -42.88 46.85 -38.96
CA GLY B 68 -42.02 47.61 -38.06
C GLY B 68 -41.81 46.89 -36.74
N LYS B 69 -42.19 45.60 -36.71
CA LYS B 69 -42.05 44.74 -35.55
C LYS B 69 -40.70 44.02 -35.58
N LYS B 70 -39.92 44.13 -34.50
CA LYS B 70 -38.67 43.41 -34.38
C LYS B 70 -38.89 41.92 -34.61
N MET B 71 -37.99 41.25 -35.35
CA MET B 71 -38.06 39.81 -35.47
C MET B 71 -37.23 39.16 -34.37
N SER B 72 -37.67 39.38 -33.12
CA SER B 72 -37.06 38.71 -31.97
C SER B 72 -38.08 38.43 -30.88
N SER B 73 -37.80 37.38 -30.10
CA SER B 73 -38.68 36.98 -29.02
C SER B 73 -37.86 36.19 -28.01
N GLY B 74 -37.87 36.65 -26.74
CA GLY B 74 -37.32 35.89 -25.65
C GLY B 74 -35.79 35.86 -25.61
N ILE B 75 -35.14 36.82 -26.27
CA ILE B 75 -33.69 36.92 -26.14
C ILE B 75 -33.32 38.10 -25.24
N ASP B 76 -32.28 37.92 -24.41
CA ASP B 76 -31.64 39.03 -23.75
C ASP B 76 -30.18 39.02 -24.16
N GLY B 77 -29.74 40.09 -24.80
CA GLY B 77 -28.37 40.13 -25.30
C GLY B 77 -27.39 40.76 -24.33
N ASN B 78 -27.87 41.32 -23.21
CA ASN B 78 -27.01 41.98 -22.22
C ASN B 78 -26.01 40.98 -21.64
N VAL B 79 -24.79 41.43 -21.31
CA VAL B 79 -23.66 40.58 -20.96
C VAL B 79 -23.90 39.83 -19.64
N ALA B 227 -31.05 44.56 -12.10
CA ALA B 227 -31.01 43.87 -13.41
C ALA B 227 -31.64 44.77 -14.49
N PRO B 228 -30.85 45.40 -15.41
CA PRO B 228 -31.42 46.21 -16.52
C PRO B 228 -32.48 45.47 -17.34
N PRO B 229 -33.42 46.19 -18.03
CA PRO B 229 -34.36 45.56 -18.96
C PRO B 229 -33.66 44.90 -20.16
N PRO B 230 -34.23 43.82 -20.74
CA PRO B 230 -33.46 43.02 -21.72
C PRO B 230 -33.03 43.78 -22.98
N GLY B 231 -31.79 43.59 -23.44
CA GLY B 231 -31.35 44.20 -24.69
C GLY B 231 -31.38 43.20 -25.85
N ASP B 232 -31.08 43.66 -27.05
CA ASP B 232 -31.16 42.83 -28.26
C ASP B 232 -29.97 41.87 -28.31
N MET B 233 -30.14 40.74 -29.00
CA MET B 233 -29.04 39.83 -29.31
C MET B 233 -27.82 40.64 -29.79
N LYS B 234 -26.60 40.28 -29.34
CA LYS B 234 -25.39 40.93 -29.80
C LYS B 234 -25.02 40.39 -31.18
N SER B 235 -24.62 41.32 -32.07
CA SER B 235 -24.04 41.06 -33.37
C SER B 235 -23.09 42.22 -33.69
N LEU B 236 -21.80 42.05 -33.41
CA LEU B 236 -20.87 43.14 -33.59
C LEU B 236 -19.53 42.58 -34.04
N ILE B 237 -18.72 43.45 -34.66
CA ILE B 237 -17.41 43.09 -35.12
C ILE B 237 -16.53 42.98 -33.88
N GLY B 238 -15.85 41.85 -33.72
CA GLY B 238 -14.96 41.65 -32.57
C GLY B 238 -13.71 40.89 -33.00
N LYS B 239 -13.07 40.24 -32.03
CA LYS B 239 -11.79 39.59 -32.26
C LYS B 239 -11.95 38.09 -32.50
N GLY B 240 -13.19 37.58 -32.42
CA GLY B 240 -13.42 36.17 -32.75
C GLY B 240 -13.62 35.32 -31.50
N PRO B 241 -13.41 33.99 -31.59
CA PRO B 241 -13.65 33.07 -30.46
C PRO B 241 -12.96 33.47 -29.16
N THR B 242 -13.72 33.52 -28.06
CA THR B 242 -13.13 33.71 -26.74
C THR B 242 -12.62 32.36 -26.21
N SER B 243 -13.21 31.24 -26.67
CA SER B 243 -12.63 29.95 -26.39
C SER B 243 -12.77 29.00 -27.56
N SER B 244 -11.84 28.06 -27.67
CA SER B 244 -11.83 27.12 -28.78
C SER B 244 -10.95 25.96 -28.37
N TYR B 245 -11.36 24.73 -28.67
CA TYR B 245 -10.50 23.57 -28.43
C TYR B 245 -9.28 23.56 -29.35
N THR B 246 -9.43 23.92 -30.64
CA THR B 246 -8.42 23.54 -31.62
C THR B 246 -7.90 24.74 -32.42
N ALA B 247 -8.47 25.94 -32.22
CA ALA B 247 -8.05 27.08 -33.02
C ALA B 247 -7.35 28.16 -32.19
N LYS B 248 -6.63 29.08 -32.83
CA LYS B 248 -6.13 30.22 -32.07
C LYS B 248 -7.29 31.12 -31.62
N THR B 249 -7.32 31.49 -30.32
CA THR B 249 -8.42 32.31 -29.84
C THR B 249 -8.15 33.80 -30.10
N ASN B 250 -9.22 34.60 -30.12
CA ASN B 250 -9.13 36.06 -30.21
C ASN B 250 -8.57 36.51 -31.56
N VAL B 251 -8.67 35.63 -32.57
CA VAL B 251 -8.44 35.97 -33.96
C VAL B 251 -9.61 35.37 -34.75
N GLY B 252 -9.73 35.75 -36.02
CA GLY B 252 -10.79 35.20 -36.85
C GLY B 252 -10.38 33.86 -37.42
N TRP B 253 -11.21 33.32 -38.31
CA TRP B 253 -10.80 32.20 -39.14
C TRP B 253 -9.65 32.64 -40.05
N THR B 254 -9.80 33.82 -40.68
CA THR B 254 -8.70 34.55 -41.31
C THR B 254 -8.69 35.97 -40.78
N GLY B 255 -7.46 36.52 -40.61
CA GLY B 255 -7.26 37.88 -40.13
C GLY B 255 -7.56 38.02 -38.63
N LEU B 256 -7.70 39.26 -38.17
CA LEU B 256 -7.77 39.55 -36.74
C LEU B 256 -9.21 39.88 -36.31
N GLY B 257 -10.15 39.87 -37.25
CA GLY B 257 -11.51 40.25 -36.93
C GLY B 257 -12.53 39.19 -37.36
N ALA B 258 -13.70 39.23 -36.73
CA ALA B 258 -14.78 38.30 -37.02
C ALA B 258 -16.07 38.92 -36.47
N LEU B 259 -17.20 38.32 -36.84
CA LEU B 259 -18.49 38.73 -36.29
C LEU B 259 -18.79 37.90 -35.05
N ASN B 260 -19.10 38.59 -33.95
CA ASN B 260 -19.37 37.95 -32.67
C ASN B 260 -20.85 38.08 -32.40
N TYR B 261 -21.45 36.99 -31.95
CA TYR B 261 -22.84 36.97 -31.54
C TYR B 261 -22.94 36.30 -30.16
N SER B 262 -23.96 36.70 -29.41
CA SER B 262 -24.13 36.16 -28.08
C SER B 262 -25.51 36.55 -27.59
N GLY B 263 -26.00 35.86 -26.54
CA GLY B 263 -27.19 36.26 -25.82
C GLY B 263 -27.68 35.17 -24.89
N THR B 264 -28.75 35.49 -24.15
CA THR B 264 -29.43 34.59 -23.26
C THR B 264 -30.80 34.23 -23.82
N HIS B 265 -31.08 32.94 -23.91
CA HIS B 265 -32.37 32.40 -24.36
C HIS B 265 -33.24 32.23 -23.12
N LEU B 266 -34.16 33.18 -22.91
CA LEU B 266 -34.89 33.24 -21.66
C LEU B 266 -36.02 32.21 -21.61
N SER B 267 -36.63 31.91 -22.76
CA SER B 267 -37.89 31.18 -22.76
C SER B 267 -37.68 29.69 -22.53
N ASP B 268 -38.73 29.05 -21.99
CA ASP B 268 -38.84 27.60 -21.89
C ASP B 268 -39.01 26.99 -23.29
N GLY B 269 -39.74 27.73 -24.15
CA GLY B 269 -39.99 27.32 -25.52
C GLY B 269 -39.12 28.11 -26.50
N ARG B 270 -39.70 28.46 -27.65
CA ARG B 270 -38.90 29.00 -28.73
C ARG B 270 -38.47 30.43 -28.41
N ALA B 271 -37.22 30.73 -28.80
CA ALA B 271 -36.67 32.08 -28.74
C ALA B 271 -35.83 32.26 -29.99
N TYR B 272 -35.79 33.49 -30.47
CA TYR B 272 -35.12 33.75 -31.72
C TYR B 272 -34.77 35.23 -31.80
N SER B 273 -33.85 35.56 -32.70
CA SER B 273 -33.59 36.92 -33.09
C SER B 273 -32.90 36.88 -34.45
N TYR B 274 -33.44 37.64 -35.42
CA TYR B 274 -32.87 37.82 -36.74
C TYR B 274 -32.27 39.21 -36.80
N ASN B 275 -30.93 39.28 -36.89
CA ASN B 275 -30.26 40.56 -36.77
C ASN B 275 -29.68 40.93 -38.12
N LYS B 276 -29.80 42.22 -38.48
CA LYS B 276 -29.30 42.71 -39.76
C LYS B 276 -27.88 43.28 -39.59
N LEU B 277 -27.00 42.96 -40.56
CA LEU B 277 -25.59 43.28 -40.48
C LEU B 277 -25.17 44.30 -41.53
N TYR B 278 -25.49 44.04 -42.80
CA TYR B 278 -25.01 44.81 -43.93
C TYR B 278 -26.17 45.09 -44.89
N ASP B 279 -26.20 46.33 -45.40
CA ASP B 279 -27.03 46.76 -46.52
C ASP B 279 -26.31 46.48 -47.82
N VAL B 280 -26.93 45.69 -48.69
CA VAL B 280 -26.25 45.39 -49.94
C VAL B 280 -27.27 45.46 -51.07
N ASP B 281 -26.80 45.20 -52.29
CA ASP B 281 -27.62 45.13 -53.49
C ASP B 281 -27.00 44.07 -54.41
N ILE B 282 -27.38 42.80 -54.23
CA ILE B 282 -26.68 41.70 -54.86
C ILE B 282 -27.65 40.80 -55.63
N LEU B 283 -27.32 40.57 -56.91
CA LEU B 283 -28.19 39.77 -57.74
C LEU B 283 -27.78 38.31 -57.54
N VAL B 284 -28.78 37.43 -57.32
CA VAL B 284 -28.47 36.02 -57.18
C VAL B 284 -28.56 35.39 -58.55
N THR B 285 -27.59 34.56 -58.90
CA THR B 285 -27.61 33.83 -60.15
C THR B 285 -27.87 32.37 -59.86
N PRO B 286 -28.19 31.53 -60.88
CA PRO B 286 -28.41 30.11 -60.63
C PRO B 286 -27.23 29.42 -59.96
N ALA B 287 -26.03 29.99 -60.09
CA ALA B 287 -24.84 29.32 -59.57
C ALA B 287 -24.40 29.84 -58.19
N THR B 288 -25.07 30.89 -57.66
CA THR B 288 -24.64 31.60 -56.47
C THR B 288 -24.45 30.68 -55.27
N GLU B 289 -23.24 30.76 -54.68
CA GLU B 289 -22.88 30.12 -53.42
C GLU B 289 -22.80 31.16 -52.32
N LEU B 290 -23.42 30.84 -51.17
CA LEU B 290 -23.23 31.54 -49.91
C LEU B 290 -22.37 30.65 -49.04
N SER B 291 -21.25 31.18 -48.55
CA SER B 291 -20.41 30.42 -47.65
C SER B 291 -19.93 31.28 -46.48
N TYR B 292 -19.57 30.58 -45.40
CA TYR B 292 -19.10 31.22 -44.17
C TYR B 292 -18.47 30.18 -43.25
N PHE B 293 -17.80 30.67 -42.19
CA PHE B 293 -17.20 29.83 -41.16
C PHE B 293 -17.85 30.22 -39.85
N ILE B 294 -18.28 29.22 -39.08
CA ILE B 294 -18.94 29.50 -37.83
C ILE B 294 -18.26 28.70 -36.73
N ALA B 295 -18.00 29.41 -35.61
CA ALA B 295 -17.41 28.77 -34.44
C ALA B 295 -18.36 29.02 -33.26
N PRO B 296 -19.34 28.11 -33.06
CA PRO B 296 -20.23 28.19 -31.88
C PRO B 296 -19.41 27.90 -30.63
N GLU B 297 -19.81 28.46 -29.48
CA GLU B 297 -19.07 28.22 -28.24
C GLU B 297 -20.02 27.69 -27.17
N PHE B 298 -19.48 26.91 -26.23
CA PHE B 298 -20.19 26.49 -25.03
C PHE B 298 -20.13 27.61 -24.00
N THR B 299 -21.29 28.03 -23.45
CA THR B 299 -21.29 29.11 -22.48
C THR B 299 -21.36 28.57 -21.05
N ASP B 300 -21.69 27.27 -20.89
CA ASP B 300 -21.92 26.63 -19.59
C ASP B 300 -20.61 26.01 -19.11
N LYS B 301 -20.42 25.97 -17.77
CA LYS B 301 -19.26 25.28 -17.18
C LYS B 301 -19.16 23.84 -17.72
N ASN B 302 -20.30 23.14 -17.89
CA ASN B 302 -20.35 21.72 -18.18
C ASN B 302 -20.13 21.35 -19.66
N HIS B 303 -20.07 22.34 -20.57
CA HIS B 303 -19.96 22.07 -22.01
C HIS B 303 -21.05 21.12 -22.50
N ASN B 304 -22.29 21.43 -22.12
CA ASN B 304 -23.44 20.61 -22.52
C ASN B 304 -24.56 21.45 -23.15
N ASP B 305 -24.45 22.79 -23.20
CA ASP B 305 -25.48 23.62 -23.80
C ASP B 305 -25.09 23.91 -25.24
N TYR B 306 -25.81 23.30 -26.21
CA TYR B 306 -25.45 23.37 -27.61
C TYR B 306 -26.18 24.52 -28.35
N SER B 307 -26.83 25.42 -27.58
CA SER B 307 -27.64 26.53 -28.10
C SER B 307 -26.90 27.28 -29.20
N SER B 308 -25.58 27.44 -29.04
CA SER B 308 -24.84 28.26 -29.98
C SER B 308 -24.89 27.66 -31.39
N THR B 309 -25.34 26.41 -31.56
CA THR B 309 -25.38 25.88 -32.93
C THR B 309 -26.67 26.24 -33.67
N TYR B 310 -27.57 27.01 -33.04
CA TYR B 310 -28.86 27.29 -33.63
C TYR B 310 -28.79 28.66 -34.33
N VAL B 311 -27.84 28.78 -35.29
CA VAL B 311 -27.47 30.05 -35.89
C VAL B 311 -27.16 29.77 -37.36
N SER B 312 -27.51 30.74 -38.21
CA SER B 312 -26.99 30.74 -39.57
C SER B 312 -26.88 32.18 -40.08
N VAL B 313 -26.24 32.30 -41.23
CA VAL B 313 -26.36 33.50 -42.02
C VAL B 313 -27.68 33.46 -42.77
N ASP B 314 -28.34 34.63 -42.86
CA ASP B 314 -29.66 34.75 -43.45
C ASP B 314 -29.61 35.96 -44.40
N LEU B 315 -30.53 36.00 -45.37
CA LEU B 315 -30.55 37.09 -46.34
C LEU B 315 -31.97 37.65 -46.38
N ALA B 316 -32.13 38.98 -46.45
CA ALA B 316 -33.40 39.62 -46.78
C ALA B 316 -33.41 39.97 -48.26
N PHE B 317 -34.38 39.44 -49.00
CA PHE B 317 -34.52 39.78 -50.41
C PHE B 317 -35.39 41.02 -50.61
N SER B 318 -35.28 41.61 -51.80
CA SER B 318 -36.02 42.81 -52.20
C SER B 318 -37.54 42.59 -52.18
N ASP B 319 -38.01 41.35 -52.33
CA ASP B 319 -39.44 41.08 -52.35
C ASP B 319 -40.03 40.90 -50.95
N GLY B 320 -39.28 41.20 -49.87
CA GLY B 320 -39.76 41.07 -48.48
C GLY B 320 -39.63 39.66 -47.87
N THR B 321 -39.05 38.72 -48.62
CA THR B 321 -38.84 37.34 -48.20
C THR B 321 -37.37 37.13 -47.80
N TYR B 322 -37.11 35.99 -47.13
CA TYR B 322 -35.84 35.66 -46.48
C TYR B 322 -35.32 34.32 -46.96
N LEU B 323 -34.00 34.12 -46.91
CA LEU B 323 -33.43 32.84 -47.34
C LEU B 323 -33.98 31.71 -46.46
N HIS B 324 -34.30 32.04 -45.22
CA HIS B 324 -34.77 31.04 -44.27
C HIS B 324 -36.14 30.48 -44.67
N ASP B 325 -36.83 31.08 -45.67
CA ASP B 325 -38.16 30.65 -46.09
C ASP B 325 -38.03 29.67 -47.25
N LEU B 326 -36.92 29.74 -48.00
CA LEU B 326 -36.62 28.88 -49.13
C LEU B 326 -35.94 27.61 -48.65
N LYS B 327 -35.92 26.57 -49.47
CA LYS B 327 -35.30 25.31 -49.06
C LYS B 327 -33.83 25.30 -49.49
N ALA B 328 -33.10 26.36 -49.12
CA ALA B 328 -31.66 26.33 -49.28
C ALA B 328 -31.11 25.25 -48.34
N VAL B 329 -29.98 24.66 -48.71
CA VAL B 329 -29.46 23.53 -47.98
C VAL B 329 -27.94 23.68 -47.93
N ASP B 330 -27.26 23.15 -46.91
CA ASP B 330 -25.80 23.22 -46.91
C ASP B 330 -25.20 22.03 -47.69
N GLN B 331 -23.88 21.81 -47.56
CA GLN B 331 -23.19 20.75 -48.31
C GLN B 331 -23.51 19.40 -47.70
N TYR B 332 -24.16 19.41 -46.53
CA TYR B 332 -24.58 18.18 -45.87
C TYR B 332 -26.06 17.88 -46.13
N GLY B 333 -26.79 18.78 -46.81
CA GLY B 333 -28.21 18.54 -47.08
C GLY B 333 -29.08 19.14 -45.98
N VAL B 334 -28.44 19.86 -45.04
CA VAL B 334 -29.20 20.36 -43.92
C VAL B 334 -29.74 21.71 -44.32
N GLY B 335 -31.01 21.96 -44.01
CA GLY B 335 -31.60 23.27 -44.25
C GLY B 335 -30.68 24.41 -43.81
N LEU B 336 -30.54 25.43 -44.68
CA LEU B 336 -29.80 26.62 -44.29
C LEU B 336 -30.72 27.60 -43.57
N ASN B 337 -31.09 27.23 -42.37
CA ASN B 337 -31.82 28.11 -41.48
C ASN B 337 -31.34 27.74 -40.07
N PRO B 338 -31.56 28.60 -39.06
CA PRO B 338 -31.00 28.34 -37.71
C PRO B 338 -31.48 27.04 -37.06
N LYS B 339 -32.79 26.76 -37.17
CA LYS B 339 -33.35 25.63 -36.46
C LYS B 339 -32.78 24.35 -37.03
N ASP B 340 -32.69 24.23 -38.36
CA ASP B 340 -32.18 23.00 -38.94
C ASP B 340 -30.67 22.86 -38.72
N GLN B 341 -29.95 24.01 -38.68
CA GLN B 341 -28.53 23.96 -38.37
C GLN B 341 -28.32 23.29 -37.00
N GLY B 342 -29.12 23.71 -36.00
CA GLY B 342 -29.00 23.23 -34.63
C GLY B 342 -29.53 21.82 -34.45
N ASP B 343 -30.60 21.46 -35.15
CA ASP B 343 -31.24 20.16 -34.95
C ASP B 343 -30.36 19.04 -35.48
N SER B 344 -29.64 19.32 -36.58
CA SER B 344 -29.01 18.26 -37.36
C SER B 344 -27.62 17.86 -36.85
N LYS B 345 -26.98 18.69 -36.03
CA LYS B 345 -25.82 18.26 -35.24
C LYS B 345 -24.59 18.14 -36.13
N TYR B 346 -24.49 18.95 -37.19
CA TYR B 346 -23.31 18.91 -38.03
C TYR B 346 -22.31 19.99 -37.58
N LEU B 347 -22.76 20.97 -36.79
CA LEU B 347 -21.87 22.00 -36.27
C LEU B 347 -21.21 21.52 -34.97
N TYR B 348 -19.88 21.49 -34.90
CA TYR B 348 -19.16 21.20 -33.66
C TYR B 348 -18.96 22.48 -32.85
N VAL B 349 -19.13 22.38 -31.53
CA VAL B 349 -18.93 23.54 -30.67
C VAL B 349 -17.48 23.69 -30.22
N ASN B 350 -17.06 24.93 -30.00
CA ASN B 350 -15.67 25.28 -29.72
C ASN B 350 -14.72 24.87 -30.86
N GLN B 351 -15.23 24.80 -32.09
CA GLN B 351 -14.42 24.54 -33.27
C GLN B 351 -14.98 25.40 -34.42
N TRP B 352 -14.14 25.65 -35.43
CA TRP B 352 -14.60 26.28 -36.64
C TRP B 352 -15.28 25.24 -37.50
N ASN B 353 -16.32 25.70 -38.22
CA ASN B 353 -17.08 24.87 -39.14
C ASN B 353 -17.22 25.63 -40.46
N THR B 354 -16.86 24.96 -41.57
CA THR B 354 -17.12 25.48 -42.91
C THR B 354 -18.55 25.15 -43.35
N ILE B 355 -19.29 26.16 -43.84
CA ILE B 355 -20.65 25.98 -44.36
C ILE B 355 -20.75 26.59 -45.77
N LYS B 356 -21.47 25.93 -46.68
CA LYS B 356 -21.52 26.26 -48.10
C LYS B 356 -22.91 25.90 -48.64
N SER B 357 -23.60 26.88 -49.25
CA SER B 357 -24.94 26.62 -49.79
C SER B 357 -25.08 27.19 -51.20
N THR B 358 -25.55 26.38 -52.15
CA THR B 358 -25.86 26.86 -53.49
C THR B 358 -27.25 27.49 -53.42
N ILE B 359 -27.33 28.74 -52.96
CA ILE B 359 -28.62 29.37 -52.79
C ILE B 359 -29.24 29.66 -54.18
N GLY B 360 -28.42 29.65 -55.24
CA GLY B 360 -28.89 29.76 -56.62
C GLY B 360 -29.94 28.71 -57.01
N SER B 361 -29.87 27.53 -56.40
CA SER B 361 -30.84 26.48 -56.60
C SER B 361 -32.26 26.97 -56.30
N VAL B 362 -32.42 27.97 -55.41
CA VAL B 362 -33.77 28.30 -54.97
C VAL B 362 -34.05 29.79 -55.09
N ALA B 363 -33.01 30.61 -55.31
CA ALA B 363 -33.18 32.05 -55.22
C ALA B 363 -32.80 32.78 -56.50
N ALA B 364 -32.55 32.02 -57.59
CA ALA B 364 -31.99 32.62 -58.79
C ALA B 364 -32.87 33.81 -59.21
N GLY B 365 -32.28 34.99 -59.40
CA GLY B 365 -32.98 36.13 -59.95
C GLY B 365 -33.42 37.12 -58.85
N LYS B 366 -33.35 36.69 -57.58
CA LYS B 366 -33.73 37.61 -56.53
C LYS B 366 -32.59 38.59 -56.27
N THR B 367 -32.92 39.71 -55.61
CA THR B 367 -31.90 40.63 -55.15
C THR B 367 -31.80 40.57 -53.62
N ILE B 368 -30.57 40.42 -53.11
CA ILE B 368 -30.28 40.43 -51.69
C ILE B 368 -30.20 41.89 -51.26
N LYS B 369 -31.01 42.31 -50.27
CA LYS B 369 -31.00 43.68 -49.78
C LYS B 369 -30.20 43.78 -48.49
N ARG B 370 -30.23 42.72 -47.67
CA ARG B 370 -29.56 42.73 -46.36
C ARG B 370 -29.00 41.34 -46.06
N ILE B 371 -27.78 41.32 -45.51
CA ILE B 371 -27.21 40.14 -44.88
C ILE B 371 -27.54 40.15 -43.38
N LEU B 372 -28.07 39.01 -42.88
CA LEU B 372 -28.52 38.82 -41.50
C LEU B 372 -27.72 37.71 -40.81
N VAL B 373 -27.64 37.80 -39.48
CA VAL B 373 -27.28 36.64 -38.66
C VAL B 373 -28.50 36.27 -37.82
N ALA B 374 -28.84 34.98 -37.76
CA ALA B 374 -30.08 34.59 -37.12
C ALA B 374 -29.86 33.46 -36.13
N TYR B 375 -30.53 33.61 -34.97
CA TYR B 375 -30.62 32.60 -33.93
C TYR B 375 -32.09 32.22 -33.80
N ASP B 376 -32.39 30.93 -33.78
CA ASP B 376 -33.75 30.48 -33.60
C ASP B 376 -33.67 29.06 -33.03
N ASN B 377 -34.20 28.87 -31.81
CA ASN B 377 -34.07 27.62 -31.08
C ASN B 377 -35.42 27.32 -30.44
N PRO B 378 -36.02 26.16 -30.77
CA PRO B 378 -37.32 25.74 -30.22
C PRO B 378 -37.49 25.56 -28.70
N LYS B 379 -36.38 25.43 -27.94
CA LYS B 379 -36.42 25.03 -26.53
C LYS B 379 -35.32 25.76 -25.77
N GLY B 380 -35.55 25.95 -24.47
CA GLY B 380 -34.60 26.55 -23.55
C GLY B 380 -35.02 26.29 -22.11
N PRO B 381 -34.59 27.09 -21.10
CA PRO B 381 -33.66 28.21 -21.29
C PRO B 381 -32.24 27.74 -21.60
N GLY B 382 -31.42 28.67 -22.11
CA GLY B 382 -30.02 28.40 -22.37
C GLY B 382 -29.29 29.71 -22.64
N ALA B 383 -28.06 29.61 -23.16
CA ALA B 383 -27.27 30.76 -23.54
C ALA B 383 -26.38 30.36 -24.70
N PHE B 384 -26.00 31.35 -25.54
CA PHE B 384 -25.21 31.07 -26.72
C PHE B 384 -24.21 32.21 -26.95
N ARG B 385 -23.19 31.87 -27.73
CA ARG B 385 -22.09 32.77 -28.03
C ARG B 385 -21.33 32.08 -29.16
N GLY B 386 -20.82 32.87 -30.12
CA GLY B 386 -20.04 32.29 -31.21
C GLY B 386 -19.45 33.36 -32.12
N SER B 387 -18.68 32.92 -33.11
CA SER B 387 -18.12 33.77 -34.14
C SER B 387 -18.50 33.28 -35.52
N ILE B 388 -18.70 34.22 -36.44
CA ILE B 388 -18.80 33.99 -37.88
C ILE B 388 -17.72 34.81 -38.60
N ASP B 389 -17.08 34.21 -39.61
CA ASP B 389 -16.09 34.93 -40.39
C ASP B 389 -16.30 34.58 -41.85
N ASP B 390 -15.83 35.48 -42.73
CA ASP B 390 -15.67 35.25 -44.17
C ASP B 390 -17.00 34.92 -44.83
N ILE B 391 -17.99 35.81 -44.63
CA ILE B 391 -19.26 35.69 -45.35
C ILE B 391 -18.98 35.99 -46.82
N LYS B 392 -19.14 34.99 -47.69
CA LYS B 392 -18.94 35.15 -49.13
C LYS B 392 -20.22 34.83 -49.91
N ILE B 393 -20.56 35.71 -50.88
CA ILE B 393 -21.60 35.42 -51.85
C ILE B 393 -20.91 35.51 -53.21
N ASP B 394 -20.91 34.40 -53.96
CA ASP B 394 -20.14 34.25 -55.19
C ASP B 394 -21.09 33.87 -56.33
N GLY B 395 -21.28 34.84 -57.24
CA GLY B 395 -22.15 34.70 -58.39
C GLY B 395 -21.68 33.59 -59.33
N LYS B 396 -20.38 33.34 -59.39
CA LYS B 396 -19.88 32.40 -60.38
C LYS B 396 -18.75 31.57 -59.79
N PRO B 397 -19.03 30.62 -58.87
CA PRO B 397 -17.95 29.87 -58.22
C PRO B 397 -17.34 28.89 -59.22
N VAL B 398 -16.01 28.75 -59.18
CA VAL B 398 -15.36 27.82 -60.10
C VAL B 398 -15.23 26.51 -59.35
N GLN B 399 -15.71 25.40 -59.93
CA GLN B 399 -15.58 24.11 -59.28
C GLN B 399 -14.19 23.53 -59.59
N LYS B 400 -13.63 22.83 -58.61
CA LYS B 400 -12.32 22.19 -58.70
C LYS B 400 -12.40 20.99 -59.65
N ALA B 401 -11.35 20.78 -60.43
CA ALA B 401 -11.31 19.67 -61.38
C ALA B 401 -10.49 18.53 -60.78
N PHE B 402 -10.85 17.28 -61.11
CA PHE B 402 -10.18 16.11 -60.58
C PHE B 402 -9.90 15.10 -61.70
N GLY B 403 -8.63 14.73 -61.90
CA GLY B 403 -8.30 13.85 -63.01
C GLY B 403 -8.23 12.39 -62.60
N SER B 404 -7.97 12.14 -61.32
CA SER B 404 -7.79 10.77 -60.84
C SER B 404 -7.99 10.73 -59.32
N PRO B 405 -8.15 9.55 -58.71
CA PRO B 405 -8.34 9.46 -57.26
C PRO B 405 -7.43 10.34 -56.39
N ILE B 406 -6.13 10.36 -56.67
CA ILE B 406 -5.19 11.07 -55.79
C ILE B 406 -5.51 12.56 -55.69
N ASP B 407 -6.23 13.12 -56.68
CA ASP B 407 -6.49 14.56 -56.67
C ASP B 407 -7.43 14.94 -55.53
N TYR B 408 -8.05 13.92 -54.90
CA TYR B 408 -9.10 14.11 -53.90
C TYR B 408 -8.50 14.16 -52.51
N VAL B 409 -7.26 13.69 -52.39
CA VAL B 409 -6.65 13.41 -51.10
C VAL B 409 -6.11 14.69 -50.49
N ASN B 410 -6.54 14.99 -49.26
CA ASN B 410 -6.00 16.09 -48.48
C ASN B 410 -5.22 15.52 -47.29
N ILE B 411 -3.90 15.71 -47.29
CA ILE B 411 -3.10 15.07 -46.26
C ILE B 411 -3.14 15.90 -44.98
N LEU B 412 -3.91 17.00 -44.99
CA LEU B 412 -3.97 17.90 -43.83
C LEU B 412 -5.12 17.52 -42.92
N ARG B 413 -5.98 16.59 -43.35
CA ARG B 413 -7.02 16.12 -42.46
C ARG B 413 -6.39 15.69 -41.14
N GLY B 414 -7.03 16.05 -40.04
CA GLY B 414 -6.49 15.62 -38.77
C GLY B 414 -5.43 16.57 -38.23
N THR B 415 -5.32 17.79 -38.80
CA THR B 415 -4.35 18.74 -38.30
C THR B 415 -4.98 19.96 -37.60
N GLN B 416 -6.28 20.23 -37.77
CA GLN B 416 -7.00 21.16 -36.88
C GLN B 416 -7.62 20.37 -35.72
N SER B 417 -6.73 19.90 -34.84
CA SER B 417 -6.91 18.73 -34.01
C SER B 417 -5.73 18.76 -33.07
N ASN B 418 -5.96 18.42 -31.78
CA ASN B 418 -4.87 18.38 -30.82
C ASN B 418 -5.28 17.47 -29.68
N GLY B 419 -4.60 17.67 -28.55
CA GLY B 419 -4.79 16.83 -27.38
C GLY B 419 -5.99 17.27 -26.55
N SER B 420 -6.61 18.42 -26.89
CA SER B 420 -7.86 18.83 -26.26
C SER B 420 -9.07 18.23 -26.99
N PHE B 421 -9.03 18.26 -28.33
CA PHE B 421 -10.10 17.65 -29.12
C PHE B 421 -9.46 17.17 -30.43
N SER B 422 -9.64 15.90 -30.73
CA SER B 422 -9.00 15.35 -31.91
C SER B 422 -9.97 15.34 -33.08
N ARG B 423 -9.49 15.75 -34.27
CA ARG B 423 -10.24 15.55 -35.50
C ARG B 423 -9.41 14.64 -36.39
N GLY B 424 -8.54 13.83 -35.76
CA GLY B 424 -7.77 12.79 -36.42
C GLY B 424 -6.39 12.64 -35.77
N ASN B 425 -5.82 13.78 -35.34
CA ASN B 425 -4.45 13.88 -34.87
C ASN B 425 -3.50 13.18 -35.83
N ASN B 426 -3.55 13.58 -37.11
CA ASN B 426 -2.56 13.13 -38.07
C ASN B 426 -1.46 14.19 -38.24
N PHE B 427 -0.56 13.96 -39.21
CA PHE B 427 0.31 15.02 -39.68
C PHE B 427 0.42 14.93 -41.21
N PRO B 428 0.83 15.99 -41.91
CA PRO B 428 0.91 15.96 -43.37
C PRO B 428 1.99 15.03 -43.93
N ALA B 429 1.74 13.73 -43.89
CA ALA B 429 2.75 12.76 -44.25
C ALA B 429 2.81 12.59 -45.77
N VAL B 430 3.94 12.98 -46.36
CA VAL B 430 4.24 12.71 -47.76
C VAL B 430 5.09 11.45 -47.79
N ALA B 431 4.69 10.45 -48.56
CA ALA B 431 5.40 9.19 -48.53
C ALA B 431 4.89 8.29 -49.64
N ILE B 432 5.60 7.18 -49.90
CA ILE B 432 4.97 6.20 -50.76
C ILE B 432 4.16 5.24 -49.87
N PRO B 433 3.15 4.50 -50.40
CA PRO B 433 2.39 3.57 -49.56
C PRO B 433 3.32 2.65 -48.76
N HIS B 434 3.10 2.55 -47.43
CA HIS B 434 3.92 1.74 -46.54
C HIS B 434 5.41 2.10 -46.63
N GLY B 435 5.70 3.39 -46.80
CA GLY B 435 7.07 3.79 -47.11
C GLY B 435 7.95 3.82 -45.86
N PHE B 436 9.26 3.82 -46.08
CA PHE B 436 10.22 3.65 -45.00
C PHE B 436 10.36 4.93 -44.18
N ASN B 437 10.07 6.08 -44.79
CA ASN B 437 10.12 7.36 -44.11
C ASN B 437 8.87 8.14 -44.49
N PHE B 438 8.43 9.02 -43.58
CA PHE B 438 7.51 10.09 -43.92
C PHE B 438 8.32 11.37 -44.05
N TRP B 439 7.79 12.32 -44.85
CA TRP B 439 8.31 13.66 -45.00
C TRP B 439 7.18 14.64 -44.73
N THR B 440 7.48 15.76 -44.07
CA THR B 440 6.36 16.57 -43.62
C THR B 440 6.81 17.97 -43.25
N PRO B 441 5.96 19.00 -43.46
CA PRO B 441 6.18 20.31 -42.85
C PRO B 441 5.92 20.19 -41.34
N THR B 442 6.62 20.99 -40.54
CA THR B 442 6.27 21.07 -39.14
C THR B 442 6.13 22.53 -38.76
N THR B 443 5.10 22.82 -37.95
CA THR B 443 4.90 24.14 -37.38
C THR B 443 5.37 24.20 -35.93
N ASN B 444 6.04 23.12 -35.43
CA ASN B 444 6.42 22.94 -34.04
C ASN B 444 7.61 21.98 -33.94
N ALA B 445 8.81 22.51 -34.23
CA ALA B 445 9.92 21.68 -34.63
C ALA B 445 10.53 20.95 -33.42
N GLY B 446 10.13 21.36 -32.20
CA GLY B 446 10.58 20.68 -31.00
C GLY B 446 9.68 19.51 -30.57
N SER B 447 8.59 19.20 -31.30
CA SER B 447 7.47 18.45 -30.72
C SER B 447 7.03 17.29 -31.59
N SER B 448 6.37 16.28 -30.98
CA SER B 448 5.68 15.21 -31.68
C SER B 448 4.32 15.68 -32.21
N TRP B 449 3.85 16.83 -31.70
CA TRP B 449 2.70 17.50 -32.30
C TRP B 449 3.23 18.30 -33.49
N ILE B 450 3.23 17.65 -34.66
CA ILE B 450 4.07 18.06 -35.78
C ILE B 450 3.54 19.30 -36.52
N TYR B 451 2.21 19.36 -36.80
CA TYR B 451 1.68 20.43 -37.63
C TYR B 451 0.32 20.89 -37.09
N GLN B 452 0.18 22.19 -36.75
CA GLN B 452 -1.09 22.74 -36.32
C GLN B 452 -1.72 23.59 -37.41
N TYR B 453 -2.96 23.27 -37.80
CA TYR B 453 -3.68 23.97 -38.85
C TYR B 453 -3.87 25.45 -38.54
N HIS B 454 -4.15 25.81 -37.28
CA HIS B 454 -4.58 27.16 -36.93
C HIS B 454 -4.04 27.63 -35.57
N GLU B 455 -3.98 26.72 -34.60
CA GLU B 455 -3.59 26.94 -33.22
C GLU B 455 -2.27 27.70 -33.04
N SER B 456 -1.25 27.36 -33.87
CA SER B 456 0.07 27.99 -33.76
C SER B 456 0.20 29.24 -34.64
N ASN B 457 -0.90 29.88 -35.06
CA ASN B 457 -0.79 30.98 -36.02
C ASN B 457 -0.01 32.16 -35.43
N SER B 458 0.64 32.92 -36.32
CA SER B 458 1.40 34.12 -36.01
C SER B 458 0.50 35.21 -35.45
N VAL B 459 1.09 36.34 -35.01
CA VAL B 459 0.30 37.50 -34.57
C VAL B 459 -0.54 38.06 -35.71
N ASN B 460 -0.25 37.66 -36.96
CA ASN B 460 -1.00 38.07 -38.14
C ASN B 460 -2.01 36.97 -38.52
N ASN B 461 -2.09 35.90 -37.70
CA ASN B 461 -3.03 34.83 -37.89
C ASN B 461 -2.77 34.10 -39.20
N LEU B 462 -1.50 33.78 -39.46
CA LEU B 462 -1.11 32.86 -40.52
C LEU B 462 -0.27 31.77 -39.88
N PRO B 463 -0.38 30.51 -40.37
CA PRO B 463 0.51 29.43 -39.97
C PRO B 463 1.97 29.67 -40.39
N GLN B 464 2.92 29.13 -39.64
CA GLN B 464 4.36 29.30 -39.84
C GLN B 464 5.03 27.95 -39.84
N ILE B 465 5.76 27.66 -40.91
CA ILE B 465 6.61 26.49 -40.89
C ILE B 465 7.96 26.82 -40.25
N GLN B 466 8.42 25.86 -39.43
CA GLN B 466 9.71 25.95 -38.77
C GLN B 466 10.68 24.94 -39.39
N ALA B 467 10.17 23.93 -40.11
CA ALA B 467 11.08 23.03 -40.79
C ALA B 467 10.33 22.01 -41.62
N PHE B 468 11.09 21.34 -42.49
CA PHE B 468 10.66 20.17 -43.26
C PHE B 468 11.46 19.01 -42.70
N SER B 469 10.76 17.92 -42.37
CA SER B 469 11.33 16.90 -41.49
C SER B 469 11.17 15.53 -42.13
N VAL B 470 12.15 14.68 -41.86
CA VAL B 470 11.93 13.26 -41.97
C VAL B 470 11.31 12.81 -40.64
N SER B 471 10.30 11.93 -40.74
CA SER B 471 9.45 11.55 -39.62
C SER B 471 9.17 10.05 -39.69
N HIS B 472 9.00 9.45 -38.51
CA HIS B 472 8.50 8.09 -38.44
C HIS B 472 7.39 7.96 -37.39
N GLU B 473 6.63 9.05 -37.18
CA GLU B 473 5.67 9.12 -36.09
C GLU B 473 4.46 8.24 -36.40
N PRO B 474 4.10 7.27 -35.54
CA PRO B 474 2.87 6.52 -35.74
C PRO B 474 1.64 7.28 -35.25
N SER B 475 1.84 8.16 -34.26
CA SER B 475 0.82 9.03 -33.70
C SER B 475 1.52 10.04 -32.80
N PRO B 476 0.90 11.18 -32.40
CA PRO B 476 1.59 12.12 -31.51
C PRO B 476 1.77 11.51 -30.12
N TRP B 477 0.91 10.56 -29.76
CA TRP B 477 0.94 9.98 -28.42
C TRP B 477 2.12 9.01 -28.35
N MET B 478 2.26 8.14 -29.37
CA MET B 478 3.42 7.27 -29.42
C MET B 478 4.68 8.13 -29.52
N GLY B 479 4.61 9.20 -30.33
CA GLY B 479 5.72 10.15 -30.52
C GLY B 479 6.56 9.86 -31.77
N ASP B 480 7.34 10.89 -32.19
CA ASP B 480 8.20 10.81 -33.35
C ASP B 480 9.52 10.15 -32.98
N ARG B 481 10.31 9.75 -33.99
CA ARG B 481 11.60 9.12 -33.77
C ARG B 481 12.39 9.18 -35.07
N GLN B 482 13.73 9.07 -34.98
CA GLN B 482 14.56 8.95 -36.17
C GLN B 482 14.29 10.13 -37.12
N THR B 483 14.28 11.34 -36.56
CA THR B 483 13.92 12.56 -37.26
C THR B 483 15.17 13.34 -37.68
N PHE B 484 15.00 14.28 -38.62
CA PHE B 484 16.03 15.13 -39.21
C PHE B 484 15.34 16.33 -39.88
N GLN B 485 15.93 17.53 -39.81
CA GLN B 485 15.19 18.73 -40.19
C GLN B 485 16.00 19.66 -41.12
N VAL B 486 15.31 20.26 -42.10
CA VAL B 486 15.86 21.29 -42.95
C VAL B 486 14.89 22.47 -43.02
N MET B 487 15.42 23.69 -43.15
CA MET B 487 14.58 24.88 -43.23
C MET B 487 15.24 25.90 -44.14
N PRO B 488 14.56 26.37 -45.23
CA PRO B 488 15.14 27.39 -46.10
C PRO B 488 15.15 28.79 -45.50
N SER B 489 16.15 29.61 -45.89
CA SER B 489 16.38 30.92 -45.32
C SER B 489 16.96 31.85 -46.38
N ALA B 490 16.39 33.06 -46.46
CA ALA B 490 16.86 34.11 -47.37
C ALA B 490 17.70 35.12 -46.61
N SER B 491 18.02 34.81 -45.34
CA SER B 491 18.95 35.58 -44.51
C SER B 491 20.20 36.05 -45.26
N THR B 492 20.62 37.29 -44.94
CA THR B 492 21.79 37.93 -45.54
C THR B 492 22.90 38.20 -44.50
N ALA B 493 22.60 37.95 -43.21
CA ALA B 493 23.58 37.96 -42.13
C ALA B 493 24.73 37.00 -42.48
N ALA B 494 25.91 37.26 -41.91
CA ALA B 494 27.09 36.46 -42.22
C ALA B 494 26.74 34.99 -42.05
N THR B 495 25.81 34.77 -41.12
CA THR B 495 25.40 33.49 -40.59
C THR B 495 23.89 33.49 -40.39
N PRO B 496 23.18 32.45 -40.89
CA PRO B 496 21.75 32.36 -40.67
C PRO B 496 21.43 32.02 -39.22
N ASN B 497 20.44 32.70 -38.64
CA ASN B 497 20.01 32.42 -37.27
C ASN B 497 19.16 31.14 -37.24
N ALA B 498 19.49 30.20 -36.34
CA ALA B 498 18.86 28.90 -36.45
C ALA B 498 17.73 28.73 -35.43
N ASN B 499 17.56 29.74 -34.56
CA ASN B 499 16.39 29.82 -33.70
C ASN B 499 15.12 29.46 -34.47
N ARG B 500 14.27 28.64 -33.85
CA ARG B 500 13.05 28.18 -34.48
C ARG B 500 12.12 29.36 -34.78
N ASP B 501 11.94 30.28 -33.82
CA ASP B 501 10.95 31.33 -33.95
C ASP B 501 11.39 32.30 -35.04
N SER B 502 12.67 32.64 -35.08
CA SER B 502 13.09 33.69 -35.99
C SER B 502 13.31 33.16 -37.42
N ARG B 503 13.48 31.86 -37.62
CA ARG B 503 13.62 31.35 -38.98
C ARG B 503 12.27 30.94 -39.57
N ALA B 504 11.22 30.96 -38.73
CA ALA B 504 9.93 30.43 -39.14
C ALA B 504 9.41 31.37 -40.21
N LEU B 505 8.67 30.82 -41.18
CA LEU B 505 8.14 31.63 -42.28
C LEU B 505 6.62 31.41 -42.42
N GLU B 506 5.84 32.52 -42.34
CA GLU B 506 4.39 32.49 -42.50
C GLU B 506 4.00 32.09 -43.91
N PHE B 507 2.81 31.47 -44.03
CA PHE B 507 2.24 31.11 -45.33
C PHE B 507 0.72 31.09 -45.21
N ASN B 508 0.04 31.10 -46.37
CA ASN B 508 -1.40 30.95 -46.47
C ASN B 508 -1.72 29.53 -46.93
N HIS B 509 -2.74 28.92 -46.32
CA HIS B 509 -3.15 27.58 -46.73
C HIS B 509 -3.58 27.57 -48.19
N ALA B 510 -4.09 28.71 -48.69
CA ALA B 510 -4.45 28.84 -50.11
C ALA B 510 -3.22 28.69 -51.01
N ASN B 511 -2.01 28.84 -50.45
CA ASN B 511 -0.79 28.70 -51.22
C ASN B 511 -0.06 27.40 -50.95
N GLU B 512 -0.78 26.42 -50.39
CA GLU B 512 -0.18 25.16 -49.99
C GLU B 512 -0.88 24.03 -50.73
N ILE B 513 -0.12 23.10 -51.30
CA ILE B 513 -0.67 21.93 -51.95
C ILE B 513 -0.18 20.72 -51.16
N ALA B 514 -1.11 19.89 -50.67
CA ALA B 514 -0.71 18.89 -49.70
C ALA B 514 -1.25 17.54 -50.11
N GLN B 515 -0.42 16.73 -50.79
CA GLN B 515 -0.89 15.47 -51.36
C GLN B 515 0.04 14.34 -50.95
N PRO B 516 -0.37 13.05 -51.06
CA PRO B 516 0.47 11.95 -50.61
C PRO B 516 1.84 11.92 -51.27
N HIS B 517 1.88 12.43 -52.52
CA HIS B 517 3.03 12.27 -53.40
C HIS B 517 3.75 13.59 -53.64
N TYR B 518 3.22 14.69 -53.08
CA TYR B 518 3.70 16.02 -53.42
C TYR B 518 3.20 17.03 -52.38
N TYR B 519 4.13 17.76 -51.80
CA TYR B 519 3.75 18.83 -50.92
C TYR B 519 4.44 20.08 -51.43
N SER B 520 3.73 21.21 -51.39
CA SER B 520 4.27 22.44 -51.92
C SER B 520 3.73 23.57 -51.07
N VAL B 521 4.60 24.52 -50.72
CA VAL B 521 4.14 25.68 -49.97
C VAL B 521 4.84 26.90 -50.54
N LYS B 522 4.08 27.97 -50.81
CA LYS B 522 4.71 29.24 -51.17
C LYS B 522 4.54 30.20 -50.01
N PHE B 523 5.67 30.58 -49.41
CA PHE B 523 5.70 31.41 -48.20
C PHE B 523 5.44 32.86 -48.57
N GLU B 524 4.91 33.62 -47.61
CA GLU B 524 4.57 35.03 -47.77
C GLU B 524 5.78 35.78 -48.35
N ASN B 525 6.99 35.31 -48.02
CA ASN B 525 8.20 36.02 -48.40
C ASN B 525 8.75 35.60 -49.77
N GLY B 526 8.06 34.70 -50.48
CA GLY B 526 8.37 34.35 -51.85
C GLY B 526 9.15 33.05 -52.01
N ILE B 527 9.70 32.51 -50.92
CA ILE B 527 10.35 31.20 -51.04
C ILE B 527 9.27 30.16 -51.28
N ARG B 528 9.64 29.15 -52.06
CA ARG B 528 8.78 28.01 -52.29
C ARG B 528 9.56 26.74 -51.94
N THR B 529 8.88 25.79 -51.29
CA THR B 529 9.48 24.50 -51.03
C THR B 529 8.54 23.43 -51.57
N GLU B 530 9.09 22.47 -52.30
CA GLU B 530 8.29 21.37 -52.80
C GLU B 530 9.02 20.08 -52.46
N MET B 531 8.29 18.99 -52.16
CA MET B 531 8.95 17.72 -51.90
C MET B 531 8.12 16.57 -52.44
N THR B 532 8.85 15.50 -52.80
CA THR B 532 8.23 14.33 -53.35
C THR B 532 8.99 13.11 -52.82
N PRO B 533 8.32 11.99 -52.47
CA PRO B 533 8.99 10.87 -51.83
C PRO B 533 9.37 9.73 -52.76
N THR B 534 10.31 8.95 -52.23
CA THR B 534 10.67 7.62 -52.63
C THR B 534 10.46 6.76 -51.37
N ASP B 535 10.76 5.46 -51.46
CA ASP B 535 10.68 4.58 -50.30
C ASP B 535 11.64 5.03 -49.20
N HIS B 536 12.94 5.10 -49.52
CA HIS B 536 13.97 5.45 -48.55
C HIS B 536 14.49 6.88 -48.76
N ALA B 537 14.06 7.53 -49.84
CA ALA B 537 14.61 8.83 -50.16
C ALA B 537 13.50 9.83 -50.48
N ALA B 538 13.91 11.03 -50.91
CA ALA B 538 13.01 12.10 -51.30
C ALA B 538 13.80 13.11 -52.12
N MET B 539 13.08 13.90 -52.93
CA MET B 539 13.65 15.06 -53.60
C MET B 539 12.91 16.33 -53.17
N PHE B 540 13.69 17.39 -52.89
CA PHE B 540 13.18 18.72 -52.57
C PHE B 540 13.62 19.72 -53.64
N LYS B 541 12.73 20.65 -53.99
CA LYS B 541 13.04 21.82 -54.78
C LYS B 541 12.85 23.03 -53.86
N PHE B 542 13.93 23.78 -53.65
CA PHE B 542 13.81 25.04 -52.94
C PHE B 542 13.99 26.16 -53.96
N THR B 543 12.98 27.02 -54.11
CA THR B 543 13.11 28.14 -55.03
C THR B 543 13.19 29.42 -54.20
N PHE B 544 14.25 30.21 -54.46
CA PHE B 544 14.56 31.40 -53.69
C PHE B 544 14.33 32.65 -54.53
N THR B 545 14.34 33.82 -53.88
CA THR B 545 14.14 35.07 -54.61
C THR B 545 15.38 35.98 -54.62
N GLY B 546 16.40 35.70 -53.80
CA GLY B 546 17.52 36.62 -53.58
C GLY B 546 18.85 36.10 -54.11
N ALA B 547 19.94 36.83 -53.86
CA ALA B 547 21.23 36.52 -54.44
C ALA B 547 21.95 35.45 -53.61
N THR B 548 21.66 35.49 -52.31
CA THR B 548 22.23 34.62 -51.29
C THR B 548 21.13 33.78 -50.65
N SER B 549 21.29 32.46 -50.71
CA SER B 549 20.27 31.56 -50.19
C SER B 549 20.88 30.46 -49.32
N ASN B 550 20.11 29.96 -48.33
CA ASN B 550 20.61 29.08 -47.29
C ASN B 550 19.60 27.98 -46.96
N LEU B 551 20.13 26.84 -46.54
CA LEU B 551 19.36 25.79 -45.87
C LEU B 551 19.98 25.57 -44.50
N ILE B 552 19.13 25.65 -43.45
CA ILE B 552 19.50 25.39 -42.07
C ILE B 552 19.12 23.94 -41.75
N PHE B 553 20.10 23.16 -41.26
CA PHE B 553 19.83 21.83 -40.73
C PHE B 553 19.69 21.88 -39.21
N ASP B 554 18.86 20.99 -38.68
CA ASP B 554 18.57 21.02 -37.25
C ASP B 554 17.98 19.65 -36.91
N ASN B 555 17.60 19.48 -35.65
CA ASN B 555 16.91 18.27 -35.26
C ASN B 555 15.92 18.60 -34.15
N VAL B 556 15.10 17.61 -33.75
CA VAL B 556 14.07 17.82 -32.73
C VAL B 556 14.71 18.29 -31.42
N ASN B 557 15.86 17.67 -31.10
CA ASN B 557 16.65 17.96 -29.90
C ASN B 557 18.11 17.63 -30.23
N ASN B 558 19.00 17.65 -29.22
CA ASN B 558 20.44 17.62 -29.45
C ASN B 558 20.99 16.20 -29.65
N ASN B 559 20.12 15.17 -29.64
CA ASN B 559 20.63 13.82 -29.68
C ASN B 559 20.72 13.36 -31.13
N GLY B 560 21.70 13.92 -31.82
CA GLY B 560 22.15 13.42 -33.10
C GLY B 560 23.43 14.10 -33.53
N GLY B 561 23.75 13.96 -34.82
CA GLY B 561 24.90 14.66 -35.37
C GLY B 561 24.75 15.08 -36.83
N LEU B 562 25.51 16.12 -37.18
CA LEU B 562 25.52 16.72 -38.49
C LEU B 562 26.98 16.92 -38.91
N THR B 563 27.30 16.39 -40.11
CA THR B 563 28.58 16.61 -40.79
C THR B 563 28.32 17.27 -42.15
N ILE B 564 28.89 18.48 -42.33
CA ILE B 564 28.86 19.20 -43.59
C ILE B 564 30.26 19.15 -44.19
N ASP B 565 30.43 18.45 -45.32
CA ASP B 565 31.71 18.31 -46.01
C ASP B 565 31.91 19.43 -47.05
N ALA B 566 32.65 20.49 -46.68
CA ALA B 566 32.81 21.68 -47.50
C ALA B 566 33.46 21.43 -48.87
N LYS B 567 34.28 20.38 -49.05
CA LYS B 567 34.93 20.07 -50.32
C LYS B 567 33.91 19.57 -51.36
N SER B 568 32.94 18.76 -50.93
CA SER B 568 32.09 18.03 -51.88
C SER B 568 30.64 18.52 -51.89
N GLY B 569 30.29 19.37 -50.92
CA GLY B 569 28.95 19.88 -50.69
C GLY B 569 27.95 18.77 -50.33
N GLU B 570 28.33 17.87 -49.42
CA GLU B 570 27.49 16.74 -49.04
C GLU B 570 27.18 16.84 -47.57
N ILE B 571 25.92 16.52 -47.25
CA ILE B 571 25.41 16.50 -45.90
C ILE B 571 25.37 15.03 -45.45
N THR B 572 25.79 14.82 -44.20
CA THR B 572 25.94 13.54 -43.53
C THR B 572 25.45 13.74 -42.10
N GLY B 573 24.75 12.75 -41.56
CA GLY B 573 24.24 12.97 -40.20
C GLY B 573 23.69 11.69 -39.58
N TYR B 574 23.32 11.78 -38.29
CA TYR B 574 22.65 10.66 -37.61
C TYR B 574 21.62 11.21 -36.61
N SER B 575 20.66 10.35 -36.25
CA SER B 575 19.60 10.71 -35.34
C SER B 575 19.32 9.59 -34.32
N ASP B 576 19.45 9.93 -33.04
CA ASP B 576 19.07 9.05 -31.94
C ASP B 576 17.73 9.52 -31.35
N VAL B 577 17.05 10.45 -32.05
CA VAL B 577 15.79 10.97 -31.58
C VAL B 577 14.77 9.83 -31.42
N LYS B 578 14.11 9.81 -30.26
CA LYS B 578 13.14 8.76 -29.95
C LYS B 578 12.34 9.21 -28.72
N SER B 579 11.02 9.18 -28.87
CA SER B 579 10.10 9.53 -27.79
C SER B 579 10.10 8.42 -26.73
N GLY B 580 9.51 8.76 -25.56
CA GLY B 580 9.22 7.84 -24.47
C GLY B 580 8.67 6.47 -24.93
N LEU B 581 7.80 6.42 -25.95
CA LEU B 581 7.13 5.17 -26.27
C LEU B 581 7.70 4.54 -27.53
N SER B 582 8.84 5.07 -27.99
CA SER B 582 9.50 4.58 -29.19
C SER B 582 10.43 3.41 -28.83
N THR B 583 9.87 2.35 -28.27
CA THR B 583 10.68 1.34 -27.62
C THR B 583 11.47 0.55 -28.65
N GLY B 584 12.79 0.47 -28.45
CA GLY B 584 13.68 -0.30 -29.31
C GLY B 584 14.26 0.51 -30.47
N ALA B 585 13.96 1.82 -30.52
CA ALA B 585 14.31 2.61 -31.69
C ALA B 585 15.83 2.75 -31.80
N THR B 586 16.34 2.51 -33.00
CA THR B 586 17.77 2.52 -33.24
C THR B 586 18.15 3.85 -33.92
N ARG B 587 19.46 4.05 -34.10
CA ARG B 587 20.04 5.24 -34.73
C ARG B 587 19.71 5.27 -36.21
N LEU B 588 19.32 6.47 -36.71
CA LEU B 588 19.10 6.69 -38.14
C LEU B 588 20.26 7.52 -38.74
N PHE B 589 20.59 7.23 -40.01
CA PHE B 589 21.64 7.93 -40.72
C PHE B 589 21.08 8.62 -41.96
N VAL B 590 21.63 9.82 -42.25
CA VAL B 590 21.19 10.71 -43.33
C VAL B 590 22.34 10.96 -44.31
N TYR B 591 22.03 10.93 -45.61
CA TYR B 591 22.88 11.49 -46.65
C TYR B 591 22.07 12.44 -47.55
N ALA B 592 22.67 13.60 -47.93
CA ALA B 592 21.98 14.58 -48.76
C ALA B 592 22.98 15.30 -49.68
N ALA B 593 22.56 15.59 -50.94
CA ALA B 593 23.42 16.26 -51.94
C ALA B 593 22.63 17.35 -52.69
N PHE B 594 23.34 18.31 -53.33
CA PHE B 594 22.69 19.42 -54.00
C PHE B 594 23.09 19.45 -55.48
N ASP B 595 22.23 20.06 -56.32
CA ASP B 595 22.47 20.26 -57.76
C ASP B 595 23.24 21.56 -58.04
N LYS B 596 23.59 22.33 -57.00
CA LYS B 596 24.28 23.60 -57.11
C LYS B 596 25.43 23.60 -56.13
N PRO B 597 26.58 24.22 -56.46
CA PRO B 597 27.69 24.26 -55.50
C PRO B 597 27.30 25.00 -54.21
N VAL B 598 27.76 24.45 -53.07
CA VAL B 598 27.64 25.18 -51.84
C VAL B 598 28.90 26.00 -51.62
N ILE B 599 28.68 27.31 -51.44
CA ILE B 599 29.73 28.32 -51.54
C ILE B 599 30.22 28.67 -50.13
N LYS B 600 29.40 28.44 -49.11
CA LYS B 600 29.75 28.65 -47.72
C LYS B 600 28.97 27.64 -46.88
N SER B 601 29.49 27.31 -45.69
CA SER B 601 29.07 26.14 -44.93
C SER B 601 29.42 26.33 -43.46
N GLY B 602 28.81 25.59 -42.52
CA GLY B 602 29.35 25.47 -41.16
C GLY B 602 28.34 25.12 -40.08
N LYS B 603 28.84 24.80 -38.87
CA LYS B 603 28.03 24.48 -37.71
C LYS B 603 27.50 25.75 -37.11
N LEU B 604 26.37 25.69 -36.41
CA LEU B 604 25.79 26.91 -35.83
C LEU B 604 25.60 26.67 -34.34
N THR B 605 25.34 27.74 -33.59
CA THR B 605 25.62 27.80 -32.17
C THR B 605 24.49 28.58 -31.51
N GLY B 606 24.06 28.15 -30.31
CA GLY B 606 23.30 29.04 -29.43
C GLY B 606 21.86 28.58 -29.18
N GLU B 607 21.48 27.45 -29.82
CA GLU B 607 20.14 26.91 -29.65
C GLU B 607 20.12 25.73 -28.67
N SER B 608 21.26 25.49 -27.98
CA SER B 608 21.48 24.28 -27.20
C SER B 608 21.36 23.05 -28.08
N ARG B 609 21.66 23.17 -29.38
CA ARG B 609 21.51 22.03 -30.26
C ARG B 609 22.76 21.88 -31.10
N ASN B 610 23.90 22.24 -30.48
CA ASN B 610 25.15 22.40 -31.22
C ASN B 610 25.56 21.14 -31.96
N ASN B 611 25.01 19.98 -31.62
CA ASN B 611 25.40 18.81 -32.36
C ASN B 611 24.73 18.76 -33.73
N VAL B 612 23.63 19.53 -33.87
CA VAL B 612 22.74 19.26 -35.00
C VAL B 612 22.49 20.49 -35.88
N THR B 613 22.69 21.70 -35.35
CA THR B 613 22.43 22.92 -36.10
C THR B 613 23.64 23.30 -36.94
N GLY B 614 23.40 23.49 -38.24
CA GLY B 614 24.36 24.01 -39.20
C GLY B 614 23.65 24.53 -40.44
N TYR B 615 24.41 24.94 -41.46
CA TYR B 615 23.82 25.47 -42.68
C TYR B 615 24.75 25.23 -43.87
N VAL B 616 24.15 25.30 -45.06
CA VAL B 616 24.82 25.44 -46.32
C VAL B 616 24.30 26.70 -47.06
N ARG B 617 25.17 27.36 -47.84
CA ARG B 617 24.83 28.58 -48.55
C ARG B 617 25.08 28.40 -50.04
N PHE B 618 24.19 28.96 -50.87
CA PHE B 618 24.27 28.87 -52.31
C PHE B 618 24.23 30.28 -52.93
N ASP B 619 24.82 30.39 -54.13
CA ASP B 619 24.80 31.59 -54.93
C ASP B 619 23.64 31.48 -55.91
N THR B 620 22.59 32.20 -55.61
CA THR B 620 21.40 32.11 -56.44
C THR B 620 21.11 33.47 -57.09
N SER B 621 22.17 34.25 -57.38
CA SER B 621 22.05 35.57 -57.98
C SER B 621 21.55 35.48 -59.42
N LYS B 622 22.01 34.43 -60.12
CA LYS B 622 21.63 34.20 -61.50
C LYS B 622 20.29 33.45 -61.55
N ASP B 623 19.41 33.88 -62.46
CA ASP B 623 18.04 33.40 -62.53
C ASP B 623 17.96 31.87 -62.62
N GLU B 624 18.85 31.23 -63.38
CA GLU B 624 18.74 29.79 -63.63
C GLU B 624 19.31 28.99 -62.46
N ASP B 625 19.63 29.67 -61.37
CA ASP B 625 20.23 29.07 -60.20
C ASP B 625 19.35 29.35 -58.97
N LYS B 626 18.19 30.00 -59.19
CA LYS B 626 17.29 30.41 -58.11
C LYS B 626 16.56 29.22 -57.48
N VAL B 627 16.35 28.13 -58.23
CA VAL B 627 15.81 26.91 -57.64
C VAL B 627 16.97 25.95 -57.38
N VAL B 628 17.06 25.44 -56.14
CA VAL B 628 18.08 24.47 -55.80
C VAL B 628 17.42 23.20 -55.34
N THR B 629 17.94 22.08 -55.86
CA THR B 629 17.39 20.74 -55.67
C THR B 629 18.29 19.94 -54.72
N MET B 630 17.66 19.39 -53.66
CA MET B 630 18.32 18.51 -52.71
C MET B 630 17.78 17.08 -52.82
N LYS B 631 18.68 16.10 -52.97
CA LYS B 631 18.32 14.69 -52.93
C LYS B 631 18.73 14.19 -51.56
N ILE B 632 17.83 13.42 -50.89
CA ILE B 632 18.06 13.01 -49.51
C ILE B 632 17.59 11.57 -49.30
N ALA B 633 18.40 10.79 -48.59
CA ALA B 633 18.02 9.43 -48.25
C ALA B 633 18.51 9.13 -46.83
N THR B 634 17.92 8.06 -46.27
CA THR B 634 17.94 7.74 -44.86
C THR B 634 18.25 6.25 -44.75
N SER B 635 18.84 5.83 -43.63
CA SER B 635 19.11 4.41 -43.39
C SER B 635 19.17 4.13 -41.89
N LEU B 636 18.87 2.88 -41.53
CA LEU B 636 19.05 2.45 -40.15
C LEU B 636 20.29 1.58 -40.04
N ILE B 637 20.97 1.37 -41.18
CA ILE B 637 22.18 0.55 -41.21
C ILE B 637 23.46 1.40 -41.13
N SER B 638 23.61 2.40 -42.02
CA SER B 638 24.86 3.16 -42.10
C SER B 638 24.68 4.36 -43.04
N VAL B 639 25.59 5.33 -42.91
CA VAL B 639 25.67 6.45 -43.84
C VAL B 639 25.90 5.92 -45.25
N GLU B 640 26.81 4.95 -45.38
CA GLU B 640 27.09 4.37 -46.67
C GLU B 640 25.82 3.81 -47.28
N GLN B 641 24.95 3.28 -46.42
CA GLN B 641 23.74 2.61 -46.89
C GLN B 641 22.70 3.63 -47.32
N ALA B 642 22.58 4.73 -46.55
CA ALA B 642 21.78 5.87 -46.99
C ALA B 642 22.16 6.28 -48.42
N LYS B 643 23.47 6.45 -48.67
CA LYS B 643 24.01 6.75 -50.00
C LYS B 643 23.52 5.70 -51.00
N LYS B 644 23.65 4.41 -50.68
CA LYS B 644 23.26 3.34 -51.57
C LYS B 644 21.73 3.34 -51.80
N ASN B 645 20.96 3.70 -50.76
CA ASN B 645 19.50 3.75 -50.87
C ASN B 645 19.10 4.80 -51.89
N LEU B 646 19.81 5.94 -51.84
CA LEU B 646 19.52 7.07 -52.70
C LEU B 646 19.84 6.71 -54.16
N GLU B 647 21.04 6.18 -54.41
CA GLU B 647 21.42 5.77 -55.75
C GLU B 647 20.45 4.72 -56.33
N GLN B 648 19.81 3.91 -55.48
CA GLN B 648 18.92 2.88 -55.97
C GLN B 648 17.58 3.47 -56.36
N GLU B 649 17.18 4.57 -55.72
CA GLU B 649 15.80 5.02 -55.87
C GLU B 649 15.72 6.33 -56.64
N ILE B 650 16.82 7.08 -56.69
CA ILE B 650 16.86 8.30 -57.49
C ILE B 650 18.02 8.22 -58.47
N GLY B 651 17.74 7.78 -59.71
CA GLY B 651 18.76 7.64 -60.74
C GLY B 651 19.36 8.97 -61.17
N LEU B 652 20.44 8.92 -61.95
CA LEU B 652 21.04 10.16 -62.45
C LEU B 652 20.06 10.82 -63.41
N ASN B 653 19.23 9.99 -64.06
CA ASN B 653 18.27 10.41 -65.07
C ASN B 653 16.96 10.94 -64.45
N ASP B 654 16.67 10.56 -63.21
CA ASP B 654 15.42 10.92 -62.57
C ASP B 654 15.35 12.42 -62.29
N THR B 655 14.16 12.98 -62.47
CA THR B 655 13.91 14.38 -62.16
C THR B 655 12.83 14.49 -61.07
N PHE B 656 12.69 15.69 -60.49
CA PHE B 656 11.61 15.95 -59.56
C PHE B 656 10.29 15.46 -60.16
N GLU B 657 10.00 15.86 -61.41
CA GLU B 657 8.72 15.56 -62.02
C GLU B 657 8.59 14.05 -62.25
N GLY B 658 9.70 13.40 -62.63
CA GLY B 658 9.63 11.96 -62.86
C GLY B 658 9.34 11.16 -61.60
N LEU B 659 9.91 11.60 -60.47
CA LEU B 659 9.78 10.93 -59.20
C LEU B 659 8.36 11.15 -58.64
N LYS B 660 7.83 12.35 -58.89
CA LYS B 660 6.48 12.71 -58.47
C LYS B 660 5.44 11.84 -59.20
N GLU B 661 5.68 11.60 -60.49
CA GLU B 661 4.77 10.79 -61.30
C GLU B 661 4.82 9.33 -60.81
N LYS B 662 6.01 8.86 -60.45
CA LYS B 662 6.18 7.52 -59.90
C LYS B 662 5.38 7.35 -58.61
N ALA B 663 5.43 8.36 -57.74
CA ALA B 663 4.70 8.31 -56.47
C ALA B 663 3.20 8.40 -56.72
N LYS B 664 2.80 9.27 -57.66
CA LYS B 664 1.39 9.42 -57.96
C LYS B 664 0.86 8.06 -58.40
N THR B 665 1.61 7.37 -59.27
CA THR B 665 1.23 6.09 -59.85
C THR B 665 1.05 5.02 -58.75
N GLU B 666 1.95 5.02 -57.77
CA GLU B 666 1.92 4.03 -56.69
C GLU B 666 0.69 4.25 -55.81
N TRP B 667 0.36 5.52 -55.54
CA TRP B 667 -0.86 5.83 -54.80
C TRP B 667 -2.15 5.48 -55.56
N ASN B 668 -2.20 5.81 -56.87
CA ASN B 668 -3.38 5.54 -57.67
C ASN B 668 -3.67 4.03 -57.73
N LYS B 669 -2.61 3.21 -57.76
CA LYS B 669 -2.80 1.76 -57.74
C LYS B 669 -3.56 1.32 -56.48
N LYS B 670 -3.40 2.08 -55.38
CA LYS B 670 -4.05 1.72 -54.13
C LYS B 670 -5.41 2.42 -54.07
N LEU B 671 -5.42 3.73 -54.34
CA LEU B 671 -6.66 4.50 -54.26
C LEU B 671 -7.74 3.97 -55.22
N GLY B 672 -7.32 3.41 -56.36
CA GLY B 672 -8.25 3.06 -57.44
C GLY B 672 -8.75 1.63 -57.32
N ILE B 673 -8.45 0.97 -56.20
CA ILE B 673 -9.08 -0.31 -55.91
C ILE B 673 -10.59 -0.11 -55.74
N ILE B 674 -10.99 1.07 -55.25
CA ILE B 674 -12.40 1.40 -55.12
C ILE B 674 -12.80 2.54 -56.05
N GLU B 675 -13.92 2.34 -56.74
CA GLU B 675 -14.47 3.31 -57.68
C GLU B 675 -15.98 3.38 -57.48
N VAL B 676 -16.50 4.59 -57.28
CA VAL B 676 -17.89 4.75 -56.91
C VAL B 676 -18.59 5.72 -57.88
N GLU B 677 -19.93 5.65 -57.91
CA GLU B 677 -20.72 6.55 -58.72
C GLU B 677 -21.77 7.22 -57.83
N GLY B 678 -22.08 8.47 -58.15
CA GLY B 678 -23.14 9.23 -57.50
C GLY B 678 -22.68 9.98 -56.26
N ALA B 679 -21.42 9.74 -55.84
CA ALA B 679 -20.83 10.37 -54.65
C ALA B 679 -20.67 11.87 -54.84
N SER B 680 -20.93 12.67 -53.80
CA SER B 680 -20.56 14.07 -53.82
C SER B 680 -19.03 14.24 -53.78
N GLU B 681 -18.61 15.48 -54.06
CA GLU B 681 -17.21 15.86 -53.94
C GLU B 681 -16.74 15.61 -52.51
N ASP B 682 -17.55 15.98 -51.51
CA ASP B 682 -17.15 15.84 -50.11
C ASP B 682 -16.98 14.37 -49.76
N GLN B 683 -17.85 13.51 -50.32
CA GLN B 683 -17.78 12.08 -50.06
C GLN B 683 -16.51 11.50 -50.68
N LEU B 684 -16.11 11.96 -51.87
CA LEU B 684 -14.95 11.38 -52.52
C LEU B 684 -13.65 11.82 -51.84
N VAL B 685 -13.57 13.09 -51.36
CA VAL B 685 -12.51 13.54 -50.49
C VAL B 685 -12.36 12.57 -49.31
N THR B 686 -13.48 12.27 -48.64
CA THR B 686 -13.48 11.43 -47.46
C THR B 686 -13.00 10.02 -47.85
N LEU B 687 -13.58 9.49 -48.92
CA LEU B 687 -13.24 8.14 -49.32
C LEU B 687 -11.76 8.02 -49.69
N TYR B 688 -11.25 8.95 -50.50
CA TYR B 688 -9.92 8.76 -51.09
C TYR B 688 -8.86 9.15 -50.08
N SER B 689 -9.18 10.13 -49.25
CA SER B 689 -8.27 10.44 -48.15
C SER B 689 -8.20 9.27 -47.16
N ASN B 690 -9.36 8.59 -46.93
CA ASN B 690 -9.38 7.44 -46.04
C ASN B 690 -8.49 6.35 -46.62
N LEU B 691 -8.59 6.10 -47.94
CA LEU B 691 -7.77 5.05 -48.54
C LEU B 691 -6.28 5.40 -48.43
N TYR B 692 -5.93 6.70 -48.58
CA TYR B 692 -4.55 7.10 -48.37
C TYR B 692 -4.11 6.78 -46.94
N ARG B 693 -4.91 7.18 -45.94
CA ARG B 693 -4.56 6.88 -44.56
C ARG B 693 -4.40 5.39 -44.36
N LEU B 694 -5.25 4.58 -45.02
CA LEU B 694 -5.22 3.14 -44.84
C LEU B 694 -3.87 2.56 -45.24
N PHE B 695 -3.26 3.09 -46.29
CA PHE B 695 -2.06 2.49 -46.85
C PHE B 695 -0.79 3.24 -46.45
N LEU B 696 -0.94 4.23 -45.57
CA LEU B 696 0.20 5.00 -45.11
C LEU B 696 0.99 4.19 -44.09
N TYR B 697 0.31 3.28 -43.38
CA TYR B 697 0.90 2.39 -42.38
C TYR B 697 0.49 0.95 -42.72
N PRO B 698 1.16 -0.09 -42.18
CA PRO B 698 2.43 0.07 -41.46
C PRO B 698 3.54 0.25 -42.51
N ASN B 699 4.79 0.35 -42.06
CA ASN B 699 5.87 0.88 -42.90
C ASN B 699 7.06 -0.08 -42.92
N SER B 700 7.73 -0.16 -44.07
CA SER B 700 9.02 -0.87 -44.19
C SER B 700 10.00 -0.33 -43.15
N ALA B 701 10.80 -1.21 -42.52
CA ALA B 701 11.96 -0.78 -41.75
C ALA B 701 13.19 -1.60 -42.14
N PHE B 702 13.17 -2.12 -43.37
CA PHE B 702 14.25 -2.92 -43.93
C PHE B 702 14.81 -2.20 -45.18
N GLU B 703 15.97 -2.68 -45.64
CA GLU B 703 16.73 -2.00 -46.70
C GLU B 703 17.32 -3.02 -47.64
N ASN B 704 17.58 -2.58 -48.89
CA ASN B 704 18.23 -3.41 -49.88
C ASN B 704 19.75 -3.20 -49.82
N VAL B 705 20.45 -4.19 -49.28
CA VAL B 705 21.88 -4.09 -48.97
C VAL B 705 22.71 -4.62 -50.16
N GLY B 706 22.04 -5.34 -51.08
CA GLY B 706 22.61 -5.74 -52.35
C GLY B 706 22.47 -4.64 -53.40
N THR B 707 21.97 -5.00 -54.59
CA THR B 707 21.80 -4.09 -55.71
C THR B 707 20.37 -4.19 -56.25
N THR B 708 20.01 -3.27 -57.16
CA THR B 708 18.69 -3.24 -57.79
C THR B 708 18.45 -4.53 -58.56
N THR B 709 19.48 -5.02 -59.26
CA THR B 709 19.46 -6.27 -60.03
C THR B 709 19.29 -7.47 -59.09
N ASP B 710 20.13 -7.55 -58.04
CA ASP B 710 20.18 -8.68 -57.12
C ASP B 710 19.88 -8.21 -55.69
N PRO B 711 18.59 -8.04 -55.28
CA PRO B 711 18.28 -7.49 -53.97
C PRO B 711 18.66 -8.43 -52.82
N VAL B 712 19.08 -7.87 -51.68
CA VAL B 712 19.41 -8.60 -50.47
C VAL B 712 18.91 -7.77 -49.29
N TYR B 713 17.90 -8.29 -48.58
CA TYR B 713 17.19 -7.46 -47.64
C TYR B 713 17.66 -7.75 -46.23
N LYS B 714 17.77 -6.69 -45.43
CA LYS B 714 18.28 -6.77 -44.08
C LYS B 714 17.73 -5.57 -43.31
N TYR B 715 17.75 -5.63 -41.98
CA TYR B 715 17.24 -4.53 -41.18
C TYR B 715 18.00 -4.45 -39.87
N ALA B 716 18.10 -3.24 -39.32
CA ALA B 716 18.58 -3.03 -37.96
C ALA B 716 17.44 -3.33 -36.98
N SER B 717 17.69 -4.25 -36.05
CA SER B 717 16.61 -4.81 -35.25
C SER B 717 16.29 -3.91 -34.05
N PRO B 718 15.02 -3.44 -33.93
CA PRO B 718 14.58 -2.83 -32.68
C PRO B 718 14.01 -3.91 -31.75
N TYR B 719 14.22 -5.20 -32.09
CA TYR B 719 13.58 -6.32 -31.40
C TYR B 719 14.52 -7.09 -30.47
N SER B 720 15.84 -7.16 -30.80
CA SER B 720 16.94 -7.84 -30.10
C SER B 720 17.96 -6.83 -29.55
N ALA B 721 18.86 -7.30 -28.68
CA ALA B 721 19.95 -6.49 -28.15
C ALA B 721 20.98 -6.13 -29.25
N ALA B 722 21.52 -4.92 -29.17
CA ALA B 722 22.63 -4.43 -30.00
C ALA B 722 23.78 -5.44 -30.02
N THR B 723 24.32 -5.74 -31.21
CA THR B 723 25.50 -6.60 -31.34
C THR B 723 26.79 -5.79 -31.16
N GLY B 724 26.70 -4.45 -31.05
CA GLY B 724 27.88 -3.59 -31.02
C GLY B 724 27.63 -2.18 -30.47
N GLN B 725 28.60 -1.29 -30.71
CA GLN B 725 28.50 0.10 -30.30
C GLN B 725 28.14 0.98 -31.51
N ASP B 726 27.32 2.02 -31.31
CA ASP B 726 26.96 2.93 -32.40
C ASP B 726 28.12 3.87 -32.72
N THR B 727 28.33 4.16 -34.02
CA THR B 727 29.22 5.24 -34.40
C THR B 727 28.42 6.30 -35.15
N ALA B 728 29.09 7.39 -35.51
CA ALA B 728 28.48 8.46 -36.28
C ALA B 728 28.09 7.99 -37.68
N THR B 729 28.65 6.85 -38.15
CA THR B 729 28.44 6.41 -39.52
C THR B 729 27.88 4.98 -39.63
N THR B 730 27.93 4.19 -38.53
CA THR B 730 27.45 2.79 -38.53
C THR B 730 26.66 2.49 -37.25
N THR B 731 25.57 1.71 -37.39
CA THR B 731 24.73 1.30 -36.27
C THR B 731 25.39 0.20 -35.43
N GLY B 732 25.14 0.26 -34.12
CA GLY B 732 25.41 -0.83 -33.20
C GLY B 732 24.36 -1.96 -33.19
N ALA B 733 23.14 -1.70 -33.66
CA ALA B 733 22.05 -2.67 -33.52
C ALA B 733 22.36 -3.97 -34.29
N LYS B 734 21.72 -5.08 -33.90
CA LYS B 734 21.87 -6.35 -34.58
C LYS B 734 21.31 -6.21 -36.00
N ILE B 735 22.09 -6.68 -36.99
CA ILE B 735 21.66 -6.62 -38.37
C ILE B 735 21.09 -8.01 -38.69
N VAL B 736 19.80 -8.08 -39.07
CA VAL B 736 19.14 -9.36 -39.26
C VAL B 736 18.71 -9.51 -40.73
N ASP B 737 18.88 -10.71 -41.31
CA ASP B 737 18.46 -10.96 -42.69
C ASP B 737 16.94 -10.92 -42.80
N GLY B 738 16.41 -10.34 -43.89
CA GLY B 738 14.98 -10.39 -44.19
C GLY B 738 14.25 -9.04 -44.05
N LYS B 739 12.92 -9.08 -44.22
CA LYS B 739 12.06 -7.92 -44.18
C LYS B 739 11.42 -7.75 -42.80
N THR B 740 10.97 -6.53 -42.48
CA THR B 740 10.15 -6.29 -41.31
C THR B 740 9.36 -4.99 -41.57
N TYR B 741 8.19 -4.87 -40.91
CA TYR B 741 7.33 -3.70 -40.99
C TYR B 741 7.02 -3.24 -39.57
N VAL B 742 6.63 -1.96 -39.44
CA VAL B 742 6.57 -1.34 -38.13
C VAL B 742 5.46 -0.30 -38.11
N ASN B 743 5.10 0.16 -36.90
CA ASN B 743 4.11 1.22 -36.64
C ASN B 743 2.69 0.66 -36.69
N ASN B 744 2.28 0.07 -35.57
CA ASN B 744 0.94 -0.51 -35.51
C ASN B 744 0.62 -0.85 -34.08
N GLY B 745 -0.49 -0.28 -33.56
CA GLY B 745 -1.20 -0.75 -32.38
C GLY B 745 -2.36 -1.69 -32.75
N PHE B 746 -2.16 -2.99 -32.50
CA PHE B 746 -3.10 -4.04 -32.88
C PHE B 746 -4.48 -3.84 -32.23
N TRP B 747 -4.52 -3.20 -31.06
CA TRP B 747 -5.77 -2.89 -30.39
C TRP B 747 -6.60 -1.97 -31.28
N ASP B 748 -5.94 -1.12 -32.08
CA ASP B 748 -6.64 -0.36 -33.11
C ASP B 748 -6.88 -1.24 -34.34
N THR B 749 -5.79 -1.69 -34.96
CA THR B 749 -5.85 -2.04 -36.38
C THR B 749 -6.57 -3.37 -36.67
N TYR B 750 -6.73 -4.25 -35.68
CA TYR B 750 -7.36 -5.54 -35.93
C TYR B 750 -8.79 -5.33 -36.41
N ARG B 751 -9.43 -4.23 -35.98
CA ARG B 751 -10.86 -4.05 -36.15
C ARG B 751 -11.23 -3.83 -37.62
N THR B 752 -10.36 -3.16 -38.40
CA THR B 752 -10.78 -2.64 -39.70
C THR B 752 -9.63 -2.65 -40.71
N ALA B 753 -8.47 -2.09 -40.31
CA ALA B 753 -7.36 -1.95 -41.23
C ALA B 753 -6.85 -3.32 -41.72
N TRP B 754 -6.56 -4.25 -40.79
CA TRP B 754 -6.02 -5.54 -41.20
C TRP B 754 -6.97 -6.31 -42.11
N PRO B 755 -8.29 -6.42 -41.78
CA PRO B 755 -9.23 -7.07 -42.70
C PRO B 755 -9.32 -6.32 -44.01
N ALA B 756 -9.23 -4.98 -43.94
CA ALA B 756 -9.21 -4.20 -45.17
C ALA B 756 -8.05 -4.66 -46.07
N TYR B 757 -6.85 -4.84 -45.48
CA TYR B 757 -5.76 -5.31 -46.31
C TYR B 757 -6.12 -6.66 -46.92
N SER B 758 -6.73 -7.55 -46.13
CA SER B 758 -6.92 -8.92 -46.57
C SER B 758 -7.89 -8.96 -47.75
N LEU B 759 -8.77 -7.96 -47.81
CA LEU B 759 -9.79 -7.86 -48.85
C LEU B 759 -9.26 -7.08 -50.06
N LEU B 760 -8.64 -5.92 -49.82
CA LEU B 760 -8.29 -4.97 -50.87
C LEU B 760 -6.90 -5.26 -51.48
N THR B 761 -5.93 -5.72 -50.68
CA THR B 761 -4.56 -5.97 -51.13
C THR B 761 -4.07 -7.33 -50.62
N PRO B 762 -4.72 -8.45 -51.02
CA PRO B 762 -4.38 -9.77 -50.49
C PRO B 762 -2.89 -10.13 -50.49
N THR B 763 -2.20 -9.97 -51.64
CA THR B 763 -0.80 -10.36 -51.75
C THR B 763 0.07 -9.49 -50.85
N PHE B 764 -0.08 -8.15 -50.96
CA PHE B 764 0.76 -7.29 -50.14
C PHE B 764 0.48 -7.54 -48.65
N ALA B 765 -0.78 -7.88 -48.32
CA ALA B 765 -1.13 -8.11 -46.92
C ALA B 765 -0.25 -9.19 -46.31
N GLY B 766 -0.05 -10.29 -47.08
CA GLY B 766 0.82 -11.40 -46.68
C GLY B 766 2.27 -10.96 -46.41
N GLU B 767 2.80 -10.09 -47.29
CA GLU B 767 4.13 -9.56 -47.08
C GLU B 767 4.16 -8.69 -45.82
N LEU B 768 3.12 -7.87 -45.59
CA LEU B 768 3.04 -7.08 -44.36
C LEU B 768 3.02 -7.99 -43.13
N ILE B 769 2.15 -9.01 -43.19
CA ILE B 769 2.02 -9.91 -42.05
C ILE B 769 3.39 -10.55 -41.76
N ASP B 770 4.02 -11.15 -42.79
CA ASP B 770 5.29 -11.84 -42.57
C ASP B 770 6.29 -10.93 -41.87
N GLY B 771 6.21 -9.63 -42.19
CA GLY B 771 7.13 -8.66 -41.64
C GLY B 771 6.86 -8.41 -40.16
N PHE B 772 5.66 -8.83 -39.69
CA PHE B 772 5.33 -8.79 -38.26
C PHE B 772 5.69 -10.11 -37.57
N VAL B 773 5.54 -11.23 -38.31
CA VAL B 773 5.93 -12.55 -37.85
C VAL B 773 7.44 -12.58 -37.62
N GLN B 774 8.15 -11.80 -38.45
CA GLN B 774 9.58 -11.57 -38.31
C GLN B 774 9.90 -11.15 -36.87
N GLN B 775 9.05 -10.31 -36.25
CA GLN B 775 9.32 -9.85 -34.89
C GLN B 775 9.37 -11.04 -33.94
N TYR B 776 8.51 -12.05 -34.18
CA TYR B 776 8.58 -13.28 -33.40
C TYR B 776 9.91 -14.01 -33.65
N ARG B 777 10.21 -14.26 -34.94
CA ARG B 777 11.39 -15.04 -35.33
C ARG B 777 12.65 -14.38 -34.76
N ASP B 778 12.61 -13.05 -34.59
CA ASP B 778 13.77 -12.28 -34.20
C ASP B 778 13.75 -12.10 -32.68
N GLY B 779 12.73 -11.40 -32.15
CA GLY B 779 12.77 -11.04 -30.74
C GLY B 779 11.91 -11.91 -29.81
N GLY B 780 11.21 -12.94 -30.32
CA GLY B 780 10.48 -13.84 -29.44
C GLY B 780 8.95 -13.64 -29.40
N TRP B 781 8.45 -12.46 -29.77
CA TRP B 781 7.04 -12.09 -29.70
C TRP B 781 6.66 -11.26 -30.92
N ILE B 782 5.37 -11.22 -31.27
CA ILE B 782 4.88 -10.16 -32.15
C ILE B 782 4.47 -8.97 -31.31
N ALA B 783 4.85 -7.77 -31.79
CA ALA B 783 4.55 -6.55 -31.05
C ALA B 783 3.05 -6.41 -30.76
N ARG B 784 2.74 -5.85 -29.59
CA ARG B 784 1.39 -5.42 -29.25
C ARG B 784 1.16 -4.03 -29.86
N TRP B 785 2.10 -3.11 -29.58
CA TRP B 785 2.21 -1.79 -30.20
C TRP B 785 3.65 -1.61 -30.69
N SER B 786 3.85 -1.77 -32.01
CA SER B 786 5.15 -1.66 -32.66
C SER B 786 5.48 -0.19 -32.95
N SER B 787 6.49 0.38 -32.28
CA SER B 787 6.78 1.81 -32.43
C SER B 787 8.27 2.15 -32.32
N PRO B 788 9.25 1.45 -32.95
CA PRO B 788 9.04 0.29 -33.82
C PRO B 788 9.16 -1.07 -33.12
N GLY B 789 9.80 -1.07 -31.94
CA GLY B 789 9.92 -2.29 -31.13
C GLY B 789 8.70 -2.47 -30.22
N PHE B 790 8.84 -3.35 -29.21
CA PHE B 790 7.76 -3.75 -28.33
C PHE B 790 7.41 -2.65 -27.32
N ALA B 791 6.68 -1.62 -27.77
CA ALA B 791 6.20 -0.57 -26.86
C ALA B 791 5.05 -1.08 -26.01
N ASN B 792 4.96 -0.52 -24.81
CA ASN B 792 4.01 -0.96 -23.83
C ASN B 792 2.84 0.02 -23.75
N LEU B 793 1.76 -0.24 -24.50
CA LEU B 793 0.56 0.58 -24.41
C LEU B 793 -0.65 -0.16 -24.98
N MET B 794 -1.84 0.11 -24.38
CA MET B 794 -3.11 -0.45 -24.80
C MET B 794 -3.22 -1.94 -24.47
N PRO B 795 -4.44 -2.42 -24.11
CA PRO B 795 -4.65 -3.84 -23.79
C PRO B 795 -4.65 -4.75 -25.01
N GLY B 796 -4.48 -6.05 -24.78
CA GLY B 796 -4.64 -7.08 -25.83
C GLY B 796 -3.38 -7.39 -26.64
N THR B 797 -3.42 -8.55 -27.32
CA THR B 797 -2.38 -9.00 -28.23
C THR B 797 -3.04 -9.36 -29.56
N SER B 798 -3.70 -8.38 -30.19
CA SER B 798 -4.61 -8.63 -31.31
C SER B 798 -3.93 -8.94 -32.65
N SER B 799 -2.60 -9.03 -32.66
CA SER B 799 -1.96 -9.66 -33.81
C SER B 799 -2.55 -11.07 -34.01
N ASP B 800 -2.90 -11.70 -32.87
CA ASP B 800 -3.43 -13.05 -32.89
C ASP B 800 -4.62 -13.12 -33.86
N VAL B 801 -5.67 -12.33 -33.58
CA VAL B 801 -6.89 -12.43 -34.38
C VAL B 801 -6.70 -11.88 -35.79
N ALA B 802 -5.98 -10.74 -35.91
CA ALA B 802 -5.77 -10.07 -37.19
C ALA B 802 -5.20 -11.03 -38.22
N PHE B 803 -4.18 -11.80 -37.80
CA PHE B 803 -3.42 -12.59 -38.75
C PHE B 803 -4.11 -13.93 -38.94
N ALA B 804 -4.73 -14.44 -37.88
CA ALA B 804 -5.58 -15.60 -38.01
C ALA B 804 -6.70 -15.32 -39.00
N ASP B 805 -7.29 -14.13 -38.89
CA ASP B 805 -8.40 -13.70 -39.74
C ASP B 805 -7.98 -13.70 -41.20
N ALA B 806 -6.80 -13.13 -41.45
CA ALA B 806 -6.25 -12.98 -42.79
C ALA B 806 -5.99 -14.35 -43.41
N TYR B 807 -5.41 -15.26 -42.63
CA TYR B 807 -5.11 -16.58 -43.14
C TYR B 807 -6.39 -17.25 -43.63
N LEU B 808 -7.45 -17.22 -42.80
CA LEU B 808 -8.70 -17.95 -43.05
C LEU B 808 -9.47 -17.39 -44.24
N LYS B 809 -9.04 -16.19 -44.70
CA LYS B 809 -9.61 -15.48 -45.85
C LYS B 809 -8.73 -15.75 -47.07
N GLY B 810 -7.65 -16.52 -46.90
CA GLY B 810 -6.82 -16.98 -48.01
C GLY B 810 -5.56 -16.12 -48.25
N VAL B 811 -5.13 -15.37 -47.23
CA VAL B 811 -3.84 -14.71 -47.26
C VAL B 811 -2.87 -15.70 -46.62
N THR B 812 -2.32 -16.59 -47.45
CA THR B 812 -1.56 -17.73 -46.94
C THR B 812 -0.08 -17.56 -47.26
N ASN B 813 0.28 -16.41 -47.85
CA ASN B 813 1.65 -16.16 -48.27
C ASN B 813 2.43 -15.52 -47.11
N PHE B 814 2.45 -16.22 -45.97
CA PHE B 814 3.33 -15.87 -44.86
C PHE B 814 3.65 -17.12 -44.06
N ASP B 815 4.53 -16.98 -43.06
CA ASP B 815 4.99 -18.10 -42.27
C ASP B 815 3.96 -18.40 -41.17
N VAL B 816 2.90 -19.12 -41.55
CA VAL B 816 1.79 -19.35 -40.64
C VAL B 816 2.29 -20.10 -39.42
N GLN B 817 3.26 -21.02 -39.63
CA GLN B 817 3.76 -21.88 -38.56
C GLN B 817 4.30 -21.05 -37.40
N SER B 818 5.09 -20.02 -37.73
CA SER B 818 5.71 -19.21 -36.70
C SER B 818 4.67 -18.26 -36.13
N PHE B 819 3.75 -17.82 -37.00
CA PHE B 819 2.71 -16.94 -36.52
C PHE B 819 1.97 -17.63 -35.38
N TYR B 820 1.55 -18.87 -35.68
CA TYR B 820 0.85 -19.71 -34.74
C TYR B 820 1.61 -19.76 -33.44
N GLN B 821 2.91 -20.10 -33.52
CA GLN B 821 3.73 -20.17 -32.31
C GLN B 821 3.64 -18.86 -31.54
N SER B 822 3.67 -17.73 -32.25
CA SER B 822 3.64 -16.46 -31.55
C SER B 822 2.29 -16.27 -30.85
N ALA B 823 1.23 -16.80 -31.47
CA ALA B 823 -0.11 -16.64 -30.93
C ALA B 823 -0.26 -17.40 -29.61
N ILE B 824 0.14 -18.70 -29.61
CA ILE B 824 0.06 -19.52 -28.41
C ILE B 824 1.05 -19.02 -27.35
N ARG B 825 2.15 -18.39 -27.79
CA ARG B 825 3.02 -17.79 -26.79
C ARG B 825 2.26 -16.69 -26.04
N ASN B 826 1.47 -15.90 -26.79
CA ASN B 826 0.71 -14.81 -26.21
C ASN B 826 -0.34 -15.38 -25.26
N ALA B 827 -0.94 -16.51 -25.66
CA ALA B 827 -2.14 -17.10 -25.07
C ALA B 827 -1.82 -18.02 -23.88
N GLU B 828 -0.60 -18.59 -23.80
CA GLU B 828 -0.30 -19.70 -22.89
C GLU B 828 1.00 -19.52 -22.07
N ALA B 829 1.83 -18.52 -22.41
CA ALA B 829 3.17 -18.39 -21.84
C ALA B 829 3.36 -17.01 -21.20
N VAL B 830 3.67 -16.98 -19.90
CA VAL B 830 3.77 -15.69 -19.21
C VAL B 830 4.95 -14.94 -19.82
N SER B 831 4.75 -13.63 -20.01
CA SER B 831 5.77 -12.76 -20.58
C SER B 831 6.60 -12.08 -19.49
N PRO B 832 7.95 -12.09 -19.63
CA PRO B 832 8.83 -11.35 -18.72
C PRO B 832 8.90 -9.85 -19.05
N ASN B 833 8.50 -9.48 -20.29
CA ASN B 833 8.65 -8.15 -20.88
C ASN B 833 7.35 -7.37 -20.72
N ALA B 834 7.50 -6.08 -20.36
CA ALA B 834 6.36 -5.17 -20.19
C ALA B 834 5.57 -5.03 -21.49
N GLY B 835 6.20 -5.28 -22.64
CA GLY B 835 5.68 -4.87 -23.93
C GLY B 835 5.21 -6.05 -24.78
N THR B 836 5.29 -7.27 -24.23
CA THR B 836 4.83 -8.39 -25.03
C THR B 836 3.92 -9.27 -24.19
N GLY B 837 3.10 -10.08 -24.89
CA GLY B 837 2.19 -11.05 -24.30
C GLY B 837 1.04 -10.39 -23.53
N ARG B 838 0.26 -11.22 -22.82
CA ARG B 838 -0.99 -10.84 -22.20
C ARG B 838 -0.78 -10.63 -20.70
N LYS B 839 -0.96 -9.39 -20.23
CA LYS B 839 -0.82 -9.12 -18.80
C LYS B 839 -1.85 -9.89 -17.96
N GLY B 840 -1.41 -10.30 -16.75
CA GLY B 840 -2.24 -11.03 -15.80
C GLY B 840 -2.43 -12.51 -16.14
N LEU B 841 -1.66 -13.05 -17.10
CA LEU B 841 -1.85 -14.45 -17.50
C LEU B 841 -1.43 -15.42 -16.40
N THR B 842 -0.61 -14.94 -15.46
CA THR B 842 -0.17 -15.68 -14.29
C THR B 842 -1.35 -16.40 -13.66
N THR B 843 -2.46 -15.65 -13.43
CA THR B 843 -3.67 -16.14 -12.80
C THR B 843 -4.79 -16.32 -13.83
N SER B 844 -4.77 -15.55 -14.91
CA SER B 844 -5.96 -15.40 -15.75
C SER B 844 -6.26 -16.68 -16.54
N ILE B 845 -5.21 -17.38 -16.98
CA ILE B 845 -5.44 -18.57 -17.79
C ILE B 845 -6.14 -19.63 -16.92
N PHE B 846 -5.97 -19.53 -15.59
CA PHE B 846 -6.50 -20.51 -14.65
C PHE B 846 -7.88 -20.11 -14.14
N ASP B 847 -8.08 -18.80 -13.94
CA ASP B 847 -9.28 -18.26 -13.33
C ASP B 847 -10.42 -18.17 -14.34
N GLY B 848 -10.13 -18.09 -15.66
CA GLY B 848 -11.10 -17.82 -16.73
C GLY B 848 -11.40 -16.31 -16.93
N TYR B 849 -10.78 -15.47 -16.11
CA TYR B 849 -11.01 -14.05 -16.19
C TYR B 849 -9.74 -13.36 -15.69
N THR B 850 -9.60 -12.08 -16.03
CA THR B 850 -8.47 -11.30 -15.58
C THR B 850 -8.96 -10.36 -14.49
N ASN B 851 -8.23 -10.34 -13.37
CA ASN B 851 -8.73 -9.68 -12.16
C ASN B 851 -8.21 -8.24 -12.12
N THR B 852 -8.72 -7.42 -11.18
CA THR B 852 -8.45 -6.00 -11.18
C THR B 852 -7.01 -5.73 -10.75
N SER B 853 -6.24 -6.78 -10.46
CA SER B 853 -4.84 -6.58 -10.12
C SER B 853 -4.04 -6.22 -11.36
N THR B 854 -4.52 -6.62 -12.54
CA THR B 854 -4.04 -6.09 -13.81
C THR B 854 -4.81 -4.79 -14.13
N GLY B 855 -4.11 -3.65 -14.34
CA GLY B 855 -4.75 -2.42 -14.77
C GLY B 855 -5.68 -2.66 -15.96
N GLU B 856 -6.96 -2.27 -15.85
CA GLU B 856 -7.90 -2.47 -16.95
C GLU B 856 -7.95 -3.95 -17.32
N GLY B 857 -7.93 -4.82 -16.28
CA GLY B 857 -7.98 -6.25 -16.47
C GLY B 857 -9.19 -6.74 -17.28
N LEU B 858 -10.34 -6.10 -17.07
CA LEU B 858 -11.51 -6.45 -17.86
C LEU B 858 -11.19 -6.34 -19.36
N ALA B 859 -10.54 -5.22 -19.71
CA ALA B 859 -10.23 -4.94 -21.10
C ALA B 859 -9.29 -6.01 -21.67
N TRP B 860 -8.24 -6.35 -20.91
CA TRP B 860 -7.36 -7.46 -21.28
C TRP B 860 -8.17 -8.74 -21.53
N ALA B 861 -9.08 -9.04 -20.59
CA ALA B 861 -9.87 -10.25 -20.64
C ALA B 861 -10.73 -10.33 -21.91
N MET B 862 -11.51 -9.27 -22.19
CA MET B 862 -12.49 -9.36 -23.25
C MET B 862 -11.78 -9.54 -24.58
N ASP B 863 -10.65 -8.82 -24.75
CA ASP B 863 -9.90 -8.90 -26.00
C ASP B 863 -9.17 -10.24 -26.11
N GLY B 864 -8.65 -10.74 -24.96
CA GLY B 864 -8.23 -12.13 -24.88
C GLY B 864 -9.21 -13.12 -25.56
N TYR B 865 -10.51 -13.05 -25.19
CA TYR B 865 -11.43 -14.09 -25.63
C TYR B 865 -11.61 -14.00 -27.13
N ILE B 866 -11.51 -12.78 -27.70
CA ILE B 866 -11.67 -12.60 -29.14
C ILE B 866 -10.46 -13.18 -29.86
N ASN B 867 -9.25 -12.92 -29.30
CA ASN B 867 -8.02 -13.44 -29.88
C ASN B 867 -8.03 -14.97 -29.88
N ASP B 868 -8.48 -15.55 -28.74
CA ASP B 868 -8.62 -17.00 -28.63
C ASP B 868 -9.57 -17.50 -29.73
N PHE B 869 -10.64 -16.73 -30.01
CA PHE B 869 -11.55 -17.19 -31.05
C PHE B 869 -10.76 -17.40 -32.35
N GLY B 870 -9.87 -16.44 -32.68
CA GLY B 870 -9.11 -16.50 -33.92
C GLY B 870 -8.07 -17.63 -33.92
N ILE B 871 -7.35 -17.71 -32.78
CA ILE B 871 -6.33 -18.74 -32.63
C ILE B 871 -7.01 -20.09 -32.82
N ALA B 872 -8.24 -20.23 -32.32
CA ALA B 872 -8.94 -21.50 -32.39
C ALA B 872 -9.32 -21.83 -33.84
N ASN B 873 -9.78 -20.84 -34.62
CA ASN B 873 -10.19 -21.17 -35.97
C ASN B 873 -9.00 -21.54 -36.84
N LEU B 874 -7.83 -20.94 -36.53
CA LEU B 874 -6.63 -21.22 -37.30
C LEU B 874 -6.16 -22.63 -36.95
N ALA B 875 -6.16 -22.96 -35.67
CA ALA B 875 -5.80 -24.32 -35.27
C ALA B 875 -6.63 -25.35 -36.06
N LYS B 876 -7.96 -25.17 -36.14
CA LYS B 876 -8.80 -26.07 -36.91
C LYS B 876 -8.36 -26.10 -38.38
N ALA B 877 -8.05 -24.93 -38.96
CA ALA B 877 -7.69 -24.88 -40.36
C ALA B 877 -6.35 -25.59 -40.59
N LEU B 878 -5.41 -25.51 -39.63
CA LEU B 878 -4.10 -26.11 -39.81
C LEU B 878 -4.18 -27.62 -39.62
N LYS B 879 -5.03 -28.05 -38.68
CA LYS B 879 -5.44 -29.44 -38.58
C LYS B 879 -5.90 -29.96 -39.95
N GLU B 880 -6.82 -29.24 -40.61
CA GLU B 880 -7.37 -29.68 -41.88
C GLU B 880 -6.34 -29.61 -43.00
N LYS B 881 -5.29 -28.79 -42.83
CA LYS B 881 -4.21 -28.72 -43.81
C LYS B 881 -3.41 -30.04 -43.82
N GLY B 882 -3.11 -30.55 -42.62
CA GLY B 882 -2.53 -31.87 -42.46
C GLY B 882 -1.05 -31.92 -42.85
N ASP B 883 -0.33 -30.84 -42.59
CA ASP B 883 1.09 -30.80 -42.92
C ASP B 883 1.87 -31.55 -41.85
N LYS B 884 2.27 -32.78 -42.18
CA LYS B 884 2.84 -33.68 -41.19
C LYS B 884 4.28 -33.27 -40.88
N SER B 885 4.87 -32.39 -41.71
CA SER B 885 6.23 -31.92 -41.43
C SER B 885 6.24 -30.79 -40.39
N ASP B 886 5.07 -30.21 -40.11
CA ASP B 886 4.90 -29.25 -39.02
C ASP B 886 5.10 -29.98 -37.70
N PRO B 887 6.19 -29.71 -36.94
CA PRO B 887 6.44 -30.38 -35.67
C PRO B 887 5.29 -30.30 -34.66
N TYR B 888 4.44 -29.28 -34.81
CA TYR B 888 3.39 -29.01 -33.83
C TYR B 888 2.11 -29.79 -34.16
N TYR B 889 2.10 -30.50 -35.31
CA TYR B 889 0.86 -30.95 -35.94
C TYR B 889 -0.09 -31.73 -35.02
N ALA B 890 0.42 -32.71 -34.27
CA ALA B 890 -0.46 -33.53 -33.45
C ALA B 890 -1.28 -32.66 -32.49
N ASN B 891 -0.87 -31.41 -32.28
CA ASN B 891 -1.44 -30.60 -31.21
C ASN B 891 -2.56 -29.66 -31.70
N TYR B 892 -2.79 -29.57 -33.01
CA TYR B 892 -3.75 -28.60 -33.54
C TYR B 892 -5.17 -28.91 -33.04
N ALA B 893 -5.62 -30.16 -33.22
CA ALA B 893 -6.97 -30.52 -32.81
C ALA B 893 -7.21 -30.12 -31.36
N ALA B 894 -6.30 -30.49 -30.47
CA ALA B 894 -6.51 -30.17 -29.06
C ALA B 894 -6.69 -28.65 -28.90
N ASP B 895 -5.84 -27.89 -29.60
CA ASP B 895 -5.80 -26.45 -29.43
C ASP B 895 -7.13 -25.83 -29.91
N TYR B 896 -7.70 -26.36 -30.98
CA TYR B 896 -9.01 -25.90 -31.44
C TYR B 896 -10.04 -25.97 -30.31
N GLN B 897 -10.20 -27.17 -29.72
CA GLN B 897 -11.14 -27.38 -28.66
C GLN B 897 -10.83 -26.40 -27.52
N TYR B 898 -9.58 -26.39 -27.06
CA TYR B 898 -9.23 -25.62 -25.89
C TYR B 898 -9.53 -24.14 -26.14
N PHE B 899 -9.22 -23.67 -27.35
CA PHE B 899 -9.29 -22.25 -27.62
C PHE B 899 -10.74 -21.85 -27.89
N LEU B 900 -11.50 -22.68 -28.61
CA LEU B 900 -12.91 -22.38 -28.85
C LEU B 900 -13.63 -22.24 -27.52
N ASN B 901 -13.28 -23.10 -26.55
CA ASN B 901 -13.83 -22.99 -25.20
C ASN B 901 -13.44 -21.66 -24.54
N ARG B 902 -12.15 -21.30 -24.59
CA ARG B 902 -11.66 -20.05 -24.01
C ARG B 902 -12.38 -18.84 -24.61
N ALA B 903 -12.74 -18.92 -25.90
CA ALA B 903 -13.47 -17.88 -26.61
C ALA B 903 -14.82 -17.60 -25.93
N GLN B 904 -15.35 -18.59 -25.19
CA GLN B 904 -16.64 -18.41 -24.56
C GLN B 904 -16.49 -18.05 -23.09
N ASN B 905 -15.29 -17.68 -22.67
CA ASN B 905 -15.05 -17.41 -21.25
C ASN B 905 -15.54 -16.03 -20.86
N TYR B 906 -16.13 -15.31 -21.82
CA TYR B 906 -16.73 -14.01 -21.53
C TYR B 906 -17.74 -14.11 -20.38
N VAL B 907 -18.36 -15.28 -20.20
CA VAL B 907 -19.36 -15.47 -19.15
C VAL B 907 -18.74 -15.09 -17.81
N HIS B 908 -17.42 -15.25 -17.68
CA HIS B 908 -16.74 -15.14 -16.41
C HIS B 908 -16.52 -13.68 -16.06
N MET B 909 -16.84 -12.79 -17.02
CA MET B 909 -16.66 -11.36 -16.77
C MET B 909 -18.00 -10.61 -16.88
N PHE B 910 -19.11 -11.35 -17.06
CA PHE B 910 -20.46 -10.80 -17.06
C PHE B 910 -21.07 -10.89 -15.66
N ASN B 911 -21.23 -9.70 -15.07
CA ASN B 911 -21.76 -9.49 -13.75
C ASN B 911 -23.29 -9.49 -13.81
N PRO B 912 -23.97 -10.57 -13.33
CA PRO B 912 -25.38 -10.77 -13.61
C PRO B 912 -26.27 -9.82 -12.79
N SER B 913 -25.70 -9.23 -11.73
CA SER B 913 -26.51 -8.40 -10.86
C SER B 913 -26.77 -7.04 -11.50
N ILE B 914 -25.85 -6.58 -12.37
CA ILE B 914 -25.99 -5.30 -13.03
C ILE B 914 -26.23 -5.47 -14.54
N GLU B 915 -25.92 -6.64 -15.08
CA GLU B 915 -26.09 -6.93 -16.49
C GLU B 915 -25.14 -6.04 -17.29
N PHE B 916 -23.85 -6.11 -16.93
CA PHE B 916 -22.77 -5.44 -17.65
C PHE B 916 -21.49 -6.25 -17.47
N PHE B 917 -20.56 -6.15 -18.41
CA PHE B 917 -19.22 -6.67 -18.15
C PHE B 917 -18.54 -5.81 -17.09
N ASN B 918 -17.85 -6.48 -16.15
CA ASN B 918 -17.38 -5.80 -14.95
C ASN B 918 -16.13 -6.52 -14.44
N GLY B 919 -15.25 -5.80 -13.75
CA GLY B 919 -14.05 -6.40 -13.20
C GLY B 919 -14.34 -7.29 -11.98
N ARG B 920 -13.39 -8.19 -11.68
CA ARG B 920 -13.41 -8.97 -10.44
C ARG B 920 -12.10 -8.75 -9.68
N THR B 921 -12.16 -8.67 -8.33
CA THR B 921 -10.96 -8.65 -7.49
C THR B 921 -10.32 -10.02 -7.45
N ALA B 922 -9.10 -10.08 -6.90
CA ALA B 922 -8.27 -11.29 -6.89
C ALA B 922 -9.02 -12.49 -6.28
N ASN B 923 -9.79 -12.17 -5.22
CA ASN B 923 -10.57 -13.13 -4.45
C ASN B 923 -11.77 -13.61 -5.26
N GLY B 924 -12.03 -13.04 -6.44
CA GLY B 924 -13.13 -13.53 -7.28
C GLY B 924 -14.38 -12.64 -7.30
N ALA B 925 -14.52 -11.75 -6.29
CA ALA B 925 -15.73 -10.97 -6.09
C ALA B 925 -15.82 -9.84 -7.12
N TRP B 926 -17.05 -9.55 -7.61
CA TRP B 926 -17.30 -8.48 -8.57
C TRP B 926 -16.77 -7.16 -8.05
N ARG B 927 -16.31 -6.29 -8.94
CA ARG B 927 -15.89 -4.95 -8.51
C ARG B 927 -17.11 -4.14 -8.04
N SER B 928 -18.22 -4.27 -8.77
CA SER B 928 -19.37 -3.40 -8.58
C SER B 928 -20.61 -4.21 -8.23
N THR B 929 -21.54 -3.52 -7.55
CA THR B 929 -22.87 -4.05 -7.27
C THR B 929 -23.92 -3.00 -7.64
N PRO B 930 -25.22 -3.38 -7.78
CA PRO B 930 -26.25 -2.43 -8.21
C PRO B 930 -26.28 -1.08 -7.52
N ASP B 931 -25.93 -1.07 -6.25
CA ASP B 931 -25.97 0.15 -5.44
C ASP B 931 -24.93 1.17 -5.92
N ASN B 932 -23.72 0.71 -6.31
CA ASN B 932 -22.59 1.59 -6.55
C ASN B 932 -22.31 1.78 -8.05
N PHE B 933 -22.74 0.83 -8.90
CA PHE B 933 -22.35 0.85 -10.30
C PHE B 933 -22.98 2.01 -11.09
N ASN B 934 -22.19 2.53 -12.05
CA ASN B 934 -22.66 3.57 -12.95
C ASN B 934 -22.07 3.33 -14.34
N PRO B 935 -22.86 2.86 -15.31
CA PRO B 935 -22.29 2.50 -16.63
C PRO B 935 -21.79 3.73 -17.40
N ALA B 936 -22.10 4.92 -16.91
CA ALA B 936 -21.68 6.15 -17.57
C ALA B 936 -20.24 6.52 -17.19
N VAL B 937 -19.70 5.93 -16.11
CA VAL B 937 -18.42 6.35 -15.53
C VAL B 937 -17.27 5.65 -16.27
N TRP B 938 -16.26 6.45 -16.65
CA TRP B 938 -15.14 6.02 -17.49
C TRP B 938 -14.04 5.39 -16.64
N GLY B 939 -13.27 4.52 -17.29
CA GLY B 939 -12.04 4.08 -16.63
C GLY B 939 -12.24 2.82 -15.78
N SER B 940 -11.32 2.60 -14.84
CA SER B 940 -11.19 1.38 -14.06
C SER B 940 -11.01 0.15 -14.95
N ASP B 941 -12.12 -0.55 -15.21
CA ASP B 941 -12.15 -1.71 -16.08
C ASP B 941 -12.13 -1.29 -17.56
N TYR B 942 -12.55 -0.07 -17.84
CA TYR B 942 -13.00 0.23 -19.21
C TYR B 942 -12.00 1.18 -19.88
N THR B 943 -11.15 0.63 -20.77
CA THR B 943 -10.09 1.40 -21.39
C THR B 943 -10.69 2.48 -22.31
N GLU B 944 -10.49 3.76 -21.94
CA GLU B 944 -10.84 4.91 -22.76
C GLU B 944 -12.33 4.95 -23.12
N THR B 945 -13.19 4.54 -22.16
CA THR B 945 -14.63 4.49 -22.31
C THR B 945 -15.28 4.17 -20.95
N ASN B 946 -16.56 3.78 -20.99
CA ASN B 946 -17.35 3.46 -19.81
C ASN B 946 -17.96 2.06 -19.96
N GLY B 947 -18.65 1.59 -18.91
CA GLY B 947 -19.28 0.27 -18.92
C GLY B 947 -20.26 0.14 -20.10
N TRP B 948 -21.01 1.21 -20.38
CA TRP B 948 -21.96 1.19 -21.49
C TRP B 948 -21.30 0.64 -22.76
N ASN B 949 -20.08 1.12 -23.09
CA ASN B 949 -19.48 0.85 -24.39
C ASN B 949 -18.81 -0.51 -24.40
N MET B 950 -18.64 -1.13 -23.23
CA MET B 950 -18.12 -2.48 -23.25
C MET B 950 -19.21 -3.52 -23.01
N ALA B 951 -20.51 -3.13 -23.09
CA ALA B 951 -21.63 -4.02 -22.79
C ALA B 951 -21.79 -5.06 -23.87
N PHE B 952 -21.10 -4.93 -25.00
CA PHE B 952 -21.39 -5.70 -26.18
C PHE B 952 -20.11 -6.30 -26.76
N HIS B 953 -19.11 -6.50 -25.90
CA HIS B 953 -17.78 -6.89 -26.36
C HIS B 953 -17.70 -8.39 -26.65
N VAL B 954 -18.72 -8.94 -27.30
CA VAL B 954 -18.62 -10.35 -27.62
C VAL B 954 -18.98 -10.53 -29.07
N PRO B 955 -18.19 -9.96 -30.01
CA PRO B 955 -18.47 -10.12 -31.44
C PRO B 955 -18.37 -11.57 -31.92
N GLN B 956 -17.66 -12.44 -31.17
CA GLN B 956 -17.36 -13.80 -31.61
C GLN B 956 -18.54 -14.73 -31.38
N ASP B 957 -19.55 -14.28 -30.64
CA ASP B 957 -20.65 -15.14 -30.24
C ASP B 957 -21.84 -14.30 -29.75
N GLY B 958 -22.48 -13.58 -30.67
CA GLY B 958 -23.57 -12.65 -30.36
C GLY B 958 -24.77 -13.36 -29.71
N GLN B 959 -25.09 -14.57 -30.17
CA GLN B 959 -26.19 -15.29 -29.55
C GLN B 959 -25.88 -15.55 -28.07
N GLY B 960 -24.63 -15.92 -27.79
CA GLY B 960 -24.20 -16.12 -26.41
C GLY B 960 -24.38 -14.84 -25.61
N LEU B 961 -24.05 -13.71 -26.24
CA LEU B 961 -24.18 -12.41 -25.61
C LEU B 961 -25.66 -12.09 -25.44
N ALA B 962 -26.46 -12.34 -26.47
CA ALA B 962 -27.89 -12.10 -26.37
C ALA B 962 -28.47 -12.90 -25.19
N ASN B 963 -28.03 -14.15 -25.05
CA ASN B 963 -28.54 -15.01 -24.00
C ASN B 963 -28.29 -14.41 -22.63
N LEU B 964 -27.12 -13.78 -22.42
CA LEU B 964 -26.85 -13.19 -21.12
C LEU B 964 -27.90 -12.12 -20.84
N TYR B 965 -28.54 -11.57 -21.89
CA TYR B 965 -29.44 -10.44 -21.73
C TYR B 965 -30.89 -10.93 -21.80
N GLY B 966 -31.05 -12.24 -21.90
CA GLY B 966 -32.37 -12.83 -21.94
C GLY B 966 -32.80 -13.20 -23.36
N GLY B 967 -31.90 -13.08 -24.35
CA GLY B 967 -32.26 -13.40 -25.73
C GLY B 967 -32.11 -12.20 -26.67
N LYS B 968 -32.45 -12.39 -27.96
CA LYS B 968 -32.27 -11.37 -28.98
C LYS B 968 -32.97 -10.09 -28.57
N GLU B 969 -34.23 -10.19 -28.15
CA GLU B 969 -35.03 -9.06 -27.68
C GLU B 969 -34.34 -8.31 -26.54
N GLY B 970 -33.66 -9.03 -25.65
CA GLY B 970 -32.97 -8.41 -24.54
C GLY B 970 -31.71 -7.67 -25.01
N LEU B 971 -30.99 -8.26 -25.98
CA LEU B 971 -29.88 -7.58 -26.62
C LEU B 971 -30.34 -6.26 -27.24
N ALA B 972 -31.38 -6.32 -28.09
CA ALA B 972 -31.96 -5.15 -28.73
C ALA B 972 -32.37 -4.09 -27.69
N THR B 973 -33.06 -4.49 -26.61
CA THR B 973 -33.41 -3.53 -25.60
C THR B 973 -32.16 -2.82 -25.07
N LYS B 974 -31.07 -3.57 -24.87
CA LYS B 974 -29.86 -3.03 -24.26
C LYS B 974 -29.23 -2.01 -25.22
N LEU B 975 -29.13 -2.39 -26.50
CA LEU B 975 -28.62 -1.52 -27.55
C LEU B 975 -29.44 -0.24 -27.63
N ASP B 976 -30.77 -0.36 -27.63
CA ASP B 976 -31.65 0.80 -27.77
C ASP B 976 -31.37 1.77 -26.64
N GLN B 977 -31.17 1.24 -25.45
CA GLN B 977 -30.93 2.09 -24.29
C GLN B 977 -29.56 2.76 -24.46
N PHE B 978 -28.59 2.00 -24.98
CA PHE B 978 -27.23 2.47 -25.23
C PHE B 978 -27.26 3.70 -26.14
N PHE B 979 -27.97 3.57 -27.26
CA PHE B 979 -28.04 4.60 -28.29
C PHE B 979 -28.97 5.76 -27.92
N SER B 980 -29.57 5.79 -26.73
CA SER B 980 -30.56 6.84 -26.47
C SER B 980 -30.34 7.50 -25.12
N THR B 981 -29.18 7.21 -24.48
CA THR B 981 -28.73 7.89 -23.27
C THR B 981 -27.47 8.68 -23.65
N SER B 982 -27.54 10.01 -23.54
CA SER B 982 -26.50 10.89 -24.06
C SER B 982 -25.26 10.87 -23.15
N GLU B 983 -24.09 10.64 -23.78
CA GLU B 983 -22.78 10.82 -23.16
C GLU B 983 -22.53 12.31 -22.92
N THR B 984 -22.27 12.67 -21.66
CA THR B 984 -22.17 14.06 -21.21
C THR B 984 -20.71 14.49 -21.06
N GLY B 985 -19.77 13.54 -21.06
CA GLY B 985 -18.36 13.86 -20.86
C GLY B 985 -18.05 14.34 -19.44
N LEU B 986 -18.97 14.16 -18.50
CA LEU B 986 -18.81 14.68 -17.15
C LEU B 986 -18.41 13.60 -16.13
N PHE B 987 -18.19 12.35 -16.55
CA PHE B 987 -17.85 11.26 -15.63
C PHE B 987 -16.44 10.70 -15.92
N PRO B 988 -15.35 11.38 -15.48
CA PRO B 988 -13.99 10.93 -15.80
C PRO B 988 -13.54 9.68 -15.05
N GLY B 989 -14.21 9.40 -13.91
CA GLY B 989 -13.97 8.16 -13.17
C GLY B 989 -12.51 8.09 -12.76
N SER B 990 -11.77 7.08 -13.25
CA SER B 990 -10.39 6.91 -12.84
C SER B 990 -9.42 7.84 -13.56
N TYR B 991 -9.82 8.50 -14.66
CA TYR B 991 -8.92 9.42 -15.37
C TYR B 991 -8.75 10.69 -14.53
N GLY B 992 -9.70 10.98 -13.62
CA GLY B 992 -9.53 12.09 -12.71
C GLY B 992 -10.04 13.41 -13.27
N GLY B 993 -9.44 13.88 -14.37
CA GLY B 993 -9.95 14.99 -15.19
C GLY B 993 -10.41 14.53 -16.59
N THR B 994 -11.07 15.43 -17.33
CA THR B 994 -11.48 15.21 -18.73
C THR B 994 -10.27 14.81 -19.59
N ILE B 995 -10.38 13.70 -20.31
CA ILE B 995 -9.47 13.40 -21.40
C ILE B 995 -10.18 13.68 -22.74
N HIS B 996 -9.39 13.92 -23.81
CA HIS B 996 -9.92 14.27 -25.10
C HIS B 996 -10.92 13.23 -25.60
N GLU B 997 -10.70 11.93 -25.33
CA GLU B 997 -11.61 10.89 -25.80
C GLU B 997 -13.04 11.11 -25.29
N MET B 998 -13.18 11.81 -24.16
CA MET B 998 -14.46 12.06 -23.52
C MET B 998 -15.24 13.17 -24.23
N ARG B 999 -14.54 14.27 -24.55
CA ARG B 999 -15.11 15.38 -25.31
C ARG B 999 -15.64 14.88 -26.66
N GLU B 1000 -14.84 14.03 -27.33
CA GLU B 1000 -15.12 13.49 -28.65
C GLU B 1000 -16.33 12.56 -28.61
N ALA B 1001 -16.41 11.70 -27.58
CA ALA B 1001 -17.52 10.77 -27.43
C ALA B 1001 -18.81 11.57 -27.14
N ARG B 1002 -18.72 12.57 -26.26
CA ARG B 1002 -19.81 13.51 -26.01
C ARG B 1002 -20.33 14.09 -27.33
N ASP B 1003 -19.41 14.44 -28.25
CA ASP B 1003 -19.79 15.22 -29.42
C ASP B 1003 -20.18 14.31 -30.59
N VAL B 1004 -20.07 12.98 -30.43
CA VAL B 1004 -20.69 12.07 -31.39
C VAL B 1004 -22.20 12.28 -31.36
N ARG B 1005 -22.74 12.50 -30.15
CA ARG B 1005 -24.16 12.73 -29.94
C ARG B 1005 -24.99 11.61 -30.56
N MET B 1006 -24.55 10.37 -30.40
CA MET B 1006 -25.36 9.20 -30.71
C MET B 1006 -25.62 8.39 -29.44
N GLY B 1007 -26.28 9.02 -28.46
CA GLY B 1007 -26.40 8.40 -27.16
C GLY B 1007 -25.02 8.14 -26.56
N MET B 1008 -24.71 6.89 -26.22
CA MET B 1008 -23.45 6.61 -25.54
C MET B 1008 -22.33 6.23 -26.52
N TYR B 1009 -22.68 6.09 -27.80
CA TYR B 1009 -21.86 5.39 -28.78
C TYR B 1009 -20.58 6.21 -29.02
N GLY B 1010 -19.41 5.67 -28.59
CA GLY B 1010 -18.17 6.43 -28.71
C GLY B 1010 -17.43 6.16 -30.04
N HIS B 1011 -18.04 6.58 -31.16
CA HIS B 1011 -17.41 6.32 -32.44
C HIS B 1011 -16.01 6.93 -32.54
N SER B 1012 -15.73 7.98 -31.75
CA SER B 1012 -14.45 8.68 -31.73
C SER B 1012 -13.24 7.81 -31.37
N ASN B 1013 -13.51 6.58 -30.91
CA ASN B 1013 -12.47 5.69 -30.43
C ASN B 1013 -12.82 4.23 -30.76
N GLN B 1014 -11.78 3.40 -30.88
CA GLN B 1014 -11.81 2.06 -31.46
C GLN B 1014 -12.69 1.06 -30.69
N PRO B 1015 -12.81 1.06 -29.34
CA PRO B 1015 -13.54 0.00 -28.67
C PRO B 1015 -15.05 -0.06 -28.94
N SER B 1016 -15.61 0.92 -29.66
CA SER B 1016 -17.05 0.94 -29.88
C SER B 1016 -17.37 0.46 -31.28
N HIS B 1017 -16.35 0.07 -32.04
CA HIS B 1017 -16.52 0.15 -33.48
C HIS B 1017 -17.44 -0.94 -34.02
N HIS B 1018 -17.70 -1.96 -33.20
CA HIS B 1018 -18.49 -3.10 -33.63
C HIS B 1018 -19.96 -2.91 -33.28
N ILE B 1019 -20.26 -1.91 -32.44
CA ILE B 1019 -21.51 -1.90 -31.70
C ILE B 1019 -22.73 -1.80 -32.63
N ALA B 1020 -22.68 -0.90 -33.61
CA ALA B 1020 -23.83 -0.69 -34.47
C ALA B 1020 -24.19 -1.99 -35.17
N TYR B 1021 -23.20 -2.84 -35.46
CA TYR B 1021 -23.42 -4.05 -36.24
C TYR B 1021 -24.04 -5.15 -35.39
N MET B 1022 -24.10 -4.95 -34.06
CA MET B 1022 -24.57 -5.97 -33.13
C MET B 1022 -26.09 -6.10 -33.24
N TYR B 1023 -26.75 -5.14 -33.89
CA TYR B 1023 -28.15 -5.33 -34.16
C TYR B 1023 -28.33 -6.44 -35.18
N ASP B 1024 -27.31 -6.81 -35.93
CA ASP B 1024 -27.51 -7.93 -36.85
C ASP B 1024 -27.68 -9.25 -36.09
N TYR B 1025 -27.18 -9.29 -34.84
CA TYR B 1025 -27.30 -10.45 -33.99
C TYR B 1025 -28.69 -10.50 -33.34
N ALA B 1026 -29.27 -9.32 -33.10
CA ALA B 1026 -30.54 -9.14 -32.41
C ALA B 1026 -31.72 -9.23 -33.38
N GLY B 1027 -31.46 -9.38 -34.69
CA GLY B 1027 -32.57 -9.53 -35.63
C GLY B 1027 -33.27 -8.21 -35.94
N GLN B 1028 -32.58 -7.07 -35.73
CA GLN B 1028 -33.09 -5.76 -36.11
C GLN B 1028 -32.08 -5.03 -37.01
N PRO B 1029 -31.73 -5.58 -38.22
CA PRO B 1029 -30.69 -4.98 -39.05
C PRO B 1029 -30.98 -3.55 -39.49
N TRP B 1030 -32.25 -3.12 -39.42
CA TRP B 1030 -32.59 -1.76 -39.79
C TRP B 1030 -31.98 -0.75 -38.82
N LYS B 1031 -31.75 -1.16 -37.58
CA LYS B 1031 -31.11 -0.23 -36.68
C LYS B 1031 -29.62 -0.12 -37.01
N THR B 1032 -28.98 -1.24 -37.43
CA THR B 1032 -27.61 -1.17 -37.93
C THR B 1032 -27.52 -0.18 -39.10
N GLN B 1033 -28.51 -0.24 -39.99
CA GLN B 1033 -28.53 0.58 -41.18
C GLN B 1033 -28.58 2.05 -40.76
N GLU B 1034 -29.43 2.35 -39.77
CA GLU B 1034 -29.68 3.72 -39.35
C GLU B 1034 -28.40 4.31 -38.76
N LYS B 1035 -27.76 3.55 -37.86
CA LYS B 1035 -26.62 4.06 -37.11
C LYS B 1035 -25.38 4.15 -38.01
N VAL B 1036 -25.14 3.12 -38.85
CA VAL B 1036 -24.01 3.17 -39.76
C VAL B 1036 -24.09 4.40 -40.67
N ARG B 1037 -25.29 4.71 -41.18
CA ARG B 1037 -25.45 5.84 -42.07
C ARG B 1037 -25.22 7.16 -41.33
N GLU B 1038 -25.67 7.27 -40.08
CA GLU B 1038 -25.44 8.49 -39.36
C GLU B 1038 -23.93 8.64 -39.16
N ALA B 1039 -23.23 7.54 -38.91
CA ALA B 1039 -21.80 7.58 -38.63
C ALA B 1039 -21.04 8.05 -39.87
N LEU B 1040 -21.35 7.44 -41.04
CA LEU B 1040 -20.73 7.82 -42.29
C LEU B 1040 -21.03 9.27 -42.67
N ASN B 1041 -22.28 9.72 -42.43
CA ASN B 1041 -22.72 11.06 -42.81
C ASN B 1041 -22.09 12.15 -41.93
N ARG B 1042 -22.14 12.01 -40.58
CA ARG B 1042 -21.85 13.15 -39.72
C ARG B 1042 -20.42 13.13 -39.21
N LEU B 1043 -19.73 11.97 -39.23
CA LEU B 1043 -18.57 11.90 -38.36
C LEU B 1043 -17.25 11.91 -39.14
N TYR B 1044 -17.31 12.17 -40.44
CA TYR B 1044 -16.14 12.27 -41.27
C TYR B 1044 -16.13 13.59 -42.01
N ILE B 1045 -16.48 14.68 -41.31
CA ILE B 1045 -16.71 15.96 -41.98
C ILE B 1045 -15.57 16.91 -41.63
N GLY B 1046 -15.41 17.94 -42.46
CA GLY B 1046 -14.51 19.04 -42.14
C GLY B 1046 -13.14 18.93 -42.81
N SER B 1047 -12.93 17.92 -43.68
CA SER B 1047 -11.71 17.75 -44.44
C SER B 1047 -11.17 19.07 -45.02
N ALA B 1048 -12.05 19.94 -45.52
CA ALA B 1048 -11.53 21.10 -46.23
C ALA B 1048 -10.79 22.04 -45.28
N ILE B 1049 -11.10 22.00 -43.97
CA ILE B 1049 -10.37 22.86 -43.04
C ILE B 1049 -9.48 22.08 -42.07
N GLY B 1050 -8.95 20.93 -42.54
CA GLY B 1050 -7.98 20.15 -41.77
C GLY B 1050 -8.59 19.31 -40.64
N GLN B 1051 -9.92 19.12 -40.67
CA GLN B 1051 -10.60 18.26 -39.72
C GLN B 1051 -10.74 16.88 -40.38
N GLY B 1052 -11.95 16.31 -40.46
CA GLY B 1052 -12.15 15.11 -41.29
C GLY B 1052 -12.53 13.86 -40.50
N TYR B 1053 -12.20 13.81 -39.19
CA TYR B 1053 -12.57 12.70 -38.33
C TYR B 1053 -13.16 13.19 -37.00
N SER B 1054 -13.86 12.26 -36.31
CA SER B 1054 -14.51 12.56 -35.05
C SER B 1054 -13.61 12.30 -33.81
N GLY B 1055 -12.46 11.67 -34.01
CA GLY B 1055 -11.40 11.53 -33.01
C GLY B 1055 -10.14 10.94 -33.67
N ASP B 1056 -9.21 10.39 -32.87
CA ASP B 1056 -7.92 9.98 -33.43
C ASP B 1056 -8.13 8.96 -34.54
N GLU B 1057 -7.36 9.10 -35.63
CA GLU B 1057 -7.52 8.22 -36.79
C GLU B 1057 -6.90 6.84 -36.55
N ASP B 1058 -5.70 6.83 -35.96
CA ASP B 1058 -4.98 5.64 -35.53
C ASP B 1058 -4.61 4.65 -36.65
N ASN B 1059 -3.62 5.02 -37.46
CA ASN B 1059 -2.91 4.12 -38.38
C ASN B 1059 -3.88 3.40 -39.32
N GLY B 1060 -4.91 4.11 -39.79
CA GLY B 1060 -5.76 3.54 -40.82
C GLY B 1060 -7.05 2.93 -40.28
N GLU B 1061 -7.23 2.90 -38.96
CA GLU B 1061 -8.38 2.19 -38.38
C GLU B 1061 -9.68 2.97 -38.58
N MET B 1062 -9.69 4.26 -38.21
CA MET B 1062 -10.89 5.06 -38.32
C MET B 1062 -11.29 5.14 -39.80
N SER B 1063 -10.28 5.13 -40.69
CA SER B 1063 -10.44 5.22 -42.13
C SER B 1063 -11.07 3.94 -42.70
N ALA B 1064 -10.56 2.79 -42.27
CA ALA B 1064 -11.03 1.55 -42.84
C ALA B 1064 -12.44 1.26 -42.34
N TRP B 1065 -12.77 1.73 -41.12
CA TRP B 1065 -14.14 1.68 -40.67
C TRP B 1065 -15.06 2.24 -41.75
N TYR B 1066 -14.76 3.46 -42.24
CA TYR B 1066 -15.56 4.17 -43.23
C TYR B 1066 -15.56 3.47 -44.59
N ILE B 1067 -14.38 3.09 -45.08
CA ILE B 1067 -14.24 2.40 -46.34
C ILE B 1067 -15.07 1.11 -46.35
N LEU B 1068 -14.99 0.31 -45.29
CA LEU B 1068 -15.67 -0.97 -45.30
C LEU B 1068 -17.18 -0.74 -45.17
N SER B 1069 -17.58 0.07 -44.17
CA SER B 1069 -19.00 0.36 -43.90
C SER B 1069 -19.69 0.91 -45.14
N ALA B 1070 -18.97 1.76 -45.89
CA ALA B 1070 -19.54 2.42 -47.05
C ALA B 1070 -19.82 1.44 -48.19
N MET B 1071 -19.10 0.31 -48.22
CA MET B 1071 -19.35 -0.71 -49.24
C MET B 1071 -20.60 -1.50 -48.87
N GLY B 1072 -20.97 -1.48 -47.58
CA GLY B 1072 -22.19 -2.10 -47.10
C GLY B 1072 -21.96 -3.41 -46.33
N PHE B 1073 -20.70 -3.72 -46.00
CA PHE B 1073 -20.44 -4.87 -45.15
C PHE B 1073 -19.18 -4.64 -44.30
N TYR B 1074 -19.02 -5.44 -43.23
CA TYR B 1074 -18.06 -5.11 -42.18
C TYR B 1074 -17.56 -6.37 -41.49
N PRO B 1075 -16.24 -6.51 -41.21
CA PRO B 1075 -15.70 -7.73 -40.59
C PRO B 1075 -15.90 -7.72 -39.07
N LEU B 1076 -17.15 -7.96 -38.66
CA LEU B 1076 -17.57 -7.94 -37.28
C LEU B 1076 -16.98 -9.14 -36.57
N LYS B 1077 -17.09 -10.30 -37.21
CA LYS B 1077 -16.61 -11.55 -36.62
C LYS B 1077 -15.15 -11.79 -36.98
N MET B 1078 -14.29 -10.90 -36.46
CA MET B 1078 -12.88 -11.07 -36.74
C MET B 1078 -12.47 -12.46 -36.26
N GLY B 1079 -11.83 -13.23 -37.14
CA GLY B 1079 -11.36 -14.53 -36.71
C GLY B 1079 -12.16 -15.62 -37.42
N THR B 1080 -13.09 -15.20 -38.31
CA THR B 1080 -13.79 -16.13 -39.17
C THR B 1080 -14.12 -15.44 -40.49
N PRO B 1081 -14.01 -16.11 -41.66
CA PRO B 1081 -14.05 -15.42 -42.97
C PRO B 1081 -15.40 -14.95 -43.48
N GLU B 1082 -16.03 -13.99 -42.77
CA GLU B 1082 -17.34 -13.51 -43.20
C GLU B 1082 -17.61 -12.12 -42.63
N TYR B 1083 -18.58 -11.44 -43.26
CA TYR B 1083 -18.89 -10.06 -42.93
C TYR B 1083 -20.34 -9.95 -42.48
N ALA B 1084 -20.61 -8.92 -41.67
CA ALA B 1084 -21.96 -8.56 -41.27
C ALA B 1084 -22.41 -7.44 -42.19
N ILE B 1085 -23.68 -7.49 -42.61
CA ILE B 1085 -24.16 -6.56 -43.62
C ILE B 1085 -24.78 -5.32 -42.96
N GLY B 1086 -24.33 -4.15 -43.42
CA GLY B 1086 -24.92 -2.89 -43.01
C GLY B 1086 -25.74 -2.33 -44.16
N ALA B 1087 -25.26 -1.21 -44.72
CA ALA B 1087 -25.84 -0.72 -45.96
C ALA B 1087 -24.81 0.09 -46.73
N PRO B 1088 -24.80 0.05 -48.09
CA PRO B 1088 -23.82 0.84 -48.86
C PRO B 1088 -24.17 2.33 -48.77
N LEU B 1089 -23.15 3.18 -48.94
CA LEU B 1089 -23.31 4.63 -48.94
C LEU B 1089 -23.67 5.18 -50.33
N PHE B 1090 -23.24 4.51 -51.41
CA PHE B 1090 -23.27 5.08 -52.75
C PHE B 1090 -24.23 4.34 -53.67
N LYS B 1091 -24.64 5.00 -54.77
CA LYS B 1091 -25.51 4.35 -55.75
C LYS B 1091 -24.78 3.20 -56.45
N LYS B 1092 -23.44 3.24 -56.52
CA LYS B 1092 -22.71 2.10 -57.03
C LYS B 1092 -21.28 2.16 -56.53
N ALA B 1093 -20.74 0.98 -56.22
CA ALA B 1093 -19.36 0.88 -55.80
C ALA B 1093 -18.76 -0.36 -56.46
N THR B 1094 -17.50 -0.27 -56.92
CA THR B 1094 -16.79 -1.43 -57.43
C THR B 1094 -15.48 -1.61 -56.63
N ILE B 1095 -15.20 -2.85 -56.20
CA ILE B 1095 -13.90 -3.18 -55.62
C ILE B 1095 -13.21 -4.04 -56.66
N HIS B 1096 -12.15 -3.49 -57.28
CA HIS B 1096 -11.34 -4.19 -58.28
C HIS B 1096 -10.35 -5.08 -57.56
N LEU B 1097 -10.49 -6.39 -57.68
CA LEU B 1097 -9.62 -7.27 -56.91
C LEU B 1097 -8.37 -7.56 -57.75
N GLU B 1098 -7.27 -7.86 -57.04
CA GLU B 1098 -5.98 -8.02 -57.68
C GLU B 1098 -6.00 -9.25 -58.60
N ASN B 1099 -6.98 -10.14 -58.40
CA ASN B 1099 -7.09 -11.34 -59.22
C ASN B 1099 -7.82 -11.04 -60.55
N GLY B 1100 -8.17 -9.76 -60.77
CA GLY B 1100 -8.80 -9.31 -62.00
C GLY B 1100 -10.33 -9.27 -61.98
N LYS B 1101 -10.93 -9.71 -60.86
CA LYS B 1101 -12.38 -9.76 -60.74
C LYS B 1101 -12.88 -8.51 -59.99
N SER B 1102 -14.21 -8.36 -59.94
CA SER B 1102 -14.85 -7.22 -59.31
C SER B 1102 -15.86 -7.66 -58.26
N ILE B 1103 -15.94 -6.90 -57.17
CA ILE B 1103 -17.12 -6.93 -56.33
C ILE B 1103 -17.93 -5.70 -56.72
N VAL B 1104 -19.07 -5.92 -57.37
CA VAL B 1104 -19.90 -4.79 -57.74
C VAL B 1104 -21.01 -4.68 -56.70
N ILE B 1105 -21.31 -3.45 -56.27
CA ILE B 1105 -22.32 -3.19 -55.26
C ILE B 1105 -23.26 -2.14 -55.81
N ASN B 1106 -24.43 -2.58 -56.30
CA ASN B 1106 -25.44 -1.70 -56.87
C ASN B 1106 -26.48 -1.27 -55.85
N ALA B 1107 -26.77 0.03 -55.77
CA ALA B 1107 -27.85 0.50 -54.95
C ALA B 1107 -28.50 1.67 -55.66
N PRO B 1108 -29.08 1.46 -56.86
CA PRO B 1108 -29.43 2.57 -57.73
C PRO B 1108 -30.37 3.59 -57.09
N ASN B 1109 -31.07 3.17 -56.02
CA ASN B 1109 -32.07 4.04 -55.41
C ASN B 1109 -31.51 4.74 -54.15
N ASN B 1110 -30.20 4.59 -53.91
CA ASN B 1110 -29.55 5.10 -52.71
C ASN B 1110 -29.66 6.62 -52.67
N SER B 1111 -29.70 7.20 -51.46
CA SER B 1111 -29.72 8.65 -51.28
C SER B 1111 -29.53 8.97 -49.79
N LYS B 1112 -29.38 10.26 -49.48
CA LYS B 1112 -29.20 10.66 -48.08
C LYS B 1112 -30.25 10.00 -47.18
N GLU B 1113 -31.48 9.89 -47.69
CA GLU B 1113 -32.65 9.54 -46.90
C GLU B 1113 -32.97 8.05 -47.04
N ASN B 1114 -32.58 7.48 -48.18
CA ASN B 1114 -32.91 6.13 -48.55
C ASN B 1114 -31.85 5.19 -48.00
N LYS B 1115 -31.85 5.05 -46.67
CA LYS B 1115 -30.77 4.43 -45.94
C LYS B 1115 -31.11 2.99 -45.57
N TYR B 1116 -32.36 2.58 -45.77
CA TYR B 1116 -32.81 1.28 -45.28
C TYR B 1116 -32.84 0.29 -46.43
N VAL B 1117 -32.32 -0.91 -46.17
CA VAL B 1117 -32.40 -2.01 -47.11
C VAL B 1117 -33.83 -2.52 -47.17
N GLN B 1118 -34.39 -2.56 -48.38
CA GLN B 1118 -35.72 -3.07 -48.66
C GLN B 1118 -35.65 -4.55 -49.06
N SER B 1119 -34.67 -4.89 -49.90
CA SER B 1119 -34.37 -6.26 -50.28
C SER B 1119 -32.95 -6.31 -50.86
N MET B 1120 -32.48 -7.50 -51.20
CA MET B 1120 -31.09 -7.69 -51.56
C MET B 1120 -30.96 -8.88 -52.50
N LYS B 1121 -30.06 -8.78 -53.49
CA LYS B 1121 -29.78 -9.90 -54.38
C LYS B 1121 -28.27 -10.07 -54.44
N VAL B 1122 -27.81 -11.31 -54.54
CA VAL B 1122 -26.42 -11.61 -54.82
C VAL B 1122 -26.42 -12.50 -56.06
N ASN B 1123 -25.87 -11.96 -57.16
CA ASN B 1123 -25.64 -12.73 -58.37
C ASN B 1123 -26.98 -13.08 -59.00
N GLY B 1124 -27.91 -12.13 -58.96
CA GLY B 1124 -29.19 -12.27 -59.63
C GLY B 1124 -30.25 -12.91 -58.74
N LYS B 1125 -29.81 -13.60 -57.67
CA LYS B 1125 -30.67 -14.37 -56.77
C LYS B 1125 -30.94 -13.59 -55.48
N ALA B 1126 -32.21 -13.56 -55.06
CA ALA B 1126 -32.59 -12.97 -53.78
C ALA B 1126 -31.73 -13.55 -52.64
N TYR B 1127 -31.36 -12.67 -51.69
CA TYR B 1127 -30.46 -12.98 -50.57
C TYR B 1127 -31.16 -12.53 -49.29
N ALA B 1128 -31.17 -13.42 -48.30
CA ALA B 1128 -32.03 -13.20 -47.16
C ALA B 1128 -31.21 -12.84 -45.92
N LYS B 1129 -29.91 -13.25 -45.90
CA LYS B 1129 -29.07 -13.28 -44.72
C LYS B 1129 -28.30 -11.97 -44.51
N THR B 1130 -27.99 -11.65 -43.25
CA THR B 1130 -27.26 -10.43 -42.94
C THR B 1130 -25.77 -10.74 -42.79
N SER B 1131 -25.37 -11.98 -43.11
CA SER B 1131 -23.95 -12.33 -43.18
C SER B 1131 -23.61 -12.81 -44.59
N ILE B 1132 -22.35 -12.61 -45.02
CA ILE B 1132 -21.90 -13.08 -46.33
C ILE B 1132 -20.47 -13.58 -46.19
N LEU B 1133 -20.18 -14.70 -46.87
CA LEU B 1133 -18.86 -15.31 -46.74
C LEU B 1133 -17.82 -14.56 -47.58
N HIS B 1134 -16.59 -14.50 -47.05
CA HIS B 1134 -15.50 -13.91 -47.80
C HIS B 1134 -15.37 -14.69 -49.11
N ALA B 1135 -15.49 -16.01 -49.00
CA ALA B 1135 -15.30 -16.90 -50.13
C ALA B 1135 -16.32 -16.64 -51.23
N ASP B 1136 -17.44 -15.94 -50.93
CA ASP B 1136 -18.49 -15.71 -51.91
C ASP B 1136 -18.24 -14.42 -52.70
N ILE B 1137 -17.37 -13.54 -52.19
CA ILE B 1137 -17.12 -12.27 -52.87
C ILE B 1137 -15.68 -12.17 -53.37
N ALA B 1138 -14.75 -12.96 -52.82
CA ALA B 1138 -13.33 -12.82 -53.14
C ALA B 1138 -13.05 -13.24 -54.58
N ASN B 1139 -13.98 -13.99 -55.18
CA ASN B 1139 -13.78 -14.40 -56.55
C ASN B 1139 -14.65 -13.58 -57.47
N GLY B 1140 -15.14 -12.45 -56.96
CA GLY B 1140 -15.99 -11.55 -57.71
C GLY B 1140 -17.45 -11.84 -57.37
N ALA B 1141 -18.31 -10.83 -57.50
CA ALA B 1141 -19.72 -10.97 -57.21
C ALA B 1141 -20.44 -9.70 -57.64
N VAL B 1142 -21.75 -9.84 -57.86
CA VAL B 1142 -22.62 -8.70 -58.12
C VAL B 1142 -23.65 -8.67 -57.00
N ILE B 1143 -23.72 -7.54 -56.28
CA ILE B 1143 -24.58 -7.37 -55.13
C ILE B 1143 -25.52 -6.20 -55.39
N ASP B 1144 -26.83 -6.44 -55.30
CA ASP B 1144 -27.84 -5.41 -55.53
C ASP B 1144 -28.63 -5.17 -54.24
N PHE B 1145 -28.67 -3.92 -53.77
CA PHE B 1145 -29.48 -3.47 -52.66
C PHE B 1145 -30.60 -2.60 -53.18
N GLU B 1146 -31.84 -2.98 -52.83
CA GLU B 1146 -32.95 -2.05 -53.02
C GLU B 1146 -33.02 -1.17 -51.77
N MET B 1147 -32.81 0.14 -51.94
CA MET B 1147 -32.78 1.05 -50.80
C MET B 1147 -34.08 1.85 -50.76
N GLY B 1148 -34.53 2.21 -49.55
CA GLY B 1148 -35.72 3.04 -49.39
C GLY B 1148 -35.65 3.89 -48.12
N SER B 1149 -36.70 4.67 -47.85
CA SER B 1149 -36.58 5.65 -46.78
C SER B 1149 -37.17 5.17 -45.46
N LYS B 1150 -37.77 3.97 -45.45
CA LYS B 1150 -38.48 3.44 -44.29
C LYS B 1150 -37.92 2.07 -43.92
N PRO B 1151 -37.75 1.73 -42.63
CA PRO B 1151 -37.26 0.40 -42.25
C PRO B 1151 -38.08 -0.72 -42.88
N SER B 1152 -37.44 -1.87 -43.15
CA SER B 1152 -38.16 -3.05 -43.59
C SER B 1152 -37.86 -4.21 -42.64
N LYS B 1153 -38.34 -5.42 -42.97
CA LYS B 1153 -38.11 -6.55 -42.09
C LYS B 1153 -37.01 -7.39 -42.70
N TRP B 1154 -36.44 -6.92 -43.81
CA TRP B 1154 -35.41 -7.71 -44.49
C TRP B 1154 -34.34 -8.13 -43.47
N GLY B 1155 -33.94 -9.40 -43.54
CA GLY B 1155 -32.87 -9.95 -42.73
C GLY B 1155 -33.16 -10.07 -41.24
N SER B 1156 -34.45 -10.13 -40.89
CA SER B 1156 -34.84 -10.25 -39.48
C SER B 1156 -35.32 -11.65 -39.12
N GLY B 1157 -35.33 -12.59 -40.09
CA GLY B 1157 -35.73 -13.97 -39.87
C GLY B 1157 -34.81 -14.69 -38.90
N ASP B 1158 -35.26 -15.80 -38.34
CA ASP B 1158 -34.53 -16.53 -37.30
C ASP B 1158 -33.24 -17.17 -37.84
N GLN B 1159 -33.21 -17.57 -39.11
CA GLN B 1159 -31.98 -18.11 -39.69
C GLN B 1159 -31.25 -17.07 -40.56
N ASP B 1160 -31.66 -15.81 -40.47
CA ASP B 1160 -31.14 -14.76 -41.31
C ASP B 1160 -30.10 -13.93 -40.54
N ILE B 1161 -30.17 -14.01 -39.21
CA ILE B 1161 -29.24 -13.28 -38.35
C ILE B 1161 -27.85 -13.90 -38.52
N LEU B 1162 -26.85 -13.13 -38.09
CA LEU B 1162 -25.50 -13.63 -37.90
C LEU B 1162 -25.58 -14.87 -37.02
N GLN B 1163 -24.91 -15.94 -37.48
CA GLN B 1163 -24.77 -17.15 -36.70
C GLN B 1163 -23.67 -16.95 -35.66
N SER B 1164 -23.71 -17.75 -34.58
CA SER B 1164 -22.83 -17.65 -33.43
C SER B 1164 -22.33 -19.05 -33.07
N ILE B 1165 -21.42 -19.13 -32.09
CA ILE B 1165 -21.05 -20.42 -31.54
C ILE B 1165 -22.25 -21.04 -30.81
N THR B 1166 -22.93 -20.24 -29.97
CA THR B 1166 -24.17 -20.57 -29.26
C THR B 1166 -25.33 -20.70 -30.27
N PRO B 1167 -26.02 -21.87 -30.35
CA PRO B 1167 -27.10 -22.04 -31.34
C PRO B 1167 -28.30 -21.12 -31.10
N GLY B 1168 -28.93 -20.70 -32.22
CA GLY B 1168 -30.07 -19.80 -32.25
C GLY B 1168 -31.26 -20.32 -31.42
N SER B 1169 -31.45 -21.64 -31.42
CA SER B 1169 -32.56 -22.30 -30.76
C SER B 1169 -32.53 -22.10 -29.25
N THR B 1170 -31.36 -21.71 -28.70
CA THR B 1170 -31.25 -21.59 -27.25
C THR B 1170 -31.70 -20.20 -26.82
N ASP B 1171 -32.12 -19.38 -27.79
CA ASP B 1171 -32.44 -17.98 -27.50
C ASP B 1171 -33.40 -17.90 -26.33
N GLY B 1172 -32.94 -17.33 -25.21
CA GLY B 1172 -33.85 -16.99 -24.14
C GLY B 1172 -33.83 -18.00 -22.99
N THR B 1173 -32.88 -18.95 -23.07
CA THR B 1173 -32.76 -19.99 -22.06
C THR B 1173 -32.64 -19.35 -20.67
N SER B 1174 -33.22 -20.04 -19.67
CA SER B 1174 -33.09 -19.71 -18.26
C SER B 1174 -31.88 -20.39 -17.64
N LEU B 1175 -31.26 -21.32 -18.41
CA LEU B 1175 -30.03 -21.95 -17.95
C LEU B 1175 -28.83 -21.00 -18.17
N SER B 1176 -27.78 -21.21 -17.38
CA SER B 1176 -26.54 -20.47 -17.55
C SER B 1176 -25.41 -21.47 -17.82
N PRO B 1177 -25.35 -22.06 -19.03
CA PRO B 1177 -24.37 -23.09 -19.34
C PRO B 1177 -22.98 -22.47 -19.36
N LEU B 1178 -21.97 -23.28 -19.00
CA LEU B 1178 -20.57 -22.91 -19.06
C LEU B 1178 -19.84 -23.73 -20.13
N PRO B 1179 -18.78 -23.15 -20.74
CA PRO B 1179 -17.82 -23.92 -21.56
C PRO B 1179 -16.86 -24.69 -20.64
N LEU B 1180 -15.89 -25.44 -21.20
CA LEU B 1180 -14.95 -26.18 -20.35
C LEU B 1180 -14.42 -25.28 -19.23
N ARG B 1181 -14.31 -25.83 -18.02
CA ARG B 1181 -13.63 -25.17 -16.92
C ARG B 1181 -12.83 -26.20 -16.11
N ASP B 1182 -11.90 -25.71 -15.29
CA ASP B 1182 -11.19 -26.56 -14.36
C ASP B 1182 -12.10 -26.86 -13.18
N VAL B 1183 -12.65 -28.08 -13.20
CA VAL B 1183 -13.64 -28.49 -12.20
C VAL B 1183 -13.02 -28.60 -10.80
N THR B 1184 -11.68 -28.48 -10.69
CA THR B 1184 -11.01 -28.47 -9.39
C THR B 1184 -11.06 -27.09 -8.75
N ASP B 1185 -11.56 -26.09 -9.49
CA ASP B 1185 -11.44 -24.69 -9.08
C ASP B 1185 -12.06 -24.47 -7.68
N ARG B 1186 -11.22 -24.10 -6.71
CA ARG B 1186 -11.63 -23.59 -5.39
C ARG B 1186 -12.17 -24.67 -4.46
N LEU B 1187 -12.17 -25.94 -4.92
CA LEU B 1187 -12.65 -27.10 -4.18
C LEU B 1187 -11.85 -27.29 -2.88
N ILE B 1188 -10.53 -27.44 -2.99
CA ILE B 1188 -9.66 -27.64 -1.83
C ILE B 1188 -9.99 -26.72 -0.65
N ALA B 1189 -10.18 -25.42 -0.89
CA ALA B 1189 -10.47 -24.47 0.19
C ALA B 1189 -11.85 -24.68 0.80
N ALA B 1190 -12.79 -25.25 0.03
CA ALA B 1190 -14.15 -25.46 0.49
C ALA B 1190 -14.27 -26.90 0.99
N GLU B 1191 -13.18 -27.65 0.88
CA GLU B 1191 -13.03 -29.02 1.35
C GLU B 1191 -13.91 -29.98 0.54
N LYS B 1192 -14.21 -29.60 -0.70
CA LYS B 1192 -14.94 -30.49 -1.59
C LYS B 1192 -13.96 -31.25 -2.50
N GLY B 1193 -12.66 -31.08 -2.24
CA GLY B 1193 -11.61 -31.79 -2.96
C GLY B 1193 -10.31 -31.82 -2.16
N ALA B 1194 -9.39 -32.74 -2.51
CA ALA B 1194 -8.01 -32.62 -2.03
C ALA B 1194 -7.03 -33.47 -2.84
N VAL B 1195 -5.73 -33.21 -2.58
CA VAL B 1195 -4.67 -33.55 -3.50
C VAL B 1195 -3.53 -34.23 -2.74
N THR B 1196 -3.01 -35.34 -3.28
CA THR B 1196 -1.86 -35.98 -2.66
C THR B 1196 -0.83 -36.36 -3.72
N VAL B 1197 0.43 -36.06 -3.34
CA VAL B 1197 1.61 -36.26 -4.15
C VAL B 1197 2.39 -37.45 -3.58
N SER B 1198 2.95 -38.29 -4.47
CA SER B 1198 3.74 -39.45 -4.09
C SER B 1198 4.87 -39.13 -3.11
N ASP B 1199 5.34 -37.87 -3.05
CA ASP B 1199 6.48 -37.55 -2.21
C ASP B 1199 6.04 -36.75 -0.97
N GLU B 1200 4.71 -36.67 -0.75
CA GLU B 1200 4.13 -36.03 0.42
C GLU B 1200 4.29 -34.50 0.39
N GLY B 1201 4.69 -33.95 -0.78
CA GLY B 1201 4.82 -32.52 -0.96
C GLY B 1201 3.46 -31.82 -0.96
N ASN B 1202 3.52 -30.50 -0.80
CA ASN B 1202 2.36 -29.63 -0.85
C ASN B 1202 1.76 -29.59 -2.26
N GLY B 1203 0.87 -30.52 -2.58
CA GLY B 1203 0.29 -30.63 -3.92
C GLY B 1203 -0.75 -29.53 -4.21
N GLN B 1204 -1.09 -28.76 -3.16
CA GLN B 1204 -1.98 -27.63 -3.29
C GLN B 1204 -1.39 -26.60 -4.26
N LEU B 1205 -0.05 -26.55 -4.37
CA LEU B 1205 0.61 -25.55 -5.18
C LEU B 1205 0.39 -25.85 -6.67
N LEU B 1206 -0.24 -27.00 -6.98
CA LEU B 1206 -0.47 -27.36 -8.37
C LEU B 1206 -1.90 -27.03 -8.80
N PHE B 1207 -2.68 -26.46 -7.87
CA PHE B 1207 -4.13 -26.30 -8.08
C PHE B 1207 -4.62 -24.97 -7.51
N ASP B 1208 -3.69 -24.04 -7.27
CA ASP B 1208 -4.03 -22.79 -6.59
C ASP B 1208 -4.33 -21.66 -7.60
N ASN B 1209 -4.32 -21.99 -8.90
CA ASN B 1209 -4.69 -21.07 -9.96
C ASN B 1209 -3.67 -19.95 -10.13
N THR B 1210 -2.37 -20.26 -9.97
CA THR B 1210 -1.30 -19.30 -10.22
C THR B 1210 -0.03 -20.05 -10.61
N SER B 1211 0.60 -19.58 -11.69
CA SER B 1211 1.90 -20.10 -12.11
C SER B 1211 3.03 -19.44 -11.31
N ASN B 1212 2.70 -18.55 -10.37
CA ASN B 1212 3.70 -18.00 -9.46
C ASN B 1212 4.01 -18.92 -8.27
N THR B 1213 3.32 -20.06 -8.16
CA THR B 1213 3.63 -21.11 -7.21
C THR B 1213 3.80 -22.42 -8.00
N GLN B 1214 4.91 -23.12 -7.71
CA GLN B 1214 5.23 -24.40 -8.31
C GLN B 1214 5.59 -25.41 -7.20
N LEU B 1215 5.61 -26.71 -7.56
CA LEU B 1215 6.04 -27.74 -6.63
C LEU B 1215 7.12 -28.60 -7.26
N SER B 1216 8.24 -28.67 -6.53
CA SER B 1216 9.33 -29.56 -6.87
C SER B 1216 9.19 -30.88 -6.13
N MET B 1217 9.09 -31.97 -6.90
CA MET B 1217 8.81 -33.29 -6.34
C MET B 1217 10.05 -34.17 -6.46
N LYS B 1218 10.55 -34.67 -5.31
CA LYS B 1218 11.86 -35.29 -5.14
C LYS B 1218 11.89 -36.69 -5.78
N SER B 1219 11.88 -36.76 -7.12
CA SER B 1219 11.75 -38.01 -7.85
C SER B 1219 11.67 -37.71 -9.36
N LYS B 1220 12.16 -38.64 -10.19
CA LYS B 1220 12.11 -38.50 -11.63
C LYS B 1220 10.75 -38.95 -12.13
N THR B 1221 9.94 -39.50 -11.20
CA THR B 1221 8.70 -40.20 -11.58
C THR B 1221 7.58 -40.05 -10.55
N PRO B 1222 7.14 -38.80 -10.23
CA PRO B 1222 6.11 -38.62 -9.20
C PRO B 1222 4.67 -38.87 -9.65
N SER B 1223 3.78 -38.93 -8.66
CA SER B 1223 2.37 -39.20 -8.84
C SER B 1223 1.54 -38.13 -8.14
N ILE B 1224 0.57 -37.58 -8.88
CA ILE B 1224 -0.33 -36.62 -8.24
C ILE B 1224 -1.75 -37.13 -8.36
N VAL B 1225 -2.44 -37.15 -7.21
CA VAL B 1225 -3.83 -37.60 -7.15
C VAL B 1225 -4.73 -36.47 -6.67
N TYR B 1226 -5.78 -36.22 -7.44
CA TYR B 1226 -6.82 -35.28 -7.04
C TYR B 1226 -8.10 -36.04 -6.75
N GLN B 1227 -8.66 -35.75 -5.57
CA GLN B 1227 -9.83 -36.45 -5.07
C GLN B 1227 -11.05 -35.53 -4.98
N PHE B 1228 -12.11 -35.89 -5.70
CA PHE B 1228 -13.38 -35.15 -5.70
C PHE B 1228 -14.35 -35.75 -4.69
N LYS B 1229 -14.62 -34.98 -3.64
CA LYS B 1229 -15.39 -35.50 -2.54
C LYS B 1229 -16.88 -35.42 -2.83
N GLU B 1230 -17.29 -35.03 -4.05
CA GLU B 1230 -18.69 -34.74 -4.30
C GLU B 1230 -19.18 -35.45 -5.56
N GLY B 1231 -18.49 -36.50 -6.00
CA GLY B 1231 -19.03 -37.28 -7.09
C GLY B 1231 -18.19 -37.18 -8.36
N LYS B 1232 -18.65 -37.90 -9.38
CA LYS B 1232 -17.97 -38.03 -10.66
C LYS B 1232 -17.87 -36.68 -11.36
N GLN B 1233 -16.73 -36.46 -12.04
CA GLN B 1233 -16.42 -35.26 -12.78
C GLN B 1233 -16.18 -35.70 -14.23
N ASN B 1234 -16.93 -35.10 -15.16
CA ASN B 1234 -16.86 -35.42 -16.58
C ASN B 1234 -15.75 -34.59 -17.27
N VAL B 1235 -14.51 -35.11 -17.28
CA VAL B 1235 -13.30 -34.37 -17.64
C VAL B 1235 -12.90 -34.72 -19.08
N LYS B 1236 -12.79 -33.68 -19.92
CA LYS B 1236 -12.57 -33.84 -21.35
C LYS B 1236 -11.12 -33.49 -21.74
N MET B 1237 -10.45 -32.64 -20.95
CA MET B 1237 -9.10 -32.16 -21.25
C MET B 1237 -8.37 -31.89 -19.94
N TYR B 1238 -7.05 -31.81 -20.03
CA TYR B 1238 -6.24 -31.37 -18.90
C TYR B 1238 -5.07 -30.52 -19.41
N THR B 1239 -4.51 -29.70 -18.50
CA THR B 1239 -3.39 -28.84 -18.84
C THR B 1239 -2.26 -29.00 -17.81
N LEU B 1240 -1.03 -28.88 -18.35
CA LEU B 1240 0.19 -28.84 -17.56
C LEU B 1240 0.85 -27.49 -17.82
N THR B 1241 1.26 -26.81 -16.76
CA THR B 1241 1.98 -25.55 -16.90
C THR B 1241 3.41 -25.72 -16.37
N SER B 1242 4.38 -25.52 -17.27
CA SER B 1242 5.79 -25.63 -16.92
C SER B 1242 6.14 -24.62 -15.80
N SER B 1243 7.15 -24.97 -14.99
CA SER B 1243 7.59 -24.12 -13.88
C SER B 1243 8.48 -22.97 -14.36
N LYS B 1244 8.91 -22.14 -13.39
CA LYS B 1244 9.92 -21.13 -13.59
C LYS B 1244 11.32 -21.74 -13.59
N ALA B 1245 11.48 -22.95 -13.03
CA ALA B 1245 12.80 -23.54 -12.87
C ALA B 1245 13.23 -24.21 -14.18
N SER B 1246 14.47 -24.74 -14.20
CA SER B 1246 15.04 -25.15 -15.49
C SER B 1246 14.22 -26.24 -16.17
N GLN B 1247 14.41 -26.32 -17.48
CA GLN B 1247 13.63 -27.11 -18.42
C GLN B 1247 13.86 -28.60 -18.16
N ASN B 1248 14.98 -28.94 -17.50
CA ASN B 1248 15.30 -30.34 -17.25
C ASN B 1248 14.38 -30.97 -16.19
N GLU B 1249 13.76 -30.14 -15.33
CA GLU B 1249 12.86 -30.61 -14.27
C GLU B 1249 11.43 -30.86 -14.79
N ASP B 1250 11.19 -30.64 -16.09
CA ASP B 1250 9.83 -30.71 -16.62
C ASP B 1250 9.36 -32.16 -16.72
N PRO B 1251 8.05 -32.45 -16.55
CA PRO B 1251 7.45 -33.69 -17.07
C PRO B 1251 7.83 -33.89 -18.53
N LYS B 1252 7.86 -35.13 -18.99
CA LYS B 1252 8.20 -35.45 -20.38
C LYS B 1252 7.27 -36.55 -20.94
N SER B 1253 7.01 -37.59 -20.13
CA SER B 1253 6.07 -38.67 -20.44
C SER B 1253 5.20 -38.96 -19.22
N TRP B 1254 3.92 -39.25 -19.47
CA TRP B 1254 2.99 -39.40 -18.37
C TRP B 1254 1.77 -40.22 -18.80
N VAL B 1255 1.02 -40.63 -17.77
CA VAL B 1255 -0.26 -41.31 -17.90
C VAL B 1255 -1.23 -40.63 -16.93
N LEU B 1256 -2.39 -40.27 -17.47
CA LEU B 1256 -3.48 -39.77 -16.64
C LEU B 1256 -4.46 -40.91 -16.40
N LYS B 1257 -4.77 -41.14 -15.13
CA LYS B 1257 -5.65 -42.23 -14.74
C LYS B 1257 -6.87 -41.68 -14.00
N GLY B 1258 -8.00 -42.37 -14.19
CA GLY B 1258 -9.25 -42.13 -13.46
C GLY B 1258 -9.73 -43.32 -12.62
N SER B 1259 -10.37 -43.02 -11.48
CA SER B 1259 -10.85 -44.04 -10.57
C SER B 1259 -12.11 -43.58 -9.84
N ASN B 1260 -12.82 -44.55 -9.21
CA ASN B 1260 -14.03 -44.34 -8.42
C ASN B 1260 -13.87 -44.75 -6.95
N ASP B 1261 -12.73 -45.39 -6.60
CA ASP B 1261 -12.50 -45.92 -5.25
C ASP B 1261 -11.14 -45.47 -4.71
N GLY B 1262 -10.13 -45.40 -5.57
CA GLY B 1262 -8.78 -45.03 -5.15
C GLY B 1262 -7.82 -46.23 -5.13
N LYS B 1263 -8.37 -47.43 -5.35
CA LYS B 1263 -7.59 -48.65 -5.44
C LYS B 1263 -7.39 -49.05 -6.91
N SER B 1264 -8.45 -48.94 -7.73
CA SER B 1264 -8.48 -49.46 -9.10
C SER B 1264 -8.64 -48.33 -10.15
N TRP B 1265 -7.65 -48.23 -11.08
CA TRP B 1265 -7.45 -47.10 -11.99
C TRP B 1265 -7.61 -47.49 -13.46
N SER B 1266 -8.30 -46.63 -14.23
CA SER B 1266 -8.41 -46.70 -15.69
C SER B 1266 -7.43 -45.73 -16.38
N VAL B 1267 -6.90 -46.17 -17.53
CA VAL B 1267 -5.95 -45.39 -18.34
C VAL B 1267 -6.75 -44.45 -19.25
N LEU B 1268 -6.58 -43.14 -19.02
CA LEU B 1268 -7.37 -42.14 -19.73
C LEU B 1268 -6.58 -41.51 -20.88
N ASP B 1269 -5.30 -41.18 -20.61
CA ASP B 1269 -4.48 -40.51 -21.60
C ASP B 1269 -3.01 -40.87 -21.36
N GLN B 1270 -2.28 -41.14 -22.46
CA GLN B 1270 -0.82 -41.34 -22.43
C GLN B 1270 -0.10 -40.39 -23.40
N ARG B 1271 0.95 -39.75 -22.86
CA ARG B 1271 1.84 -38.89 -23.63
C ARG B 1271 3.30 -39.30 -23.40
N LYS B 1272 4.06 -39.29 -24.50
CA LYS B 1272 5.50 -39.49 -24.49
C LYS B 1272 6.21 -38.33 -25.20
N ASN B 1273 7.38 -37.95 -24.66
CA ASN B 1273 8.37 -37.12 -25.35
C ASN B 1273 7.83 -35.71 -25.58
N GLU B 1274 6.98 -35.26 -24.64
CA GLU B 1274 6.50 -33.89 -24.63
C GLU B 1274 7.62 -32.96 -24.11
N THR B 1275 7.58 -31.70 -24.56
CA THR B 1275 8.49 -30.67 -24.11
C THR B 1275 7.70 -29.40 -23.84
N PHE B 1276 8.30 -28.54 -23.01
CA PHE B 1276 7.75 -27.23 -22.69
C PHE B 1276 8.79 -26.18 -23.03
N GLN B 1277 8.68 -25.65 -24.27
CA GLN B 1277 9.69 -24.80 -24.86
C GLN B 1277 9.83 -23.50 -24.09
N TRP B 1278 8.78 -23.09 -23.34
CA TRP B 1278 8.87 -21.86 -22.55
C TRP B 1278 8.65 -22.16 -21.07
N ARG B 1279 8.95 -21.18 -20.19
CA ARG B 1279 8.66 -21.21 -18.77
C ARG B 1279 7.27 -20.62 -18.53
N GLN B 1280 6.61 -21.02 -17.41
CA GLN B 1280 5.24 -20.63 -17.10
C GLN B 1280 4.39 -20.74 -18.36
N TYR B 1281 4.40 -21.93 -18.98
CA TYR B 1281 3.77 -22.20 -20.27
C TYR B 1281 2.77 -23.35 -20.14
N THR B 1282 1.53 -23.11 -20.53
CA THR B 1282 0.44 -24.05 -20.32
C THR B 1282 0.18 -24.79 -21.63
N ARG B 1283 0.07 -26.13 -21.57
CA ARG B 1283 -0.36 -26.88 -22.75
C ARG B 1283 -1.60 -27.73 -22.43
N ALA B 1284 -2.50 -27.85 -23.41
CA ALA B 1284 -3.74 -28.56 -23.20
C ALA B 1284 -3.77 -29.80 -24.06
N PHE B 1285 -4.30 -30.88 -23.48
CA PHE B 1285 -4.45 -32.17 -24.14
C PHE B 1285 -5.91 -32.65 -24.04
N THR B 1286 -6.40 -33.16 -25.18
CA THR B 1286 -7.66 -33.86 -25.31
C THR B 1286 -7.51 -35.32 -24.85
N ILE B 1287 -8.18 -35.67 -23.75
CA ILE B 1287 -8.14 -37.01 -23.16
C ILE B 1287 -8.59 -38.04 -24.20
N GLN B 1288 -7.73 -39.06 -24.46
CA GLN B 1288 -7.97 -40.07 -25.49
C GLN B 1288 -9.25 -40.89 -25.20
N HIS B 1289 -9.43 -41.28 -23.93
CA HIS B 1289 -10.60 -42.04 -23.49
C HIS B 1289 -11.21 -41.39 -22.26
N PRO B 1290 -12.04 -40.33 -22.44
CA PRO B 1290 -12.52 -39.53 -21.30
C PRO B 1290 -13.67 -40.30 -20.63
N GLY B 1291 -13.95 -39.93 -19.38
CA GLY B 1291 -15.11 -40.46 -18.70
C GLY B 1291 -15.29 -39.71 -17.39
N LYS B 1292 -16.17 -40.26 -16.53
CA LYS B 1292 -16.59 -39.62 -15.29
C LYS B 1292 -16.00 -40.38 -14.10
N TYR B 1293 -15.14 -39.73 -13.30
CA TYR B 1293 -14.46 -40.40 -12.20
C TYR B 1293 -14.43 -39.44 -11.02
N SER B 1294 -14.25 -39.95 -9.80
CA SER B 1294 -14.18 -39.08 -8.63
C SER B 1294 -12.72 -38.79 -8.24
N GLN B 1295 -11.81 -39.61 -8.79
CA GLN B 1295 -10.39 -39.50 -8.47
C GLN B 1295 -9.61 -39.48 -9.78
N TYR B 1296 -8.68 -38.51 -9.87
CA TYR B 1296 -7.80 -38.37 -11.03
C TYR B 1296 -6.33 -38.46 -10.57
N LYS B 1297 -5.53 -39.21 -11.35
CA LYS B 1297 -4.11 -39.39 -11.02
C LYS B 1297 -3.22 -39.10 -12.24
N LEU B 1298 -2.20 -38.26 -11.98
CA LEU B 1298 -1.17 -38.06 -12.97
C LEU B 1298 0.08 -38.78 -12.51
N GLU B 1299 0.53 -39.68 -13.38
CA GLU B 1299 1.68 -40.53 -13.13
C GLU B 1299 2.75 -40.13 -14.15
N ILE B 1300 3.79 -39.45 -13.65
CA ILE B 1300 4.89 -39.08 -14.53
C ILE B 1300 5.79 -40.29 -14.67
N THR B 1301 5.96 -40.75 -15.92
CA THR B 1301 6.74 -41.95 -16.20
C THR B 1301 8.19 -41.59 -16.56
N GLU B 1302 8.41 -40.34 -16.98
CA GLU B 1302 9.70 -39.86 -17.45
C GLU B 1302 9.76 -38.34 -17.29
N ASN B 1303 10.92 -37.80 -16.87
CA ASN B 1303 11.12 -36.36 -16.87
C ASN B 1303 12.20 -35.98 -17.88
N ALA B 1304 12.60 -34.69 -17.88
CA ALA B 1304 13.50 -34.15 -18.89
C ALA B 1304 14.95 -34.20 -18.42
N GLY B 1305 15.27 -35.08 -17.44
CA GLY B 1305 16.65 -35.42 -17.17
C GLY B 1305 17.13 -35.19 -15.73
N ALA B 1306 16.54 -34.24 -15.00
CA ALA B 1306 17.05 -33.79 -13.69
C ALA B 1306 16.70 -34.79 -12.60
N GLU B 1307 17.16 -34.47 -11.36
CA GLU B 1307 17.00 -35.36 -10.22
C GLU B 1307 15.61 -35.21 -9.60
N VAL B 1308 14.94 -34.12 -9.99
CA VAL B 1308 13.69 -33.67 -9.39
C VAL B 1308 12.66 -33.43 -10.51
N THR B 1309 11.37 -33.28 -10.17
CA THR B 1309 10.36 -32.91 -11.16
C THR B 1309 9.49 -31.76 -10.64
N THR B 1310 9.29 -30.73 -11.48
CA THR B 1310 8.68 -29.48 -11.08
C THR B 1310 7.54 -29.13 -12.05
N LEU B 1311 6.39 -28.70 -11.48
CA LEU B 1311 5.26 -28.11 -12.21
C LEU B 1311 4.74 -26.90 -11.45
N ALA B 1312 3.99 -26.05 -12.16
CA ALA B 1312 3.45 -24.85 -11.57
C ALA B 1312 1.94 -25.03 -11.35
N GLU B 1313 1.31 -25.73 -12.29
CA GLU B 1313 -0.13 -25.84 -12.25
C GLU B 1313 -0.64 -26.98 -13.12
N LEU B 1314 -1.72 -27.60 -12.62
CA LEU B 1314 -2.49 -28.58 -13.36
C LEU B 1314 -3.93 -28.10 -13.44
N GLU B 1315 -4.65 -28.55 -14.48
CA GLU B 1315 -6.10 -28.37 -14.57
C GLU B 1315 -6.78 -29.60 -15.16
N LEU B 1316 -7.99 -29.82 -14.65
CA LEU B 1316 -8.91 -30.82 -15.20
C LEU B 1316 -10.12 -30.09 -15.79
N LEU B 1317 -10.10 -30.01 -17.13
CA LEU B 1317 -11.11 -29.25 -17.85
C LEU B 1317 -12.24 -30.19 -18.17
N GLY B 1318 -13.42 -29.88 -17.63
CA GLY B 1318 -14.59 -30.69 -17.88
C GLY B 1318 -15.88 -29.88 -17.77
N TYR B 1319 -17.01 -30.61 -17.77
CA TYR B 1319 -18.35 -30.05 -17.79
C TYR B 1319 -19.11 -30.43 -16.54
N ASP B 1320 -19.95 -29.50 -16.06
CA ASP B 1320 -20.86 -29.77 -14.95
C ASP B 1320 -21.91 -30.83 -15.34
N ASP B 1321 -22.52 -31.43 -14.31
CA ASP B 1321 -23.44 -32.54 -14.53
C ASP B 1321 -24.75 -32.02 -15.14
N VAL B 1322 -25.13 -32.59 -16.29
CA VAL B 1322 -26.34 -32.17 -16.96
C VAL B 1322 -27.57 -32.32 -16.05
N THR B 1323 -27.50 -33.28 -15.10
CA THR B 1323 -28.54 -33.54 -14.13
C THR B 1323 -29.07 -32.23 -13.54
N ASN B 1324 -28.15 -31.34 -13.16
CA ASN B 1324 -28.57 -30.11 -12.50
C ASN B 1324 -29.42 -29.24 -13.42
N SER B 1325 -29.26 -29.43 -14.74
CA SER B 1325 -30.01 -28.64 -15.70
C SER B 1325 -31.45 -29.15 -15.81
N TYR B 1326 -31.60 -30.47 -16.02
CA TYR B 1326 -32.91 -31.10 -15.90
C TYR B 1326 -33.66 -30.57 -14.66
N GLN B 1327 -32.95 -30.57 -13.53
CA GLN B 1327 -33.52 -30.09 -12.28
C GLN B 1327 -34.03 -28.66 -12.43
N ALA B 1328 -33.23 -27.79 -13.05
CA ALA B 1328 -33.59 -26.39 -13.12
C ALA B 1328 -34.83 -26.22 -13.99
N VAL B 1329 -35.07 -27.16 -14.89
CA VAL B 1329 -36.22 -27.02 -15.77
C VAL B 1329 -37.48 -27.47 -15.04
N TYR B 1330 -37.38 -28.56 -14.25
CA TYR B 1330 -38.49 -28.96 -13.40
C TYR B 1330 -38.85 -27.78 -12.51
N GLU B 1331 -37.84 -27.14 -11.92
CA GLU B 1331 -38.06 -26.04 -10.99
C GLU B 1331 -38.91 -24.97 -11.67
N LEU B 1332 -38.49 -24.58 -12.90
CA LEU B 1332 -39.12 -23.55 -13.72
C LEU B 1332 -40.52 -24.02 -14.10
N MET B 1333 -40.62 -25.28 -14.55
CA MET B 1333 -41.94 -25.77 -14.93
C MET B 1333 -42.91 -25.62 -13.75
N GLU B 1334 -42.42 -25.89 -12.54
CA GLU B 1334 -43.24 -25.78 -11.34
C GLU B 1334 -43.66 -24.34 -11.09
N GLN B 1335 -42.72 -23.40 -11.24
CA GLN B 1335 -43.06 -22.00 -11.08
C GLN B 1335 -44.18 -21.60 -12.05
N PHE B 1336 -44.20 -22.16 -13.28
CA PHE B 1336 -45.21 -21.80 -14.25
C PHE B 1336 -46.55 -22.46 -13.96
N LYS B 1337 -46.52 -23.71 -13.44
CA LYS B 1337 -47.74 -24.39 -13.02
C LYS B 1337 -48.43 -23.56 -11.94
N GLN B 1338 -47.65 -23.00 -11.02
CA GLN B 1338 -48.15 -22.28 -9.86
C GLN B 1338 -48.77 -20.97 -10.32
N SER B 1339 -48.20 -20.35 -11.36
CA SER B 1339 -48.66 -19.06 -11.84
C SER B 1339 -49.72 -19.23 -12.92
N LYS B 1340 -49.93 -20.47 -13.35
CA LYS B 1340 -50.93 -20.78 -14.37
C LYS B 1340 -50.46 -20.28 -15.75
N ASP B 1341 -49.14 -20.31 -15.94
CA ASP B 1341 -48.57 -20.11 -17.26
C ASP B 1341 -48.55 -21.46 -17.96
N LEU B 1342 -48.77 -22.57 -17.22
CA LEU B 1342 -48.64 -23.92 -17.74
C LEU B 1342 -49.55 -24.86 -16.94
N THR B 1343 -50.51 -25.47 -17.64
CA THR B 1343 -51.56 -26.23 -16.98
C THR B 1343 -51.94 -27.48 -17.79
N GLY B 1344 -52.84 -28.25 -17.19
CA GLY B 1344 -53.62 -29.27 -17.86
C GLY B 1344 -52.75 -30.32 -18.51
N PRO B 1345 -53.21 -30.91 -19.64
CA PRO B 1345 -52.42 -31.89 -20.39
C PRO B 1345 -51.02 -31.43 -20.81
N MET B 1346 -50.79 -30.12 -20.93
CA MET B 1346 -49.48 -29.66 -21.38
C MET B 1346 -48.49 -29.92 -20.24
N ALA B 1347 -48.87 -29.53 -19.02
CA ALA B 1347 -48.04 -29.77 -17.84
C ALA B 1347 -47.67 -31.26 -17.75
N VAL B 1348 -48.66 -32.14 -17.99
CA VAL B 1348 -48.49 -33.57 -17.77
C VAL B 1348 -47.52 -34.12 -18.81
N GLN B 1349 -47.75 -33.77 -20.09
CA GLN B 1349 -46.96 -34.32 -21.19
C GLN B 1349 -45.51 -33.84 -21.10
N LEU B 1350 -45.33 -32.55 -20.80
CA LEU B 1350 -43.98 -32.03 -20.64
C LEU B 1350 -43.29 -32.76 -19.48
N ASN B 1351 -43.95 -32.88 -18.34
CA ASN B 1351 -43.38 -33.55 -17.18
C ASN B 1351 -42.93 -34.96 -17.55
N ASN B 1352 -43.79 -35.68 -18.29
CA ASN B 1352 -43.52 -37.08 -18.67
C ASN B 1352 -42.28 -37.16 -19.53
N SER B 1353 -42.22 -36.35 -20.60
CA SER B 1353 -41.13 -36.40 -21.56
C SER B 1353 -39.80 -36.01 -20.90
N LEU B 1354 -39.83 -35.04 -19.98
CA LEU B 1354 -38.62 -34.65 -19.30
C LEU B 1354 -38.11 -35.82 -18.45
N THR B 1355 -39.05 -36.46 -17.74
CA THR B 1355 -38.76 -37.56 -16.84
C THR B 1355 -38.18 -38.74 -17.63
N THR B 1356 -38.81 -39.11 -18.75
CA THR B 1356 -38.36 -40.19 -19.61
C THR B 1356 -36.98 -39.89 -20.18
N SER B 1357 -36.73 -38.63 -20.55
CA SER B 1357 -35.42 -38.22 -21.04
C SER B 1357 -34.39 -38.37 -19.92
N LEU B 1358 -34.70 -37.87 -18.72
CA LEU B 1358 -33.77 -37.93 -17.60
C LEU B 1358 -33.41 -39.39 -17.33
N ASP B 1359 -34.40 -40.29 -17.34
CA ASP B 1359 -34.22 -41.71 -17.10
C ASP B 1359 -33.23 -42.29 -18.08
N HIS B 1360 -33.39 -41.96 -19.37
CA HIS B 1360 -32.46 -42.41 -20.39
C HIS B 1360 -31.06 -41.84 -20.19
N PHE B 1361 -30.97 -40.57 -19.76
CA PHE B 1361 -29.66 -39.98 -19.51
C PHE B 1361 -28.93 -40.78 -18.43
N LYS B 1362 -29.62 -41.11 -17.33
CA LYS B 1362 -29.00 -41.79 -16.21
C LYS B 1362 -28.51 -43.19 -16.60
N LYS B 1363 -29.09 -43.78 -17.67
CA LYS B 1363 -28.67 -45.08 -18.17
C LYS B 1363 -27.69 -44.93 -19.35
N ASP B 1364 -27.04 -43.76 -19.43
CA ASP B 1364 -26.02 -43.47 -20.43
C ASP B 1364 -26.58 -43.70 -21.84
N HIS B 1365 -27.87 -43.42 -22.05
CA HIS B 1365 -28.41 -43.53 -23.39
C HIS B 1365 -28.65 -42.15 -24.00
N LYS B 1366 -27.58 -41.60 -24.57
CA LYS B 1366 -27.52 -40.22 -25.05
C LYS B 1366 -28.59 -39.98 -26.11
N ASP B 1367 -28.65 -40.85 -27.14
CA ASP B 1367 -29.50 -40.61 -28.30
C ASP B 1367 -30.98 -40.61 -27.89
N GLN B 1368 -31.31 -41.43 -26.87
CA GLN B 1368 -32.68 -41.62 -26.44
C GLN B 1368 -33.10 -40.43 -25.57
N ALA B 1369 -32.16 -39.93 -24.75
CA ALA B 1369 -32.43 -38.76 -23.92
C ALA B 1369 -32.81 -37.57 -24.81
N ILE B 1370 -32.10 -37.45 -25.95
CA ILE B 1370 -32.31 -36.37 -26.90
C ILE B 1370 -33.68 -36.55 -27.57
N LYS B 1371 -33.95 -37.77 -28.03
CA LYS B 1371 -35.18 -38.02 -28.78
C LYS B 1371 -36.40 -37.65 -27.94
N HIS B 1372 -36.33 -37.88 -26.62
CA HIS B 1372 -37.44 -37.57 -25.72
C HIS B 1372 -37.58 -36.06 -25.57
N LEU B 1373 -36.46 -35.35 -25.64
CA LEU B 1373 -36.50 -33.90 -25.50
C LEU B 1373 -37.07 -33.27 -26.77
N GLU B 1374 -36.86 -33.93 -27.92
CA GLU B 1374 -37.51 -33.55 -29.16
C GLU B 1374 -39.02 -33.75 -29.08
N ASP B 1375 -39.47 -34.73 -28.27
CA ASP B 1375 -40.90 -34.98 -28.07
C ASP B 1375 -41.46 -33.83 -27.24
N PHE B 1376 -40.69 -33.44 -26.21
CA PHE B 1376 -41.01 -32.31 -25.37
C PHE B 1376 -41.34 -31.10 -26.22
N LEU B 1377 -40.49 -30.81 -27.22
CA LEU B 1377 -40.64 -29.71 -28.16
C LEU B 1377 -41.90 -29.88 -29.03
N LYS B 1378 -42.17 -31.11 -29.51
CA LYS B 1378 -43.39 -31.39 -30.27
C LYS B 1378 -44.64 -31.04 -29.46
N HIS B 1379 -44.64 -31.41 -28.17
CA HIS B 1379 -45.72 -31.09 -27.26
C HIS B 1379 -45.92 -29.58 -27.18
N LEU B 1380 -44.83 -28.83 -26.92
CA LEU B 1380 -44.89 -27.38 -26.81
C LEU B 1380 -45.60 -26.79 -28.02
N ASN B 1381 -45.42 -27.41 -29.20
CA ASN B 1381 -45.96 -26.90 -30.47
C ASN B 1381 -47.21 -27.63 -30.91
N ASN B 1382 -47.84 -28.39 -30.01
CA ASN B 1382 -49.11 -29.02 -30.31
C ASN B 1382 -50.19 -27.94 -30.39
N LYS B 1383 -50.87 -27.89 -31.54
CA LYS B 1383 -51.85 -26.84 -31.80
C LYS B 1383 -53.03 -26.97 -30.84
N GLY B 1384 -53.37 -28.22 -30.47
CA GLY B 1384 -54.48 -28.53 -29.57
C GLY B 1384 -54.28 -28.05 -28.12
N LEU B 1385 -53.08 -27.54 -27.78
CA LEU B 1385 -52.74 -27.34 -26.38
C LEU B 1385 -52.25 -25.92 -26.09
N GLN B 1386 -52.41 -25.00 -27.04
CA GLN B 1386 -51.85 -23.65 -26.93
C GLN B 1386 -52.58 -22.79 -25.89
N ASP B 1387 -53.80 -23.22 -25.53
CA ASP B 1387 -54.59 -22.60 -24.47
C ASP B 1387 -54.17 -23.13 -23.11
N ARG B 1388 -53.09 -23.92 -23.09
CA ARG B 1388 -52.54 -24.51 -21.87
C ARG B 1388 -51.14 -24.00 -21.57
N ILE B 1389 -50.63 -23.02 -22.33
CA ILE B 1389 -49.31 -22.50 -22.09
C ILE B 1389 -49.26 -21.05 -22.55
N SER B 1390 -48.64 -20.17 -21.73
CA SER B 1390 -48.43 -18.80 -22.13
C SER B 1390 -47.28 -18.72 -23.13
N SER B 1391 -47.25 -17.67 -23.96
CA SER B 1391 -46.13 -17.43 -24.86
C SER B 1391 -44.81 -17.33 -24.11
N LYS B 1392 -44.81 -16.62 -22.99
CA LYS B 1392 -43.62 -16.51 -22.15
C LYS B 1392 -43.10 -17.91 -21.80
N ALA B 1393 -44.00 -18.81 -21.37
CA ALA B 1393 -43.60 -20.13 -20.93
C ALA B 1393 -43.15 -20.98 -22.11
N LYS B 1394 -43.87 -20.88 -23.23
CA LYS B 1394 -43.52 -21.67 -24.39
C LYS B 1394 -42.13 -21.29 -24.88
N GLY B 1395 -41.87 -19.96 -24.89
CA GLY B 1395 -40.61 -19.39 -25.33
C GLY B 1395 -39.41 -19.96 -24.57
N VAL B 1396 -39.43 -19.80 -23.22
CA VAL B 1396 -38.31 -20.19 -22.39
C VAL B 1396 -38.17 -21.72 -22.33
N LEU B 1397 -39.29 -22.45 -22.32
CA LEU B 1397 -39.19 -23.91 -22.25
C LEU B 1397 -38.63 -24.47 -23.55
N SER B 1398 -38.99 -23.88 -24.71
CA SER B 1398 -38.39 -24.28 -25.98
C SER B 1398 -36.86 -24.13 -25.91
N ALA B 1399 -36.44 -22.95 -25.48
CA ALA B 1399 -35.02 -22.63 -25.44
C ALA B 1399 -34.33 -23.61 -24.50
N ASP B 1400 -34.99 -23.90 -23.36
CA ASP B 1400 -34.37 -24.72 -22.33
C ASP B 1400 -34.20 -26.13 -22.85
N ALA B 1401 -35.19 -26.60 -23.60
CA ALA B 1401 -35.13 -27.96 -24.10
C ALA B 1401 -33.97 -28.08 -25.08
N ASN B 1402 -33.84 -27.08 -25.96
CA ASN B 1402 -32.80 -27.05 -26.98
C ASN B 1402 -31.42 -26.90 -26.33
N GLN B 1403 -31.34 -26.11 -25.26
CA GLN B 1403 -30.12 -25.98 -24.50
C GLN B 1403 -29.70 -27.34 -23.91
N LEU B 1404 -30.69 -28.12 -23.42
CA LEU B 1404 -30.44 -29.43 -22.83
C LEU B 1404 -29.87 -30.36 -23.91
N ILE B 1405 -30.49 -30.36 -25.09
CA ILE B 1405 -29.99 -31.14 -26.21
C ILE B 1405 -28.51 -30.84 -26.45
N VAL B 1406 -28.16 -29.55 -26.44
CA VAL B 1406 -26.80 -29.12 -26.63
C VAL B 1406 -25.92 -29.65 -25.51
N LEU B 1407 -26.36 -29.45 -24.25
CA LEU B 1407 -25.65 -29.98 -23.10
C LEU B 1407 -25.46 -31.49 -23.22
N LEU B 1408 -26.44 -32.20 -23.80
CA LEU B 1408 -26.39 -33.66 -23.90
C LEU B 1408 -25.37 -34.05 -24.96
N ALA B 1409 -25.43 -33.38 -26.12
CA ALA B 1409 -24.64 -33.73 -27.30
C ALA B 1409 -23.15 -33.65 -26.99
N ARG B 1410 -22.78 -32.83 -25.99
CA ARG B 1410 -21.38 -32.53 -25.75
C ARG B 1410 -20.90 -33.36 -24.56
N ASP B 1411 -21.82 -34.09 -23.89
CA ASP B 1411 -21.51 -34.70 -22.60
C ASP B 1411 -20.60 -35.94 -22.73
CA CA C . 11.57 -1.32 31.82
CA CA D . -4.84 25.34 19.62
CA CA E . 27.40 -25.45 53.00
CA CA F . 35.20 -21.78 52.03
C1 MVL G . 15.23 0.11 32.93
N10 MVL G . 16.36 0.22 32.16
C3 MVL G . 14.89 -2.24 32.14
C4 MVL G . 15.94 -1.88 31.07
C5 MVL G . 17.02 -0.93 31.53
C6 MVL G . 17.75 -0.54 30.25
C7 MVL G . 15.74 2.22 32.91
C8 MVL G . 16.68 1.59 32.16
N1 MVL G . 14.82 1.31 33.39
O3 MVL G . 13.61 -2.49 31.53
O2 MVL G . 13.23 -1.03 33.41
O4 MVL G . 16.53 -3.04 30.52
C2 MVL G . 14.63 -1.21 33.23
O6 MVL G . 17.06 0.39 29.41
C1 B3P H . 15.64 -20.11 59.11
C2 B3P H . 14.85 -20.12 57.82
C3 B3P H . 15.37 -18.88 59.93
N1 B3P H . 16.39 -18.68 60.98
C4 B3P H . 16.97 -17.31 61.13
C5 B3P H . 18.07 -17.07 60.08
C6 B3P H . 17.61 -17.10 62.50
C7 B3P H . 15.85 -16.25 60.96
N2 B3P H . 14.74 -21.47 57.25
C8 B3P H . 13.84 -21.64 56.08
C9 B3P H . 14.65 -21.78 54.78
C10 B3P H . 12.92 -20.42 55.94
C11 B3P H . 13.00 -22.92 56.26
O1 B3P H . 15.66 -20.79 54.64
O2 B3P H . 11.58 -20.62 56.39
O3 B3P H . 13.78 -24.08 56.02
O4 B3P H . 18.81 -18.22 59.69
O5 B3P H . 17.45 -18.23 63.35
O6 B3P H . 14.56 -16.76 61.22
CA CA I . 0.81 33.83 40.76
C1 MVL J . 16.45 33.67 38.41
N10 MVL J . 16.75 33.78 37.05
C3 MVL J . 14.28 32.65 37.77
C4 MVL J . 14.37 33.49 36.50
C5 MVL J . 15.80 33.55 35.95
C6 MVL J . 15.85 34.72 34.97
C7 MVL J . 18.50 34.34 38.27
C8 MVL J . 18.06 34.21 36.98
N1 MVL J . 17.53 34.02 39.18
O3 MVL J . 12.92 32.59 38.22
O2 MVL J . 14.41 34.39 39.46
O4 MVL J . 13.50 32.97 35.50
C2 MVL J . 15.10 33.27 38.91
O6 MVL J . 16.79 34.39 33.96
CA CA K . -7.95 5.89 -30.46
CA CA L . -11.77 37.78 -40.45
CA CA M . -7.55 -24.34 -11.69
CA CA N . 0.63 -23.03 -8.77
C1 MVL O . -4.84 6.04 -27.76
N10 MVL O . -3.50 5.98 -28.09
C3 MVL O . -5.28 4.09 -29.26
C4 MVL O . -3.86 4.33 -29.80
C5 MVL O . -2.88 4.85 -28.77
C6 MVL O . -1.57 5.13 -29.49
C7 MVL O . -3.97 7.86 -26.99
C8 MVL O . -2.95 7.16 -27.56
N1 MVL O . -5.17 7.17 -27.11
O3 MVL O . -6.30 4.24 -30.27
O2 MVL O . -7.04 5.49 -28.36
O4 MVL O . -3.33 3.12 -30.33
C2 MVL O . -5.76 4.94 -28.09
O6 MVL O . -1.71 6.19 -30.39
C1 B3P P . -19.13 -16.90 -9.03
C2 B3P P . -19.07 -15.72 -8.10
C3 B3P P . -19.80 -16.53 -10.34
N1 B3P P . -19.54 -17.44 -11.45
C4 B3P P . -20.23 -17.12 -12.74
C5 B3P P . -19.20 -16.76 -13.83
C6 B3P P . -21.24 -15.99 -12.48
C7 B3P P . -21.04 -18.35 -13.18
N2 B3P P . -18.64 -16.09 -6.76
C8 B3P P . -18.80 -15.08 -5.67
C9 B3P P . -17.53 -14.22 -5.62
C10 B3P P . -18.92 -15.78 -4.30
C11 B3P P . -20.04 -14.22 -5.91
O1 B3P P . -16.35 -15.03 -5.59
O2 B3P P . -19.38 -17.12 -4.44
O3 B3P P . -19.79 -12.83 -5.88
O4 B3P P . -17.82 -16.88 -13.47
O5 B3P P . -21.30 -14.97 -13.47
O6 B3P P . -20.20 -19.45 -13.51
#